data_6TJY
#
_entry.id   6TJY
#
_cell.length_a   69.421
_cell.length_b   212.932
_cell.length_c   156.901
_cell.angle_alpha   90.000
_cell.angle_beta   101.510
_cell.angle_gamma   90.000
#
_symmetry.space_group_name_H-M   'P 1 21 1'
#
loop_
_entity.id
_entity.type
_entity.pdbx_description
1 polymer 'Hemagglutinin HA1'
2 polymer 'Hemagglutinin HA2'
3 branched beta-D-mannopyranose-(1-4)-2-acetamido-2-deoxy-beta-D-glucopyranose-(1-4)-2-acetamido-2-deoxy-beta-D-glucopyranose
4 branched 2-acetamido-2-deoxy-beta-D-glucopyranose-(1-4)-2-acetamido-2-deoxy-beta-D-glucopyranose
5 non-polymer 'CALCIUM ION'
6 non-polymer 2-acetamido-2-deoxy-beta-D-glucopyranose
7 water water
#
loop_
_entity_poly.entity_id
_entity_poly.type
_entity_poly.pdbx_seq_one_letter_code
_entity_poly.pdbx_strand_id
1 'polypeptide(L)'
;DPDKICLGHHAVANGTIVKTLTNEQEEVTNATETVESTSLNRLCMKGRNHKDLGNCHPIGMLIGTPACDLHLTGTWDTLI
ERKNAIAYCYPGATVNEEALRQKIMESGGISKINTGFTYGSSINSAGTTKACMRNGGNSFYAELKWLVSKNKGQNFPQTT
NTYRNADTAEHLIMWGIHHPSSTQEKNDLYGTQSLSISVGSSTYKNNFVPVVGARPQVNGQSGRIDFHWTLVQPGDKITF
SHNGGLIAPSRVSKLIGRGLGIQSEAPIDNSCESKCFWRGGSINTRLPFQNLSPRTVGQCPKYVNKKSLMLATGMRNVPE
LVQGR
;
A,C,E,G,I,K
2 'polypeptide(L)'
;GLFGAIAGFIENGWEGMVDGWYGFRHQNAQGTGQAADYKSTQAAIDQITGKLNRIIKKTNTEFESIESEFSEIDHQIGNV
INWTKDSITDIWTYQAELLVAMENQHTIDMADSEMLNLYERVRKQLRQNAEEDGKGCFEIYHACDDSCMESIRNNTYDHS
QYREEALLNRLNINPVK
;
B,D,F,H,J,L
#
# COMPACT_ATOMS: atom_id res chain seq x y z
N ASP A 1 -26.19 37.22 56.09
CA ASP A 1 -26.19 37.03 54.61
C ASP A 1 -26.39 35.56 54.21
N PRO A 2 -27.18 35.29 53.16
CA PRO A 2 -27.41 33.90 52.73
C PRO A 2 -26.22 33.34 51.95
N ASP A 3 -26.12 32.02 51.88
CA ASP A 3 -25.10 31.35 51.08
C ASP A 3 -25.29 31.69 49.61
N LYS A 4 -24.20 31.98 48.92
CA LYS A 4 -24.23 32.48 47.54
C LYS A 4 -23.38 31.58 46.64
N ILE A 5 -23.84 31.40 45.40
CA ILE A 5 -23.00 30.83 44.34
C ILE A 5 -23.10 31.72 43.09
N CYS A 6 -21.95 32.09 42.54
CA CYS A 6 -21.84 33.07 41.48
C CYS A 6 -21.23 32.43 40.24
N LEU A 7 -21.96 32.50 39.13
CA LEU A 7 -21.46 32.03 37.82
C LEU A 7 -20.68 33.15 37.17
N GLY A 8 -19.64 32.79 36.44
CA GLY A 8 -18.78 33.76 35.78
C GLY A 8 -17.86 33.18 34.72
N HIS A 9 -17.18 34.09 34.02
CA HIS A 9 -16.29 33.75 32.92
C HIS A 9 -14.92 34.40 33.11
N HIS A 10 -13.94 33.91 32.36
CA HIS A 10 -12.56 34.41 32.48
C HIS A 10 -12.36 35.76 31.81
N ALA A 11 -11.19 36.34 32.04
CA ALA A 11 -10.78 37.59 31.42
C ALA A 11 -9.26 37.66 31.45
N VAL A 12 -8.71 38.61 30.71
CA VAL A 12 -7.27 38.85 30.68
C VAL A 12 -7.03 40.36 30.74
N ALA A 13 -5.86 40.75 31.24
CA ALA A 13 -5.55 42.17 31.46
C ALA A 13 -5.43 42.91 30.12
N ASN A 14 -4.46 42.49 29.30
CA ASN A 14 -4.30 43.02 27.95
C ASN A 14 -4.99 42.07 26.97
N GLY A 15 -6.12 42.53 26.42
CA GLY A 15 -6.87 41.77 25.41
C GLY A 15 -6.40 42.07 24.00
N THR A 16 -7.22 41.69 23.03
CA THR A 16 -6.91 41.85 21.60
C THR A 16 -8.11 42.40 20.84
N ILE A 17 -7.85 43.35 19.95
CA ILE A 17 -8.89 44.02 19.17
C ILE A 17 -9.13 43.29 17.84
N VAL A 18 -10.38 42.85 17.63
CA VAL A 18 -10.81 42.25 16.36
C VAL A 18 -12.00 43.03 15.78
N LYS A 19 -12.36 42.71 14.55
CA LYS A 19 -13.54 43.29 13.88
C LYS A 19 -14.64 42.24 13.74
N THR A 20 -15.86 42.62 14.12
CA THR A 20 -17.05 41.80 13.91
C THR A 20 -17.87 42.43 12.78
N LEU A 21 -19.07 41.91 12.55
CA LEU A 21 -19.99 42.50 11.56
C LEU A 21 -20.45 43.91 11.99
N THR A 22 -20.59 44.11 13.30
CA THR A 22 -21.17 45.33 13.88
C THR A 22 -20.19 46.27 14.61
N ASN A 23 -18.95 45.83 14.83
CA ASN A 23 -18.01 46.58 15.66
C ASN A 23 -16.58 46.41 15.12
N GLU A 24 -15.90 47.53 14.87
CA GLU A 24 -14.50 47.51 14.40
C GLU A 24 -13.45 47.49 15.53
N GLN A 25 -13.85 47.81 16.75
CA GLN A 25 -12.96 47.81 17.92
C GLN A 25 -13.60 46.96 19.03
N GLU A 26 -13.58 45.64 18.83
CA GLU A 26 -14.16 44.69 19.77
C GLU A 26 -13.02 43.97 20.49
N GLU A 27 -12.93 44.16 21.80
CA GLU A 27 -11.87 43.54 22.58
C GLU A 27 -12.26 42.11 22.92
N VAL A 28 -11.38 41.16 22.59
CA VAL A 28 -11.57 39.73 22.92
C VAL A 28 -10.35 39.21 23.66
N THR A 29 -10.52 38.05 24.31
CA THR A 29 -9.47 37.49 25.19
C THR A 29 -8.27 36.93 24.44
N ASN A 30 -8.46 36.55 23.18
CA ASN A 30 -7.38 36.04 22.35
C ASN A 30 -7.80 36.09 20.89
N ALA A 31 -6.81 36.24 20.02
CA ALA A 31 -7.04 36.19 18.58
C ALA A 31 -5.81 35.65 17.88
N THR A 32 -5.95 35.37 16.59
CA THR A 32 -4.87 34.86 15.76
C THR A 32 -4.98 35.42 14.35
N GLU A 33 -3.84 35.49 13.67
CA GLU A 33 -3.73 36.12 12.35
C GLU A 33 -4.17 35.16 11.24
N THR A 34 -4.78 35.71 10.19
CA THR A 34 -5.14 34.94 8.99
C THR A 34 -4.44 35.38 7.68
N VAL A 35 -3.75 36.52 7.70
CA VAL A 35 -3.01 37.04 6.54
C VAL A 35 -1.50 36.98 6.82
N GLU A 36 -0.77 36.21 6.02
CA GLU A 36 0.68 36.13 6.16
C GLU A 36 1.35 37.39 5.59
N SER A 37 2.16 38.05 6.41
CA SER A 37 2.91 39.25 6.01
C SER A 37 4.38 39.00 5.71
N THR A 38 4.95 37.96 6.31
CA THR A 38 6.38 37.68 6.20
C THR A 38 6.65 36.67 5.09
N SER A 39 7.80 36.83 4.43
CA SER A 39 8.26 35.89 3.40
C SER A 39 9.74 35.55 3.62
N LEU A 40 10.09 34.31 3.30
CA LEU A 40 11.48 33.87 3.28
C LEU A 40 12.09 34.29 1.97
N ASN A 41 13.19 35.06 1.98
CA ASN A 41 13.87 35.48 0.74
C ASN A 41 14.78 34.36 0.20
N ARG A 42 14.21 33.16 0.06
CA ARG A 42 14.93 31.93 -0.29
C ARG A 42 13.96 31.03 -1.07
N LEU A 43 14.49 30.18 -1.94
CA LEU A 43 13.69 29.21 -2.67
C LEU A 43 13.81 27.85 -2.00
N CYS A 44 12.77 27.49 -1.25
CA CYS A 44 12.74 26.26 -0.46
C CYS A 44 12.54 25.02 -1.34
N MET A 45 13.64 24.35 -1.68
CA MET A 45 13.66 23.26 -2.68
C MET A 45 13.82 21.85 -2.10
N LYS A 46 13.42 21.65 -0.85
CA LYS A 46 13.54 20.34 -0.20
C LYS A 46 12.51 19.36 -0.77
N GLY A 47 12.95 18.13 -1.00
CA GLY A 47 12.10 17.10 -1.60
C GLY A 47 11.67 17.41 -3.03
N ARG A 48 12.52 18.13 -3.76
CA ARG A 48 12.27 18.53 -5.15
C ARG A 48 13.53 18.32 -5.98
N ASN A 49 13.41 17.54 -7.05
CA ASN A 49 14.45 17.48 -8.07
C ASN A 49 14.36 18.77 -8.90
N HIS A 50 15.24 19.73 -8.60
CA HIS A 50 15.18 21.06 -9.21
C HIS A 50 16.34 21.34 -10.15
N LYS A 51 16.12 22.28 -11.06
CA LYS A 51 17.14 22.76 -11.99
C LYS A 51 17.18 24.27 -11.91
N ASP A 52 18.31 24.81 -11.44
CA ASP A 52 18.57 26.24 -11.50
C ASP A 52 19.30 26.47 -12.80
N LEU A 53 18.64 27.15 -13.73
CA LEU A 53 19.21 27.45 -15.04
C LEU A 53 20.33 28.50 -14.98
N GLY A 54 20.34 29.33 -13.94
CA GLY A 54 21.37 30.36 -13.78
C GLY A 54 21.35 31.37 -14.91
N ASN A 55 22.40 31.37 -15.72
CA ASN A 55 22.55 32.31 -16.84
C ASN A 55 21.78 31.83 -18.10
N CYS A 56 21.27 30.61 -18.08
CA CYS A 56 20.56 29.97 -19.20
C CYS A 56 19.06 30.31 -19.25
N HIS A 57 18.59 30.87 -20.37
CA HIS A 57 17.14 31.10 -20.58
C HIS A 57 16.55 29.76 -21.04
N PRO A 58 15.30 29.44 -20.62
CA PRO A 58 14.78 28.10 -20.96
C PRO A 58 14.74 27.75 -22.46
N ILE A 59 14.47 28.74 -23.31
CA ILE A 59 14.54 28.58 -24.78
C ILE A 59 15.94 28.18 -25.24
N GLY A 60 16.97 28.75 -24.62
CA GLY A 60 18.37 28.40 -24.90
C GLY A 60 18.74 26.94 -24.73
N MET A 61 17.99 26.21 -23.91
CA MET A 61 18.14 24.76 -23.76
C MET A 61 17.79 24.06 -25.06
N LEU A 62 16.73 24.54 -25.73
CA LEU A 62 16.22 23.91 -26.94
C LEU A 62 17.11 24.15 -28.16
N ILE A 63 17.58 25.39 -28.33
CA ILE A 63 18.51 25.73 -29.42
C ILE A 63 19.98 25.52 -29.06
N GLY A 64 20.28 25.33 -27.77
CA GLY A 64 21.65 25.02 -27.34
C GLY A 64 22.60 26.19 -27.43
N THR A 65 22.25 27.27 -26.74
CA THR A 65 23.13 28.43 -26.56
C THR A 65 24.30 28.00 -25.68
N PRO A 66 25.53 28.55 -25.91
CA PRO A 66 26.69 28.17 -25.07
C PRO A 66 26.41 28.19 -23.57
N ALA A 67 25.71 29.23 -23.10
CA ALA A 67 25.25 29.34 -21.71
C ALA A 67 24.47 28.13 -21.18
N CYS A 68 23.77 27.42 -22.07
CA CYS A 68 22.95 26.27 -21.70
C CYS A 68 23.59 24.91 -22.02
N ASP A 69 24.92 24.81 -22.01
CA ASP A 69 25.60 23.53 -22.32
C ASP A 69 25.37 22.46 -21.24
N LEU A 70 25.23 22.87 -19.99
CA LEU A 70 24.89 21.94 -18.89
C LEU A 70 23.38 21.70 -18.74
N HIS A 71 22.57 22.23 -19.66
CA HIS A 71 21.11 22.17 -19.61
C HIS A 71 20.48 21.81 -20.98
N LEU A 72 21.20 21.05 -21.81
CA LEU A 72 20.68 20.62 -23.11
C LEU A 72 19.67 19.47 -22.98
N THR A 73 19.93 18.57 -22.03
CA THR A 73 18.96 17.54 -21.63
C THR A 73 18.76 17.67 -20.13
N GLY A 74 17.94 16.79 -19.56
CA GLY A 74 17.74 16.74 -18.10
C GLY A 74 16.33 16.33 -17.70
N THR A 75 16.15 16.09 -16.41
CA THR A 75 14.82 15.89 -15.81
C THR A 75 14.73 16.61 -14.47
N TRP A 76 13.53 16.99 -14.11
CA TRP A 76 13.28 17.80 -12.91
C TRP A 76 11.79 17.82 -12.62
N ASP A 77 11.41 18.22 -11.40
CA ASP A 77 10.00 18.55 -11.09
C ASP A 77 9.79 20.05 -10.85
N THR A 78 10.88 20.82 -10.94
CA THR A 78 10.86 22.25 -10.67
C THR A 78 11.98 22.88 -11.51
N LEU A 79 11.69 24.03 -12.11
CA LEU A 79 12.62 24.66 -13.05
C LEU A 79 12.69 26.15 -12.72
N ILE A 80 13.91 26.65 -12.49
CA ILE A 80 14.12 27.97 -11.92
C ILE A 80 14.82 28.87 -12.93
N GLU A 81 14.12 29.92 -13.38
CA GLU A 81 14.63 30.89 -14.35
C GLU A 81 15.05 32.13 -13.61
N ARG A 82 16.08 32.81 -14.15
CA ARG A 82 16.73 33.96 -13.52
C ARG A 82 16.70 35.17 -14.44
N LYS A 83 17.00 36.34 -13.86
CA LYS A 83 16.92 37.60 -14.58
C LYS A 83 18.10 37.73 -15.53
N ASN A 84 17.85 38.39 -16.67
CA ASN A 84 18.86 38.59 -17.72
C ASN A 84 19.50 37.28 -18.23
N ALA A 85 18.72 36.19 -18.22
CA ALA A 85 19.21 34.90 -18.71
C ALA A 85 19.25 34.94 -20.23
N ILE A 86 20.18 34.15 -20.79
CA ILE A 86 20.56 34.28 -22.21
C ILE A 86 19.95 33.13 -23.02
N ALA A 87 19.09 33.52 -23.96
CA ALA A 87 18.54 32.61 -24.97
C ALA A 87 19.34 32.71 -26.26
N TYR A 88 19.69 33.94 -26.65
CA TYR A 88 20.28 34.22 -27.95
C TYR A 88 21.65 34.85 -27.77
N CYS A 89 22.69 34.16 -28.28
CA CYS A 89 24.05 34.72 -28.34
C CYS A 89 24.15 35.59 -29.59
N TYR A 90 23.91 34.99 -30.76
CA TYR A 90 23.68 35.74 -31.99
C TYR A 90 22.30 36.36 -31.88
N PRO A 91 22.15 37.65 -32.22
CA PRO A 91 20.88 38.34 -31.95
C PRO A 91 19.70 37.86 -32.80
N GLY A 92 18.50 38.02 -32.23
CA GLY A 92 17.25 37.63 -32.87
C GLY A 92 16.16 37.38 -31.83
N ALA A 93 15.03 36.85 -32.28
CA ALA A 93 13.92 36.52 -31.38
C ALA A 93 13.08 35.36 -31.89
N THR A 94 12.39 34.70 -30.97
CA THR A 94 11.52 33.57 -31.28
C THR A 94 10.08 34.04 -31.47
N VAL A 95 9.40 33.51 -32.49
CA VAL A 95 7.98 33.76 -32.70
C VAL A 95 7.20 32.92 -31.68
N ASN A 96 6.24 33.55 -31.01
CA ASN A 96 5.53 32.99 -29.85
C ASN A 96 6.52 32.60 -28.74
N GLU A 97 7.41 33.53 -28.40
CA GLU A 97 8.47 33.30 -27.41
C GLU A 97 7.90 32.93 -26.04
N GLU A 98 6.94 33.72 -25.57
CA GLU A 98 6.35 33.53 -24.26
C GLU A 98 5.50 32.25 -24.16
N ALA A 99 4.89 31.84 -25.27
CA ALA A 99 4.23 30.54 -25.34
C ALA A 99 5.24 29.40 -25.18
N LEU A 100 6.37 29.50 -25.88
CA LEU A 100 7.42 28.48 -25.82
C LEU A 100 8.08 28.43 -24.45
N ARG A 101 8.46 29.60 -23.93
CA ARG A 101 9.03 29.69 -22.59
C ARG A 101 8.10 29.03 -21.57
N GLN A 102 6.83 29.41 -21.58
CA GLN A 102 5.84 28.86 -20.63
C GLN A 102 5.69 27.35 -20.79
N LYS A 103 5.75 26.86 -22.02
CA LYS A 103 5.71 25.41 -22.30
C LYS A 103 6.91 24.66 -21.71
N ILE A 104 8.10 25.25 -21.80
CA ILE A 104 9.33 24.68 -21.22
C ILE A 104 9.29 24.72 -19.68
N MET A 105 8.88 25.85 -19.14
CA MET A 105 8.73 26.05 -17.68
C MET A 105 7.60 25.25 -17.04
N GLU A 106 6.79 24.62 -17.88
CA GLU A 106 5.72 23.72 -17.47
C GLU A 106 6.16 22.25 -17.53
N SER A 107 7.26 21.97 -18.23
CA SER A 107 7.75 20.60 -18.41
C SER A 107 8.47 20.09 -17.18
N GLY A 108 8.74 18.79 -17.19
CA GLY A 108 9.55 18.13 -16.15
C GLY A 108 10.77 17.43 -16.72
N GLY A 109 11.39 18.05 -17.74
CA GLY A 109 12.57 17.48 -18.41
C GLY A 109 12.61 17.66 -19.91
N ILE A 110 13.82 17.57 -20.47
CA ILE A 110 14.05 17.57 -21.91
C ILE A 110 14.85 16.32 -22.31
N SER A 111 14.49 15.73 -23.45
CA SER A 111 15.30 14.72 -24.12
C SER A 111 15.69 15.29 -25.47
N LYS A 112 16.73 14.74 -26.08
CA LYS A 112 17.16 15.15 -27.41
C LYS A 112 17.15 13.97 -28.36
N ILE A 113 16.65 14.21 -29.57
CA ILE A 113 16.63 13.22 -30.64
C ILE A 113 17.35 13.82 -31.85
N ASN A 114 18.33 13.09 -32.36
CA ASN A 114 19.03 13.47 -33.59
C ASN A 114 18.06 13.50 -34.77
N THR A 115 18.18 14.56 -35.57
CA THR A 115 17.37 14.74 -36.76
C THR A 115 18.05 14.09 -37.98
N GLY A 116 19.38 13.97 -37.94
CA GLY A 116 20.15 13.26 -38.95
C GLY A 116 20.24 13.94 -40.31
N PHE A 117 20.06 15.26 -40.35
CA PHE A 117 20.03 15.99 -41.61
C PHE A 117 21.42 16.02 -42.25
N THR A 118 21.44 15.86 -43.56
CA THR A 118 22.68 15.84 -44.35
C THR A 118 22.53 16.74 -45.57
N TYR A 119 23.66 17.25 -46.04
CA TYR A 119 23.70 18.29 -47.08
C TYR A 119 24.79 17.98 -48.12
N GLY A 120 24.65 18.55 -49.31
CA GLY A 120 25.59 18.31 -50.41
C GLY A 120 26.98 18.90 -50.21
N SER A 121 27.81 18.76 -51.24
CA SER A 121 29.16 19.37 -51.25
C SER A 121 29.10 20.89 -51.26
N SER A 122 28.16 21.44 -52.05
CA SER A 122 28.01 22.89 -52.21
C SER A 122 27.56 23.66 -50.95
N ILE A 123 26.98 22.93 -49.97
CA ILE A 123 26.56 23.53 -48.70
C ILE A 123 27.66 23.38 -47.64
N ASN A 124 27.96 24.47 -46.94
CA ASN A 124 28.87 24.50 -45.79
C ASN A 124 28.02 24.63 -44.52
N SER A 125 27.99 23.55 -43.72
CA SER A 125 27.08 23.41 -42.58
C SER A 125 27.75 23.57 -41.22
N ALA A 126 29.00 24.04 -41.18
CA ALA A 126 29.74 24.25 -39.93
C ALA A 126 30.10 25.73 -39.71
N GLY A 127 29.31 26.63 -40.29
CA GLY A 127 29.61 28.07 -40.25
C GLY A 127 29.38 28.66 -38.87
N THR A 128 30.47 28.92 -38.16
CA THR A 128 30.44 29.48 -36.80
C THR A 128 30.31 31.00 -36.83
N THR A 129 30.22 31.63 -35.65
CA THR A 129 30.19 33.09 -35.54
C THR A 129 30.83 33.59 -34.23
N LYS A 130 31.36 34.81 -34.27
CA LYS A 130 31.99 35.45 -33.10
C LYS A 130 30.99 35.78 -31.98
N ALA A 131 29.72 35.96 -32.31
CA ALA A 131 28.67 36.24 -31.34
C ALA A 131 28.41 35.09 -30.35
N CYS A 132 28.58 33.85 -30.80
CA CYS A 132 28.40 32.66 -29.96
C CYS A 132 29.76 31.99 -29.73
N MET A 133 30.37 32.27 -28.58
CA MET A 133 31.68 31.71 -28.24
C MET A 133 31.53 30.48 -27.34
N ARG A 134 32.40 29.49 -27.57
CA ARG A 134 32.39 28.24 -26.83
C ARG A 134 33.82 27.68 -26.83
N ASN A 135 34.32 27.35 -25.64
CA ASN A 135 35.70 26.84 -25.46
C ASN A 135 36.75 27.79 -26.08
N GLY A 136 36.58 29.09 -25.83
CA GLY A 136 37.51 30.12 -26.29
C GLY A 136 37.61 30.33 -27.79
N GLY A 137 36.60 29.86 -28.54
CA GLY A 137 36.63 29.92 -30.00
C GLY A 137 35.24 30.09 -30.60
N ASN A 138 35.19 30.55 -31.85
CA ASN A 138 33.93 30.79 -32.55
C ASN A 138 33.10 29.51 -32.66
N SER A 139 31.80 29.66 -32.49
CA SER A 139 30.89 28.52 -32.38
C SER A 139 29.47 28.91 -32.79
N PHE A 140 28.52 28.03 -32.49
CA PHE A 140 27.13 28.23 -32.87
C PHE A 140 26.23 27.42 -31.94
N TYR A 141 24.94 27.69 -32.05
CA TYR A 141 23.90 26.93 -31.37
C TYR A 141 24.16 25.42 -31.53
N ALA A 142 24.31 24.71 -30.41
CA ALA A 142 24.66 23.28 -30.41
C ALA A 142 23.64 22.38 -31.11
N GLU A 143 22.37 22.79 -31.12
CA GLU A 143 21.28 21.98 -31.69
C GLU A 143 20.82 22.46 -33.06
N LEU A 144 21.57 23.38 -33.66
CA LEU A 144 21.26 23.89 -35.00
C LEU A 144 22.55 23.94 -35.81
N LYS A 145 22.38 24.11 -37.13
CA LYS A 145 23.52 24.30 -38.03
C LYS A 145 23.23 25.46 -38.96
N TRP A 146 24.21 26.35 -39.13
CA TRP A 146 24.10 27.45 -40.09
C TRP A 146 24.47 26.90 -41.49
N LEU A 147 23.46 26.82 -42.37
CA LEU A 147 23.63 26.38 -43.74
C LEU A 147 23.91 27.56 -44.66
N VAL A 148 25.12 27.58 -45.22
CA VAL A 148 25.60 28.64 -46.11
C VAL A 148 26.35 28.00 -47.29
N SER A 149 26.29 28.62 -48.46
CA SER A 149 27.04 28.14 -49.63
C SER A 149 28.54 28.10 -49.37
N LYS A 150 29.19 27.03 -49.81
CA LYS A 150 30.64 26.85 -49.63
C LYS A 150 31.44 27.74 -50.58
N ASN A 151 30.89 28.00 -51.76
CA ASN A 151 31.46 28.95 -52.72
C ASN A 151 30.75 30.29 -52.58
N LYS A 152 31.50 31.32 -52.20
CA LYS A 152 30.95 32.67 -51.96
C LYS A 152 30.34 33.23 -53.25
N GLY A 153 29.11 33.73 -53.15
CA GLY A 153 28.38 34.25 -54.31
C GLY A 153 27.45 33.24 -54.97
N GLN A 154 27.78 31.96 -54.88
CA GLN A 154 27.05 30.88 -55.53
C GLN A 154 25.64 30.73 -54.94
N ASN A 155 24.67 30.40 -55.81
CA ASN A 155 23.30 30.13 -55.36
C ASN A 155 23.22 28.84 -54.55
N PHE A 156 22.51 28.93 -53.42
CA PHE A 156 22.30 27.80 -52.52
C PHE A 156 21.32 26.83 -53.19
N PRO A 157 21.65 25.53 -53.21
CA PRO A 157 20.81 24.56 -53.93
C PRO A 157 19.46 24.33 -53.24
N GLN A 158 18.40 24.17 -54.04
CA GLN A 158 17.06 23.90 -53.53
C GLN A 158 17.06 22.55 -52.81
N THR A 159 17.32 22.59 -51.50
CA THR A 159 17.53 21.40 -50.67
C THR A 159 16.23 20.99 -49.96
N THR A 160 16.10 19.69 -49.69
CA THR A 160 14.95 19.13 -48.98
C THR A 160 15.41 18.19 -47.87
N ASN A 161 14.94 18.41 -46.65
CA ASN A 161 15.24 17.56 -45.50
C ASN A 161 13.94 17.29 -44.73
N THR A 162 13.81 16.07 -44.19
CA THR A 162 12.58 15.63 -43.53
C THR A 162 12.89 14.86 -42.25
N TYR A 163 12.17 15.21 -41.18
CA TYR A 163 12.26 14.51 -39.90
C TYR A 163 10.94 13.81 -39.64
N ARG A 164 10.99 12.49 -39.50
CA ARG A 164 9.87 11.70 -39.01
C ARG A 164 10.06 11.48 -37.51
N ASN A 165 8.98 11.70 -36.76
CA ASN A 165 8.94 11.41 -35.33
C ASN A 165 8.70 9.91 -35.16
N ALA A 166 9.78 9.17 -34.92
CA ALA A 166 9.71 7.72 -34.66
C ALA A 166 9.19 7.37 -33.25
N ASP A 167 9.24 8.34 -32.34
CA ASP A 167 8.86 8.14 -30.94
C ASP A 167 7.33 8.08 -30.79
N THR A 168 6.85 7.65 -29.62
CA THR A 168 5.41 7.57 -29.33
C THR A 168 4.83 8.82 -28.63
N ALA A 169 5.62 9.90 -28.51
CA ALA A 169 5.14 11.18 -27.96
C ALA A 169 5.58 12.32 -28.87
N GLU A 170 4.91 13.46 -28.74
CA GLU A 170 5.20 14.62 -29.58
C GLU A 170 6.61 15.18 -29.33
N HIS A 171 7.26 15.62 -30.40
CA HIS A 171 8.58 16.24 -30.34
C HIS A 171 8.50 17.70 -30.76
N LEU A 172 9.29 18.54 -30.11
CA LEU A 172 9.31 19.98 -30.33
C LEU A 172 10.50 20.32 -31.23
N ILE A 173 10.21 20.60 -32.50
CA ILE A 173 11.24 20.94 -33.47
C ILE A 173 11.38 22.47 -33.59
N MET A 174 12.62 22.96 -33.51
CA MET A 174 12.92 24.38 -33.66
C MET A 174 13.85 24.60 -34.84
N TRP A 175 13.70 25.75 -35.48
CA TRP A 175 14.60 26.17 -36.53
C TRP A 175 14.67 27.69 -36.59
N GLY A 176 15.80 28.18 -37.10
CA GLY A 176 15.99 29.62 -37.29
C GLY A 176 15.96 30.02 -38.75
N ILE A 177 15.58 31.28 -38.98
CA ILE A 177 15.70 31.92 -40.30
C ILE A 177 16.69 33.07 -40.14
N HIS A 178 17.77 33.06 -40.92
CA HIS A 178 18.74 34.17 -40.93
C HIS A 178 18.19 35.34 -41.74
N HIS A 179 18.37 36.56 -41.22
CA HIS A 179 17.93 37.79 -41.88
C HIS A 179 19.17 38.68 -42.08
N PRO A 180 19.77 38.67 -43.30
CA PRO A 180 21.05 39.38 -43.49
C PRO A 180 20.96 40.92 -43.45
N SER A 181 22.11 41.56 -43.19
CA SER A 181 22.19 43.01 -43.00
C SER A 181 22.24 43.84 -44.29
N SER A 182 22.57 43.22 -45.42
CA SER A 182 22.67 43.91 -46.71
C SER A 182 22.49 42.95 -47.89
N THR A 183 22.31 43.51 -49.08
CA THR A 183 22.27 42.72 -50.33
C THR A 183 23.65 42.12 -50.67
N GLN A 184 24.73 42.71 -50.16
CA GLN A 184 26.06 42.13 -50.25
C GLN A 184 26.12 40.81 -49.49
N GLU A 185 25.80 40.85 -48.20
CA GLU A 185 25.89 39.67 -47.31
C GLU A 185 24.97 38.52 -47.75
N LYS A 186 23.76 38.86 -48.15
CA LYS A 186 22.78 37.88 -48.63
C LYS A 186 23.27 37.12 -49.86
N ASN A 187 23.89 37.84 -50.79
CA ASN A 187 24.46 37.25 -52.01
C ASN A 187 25.73 36.44 -51.72
N ASP A 188 26.59 36.92 -50.81
CA ASP A 188 27.79 36.17 -50.39
C ASP A 188 27.47 34.81 -49.78
N LEU A 189 26.38 34.75 -49.01
CA LEU A 189 26.04 33.55 -48.23
C LEU A 189 25.09 32.62 -49.00
N TYR A 190 23.99 33.17 -49.50
CA TYR A 190 22.91 32.36 -50.10
C TYR A 190 22.68 32.62 -51.61
N GLY A 191 23.53 33.44 -52.24
CA GLY A 191 23.44 33.72 -53.67
C GLY A 191 22.37 34.71 -54.09
N THR A 192 22.36 35.02 -55.39
CA THR A 192 21.54 36.10 -55.93
C THR A 192 20.05 35.77 -56.12
N GLN A 193 19.69 34.48 -56.06
CA GLN A 193 18.31 34.04 -56.28
C GLN A 193 17.30 34.55 -55.25
N SER A 194 16.02 34.42 -55.58
CA SER A 194 14.93 34.66 -54.63
C SER A 194 14.85 33.50 -53.64
N LEU A 195 14.97 33.83 -52.36
CA LEU A 195 14.97 32.84 -51.29
C LEU A 195 13.55 32.57 -50.79
N SER A 196 13.25 31.29 -50.57
CA SER A 196 12.02 30.88 -49.90
C SER A 196 12.32 29.64 -49.06
N ILE A 197 11.69 29.58 -47.88
CA ILE A 197 11.85 28.45 -46.97
C ILE A 197 10.45 28.02 -46.55
N SER A 198 10.08 26.79 -46.91
CA SER A 198 8.78 26.23 -46.57
C SER A 198 8.93 25.10 -45.57
N VAL A 199 8.10 25.11 -44.54
CA VAL A 199 8.07 24.06 -43.52
C VAL A 199 6.67 23.47 -43.53
N GLY A 200 6.60 22.15 -43.75
CA GLY A 200 5.33 21.46 -43.94
C GLY A 200 5.23 20.16 -43.17
N SER A 201 4.09 19.96 -42.52
CA SER A 201 3.72 18.68 -41.91
C SER A 201 2.21 18.49 -42.08
N SER A 202 1.64 17.42 -41.50
CA SER A 202 0.19 17.24 -41.49
C SER A 202 -0.51 18.39 -40.74
N THR A 203 0.06 18.79 -39.61
CA THR A 203 -0.54 19.77 -38.69
C THR A 203 0.07 21.18 -38.77
N TYR A 204 0.98 21.42 -39.71
CA TYR A 204 1.68 22.71 -39.79
C TYR A 204 2.05 23.05 -41.24
N LYS A 205 1.77 24.30 -41.62
CA LYS A 205 2.19 24.84 -42.92
C LYS A 205 2.64 26.29 -42.68
N ASN A 206 3.82 26.64 -43.18
CA ASN A 206 4.32 28.01 -43.09
C ASN A 206 5.43 28.26 -44.11
N ASN A 207 5.48 29.48 -44.64
CA ASN A 207 6.53 29.91 -45.56
C ASN A 207 7.28 31.08 -44.94
N PHE A 208 8.58 31.13 -45.23
CA PHE A 208 9.48 32.15 -44.66
C PHE A 208 10.40 32.71 -45.74
N VAL A 209 10.56 34.03 -45.75
CA VAL A 209 11.45 34.74 -46.66
C VAL A 209 12.37 35.64 -45.82
N PRO A 210 13.70 35.45 -45.91
CA PRO A 210 14.66 36.34 -45.23
C PRO A 210 14.51 37.83 -45.59
N VAL A 211 13.99 38.62 -44.67
CA VAL A 211 14.00 40.09 -44.77
C VAL A 211 15.43 40.62 -44.66
N VAL A 212 15.81 41.47 -45.60
CA VAL A 212 17.19 42.00 -45.69
C VAL A 212 17.17 43.53 -45.61
N GLY A 213 18.08 44.10 -44.84
CA GLY A 213 18.14 45.55 -44.63
C GLY A 213 19.03 45.97 -43.48
N ALA A 214 19.36 47.27 -43.44
CA ALA A 214 20.27 47.81 -42.44
C ALA A 214 19.59 48.02 -41.08
N ARG A 215 20.32 47.69 -40.01
CA ARG A 215 19.81 47.80 -38.64
C ARG A 215 20.98 47.76 -37.65
N PRO A 216 20.78 48.25 -36.40
CA PRO A 216 21.83 48.28 -35.36
C PRO A 216 22.58 46.98 -35.09
N GLN A 217 23.78 47.09 -34.54
CA GLN A 217 24.58 45.93 -34.12
C GLN A 217 24.26 45.56 -32.67
N VAL A 218 23.75 44.35 -32.48
CA VAL A 218 23.56 43.75 -31.14
C VAL A 218 24.57 42.62 -31.00
N ASN A 219 25.35 42.62 -29.91
CA ASN A 219 26.53 41.75 -29.76
C ASN A 219 27.48 41.82 -30.98
N GLY A 220 27.64 43.03 -31.52
CA GLY A 220 28.48 43.28 -32.69
C GLY A 220 28.01 42.60 -33.98
N GLN A 221 26.70 42.52 -34.17
CA GLN A 221 26.10 41.82 -35.31
C GLN A 221 24.84 42.53 -35.80
N SER A 222 24.87 42.98 -37.06
CA SER A 222 23.73 43.63 -37.71
C SER A 222 22.66 42.65 -38.16
N GLY A 223 23.07 41.44 -38.55
CA GLY A 223 22.14 40.39 -38.96
C GLY A 223 21.35 39.80 -37.79
N ARG A 224 20.21 39.19 -38.09
CA ARG A 224 19.34 38.58 -37.08
C ARG A 224 19.06 37.13 -37.44
N ILE A 225 19.08 36.25 -36.45
CA ILE A 225 18.57 34.88 -36.60
C ILE A 225 17.33 34.73 -35.72
N ASP A 226 16.15 34.87 -36.34
CA ASP A 226 14.87 34.66 -35.66
CA ASP A 226 14.87 34.66 -35.66
C ASP A 226 14.50 33.18 -35.66
N PHE A 227 13.87 32.72 -34.58
CA PHE A 227 13.54 31.31 -34.40
C PHE A 227 12.05 31.03 -34.50
N HIS A 228 11.73 29.80 -34.89
CA HIS A 228 10.37 29.32 -35.02
C HIS A 228 10.30 27.92 -34.45
N TRP A 229 9.09 27.46 -34.18
CA TRP A 229 8.91 26.14 -33.58
C TRP A 229 7.53 25.58 -33.86
N THR A 230 7.44 24.26 -33.79
CA THR A 230 6.18 23.55 -33.83
C THR A 230 6.30 22.19 -33.18
N LEU A 231 5.16 21.55 -32.96
CA LEU A 231 5.11 20.19 -32.43
C LEU A 231 4.91 19.24 -33.59
N VAL A 232 5.72 18.18 -33.63
CA VAL A 232 5.57 17.10 -34.61
C VAL A 232 5.04 15.90 -33.86
N GLN A 233 3.86 15.43 -34.23
CA GLN A 233 3.18 14.35 -33.53
C GLN A 233 3.79 13.00 -33.85
N PRO A 234 3.55 11.97 -33.01
CA PRO A 234 4.08 10.62 -33.26
C PRO A 234 3.72 10.08 -34.65
N GLY A 235 4.72 9.63 -35.39
CA GLY A 235 4.51 9.11 -36.75
C GLY A 235 4.59 10.16 -37.85
N ASP A 236 4.11 11.36 -37.57
CA ASP A 236 4.04 12.45 -38.54
C ASP A 236 5.44 12.91 -38.98
N LYS A 237 5.53 13.40 -40.21
CA LYS A 237 6.78 13.89 -40.78
C LYS A 237 6.72 15.41 -40.91
N ILE A 238 7.87 16.07 -40.76
CA ILE A 238 7.98 17.51 -41.02
C ILE A 238 9.10 17.74 -42.01
N THR A 239 8.80 18.42 -43.12
CA THR A 239 9.76 18.61 -44.20
C THR A 239 10.10 20.07 -44.39
N PHE A 240 11.39 20.34 -44.51
CA PHE A 240 11.92 21.68 -44.74
C PHE A 240 12.33 21.77 -46.21
N SER A 241 11.66 22.63 -46.97
CA SER A 241 12.06 22.97 -48.34
C SER A 241 12.74 24.33 -48.28
N HIS A 242 13.99 24.40 -48.70
CA HIS A 242 14.77 25.64 -48.57
C HIS A 242 15.86 25.77 -49.62
N ASN A 243 16.11 27.01 -50.05
CA ASN A 243 17.19 27.35 -50.98
C ASN A 243 18.06 28.48 -50.40
N GLY A 244 18.46 28.32 -49.14
CA GLY A 244 19.33 29.27 -48.43
C GLY A 244 18.55 30.21 -47.54
N GLY A 245 19.06 30.43 -46.33
CA GLY A 245 18.39 31.23 -45.30
C GLY A 245 17.97 30.45 -44.08
N LEU A 246 17.82 29.12 -44.22
CA LEU A 246 17.43 28.24 -43.12
C LEU A 246 18.59 27.99 -42.18
N ILE A 247 18.33 28.17 -40.89
CA ILE A 247 19.20 27.66 -39.83
C ILE A 247 18.56 26.35 -39.38
N ALA A 248 19.07 25.25 -39.95
CA ALA A 248 18.43 23.96 -39.85
C ALA A 248 18.72 23.28 -38.50
N PRO A 249 17.70 22.61 -37.93
CA PRO A 249 17.96 21.85 -36.72
C PRO A 249 18.81 20.62 -37.02
N SER A 250 19.78 20.35 -36.14
CA SER A 250 20.49 19.08 -36.07
C SER A 250 19.91 18.17 -35.00
N ARG A 251 19.23 18.76 -34.01
CA ARG A 251 18.49 18.00 -32.99
C ARG A 251 17.11 18.61 -32.72
N VAL A 252 16.19 17.75 -32.32
CA VAL A 252 14.86 18.16 -31.86
C VAL A 252 14.71 17.78 -30.41
N SER A 253 13.70 18.36 -29.76
CA SER A 253 13.48 18.18 -28.33
C SER A 253 12.22 17.38 -28.05
N LYS A 254 12.18 16.73 -26.90
CA LYS A 254 10.95 16.16 -26.36
C LYS A 254 10.79 16.71 -24.95
N LEU A 255 9.66 17.36 -24.66
CA LEU A 255 9.36 17.84 -23.31
C LEU A 255 8.65 16.73 -22.55
N ILE A 256 9.19 16.38 -21.38
CA ILE A 256 8.80 15.19 -20.64
C ILE A 256 8.07 15.59 -19.38
N GLY A 257 6.93 14.96 -19.11
CA GLY A 257 6.24 15.10 -17.83
C GLY A 257 5.79 16.51 -17.49
N ARG A 258 5.77 16.81 -16.19
CA ARG A 258 5.24 18.06 -15.64
C ARG A 258 6.16 18.59 -14.56
N GLY A 259 6.28 19.93 -14.50
CA GLY A 259 7.06 20.59 -13.47
C GLY A 259 6.56 22.00 -13.20
N LEU A 260 6.97 22.54 -12.06
CA LEU A 260 6.62 23.89 -11.65
C LEU A 260 7.72 24.89 -12.06
N GLY A 261 7.35 25.91 -12.82
CA GLY A 261 8.28 26.93 -13.31
C GLY A 261 8.32 28.13 -12.39
N ILE A 262 9.51 28.53 -11.96
CA ILE A 262 9.68 29.66 -11.02
C ILE A 262 10.61 30.71 -11.63
N GLN A 263 10.18 31.97 -11.56
CA GLN A 263 11.00 33.10 -11.96
C GLN A 263 11.32 33.89 -10.70
N SER A 264 12.59 33.86 -10.28
CA SER A 264 13.01 34.47 -9.01
C SER A 264 14.49 34.81 -9.00
N GLU A 265 14.84 35.83 -8.23
CA GLU A 265 16.24 36.22 -7.99
C GLU A 265 16.81 35.57 -6.72
N ALA A 266 15.94 34.93 -5.92
CA ALA A 266 16.32 34.39 -4.61
C ALA A 266 17.16 33.11 -4.72
N PRO A 267 18.08 32.89 -3.77
CA PRO A 267 18.93 31.70 -3.81
C PRO A 267 18.23 30.44 -3.31
N ILE A 268 18.76 29.28 -3.71
CA ILE A 268 18.22 27.97 -3.30
C ILE A 268 18.57 27.69 -1.84
N ASP A 269 17.64 27.04 -1.14
CA ASP A 269 17.88 26.48 0.20
C ASP A 269 17.21 25.10 0.25
N ASN A 270 18.02 24.04 0.24
CA ASN A 270 17.51 22.65 0.29
C ASN A 270 17.09 22.15 1.68
N SER A 271 17.16 23.00 2.71
CA SER A 271 16.76 22.62 4.07
C SER A 271 15.25 22.78 4.35
N CYS A 272 14.64 23.84 3.81
CA CYS A 272 13.19 24.07 3.95
C CYS A 272 12.41 23.53 2.73
N GLU A 273 11.20 23.03 3.00
CA GLU A 273 10.23 22.61 1.97
C GLU A 273 9.20 23.72 1.77
N SER A 274 8.64 23.81 0.56
CA SER A 274 7.52 24.72 0.28
C SER A 274 6.72 24.28 -0.96
N LYS A 275 5.47 24.74 -1.04
CA LYS A 275 4.62 24.56 -2.23
C LYS A 275 4.16 25.89 -2.85
N CYS A 276 4.64 27.02 -2.33
CA CYS A 276 4.30 28.32 -2.90
C CYS A 276 5.57 29.16 -3.07
N PHE A 277 5.63 29.88 -4.19
CA PHE A 277 6.80 30.66 -4.56
C PHE A 277 6.39 31.95 -5.27
N TRP A 278 7.21 32.98 -5.13
CA TRP A 278 7.03 34.24 -5.85
C TRP A 278 8.40 34.80 -6.19
N ARG A 279 8.45 35.96 -6.84
CA ARG A 279 9.72 36.56 -7.26
C ARG A 279 10.72 36.71 -6.12
N GLY A 280 10.23 37.18 -4.99
CA GLY A 280 11.01 37.40 -3.78
C GLY A 280 11.39 36.18 -2.95
N GLY A 281 10.71 35.05 -3.16
CA GLY A 281 11.11 33.79 -2.50
C GLY A 281 9.99 32.80 -2.28
N SER A 282 10.00 32.13 -1.12
CA SER A 282 9.02 31.11 -0.75
C SER A 282 8.03 31.63 0.29
N ILE A 283 6.87 30.97 0.35
CA ILE A 283 5.79 31.30 1.29
C ILE A 283 5.35 30.00 1.98
N ASN A 284 5.85 29.81 3.20
CA ASN A 284 5.62 28.56 3.96
C ASN A 284 4.47 28.62 4.96
N THR A 285 3.70 29.70 4.91
CA THR A 285 2.59 29.90 5.83
C THR A 285 1.50 28.82 5.73
N ARG A 286 0.91 28.50 6.87
CA ARG A 286 -0.30 27.67 6.94
C ARG A 286 -1.56 28.53 6.83
N LEU A 287 -1.40 29.86 6.86
CA LEU A 287 -2.53 30.78 6.84
C LEU A 287 -3.28 30.75 5.49
N PRO A 288 -4.57 31.11 5.51
CA PRO A 288 -5.39 31.07 4.30
C PRO A 288 -5.09 32.20 3.30
N PHE A 289 -4.66 33.35 3.80
CA PHE A 289 -4.45 34.54 2.97
C PHE A 289 -3.01 35.04 3.06
N GLN A 290 -2.69 36.11 2.35
CA GLN A 290 -1.30 36.52 2.13
C GLN A 290 -1.29 37.90 1.44
N ASN A 291 -0.37 38.79 1.81
CA ASN A 291 -0.30 40.16 1.21
C ASN A 291 1.06 40.53 0.62
N LEU A 292 1.82 39.51 0.23
CA LEU A 292 3.17 39.66 -0.30
C LEU A 292 3.14 40.00 -1.78
N SER A 293 2.41 39.19 -2.56
CA SER A 293 2.29 39.42 -4.00
C SER A 293 1.05 38.77 -4.63
N PRO A 294 0.46 39.43 -5.65
CA PRO A 294 -0.56 38.77 -6.48
C PRO A 294 0.04 37.78 -7.49
N ARG A 295 1.30 37.95 -7.86
CA ARG A 295 2.01 37.02 -8.75
C ARG A 295 2.63 35.91 -7.93
N THR A 296 1.98 34.75 -7.88
CA THR A 296 2.56 33.56 -7.22
C THR A 296 2.34 32.32 -8.06
N VAL A 297 3.10 31.27 -7.73
CA VAL A 297 3.04 29.99 -8.43
C VAL A 297 2.98 28.85 -7.42
N GLY A 298 2.23 27.80 -7.74
CA GLY A 298 2.12 26.61 -6.89
C GLY A 298 0.82 26.56 -6.10
N GLN A 299 0.89 25.95 -4.91
CA GLN A 299 -0.26 25.86 -4.00
C GLN A 299 -0.16 26.97 -2.97
N CYS A 300 -0.74 28.12 -3.31
CA CYS A 300 -0.54 29.34 -2.55
C CYS A 300 -1.78 29.76 -1.75
N PRO A 301 -1.57 30.53 -0.66
CA PRO A 301 -2.70 31.23 -0.08
C PRO A 301 -3.13 32.37 -1.01
N LYS A 302 -4.36 32.82 -0.86
CA LYS A 302 -4.92 33.79 -1.78
C LYS A 302 -4.45 35.20 -1.42
N TYR A 303 -4.01 35.95 -2.43
CA TYR A 303 -3.60 37.33 -2.22
C TYR A 303 -4.78 38.20 -1.82
N VAL A 304 -4.58 39.03 -0.80
CA VAL A 304 -5.60 39.97 -0.31
C VAL A 304 -4.96 41.34 -0.07
N ASN A 305 -5.74 42.40 -0.25
CA ASN A 305 -5.26 43.77 -0.02
C ASN A 305 -5.50 44.18 1.45
N LYS A 306 -4.81 43.50 2.36
CA LYS A 306 -4.93 43.72 3.80
C LYS A 306 -3.61 43.49 4.52
N LYS A 307 -3.29 44.36 5.47
CA LYS A 307 -2.14 44.15 6.37
C LYS A 307 -2.41 42.98 7.31
N SER A 308 -3.58 43.01 7.96
CA SER A 308 -3.92 42.07 9.02
C SER A 308 -5.43 41.83 9.13
N LEU A 309 -5.81 40.56 9.32
CA LEU A 309 -7.18 40.19 9.68
C LEU A 309 -7.13 39.23 10.86
N MET A 310 -7.48 39.74 12.05
CA MET A 310 -7.39 38.96 13.28
C MET A 310 -8.67 38.17 13.50
N LEU A 311 -8.51 36.87 13.67
CA LEU A 311 -9.62 35.95 13.90
C LEU A 311 -9.74 35.68 15.40
N ALA A 312 -10.86 36.11 16.00
CA ALA A 312 -11.13 35.86 17.40
C ALA A 312 -11.14 34.36 17.69
N THR A 313 -10.38 33.95 18.71
CA THR A 313 -10.36 32.58 19.24
C THR A 313 -10.74 32.60 20.73
N GLY A 314 -11.50 33.61 21.13
CA GLY A 314 -11.93 33.75 22.51
C GLY A 314 -13.09 34.72 22.66
N MET A 315 -13.74 34.65 23.81
CA MET A 315 -14.88 35.50 24.15
C MET A 315 -14.53 36.98 24.28
N ARG A 316 -15.53 37.81 24.52
CA ARG A 316 -15.30 39.22 24.85
C ARG A 316 -14.48 39.33 26.12
N ASN A 317 -13.48 40.21 26.11
CA ASN A 317 -12.66 40.51 27.27
C ASN A 317 -13.29 41.67 28.02
N VAL A 318 -13.82 41.38 29.21
CA VAL A 318 -14.41 42.39 30.08
C VAL A 318 -13.59 42.37 31.38
N PRO A 319 -12.54 43.22 31.46
CA PRO A 319 -11.59 43.13 32.57
C PRO A 319 -12.13 43.78 33.85
N GLU A 320 -11.50 43.43 34.98
CA GLU A 320 -11.91 43.91 36.30
C GLU A 320 -11.54 45.39 36.48
N GLY B 1 -24.42 40.75 25.23
CA GLY B 1 -24.44 40.42 23.76
C GLY B 1 -25.74 39.76 23.38
N LEU B 2 -25.72 38.91 22.35
CA LEU B 2 -26.91 38.20 21.90
C LEU B 2 -27.61 37.44 23.03
N PHE B 3 -26.83 36.70 23.81
CA PHE B 3 -27.37 35.88 24.90
C PHE B 3 -27.39 36.56 26.27
N GLY B 4 -26.87 37.78 26.34
CA GLY B 4 -27.09 38.66 27.49
C GLY B 4 -26.28 38.39 28.75
N ALA B 5 -25.34 37.45 28.72
CA ALA B 5 -24.55 37.08 29.91
C ALA B 5 -23.20 37.78 29.93
N ILE B 6 -22.32 37.45 28.97
CA ILE B 6 -21.01 38.08 28.88
C ILE B 6 -21.22 39.48 28.31
N ALA B 7 -20.64 40.48 28.97
CA ALA B 7 -20.90 41.89 28.69
C ALA B 7 -22.39 42.24 28.84
N GLY B 8 -23.06 41.56 29.77
CA GLY B 8 -24.48 41.72 30.04
C GLY B 8 -24.72 41.70 31.53
N PHE B 9 -25.53 40.76 32.03
CA PHE B 9 -25.80 40.68 33.47
C PHE B 9 -24.61 40.21 34.31
N ILE B 10 -23.66 39.49 33.71
CA ILE B 10 -22.35 39.26 34.34
C ILE B 10 -21.58 40.58 34.17
N GLU B 11 -21.37 41.29 35.27
CA GLU B 11 -20.74 42.63 35.24
C GLU B 11 -19.39 42.63 34.52
N ASN B 12 -18.55 41.66 34.85
CA ASN B 12 -17.21 41.56 34.26
C ASN B 12 -16.66 40.14 34.35
N GLY B 13 -15.55 39.94 33.66
CA GLY B 13 -14.82 38.67 33.70
C GLY B 13 -13.88 38.63 34.89
N TRP B 14 -13.44 37.43 35.23
CA TRP B 14 -12.54 37.19 36.35
C TRP B 14 -11.12 36.90 35.86
N GLU B 15 -10.22 37.87 36.05
CA GLU B 15 -8.80 37.71 35.68
C GLU B 15 -8.08 36.67 36.56
N GLY B 16 -8.63 36.40 37.75
CA GLY B 16 -8.12 35.34 38.63
C GLY B 16 -8.37 33.92 38.14
N MET B 17 -9.47 33.69 37.43
CA MET B 17 -9.79 32.35 36.92
C MET B 17 -8.92 32.02 35.70
N VAL B 18 -7.92 31.15 35.92
CA VAL B 18 -6.87 30.87 34.92
C VAL B 18 -6.72 29.39 34.54
N ASP B 19 -7.64 28.52 34.99
CA ASP B 19 -7.64 27.10 34.59
C ASP B 19 -8.97 26.70 33.91
N GLY B 20 -9.64 27.69 33.31
CA GLY B 20 -10.94 27.50 32.68
C GLY B 20 -11.52 28.80 32.14
N TRP B 21 -12.49 28.67 31.25
CA TRP B 21 -13.16 29.82 30.61
C TRP B 21 -14.39 30.23 31.40
N TYR B 22 -15.11 29.25 31.95
CA TYR B 22 -16.33 29.48 32.72
C TYR B 22 -16.19 28.79 34.07
N GLY B 23 -16.76 29.39 35.11
CA GLY B 23 -16.70 28.78 36.43
C GLY B 23 -17.43 29.48 37.55
N PHE B 24 -17.25 28.93 38.75
CA PHE B 24 -18.04 29.29 39.93
C PHE B 24 -17.20 29.99 40.98
N ARG B 25 -17.78 31.00 41.64
CA ARG B 25 -17.31 31.51 42.93
C ARG B 25 -18.44 31.36 43.93
N HIS B 26 -18.13 30.99 45.16
CA HIS B 26 -19.13 30.83 46.21
C HIS B 26 -18.66 31.46 47.51
N GLN B 27 -19.62 31.81 48.36
CA GLN B 27 -19.32 32.27 49.72
C GLN B 27 -20.24 31.57 50.71
N ASN B 28 -19.67 31.08 51.80
CA ASN B 28 -20.44 30.44 52.87
C ASN B 28 -19.72 30.64 54.21
N ALA B 29 -20.24 30.03 55.27
CA ALA B 29 -19.63 30.08 56.61
C ALA B 29 -18.15 29.64 56.60
N GLN B 30 -17.83 28.61 55.82
CA GLN B 30 -16.46 28.07 55.74
C GLN B 30 -15.45 28.94 55.00
N GLY B 31 -15.93 29.84 54.14
CA GLY B 31 -15.06 30.80 53.44
C GLY B 31 -15.41 30.97 51.97
N THR B 32 -14.44 31.46 51.20
CA THR B 32 -14.59 31.68 49.77
C THR B 32 -13.80 30.63 49.00
N GLY B 33 -14.29 30.27 47.82
CA GLY B 33 -13.60 29.38 46.90
C GLY B 33 -13.83 29.78 45.46
N GLN B 34 -13.11 29.12 44.56
CA GLN B 34 -13.28 29.28 43.12
C GLN B 34 -13.03 27.94 42.45
N ALA B 35 -13.72 27.69 41.34
CA ALA B 35 -13.48 26.50 40.52
C ALA B 35 -13.98 26.72 39.09
N ALA B 36 -13.35 26.04 38.14
CA ALA B 36 -13.72 26.12 36.73
C ALA B 36 -14.64 24.96 36.37
N ASP B 37 -15.56 25.20 35.44
CA ASP B 37 -16.40 24.14 34.87
C ASP B 37 -15.70 23.61 33.62
N TYR B 38 -15.34 22.33 33.64
CA TYR B 38 -14.59 21.70 32.55
C TYR B 38 -15.45 21.55 31.29
N LYS B 39 -16.66 21.00 31.46
CA LYS B 39 -17.53 20.65 30.32
C LYS B 39 -17.93 21.86 29.46
N SER B 40 -18.30 22.96 30.09
CA SER B 40 -18.69 24.18 29.37
C SER B 40 -17.49 24.87 28.71
N THR B 41 -16.34 24.83 29.37
CA THR B 41 -15.10 25.38 28.82
C THR B 41 -14.68 24.68 27.52
N GLN B 42 -14.63 23.34 27.56
CA GLN B 42 -14.25 22.54 26.39
C GLN B 42 -15.26 22.65 25.25
N ALA B 43 -16.54 22.83 25.58
CA ALA B 43 -17.56 23.07 24.56
C ALA B 43 -17.21 24.31 23.73
N ALA B 44 -16.85 25.40 24.40
CA ALA B 44 -16.47 26.65 23.73
C ALA B 44 -15.13 26.53 23.00
N ILE B 45 -14.16 25.84 23.62
CA ILE B 45 -12.84 25.62 23.01
C ILE B 45 -12.94 24.72 21.77
N ASP B 46 -13.70 23.63 21.86
CA ASP B 46 -13.83 22.70 20.74
C ASP B 46 -14.46 23.33 19.49
N GLN B 47 -15.47 24.17 19.70
CA GLN B 47 -16.11 24.94 18.62
C GLN B 47 -15.13 25.91 17.95
N ILE B 48 -14.26 26.52 18.73
CA ILE B 48 -13.21 27.41 18.20
C ILE B 48 -12.11 26.60 17.50
N THR B 49 -11.75 25.44 18.04
CA THR B 49 -10.82 24.53 17.36
C THR B 49 -11.36 24.12 16.00
N GLY B 50 -12.67 23.83 15.96
CA GLY B 50 -13.38 23.50 14.72
C GLY B 50 -13.29 24.60 13.67
N LYS B 51 -13.51 25.84 14.09
CA LYS B 51 -13.37 27.01 13.20
C LYS B 51 -11.99 27.11 12.59
N LEU B 52 -10.97 26.96 13.43
CA LEU B 52 -9.58 27.04 12.99
C LEU B 52 -9.23 25.93 11.99
N ASN B 53 -9.72 24.72 12.22
CA ASN B 53 -9.50 23.60 11.31
C ASN B 53 -10.07 23.85 9.90
N ARG B 54 -11.20 24.55 9.84
CA ARG B 54 -11.82 24.87 8.56
C ARG B 54 -11.16 26.10 7.91
N ILE B 55 -10.94 27.17 8.68
CA ILE B 55 -10.47 28.44 8.14
C ILE B 55 -8.95 28.48 7.87
N ILE B 56 -8.14 27.88 8.75
CA ILE B 56 -6.67 27.89 8.59
C ILE B 56 -6.26 26.83 7.57
N LYS B 57 -6.39 27.21 6.30
CA LYS B 57 -6.28 26.28 5.17
C LYS B 57 -6.16 27.02 3.84
N LYS B 58 -5.40 26.44 2.91
CA LYS B 58 -5.31 26.94 1.52
C LYS B 58 -5.85 25.87 0.56
N THR B 59 -6.24 26.28 -0.64
CA THR B 59 -6.70 25.32 -1.66
C THR B 59 -5.51 24.55 -2.19
N ASN B 60 -5.71 23.27 -2.49
CA ASN B 60 -4.64 22.41 -3.05
C ASN B 60 -4.60 22.48 -4.59
N THR B 61 -4.77 23.68 -5.13
CA THR B 61 -4.82 23.93 -6.57
C THR B 61 -3.47 24.47 -7.03
N GLU B 62 -2.84 23.75 -7.96
CA GLU B 62 -1.59 24.20 -8.56
C GLU B 62 -1.89 25.34 -9.53
N PHE B 63 -1.22 26.46 -9.37
CA PHE B 63 -1.31 27.58 -10.30
C PHE B 63 0.04 27.82 -10.94
N GLU B 64 0.02 28.09 -12.24
CA GLU B 64 1.21 28.39 -13.02
C GLU B 64 1.32 29.88 -13.26
N SER B 65 2.47 30.30 -13.76
CA SER B 65 2.72 31.70 -14.05
C SER B 65 2.08 32.04 -15.39
N ILE B 66 1.26 33.08 -15.40
CA ILE B 66 0.71 33.67 -16.64
C ILE B 66 1.32 35.05 -16.97
N GLU B 67 2.01 35.66 -16.00
CA GLU B 67 2.78 36.90 -16.19
C GLU B 67 4.26 36.57 -16.04
N SER B 68 5.08 37.01 -17.00
CA SER B 68 6.54 36.88 -16.89
C SER B 68 7.13 37.98 -16.03
N GLU B 69 8.01 37.59 -15.11
CA GLU B 69 8.72 38.51 -14.22
C GLU B 69 9.84 39.28 -14.94
N PHE B 70 10.53 38.59 -15.87
CA PHE B 70 11.75 39.11 -16.50
C PHE B 70 11.61 39.48 -17.98
N SER B 71 10.38 39.62 -18.49
CA SER B 71 10.18 40.02 -19.91
C SER B 71 8.82 40.66 -20.16
N GLU B 72 8.76 41.48 -21.21
CA GLU B 72 7.55 42.25 -21.55
C GLU B 72 6.45 41.34 -22.09
N ILE B 73 5.31 41.33 -21.40
CA ILE B 73 4.14 40.56 -21.82
C ILE B 73 3.42 41.38 -22.89
N ASP B 74 2.74 40.70 -23.81
CA ASP B 74 1.89 41.34 -24.82
C ASP B 74 0.91 42.30 -24.13
N HIS B 75 0.74 43.50 -24.70
CA HIS B 75 0.04 44.59 -24.02
C HIS B 75 -1.46 44.36 -23.83
N GLN B 76 -2.14 43.82 -24.85
CA GLN B 76 -3.58 43.59 -24.77
C GLN B 76 -3.93 42.48 -23.77
N ILE B 77 -3.22 41.35 -23.86
CA ILE B 77 -3.44 40.21 -22.95
C ILE B 77 -2.98 40.51 -21.52
N GLY B 78 -1.95 41.35 -21.38
CA GLY B 78 -1.47 41.78 -20.06
C GLY B 78 -2.44 42.66 -19.31
N ASN B 79 -3.20 43.48 -20.05
CA ASN B 79 -4.30 44.27 -19.47
C ASN B 79 -5.42 43.38 -18.98
N VAL B 80 -5.72 42.32 -19.73
CA VAL B 80 -6.76 41.36 -19.34
C VAL B 80 -6.36 40.64 -18.06
N ILE B 81 -5.10 40.21 -17.99
CA ILE B 81 -4.58 39.54 -16.80
C ILE B 81 -4.61 40.50 -15.61
N ASN B 82 -4.14 41.73 -15.81
CA ASN B 82 -4.16 42.76 -14.75
C ASN B 82 -5.58 43.03 -14.24
N TRP B 83 -6.53 43.14 -15.16
CA TRP B 83 -7.94 43.34 -14.81
C TRP B 83 -8.52 42.15 -14.04
N THR B 84 -8.22 40.95 -14.53
CA THR B 84 -8.70 39.70 -13.95
C THR B 84 -8.15 39.49 -12.55
N LYS B 85 -6.83 39.58 -12.39
CA LYS B 85 -6.17 39.40 -11.09
C LYS B 85 -6.71 40.36 -10.03
N ASP B 86 -6.85 41.63 -10.41
CA ASP B 86 -7.43 42.65 -9.53
C ASP B 86 -8.88 42.36 -9.15
N SER B 87 -9.66 41.80 -10.07
CA SER B 87 -11.03 41.38 -9.76
C SER B 87 -11.06 40.21 -8.78
N ILE B 88 -10.15 39.25 -8.96
CA ILE B 88 -10.03 38.07 -8.08
C ILE B 88 -9.59 38.50 -6.69
N THR B 89 -8.61 39.40 -6.63
CA THR B 89 -8.10 39.94 -5.37
C THR B 89 -9.14 40.76 -4.59
N ASP B 90 -10.00 41.49 -5.29
CA ASP B 90 -11.11 42.20 -4.65
C ASP B 90 -12.12 41.22 -4.07
N ILE B 91 -12.39 40.13 -4.78
CA ILE B 91 -13.30 39.08 -4.32
C ILE B 91 -12.73 38.41 -3.06
N TRP B 92 -11.46 38.00 -3.11
CA TRP B 92 -10.81 37.34 -1.97
C TRP B 92 -10.57 38.26 -0.77
N THR B 93 -10.30 39.54 -1.02
CA THR B 93 -10.18 40.52 0.06
C THR B 93 -11.54 40.72 0.75
N TYR B 94 -12.57 40.91 -0.07
CA TYR B 94 -13.95 41.03 0.43
C TYR B 94 -14.39 39.78 1.19
N GLN B 95 -14.11 38.62 0.60
CA GLN B 95 -14.48 37.35 1.20
C GLN B 95 -13.77 37.10 2.53
N ALA B 96 -12.49 37.45 2.59
CA ALA B 96 -11.69 37.27 3.80
C ALA B 96 -12.22 38.15 4.94
N GLU B 97 -12.48 39.41 4.62
CA GLU B 97 -13.10 40.35 5.57
C GLU B 97 -14.45 39.86 6.08
N LEU B 98 -15.31 39.41 5.16
CA LEU B 98 -16.61 38.87 5.53
C LEU B 98 -16.51 37.57 6.32
N LEU B 99 -15.54 36.71 5.97
CA LEU B 99 -15.31 35.46 6.70
C LEU B 99 -14.98 35.73 8.15
N VAL B 100 -13.97 36.56 8.39
CA VAL B 100 -13.49 36.84 9.75
C VAL B 100 -14.51 37.64 10.57
N ALA B 101 -15.09 38.68 9.98
CA ALA B 101 -16.10 39.49 10.65
C ALA B 101 -17.29 38.65 11.16
N MET B 102 -17.78 37.77 10.29
CA MET B 102 -18.88 36.89 10.63
C MET B 102 -18.49 35.87 11.69
N GLU B 103 -17.31 35.27 11.53
CA GLU B 103 -16.83 34.26 12.48
C GLU B 103 -16.59 34.86 13.86
N ASN B 104 -15.97 36.05 13.87
CA ASN B 104 -15.75 36.81 15.09
C ASN B 104 -17.07 37.09 15.82
N GLN B 105 -18.08 37.49 15.06
CA GLN B 105 -19.42 37.71 15.62
C GLN B 105 -20.02 36.42 16.19
N HIS B 106 -19.87 35.31 15.47
CA HIS B 106 -20.39 34.02 15.92
C HIS B 106 -19.64 33.48 17.15
N THR B 107 -18.32 33.66 17.19
CA THR B 107 -17.49 33.16 18.29
C THR B 107 -17.87 33.83 19.61
N ILE B 108 -17.94 35.16 19.57
CA ILE B 108 -18.32 35.98 20.70
C ILE B 108 -19.69 35.55 21.24
N ASP B 109 -20.68 35.50 20.35
CA ASP B 109 -22.03 35.10 20.72
C ASP B 109 -22.14 33.63 21.11
N MET B 110 -21.29 32.78 20.53
CA MET B 110 -21.25 31.36 20.92
C MET B 110 -20.78 31.23 22.37
N ALA B 111 -19.70 31.92 22.71
CA ALA B 111 -19.15 31.90 24.07
C ALA B 111 -20.11 32.49 25.10
N ASP B 112 -20.81 33.56 24.72
CA ASP B 112 -21.92 34.13 25.48
C ASP B 112 -22.98 33.06 25.77
N SER B 113 -23.35 32.30 24.75
CA SER B 113 -24.39 31.27 24.88
C SER B 113 -24.03 30.17 25.86
N GLU B 114 -22.75 29.77 25.89
CA GLU B 114 -22.27 28.74 26.82
C GLU B 114 -22.22 29.22 28.27
N MET B 115 -22.01 30.53 28.48
CA MET B 115 -22.13 31.14 29.80
C MET B 115 -23.59 31.07 30.27
N LEU B 116 -24.51 31.45 29.38
CA LEU B 116 -25.95 31.41 29.67
C LEU B 116 -26.46 29.99 29.90
N ASN B 117 -26.01 29.02 29.09
CA ASN B 117 -26.44 27.63 29.23
C ASN B 117 -26.00 27.03 30.57
N LEU B 118 -24.81 27.40 31.03
CA LEU B 118 -24.32 26.99 32.34
C LEU B 118 -25.16 27.61 33.45
N TYR B 119 -25.45 28.91 33.33
CA TYR B 119 -26.30 29.63 34.29
C TYR B 119 -27.70 29.02 34.39
N GLU B 120 -28.31 28.76 33.24
CA GLU B 120 -29.64 28.14 33.18
C GLU B 120 -29.66 26.71 33.71
N ARG B 121 -28.56 25.97 33.48
CA ARG B 121 -28.41 24.61 34.01
C ARG B 121 -28.35 24.63 35.54
N VAL B 122 -27.68 25.64 36.11
CA VAL B 122 -27.62 25.81 37.56
C VAL B 122 -28.97 26.29 38.09
N ARG B 123 -29.61 27.25 37.42
CA ARG B 123 -30.93 27.73 37.87
C ARG B 123 -31.93 26.59 38.04
N LYS B 124 -32.09 25.78 36.98
CA LYS B 124 -33.03 24.66 36.98
C LYS B 124 -32.66 23.55 37.98
N GLN B 125 -31.36 23.41 38.24
CA GLN B 125 -30.83 22.47 39.21
C GLN B 125 -31.17 22.89 40.67
N LEU B 126 -31.06 24.19 40.96
CA LEU B 126 -31.39 24.72 42.29
C LEU B 126 -32.90 24.81 42.54
N ARG B 127 -33.67 25.07 41.49
CA ARG B 127 -35.14 24.99 41.53
C ARG B 127 -35.76 26.07 42.46
N GLN B 128 -36.41 25.70 43.56
CA GLN B 128 -36.99 26.68 44.50
C GLN B 128 -36.13 26.91 45.75
N ASN B 129 -34.94 26.31 45.79
CA ASN B 129 -34.01 26.49 46.90
C ASN B 129 -33.15 27.76 46.76
N ALA B 130 -33.29 28.49 45.65
CA ALA B 130 -32.48 29.68 45.41
C ALA B 130 -33.25 30.76 44.65
N GLU B 131 -32.66 31.95 44.62
CA GLU B 131 -33.20 33.09 43.88
C GLU B 131 -32.10 33.78 43.11
N GLU B 132 -32.44 34.26 41.93
CA GLU B 132 -31.49 34.94 41.07
C GLU B 132 -31.18 36.31 41.66
N ASP B 133 -29.90 36.53 41.95
CA ASP B 133 -29.38 37.82 42.41
C ASP B 133 -29.52 38.91 41.32
N GLY B 134 -29.35 38.51 40.05
CA GLY B 134 -29.45 39.43 38.92
C GLY B 134 -28.12 39.78 38.28
N LYS B 135 -27.01 39.46 38.97
CA LYS B 135 -25.66 39.68 38.46
C LYS B 135 -24.95 38.33 38.18
N GLY B 136 -25.74 37.30 37.85
CA GLY B 136 -25.20 35.96 37.62
C GLY B 136 -25.03 35.07 38.83
N CYS B 137 -25.45 35.55 40.00
CA CYS B 137 -25.34 34.78 41.25
C CYS B 137 -26.69 34.25 41.67
N PHE B 138 -26.64 33.27 42.57
CA PHE B 138 -27.82 32.64 43.14
C PHE B 138 -27.71 32.70 44.65
N GLU B 139 -28.64 33.41 45.30
CA GLU B 139 -28.72 33.43 46.76
C GLU B 139 -29.44 32.17 47.24
N ILE B 140 -28.66 31.21 47.76
CA ILE B 140 -29.19 29.93 48.23
C ILE B 140 -29.71 30.10 49.65
N TYR B 141 -30.94 29.66 49.89
CA TYR B 141 -31.62 29.87 51.18
C TYR B 141 -31.48 28.68 52.15
N HIS B 142 -30.28 28.12 52.26
CA HIS B 142 -29.98 27.11 53.27
C HIS B 142 -28.48 26.97 53.51
N ALA B 143 -28.12 26.20 54.54
CA ALA B 143 -26.72 25.92 54.84
C ALA B 143 -26.15 25.04 53.75
N CYS B 144 -25.31 25.63 52.91
CA CYS B 144 -24.67 24.94 51.81
C CYS B 144 -23.16 24.93 52.05
N ASP B 145 -22.69 23.81 52.60
CA ASP B 145 -21.25 23.59 52.85
C ASP B 145 -20.47 23.31 51.56
N ASP B 146 -19.15 23.17 51.68
CA ASP B 146 -18.27 22.89 50.53
C ASP B 146 -18.72 21.68 49.69
N SER B 147 -19.17 20.62 50.35
CA SER B 147 -19.70 19.44 49.65
C SER B 147 -21.03 19.72 48.94
N CYS B 148 -21.86 20.57 49.54
CA CYS B 148 -23.09 21.06 48.91
C CYS B 148 -22.78 21.93 47.68
N MET B 149 -21.79 22.81 47.81
CA MET B 149 -21.32 23.64 46.68
C MET B 149 -20.63 22.81 45.60
N GLU B 150 -19.95 21.74 46.01
CA GLU B 150 -19.33 20.79 45.08
C GLU B 150 -20.37 20.05 44.24
N SER B 151 -21.54 19.76 44.82
CA SER B 151 -22.63 19.07 44.12
C SER B 151 -23.38 19.96 43.11
N ILE B 152 -23.34 21.27 43.32
CA ILE B 152 -23.87 22.23 42.34
C ILE B 152 -22.99 22.27 41.09
N ARG B 153 -21.68 22.29 41.30
CA ARG B 153 -20.70 22.25 40.21
C ARG B 153 -20.70 20.91 39.48
N ASN B 154 -20.78 19.80 40.22
CA ASN B 154 -20.73 18.44 39.64
C ASN B 154 -22.11 17.88 39.23
N ASN B 155 -23.15 18.72 39.26
CA ASN B 155 -24.49 18.39 38.75
C ASN B 155 -25.14 17.18 39.46
N THR B 156 -24.90 17.07 40.76
CA THR B 156 -25.52 16.01 41.60
C THR B 156 -26.28 16.61 42.80
N TYR B 157 -26.69 17.88 42.68
CA TYR B 157 -27.44 18.59 43.72
C TYR B 157 -28.89 18.14 43.68
N ASP B 158 -29.37 17.57 44.80
CA ASP B 158 -30.77 17.17 44.94
C ASP B 158 -31.53 18.29 45.65
N HIS B 159 -32.44 18.94 44.93
CA HIS B 159 -33.19 20.09 45.47
C HIS B 159 -34.17 19.71 46.59
N SER B 160 -34.74 18.50 46.50
CA SER B 160 -35.71 18.02 47.50
C SER B 160 -35.10 17.74 48.88
N GLN B 161 -33.78 17.52 48.92
CA GLN B 161 -33.04 17.35 50.17
C GLN B 161 -33.04 18.62 51.04
N TYR B 162 -33.09 19.79 50.41
CA TYR B 162 -33.03 21.08 51.12
C TYR B 162 -34.30 21.95 50.95
N ARG B 163 -35.36 21.37 50.40
CA ARG B 163 -36.55 22.15 50.01
C ARG B 163 -37.36 22.67 51.20
N GLU B 164 -37.54 21.82 52.21
CA GLU B 164 -38.33 22.16 53.40
C GLU B 164 -37.73 23.39 54.08
N GLU B 165 -36.44 23.33 54.36
CA GLU B 165 -35.71 24.43 54.97
C GLU B 165 -35.74 25.70 54.10
N ALA B 166 -35.50 25.53 52.80
CA ALA B 166 -35.31 26.66 51.89
C ALA B 166 -36.58 27.46 51.64
N LEU B 167 -37.72 26.78 51.49
CA LEU B 167 -39.00 27.47 51.29
C LEU B 167 -39.41 28.28 52.51
N LEU B 168 -39.16 27.75 53.70
CA LEU B 168 -39.44 28.46 54.96
C LEU B 168 -38.62 29.76 55.09
N ASN B 169 -37.36 29.71 54.70
CA ASN B 169 -36.49 30.89 54.75
C ASN B 169 -36.87 31.94 53.69
N ARG B 170 -37.21 31.48 52.49
CA ARG B 170 -37.62 32.37 51.40
C ARG B 170 -38.89 33.16 51.70
N LEU B 171 -39.90 32.46 52.25
CA LEU B 171 -41.16 33.09 52.64
C LEU B 171 -41.06 33.80 53.99
N ASN B 172 -40.28 33.22 54.91
CA ASN B 172 -39.99 33.80 56.24
C ASN B 172 -41.24 34.01 57.08
N ASP C 1 -17.95 -60.72 65.11
CA ASP C 1 -19.20 -60.02 65.57
C ASP C 1 -19.82 -59.11 64.48
N PRO C 2 -19.08 -58.10 63.98
CA PRO C 2 -19.70 -57.16 63.05
C PRO C 2 -19.79 -57.70 61.62
N ASP C 3 -20.80 -57.25 60.88
CA ASP C 3 -20.92 -57.55 59.45
C ASP C 3 -19.81 -56.82 58.70
N LYS C 4 -19.42 -57.36 57.54
CA LYS C 4 -18.29 -56.85 56.78
C LYS C 4 -18.69 -56.64 55.31
N ILE C 5 -18.28 -55.50 54.75
CA ILE C 5 -18.36 -55.24 53.31
C ILE C 5 -16.95 -54.90 52.82
N CYS C 6 -16.53 -55.58 51.76
CA CYS C 6 -15.15 -55.53 51.28
C CYS C 6 -15.13 -54.99 49.87
N LEU C 7 -14.29 -53.99 49.63
CA LEU C 7 -14.10 -53.47 48.29
C LEU C 7 -12.91 -54.17 47.64
N GLY C 8 -13.01 -54.35 46.34
CA GLY C 8 -11.98 -55.04 45.60
C GLY C 8 -12.07 -54.80 44.12
N HIS C 9 -11.13 -55.41 43.41
CA HIS C 9 -11.02 -55.27 41.97
C HIS C 9 -10.77 -56.64 41.36
N HIS C 10 -10.94 -56.74 40.04
CA HIS C 10 -10.78 -58.02 39.36
C HIS C 10 -9.32 -58.36 39.14
N ALA C 11 -9.07 -59.62 38.83
CA ALA C 11 -7.77 -60.09 38.39
C ALA C 11 -7.99 -61.16 37.34
N VAL C 12 -6.91 -61.58 36.69
CA VAL C 12 -6.97 -62.65 35.70
C VAL C 12 -5.82 -63.62 35.98
N ALA C 13 -5.96 -64.85 35.48
CA ALA C 13 -4.95 -65.89 35.71
C ALA C 13 -3.69 -65.58 34.90
N ASN C 14 -3.87 -65.44 33.58
CA ASN C 14 -2.77 -65.12 32.66
C ASN C 14 -2.69 -63.61 32.41
N GLY C 15 -1.80 -62.93 33.14
CA GLY C 15 -1.54 -61.51 32.94
C GLY C 15 -0.55 -61.23 31.81
N THR C 16 -0.43 -59.96 31.45
CA THR C 16 0.48 -59.52 30.37
C THR C 16 1.53 -58.54 30.90
N ILE C 17 2.78 -58.70 30.46
CA ILE C 17 3.87 -57.83 30.87
C ILE C 17 3.92 -56.60 29.97
N VAL C 18 3.94 -55.41 30.58
CA VAL C 18 4.13 -54.15 29.86
C VAL C 18 5.17 -53.30 30.58
N LYS C 19 5.74 -52.35 29.84
CA LYS C 19 6.74 -51.43 30.36
C LYS C 19 6.07 -50.12 30.74
N THR C 20 6.38 -49.64 31.95
CA THR C 20 5.97 -48.31 32.42
C THR C 20 7.21 -47.40 32.50
N LEU C 21 7.01 -46.16 32.92
CA LEU C 21 8.12 -45.23 33.11
C LEU C 21 9.12 -45.72 34.15
N THR C 22 8.63 -46.41 35.18
CA THR C 22 9.44 -46.90 36.29
C THR C 22 9.71 -48.41 36.28
N ASN C 23 8.90 -49.19 35.56
CA ASN C 23 8.95 -50.65 35.69
C ASN C 23 9.06 -51.32 34.33
N GLU C 24 10.11 -52.12 34.17
CA GLU C 24 10.35 -52.91 32.97
C GLU C 24 9.39 -54.10 32.87
N GLN C 25 9.01 -54.67 34.01
CA GLN C 25 8.29 -55.95 34.09
C GLN C 25 6.97 -55.81 34.87
N GLU C 26 6.14 -54.85 34.47
CA GLU C 26 4.85 -54.61 35.14
C GLU C 26 3.73 -55.48 34.55
N GLU C 27 3.09 -56.27 35.39
CA GLU C 27 2.04 -57.20 34.94
C GLU C 27 0.67 -56.53 35.03
N VAL C 28 -0.07 -56.55 33.92
CA VAL C 28 -1.43 -55.97 33.83
C VAL C 28 -2.41 -57.02 33.35
N THR C 29 -3.71 -56.74 33.50
CA THR C 29 -4.77 -57.69 33.19
C THR C 29 -4.94 -57.94 31.69
N ASN C 30 -4.57 -56.95 30.88
CA ASN C 30 -4.75 -57.03 29.44
C ASN C 30 -3.92 -55.94 28.79
N ALA C 31 -3.40 -56.24 27.60
CA ALA C 31 -2.66 -55.26 26.80
C ALA C 31 -2.88 -55.52 25.31
N THR C 32 -2.49 -54.54 24.50
CA THR C 32 -2.65 -54.62 23.04
C THR C 32 -1.43 -54.03 22.35
N GLU C 33 -1.03 -54.66 21.24
CA GLU C 33 0.15 -54.28 20.49
C GLU C 33 -0.05 -52.94 19.78
N THR C 34 1.03 -52.16 19.67
CA THR C 34 1.05 -50.91 18.88
C THR C 34 2.01 -50.93 17.68
N VAL C 35 2.90 -51.92 17.63
CA VAL C 35 3.87 -52.10 16.54
C VAL C 35 3.50 -53.30 15.68
N GLU C 36 3.22 -53.06 14.39
CA GLU C 36 2.87 -54.15 13.46
C GLU C 36 4.11 -54.92 13.02
N SER C 37 4.10 -56.24 13.23
CA SER C 37 5.19 -57.15 12.82
C SER C 37 4.85 -58.03 11.62
N THR C 38 3.56 -58.12 11.26
CA THR C 38 3.09 -59.02 10.21
C THR C 38 2.91 -58.26 8.89
N SER C 39 3.53 -58.80 7.84
CA SER C 39 3.40 -58.25 6.48
C SER C 39 2.51 -59.15 5.64
N LEU C 40 1.71 -58.54 4.78
CA LEU C 40 1.01 -59.27 3.72
C LEU C 40 1.90 -59.21 2.48
N ASN C 41 2.49 -60.34 2.08
CA ASN C 41 3.43 -60.39 0.95
C ASN C 41 2.72 -60.31 -0.41
N ARG C 42 1.92 -59.25 -0.58
CA ARG C 42 0.99 -59.07 -1.69
C ARG C 42 0.64 -57.57 -1.80
N LEU C 43 0.51 -57.07 -3.03
CA LEU C 43 0.11 -55.67 -3.27
C LEU C 43 -1.40 -55.55 -3.27
N CYS C 44 -1.95 -54.85 -2.28
CA CYS C 44 -3.39 -54.76 -2.06
C CYS C 44 -4.04 -53.63 -2.87
N MET C 45 -4.57 -53.98 -4.03
CA MET C 45 -5.05 -53.01 -5.03
C MET C 45 -6.56 -52.90 -5.16
N LYS C 46 -7.32 -53.31 -4.14
CA LYS C 46 -8.77 -53.13 -4.16
C LYS C 46 -9.10 -51.64 -4.02
N GLY C 47 -10.12 -51.20 -4.74
CA GLY C 47 -10.52 -49.78 -4.75
C GLY C 47 -9.51 -48.86 -5.41
N ARG C 48 -8.67 -49.41 -6.30
CA ARG C 48 -7.58 -48.66 -6.93
C ARG C 48 -7.55 -48.91 -8.43
N ASN C 49 -7.58 -47.84 -9.22
CA ASN C 49 -7.32 -47.91 -10.65
C ASN C 49 -5.80 -48.07 -10.86
N HIS C 50 -5.34 -49.33 -10.88
CA HIS C 50 -3.90 -49.61 -10.90
C HIS C 50 -3.42 -50.16 -12.25
N LYS C 51 -2.13 -49.95 -12.52
CA LYS C 51 -1.44 -50.47 -13.68
C LYS C 51 -0.23 -51.28 -13.24
N ASP C 52 -0.30 -52.60 -13.35
CA ASP C 52 0.84 -53.46 -13.12
C ASP C 52 1.65 -53.48 -14.41
N LEU C 53 2.82 -52.85 -14.40
CA LEU C 53 3.68 -52.78 -15.59
C LEU C 53 4.39 -54.09 -15.95
N GLY C 54 4.45 -55.05 -15.03
CA GLY C 54 5.13 -56.32 -15.32
C GLY C 54 6.55 -56.08 -15.79
N ASN C 55 6.93 -56.68 -16.92
CA ASN C 55 8.29 -56.52 -17.46
C ASN C 55 8.53 -55.23 -18.29
N CYS C 56 7.57 -54.30 -18.29
CA CYS C 56 7.74 -52.98 -18.90
C CYS C 56 8.39 -52.02 -17.89
N HIS C 57 9.49 -51.37 -18.31
CA HIS C 57 10.11 -50.30 -17.53
C HIS C 57 9.42 -48.98 -17.89
N PRO C 58 9.21 -48.06 -16.93
CA PRO C 58 8.45 -46.83 -17.21
C PRO C 58 8.98 -45.94 -18.34
N ILE C 59 10.29 -45.96 -18.59
CA ILE C 59 10.87 -45.24 -19.72
C ILE C 59 10.43 -45.87 -21.05
N GLY C 60 10.32 -47.19 -21.08
CA GLY C 60 9.82 -47.91 -22.26
C GLY C 60 8.39 -47.57 -22.67
N MET C 61 7.60 -47.03 -21.73
CA MET C 61 6.27 -46.51 -22.02
C MET C 61 6.34 -45.32 -22.96
N LEU C 62 7.30 -44.41 -22.73
CA LEU C 62 7.42 -43.17 -23.51
C LEU C 62 8.03 -43.34 -24.90
N ILE C 63 8.94 -44.30 -25.02
CA ILE C 63 9.62 -44.57 -26.30
C ILE C 63 8.98 -45.72 -27.08
N GLY C 64 8.26 -46.60 -26.37
CA GLY C 64 7.44 -47.63 -27.00
C GLY C 64 8.18 -48.90 -27.27
N THR C 65 8.81 -49.45 -26.24
CA THR C 65 9.51 -50.73 -26.33
C THR C 65 8.46 -51.84 -26.46
N PRO C 66 8.75 -52.91 -27.23
CA PRO C 66 7.81 -54.03 -27.39
C PRO C 66 7.15 -54.55 -26.12
N ALA C 67 7.93 -54.76 -25.06
CA ALA C 67 7.39 -55.18 -23.77
C ALA C 67 6.33 -54.21 -23.22
N CYS C 68 6.46 -52.92 -23.53
CA CYS C 68 5.52 -51.86 -23.09
C CYS C 68 4.32 -51.58 -24.01
N ASP C 69 4.03 -52.44 -24.98
CA ASP C 69 2.95 -52.17 -25.96
C ASP C 69 1.57 -51.99 -25.32
N LEU C 70 1.29 -52.77 -24.28
CA LEU C 70 0.04 -52.65 -23.54
C LEU C 70 0.03 -51.50 -22.51
N HIS C 71 1.15 -50.76 -22.40
CA HIS C 71 1.30 -49.66 -21.43
C HIS C 71 1.82 -48.36 -22.09
N LEU C 72 1.40 -48.08 -23.32
CA LEU C 72 1.80 -46.85 -24.02
C LEU C 72 0.92 -45.65 -23.67
N THR C 73 -0.33 -45.93 -23.27
CA THR C 73 -1.22 -44.92 -22.72
C THR C 73 -2.09 -45.56 -21.63
N GLY C 74 -2.76 -44.70 -20.86
CA GLY C 74 -3.69 -45.15 -19.81
C GLY C 74 -3.92 -44.09 -18.76
N THR C 75 -4.69 -44.46 -17.74
CA THR C 75 -4.80 -43.66 -16.51
C THR C 75 -4.71 -44.59 -15.31
N TRP C 76 -4.19 -44.06 -14.22
CA TRP C 76 -3.98 -44.84 -13.01
C TRP C 76 -3.79 -43.95 -11.79
N ASP C 77 -4.20 -44.44 -10.62
CA ASP C 77 -3.84 -43.82 -9.33
C ASP C 77 -2.64 -44.54 -8.68
N THR C 78 -2.27 -45.70 -9.22
CA THR C 78 -1.13 -46.49 -8.76
C THR C 78 -0.39 -47.07 -9.96
N LEU C 79 0.93 -46.92 -10.00
CA LEU C 79 1.76 -47.52 -11.04
C LEU C 79 2.79 -48.42 -10.39
N ILE C 80 2.87 -49.67 -10.84
CA ILE C 80 3.73 -50.67 -10.22
C ILE C 80 4.86 -51.09 -11.16
N GLU C 81 6.10 -50.77 -10.79
CA GLU C 81 7.30 -51.17 -11.52
C GLU C 81 7.83 -52.49 -10.94
N ARG C 82 8.52 -53.29 -11.75
CA ARG C 82 9.06 -54.60 -11.32
C ARG C 82 10.57 -54.70 -11.49
N LYS C 83 11.17 -55.72 -10.88
CA LYS C 83 12.61 -55.92 -10.93
C LYS C 83 13.02 -56.48 -12.29
N ASN C 84 14.13 -55.96 -12.82
CA ASN C 84 14.65 -56.32 -14.14
C ASN C 84 13.69 -55.98 -15.29
N ALA C 85 12.94 -54.88 -15.12
CA ALA C 85 12.02 -54.38 -16.14
C ALA C 85 12.79 -53.89 -17.37
N ILE C 86 12.20 -54.11 -18.56
CA ILE C 86 12.84 -53.81 -19.84
C ILE C 86 12.48 -52.40 -20.30
N ALA C 87 13.51 -51.61 -20.60
CA ALA C 87 13.36 -50.28 -21.20
C ALA C 87 13.85 -50.21 -22.65
N TYR C 88 14.89 -50.98 -22.99
CA TYR C 88 15.57 -50.86 -24.28
C TYR C 88 15.71 -52.21 -25.01
N CYS C 89 15.07 -52.34 -26.17
CA CYS C 89 15.26 -53.50 -27.02
C CYS C 89 16.58 -53.38 -27.78
N TYR C 90 16.72 -52.30 -28.56
CA TYR C 90 18.02 -51.92 -29.14
C TYR C 90 18.83 -51.27 -28.03
N PRO C 91 20.05 -51.77 -27.77
CA PRO C 91 20.80 -51.35 -26.59
C PRO C 91 21.09 -49.85 -26.54
N GLY C 92 21.02 -49.27 -25.35
CA GLY C 92 21.29 -47.86 -25.18
C GLY C 92 21.08 -47.40 -23.75
N ALA C 93 20.99 -46.09 -23.59
CA ALA C 93 20.80 -45.48 -22.29
C ALA C 93 20.23 -44.08 -22.46
N THR C 94 19.43 -43.65 -21.49
CA THR C 94 18.79 -42.35 -21.52
C THR C 94 19.57 -41.40 -20.61
N VAL C 95 19.74 -40.15 -21.03
CA VAL C 95 20.33 -39.12 -20.19
C VAL C 95 19.26 -38.68 -19.18
N ASN C 96 19.68 -38.51 -17.92
CA ASN C 96 18.76 -38.32 -16.79
C ASN C 96 17.77 -39.49 -16.61
N GLU C 97 18.26 -40.71 -16.85
CA GLU C 97 17.46 -41.93 -16.78
C GLU C 97 16.62 -42.01 -15.51
N GLU C 98 17.29 -41.81 -14.37
CA GLU C 98 16.66 -41.94 -13.06
C GLU C 98 15.69 -40.78 -12.76
N ALA C 99 16.06 -39.57 -13.18
CA ALA C 99 15.18 -38.39 -13.03
C ALA C 99 13.88 -38.55 -13.82
N LEU C 100 13.95 -39.23 -14.96
CA LEU C 100 12.80 -39.46 -15.84
C LEU C 100 11.81 -40.48 -15.27
N ARG C 101 12.34 -41.65 -14.89
CA ARG C 101 11.57 -42.74 -14.28
C ARG C 101 10.75 -42.27 -13.07
N GLN C 102 11.39 -41.47 -12.22
CA GLN C 102 10.73 -40.87 -11.05
C GLN C 102 9.52 -40.04 -11.46
N LYS C 103 9.69 -39.23 -12.50
CA LYS C 103 8.62 -38.34 -13.01
C LYS C 103 7.40 -39.10 -13.57
N ILE C 104 7.66 -40.27 -14.17
CA ILE C 104 6.61 -41.14 -14.70
C ILE C 104 5.85 -41.83 -13.56
N MET C 105 6.61 -42.38 -12.59
CA MET C 105 6.01 -43.06 -11.43
C MET C 105 5.25 -42.09 -10.53
N GLU C 106 5.69 -40.83 -10.49
CA GLU C 106 4.95 -39.75 -9.82
C GLU C 106 3.59 -39.44 -10.46
N SER C 107 3.50 -39.59 -11.79
CA SER C 107 2.28 -39.27 -12.54
C SER C 107 1.17 -40.30 -12.37
N GLY C 108 -0.02 -39.95 -12.86
CA GLY C 108 -1.20 -40.81 -12.80
C GLY C 108 -1.81 -41.15 -14.16
N GLY C 109 -0.97 -41.27 -15.19
CA GLY C 109 -1.45 -41.58 -16.53
C GLY C 109 -0.54 -41.05 -17.63
N ILE C 110 -0.69 -41.61 -18.83
CA ILE C 110 0.03 -41.16 -20.02
C ILE C 110 -0.94 -40.99 -21.20
N SER C 111 -0.83 -39.84 -21.88
CA SER C 111 -1.50 -39.57 -23.15
C SER C 111 -0.43 -39.33 -24.21
N LYS C 112 -0.70 -39.77 -25.44
CA LYS C 112 0.24 -39.64 -26.56
C LYS C 112 -0.30 -38.71 -27.66
N ILE C 113 0.60 -37.95 -28.27
CA ILE C 113 0.24 -36.96 -29.30
C ILE C 113 1.20 -37.08 -30.50
N ASN C 114 0.63 -37.19 -31.71
CA ASN C 114 1.45 -37.28 -32.94
C ASN C 114 2.23 -35.99 -33.18
N THR C 115 3.53 -36.13 -33.47
CA THR C 115 4.37 -35.00 -33.85
C THR C 115 4.06 -34.55 -35.27
N GLY C 116 3.62 -35.51 -36.11
CA GLY C 116 3.27 -35.24 -37.50
C GLY C 116 4.47 -34.96 -38.38
N PHE C 117 5.64 -35.52 -38.01
CA PHE C 117 6.87 -35.32 -38.78
C PHE C 117 6.77 -36.12 -40.08
N THR C 118 7.04 -35.44 -41.19
CA THR C 118 6.92 -36.04 -42.53
C THR C 118 8.26 -35.92 -43.23
N TYR C 119 8.56 -36.88 -44.09
CA TYR C 119 9.88 -37.04 -44.69
C TYR C 119 9.77 -37.25 -46.21
N GLY C 120 10.78 -36.76 -46.94
CA GLY C 120 10.81 -36.86 -48.39
C GLY C 120 11.17 -38.24 -48.90
N SER C 121 11.10 -38.41 -50.22
CA SER C 121 11.42 -39.68 -50.90
C SER C 121 12.80 -40.24 -50.55
N SER C 122 13.77 -39.36 -50.34
CA SER C 122 15.14 -39.75 -50.04
C SER C 122 15.34 -40.38 -48.65
N ILE C 123 14.35 -40.26 -47.76
CA ILE C 123 14.42 -40.84 -46.41
C ILE C 123 13.51 -42.08 -46.27
N ASN C 124 14.05 -43.12 -45.65
CA ASN C 124 13.31 -44.30 -45.19
C ASN C 124 13.07 -44.14 -43.68
N SER C 125 11.82 -43.85 -43.30
CA SER C 125 11.47 -43.58 -41.90
C SER C 125 11.07 -44.83 -41.09
N ALA C 126 10.98 -45.99 -41.76
CA ALA C 126 10.60 -47.24 -41.11
C ALA C 126 11.81 -48.17 -41.02
N GLY C 127 12.87 -47.69 -40.37
CA GLY C 127 14.08 -48.49 -40.14
C GLY C 127 13.85 -49.52 -39.04
N THR C 128 13.57 -50.76 -39.45
CA THR C 128 13.31 -51.87 -38.53
C THR C 128 14.61 -52.56 -38.13
N THR C 129 14.53 -53.43 -37.13
CA THR C 129 15.71 -54.12 -36.59
C THR C 129 15.39 -55.47 -35.94
N LYS C 130 16.46 -56.25 -35.75
CA LYS C 130 16.41 -57.59 -35.17
C LYS C 130 16.29 -57.58 -33.64
N ALA C 131 16.70 -56.48 -33.01
CA ALA C 131 16.66 -56.34 -31.55
C ALA C 131 15.22 -56.17 -31.04
N CYS C 132 14.51 -55.19 -31.60
CA CYS C 132 13.12 -54.91 -31.25
C CYS C 132 12.19 -55.79 -32.08
N MET C 133 11.99 -57.03 -31.62
CA MET C 133 11.07 -57.95 -32.28
C MET C 133 9.65 -57.64 -31.88
N ARG C 134 8.74 -57.71 -32.85
CA ARG C 134 7.32 -57.46 -32.62
C ARG C 134 6.50 -58.19 -33.71
N ASN C 135 5.38 -58.79 -33.31
CA ASN C 135 4.46 -59.48 -34.24
C ASN C 135 5.14 -60.63 -34.99
N GLY C 136 6.14 -61.27 -34.36
CA GLY C 136 6.95 -62.30 -35.00
C GLY C 136 7.75 -61.77 -36.19
N GLY C 137 8.46 -60.67 -35.98
CA GLY C 137 9.21 -60.01 -37.06
C GLY C 137 9.96 -58.76 -36.60
N ASN C 138 10.74 -58.20 -37.52
CA ASN C 138 11.61 -57.05 -37.20
C ASN C 138 10.83 -55.74 -37.11
N SER C 139 11.14 -54.96 -36.08
CA SER C 139 10.39 -53.73 -35.76
C SER C 139 11.28 -52.71 -35.04
N PHE C 140 10.68 -51.67 -34.45
CA PHE C 140 11.42 -50.61 -33.75
C PHE C 140 10.55 -49.97 -32.65
N TYR C 141 11.20 -49.24 -31.74
CA TYR C 141 10.51 -48.45 -30.72
C TYR C 141 9.27 -47.78 -31.32
N ALA C 142 8.10 -48.15 -30.82
CA ALA C 142 6.81 -47.72 -31.37
C ALA C 142 6.60 -46.22 -31.50
N GLU C 143 7.18 -45.43 -30.60
CA GLU C 143 6.96 -43.99 -30.56
C GLU C 143 8.09 -43.19 -31.22
N LEU C 144 9.06 -43.89 -31.83
CA LEU C 144 10.19 -43.24 -32.49
C LEU C 144 10.42 -43.83 -33.88
N LYS C 145 11.09 -43.06 -34.73
CA LYS C 145 11.36 -43.47 -36.10
C LYS C 145 12.86 -43.50 -36.33
N TRP C 146 13.37 -44.65 -36.76
CA TRP C 146 14.76 -44.76 -37.20
C TRP C 146 14.82 -44.25 -38.64
N LEU C 147 15.50 -43.11 -38.82
CA LEU C 147 15.60 -42.46 -40.12
C LEU C 147 16.91 -42.84 -40.80
N VAL C 148 16.79 -43.42 -42.00
CA VAL C 148 17.93 -43.82 -42.84
C VAL C 148 17.67 -43.48 -44.30
N SER C 149 18.70 -43.59 -45.14
CA SER C 149 18.59 -43.25 -46.57
C SER C 149 17.82 -44.31 -47.36
N LYS C 150 17.06 -43.87 -48.37
CA LYS C 150 16.28 -44.76 -49.23
C LYS C 150 17.22 -45.65 -50.03
N ASN C 151 18.15 -45.02 -50.74
CA ASN C 151 19.20 -45.74 -51.49
C ASN C 151 20.37 -46.00 -50.55
N LYS C 152 20.81 -47.26 -50.49
CA LYS C 152 21.92 -47.66 -49.61
C LYS C 152 23.22 -46.99 -50.03
N GLY C 153 23.91 -46.37 -49.07
CA GLY C 153 25.19 -45.72 -49.32
C GLY C 153 25.13 -44.21 -49.50
N GLN C 154 23.97 -43.69 -49.93
CA GLN C 154 23.82 -42.26 -50.24
C GLN C 154 23.85 -41.36 -49.01
N ASN C 155 24.10 -40.07 -49.25
CA ASN C 155 24.07 -39.06 -48.20
C ASN C 155 22.62 -38.80 -47.78
N PHE C 156 22.38 -38.87 -46.47
CA PHE C 156 21.07 -38.57 -45.88
C PHE C 156 20.84 -37.05 -46.01
N PRO C 157 19.70 -36.63 -46.57
CA PRO C 157 19.48 -35.21 -46.83
C PRO C 157 19.35 -34.36 -45.56
N GLN C 158 19.93 -33.16 -45.59
CA GLN C 158 19.77 -32.19 -44.50
C GLN C 158 18.29 -31.81 -44.40
N THR C 159 17.64 -32.21 -43.31
CA THR C 159 16.23 -31.91 -43.09
C THR C 159 15.99 -31.28 -41.70
N THR C 160 14.82 -30.65 -41.58
CA THR C 160 14.38 -30.00 -40.35
C THR C 160 12.94 -30.43 -40.05
N ASN C 161 12.68 -30.81 -38.80
CA ASN C 161 11.33 -31.10 -38.34
C ASN C 161 11.09 -30.31 -37.06
N THR C 162 9.91 -29.71 -36.94
CA THR C 162 9.55 -28.87 -35.80
C THR C 162 8.22 -29.33 -35.23
N TYR C 163 8.18 -29.55 -33.92
CA TYR C 163 6.95 -29.90 -33.21
C TYR C 163 6.49 -28.68 -32.40
N ARG C 164 5.22 -28.30 -32.58
CA ARG C 164 4.59 -27.25 -31.79
C ARG C 164 3.63 -27.88 -30.78
N ASN C 165 3.67 -27.40 -29.54
CA ASN C 165 2.76 -27.87 -28.50
C ASN C 165 1.46 -27.06 -28.57
N ALA C 166 0.44 -27.66 -29.19
CA ALA C 166 -0.88 -27.07 -29.28
C ALA C 166 -1.70 -27.20 -28.00
N ASP C 167 -1.34 -28.16 -27.14
CA ASP C 167 -2.08 -28.45 -25.90
C ASP C 167 -1.81 -27.38 -24.84
N THR C 168 -2.74 -27.28 -23.88
CA THR C 168 -2.62 -26.36 -22.74
C THR C 168 -1.74 -26.86 -21.58
N ALA C 169 -1.13 -28.04 -21.71
CA ALA C 169 -0.19 -28.57 -20.70
C ALA C 169 1.09 -29.12 -21.34
N GLU C 170 2.18 -29.07 -20.58
CA GLU C 170 3.52 -29.49 -21.02
C GLU C 170 3.56 -30.90 -21.60
N HIS C 171 4.29 -31.07 -22.70
CA HIS C 171 4.50 -32.36 -23.35
C HIS C 171 5.96 -32.79 -23.22
N LEU C 172 6.15 -34.06 -22.86
CA LEU C 172 7.47 -34.65 -22.72
C LEU C 172 7.87 -35.25 -24.06
N ILE C 173 8.86 -34.65 -24.71
CA ILE C 173 9.38 -35.13 -25.99
C ILE C 173 10.69 -35.90 -25.75
N MET C 174 10.87 -36.99 -26.49
CA MET C 174 12.05 -37.84 -26.39
C MET C 174 12.61 -38.14 -27.78
N TRP C 175 13.93 -38.27 -27.87
CA TRP C 175 14.59 -38.67 -29.12
C TRP C 175 15.90 -39.41 -28.83
N GLY C 176 16.42 -40.09 -29.85
CA GLY C 176 17.64 -40.88 -29.74
C GLY C 176 18.69 -40.54 -30.78
N ILE C 177 19.95 -40.81 -30.46
CA ILE C 177 21.09 -40.58 -31.36
C ILE C 177 21.80 -41.91 -31.60
N HIS C 178 21.71 -42.43 -32.83
CA HIS C 178 22.29 -43.73 -33.18
C HIS C 178 23.81 -43.64 -33.39
N HIS C 179 24.55 -44.50 -32.69
CA HIS C 179 26.00 -44.58 -32.79
C HIS C 179 26.37 -45.93 -33.43
N PRO C 180 26.64 -45.95 -34.75
CA PRO C 180 26.83 -47.23 -35.48
C PRO C 180 28.00 -48.10 -35.04
N SER C 181 28.01 -49.33 -35.54
CA SER C 181 29.03 -50.33 -35.20
C SER C 181 30.37 -50.09 -35.91
N SER C 182 30.31 -49.80 -37.21
CA SER C 182 31.51 -49.55 -38.02
C SER C 182 31.31 -48.44 -39.05
N THR C 183 32.42 -48.01 -39.65
CA THR C 183 32.41 -47.01 -40.72
C THR C 183 31.62 -47.46 -41.94
N GLN C 184 31.58 -48.78 -42.20
CA GLN C 184 30.75 -49.35 -43.26
C GLN C 184 29.27 -49.21 -42.93
N GLU C 185 28.88 -49.49 -41.68
CA GLU C 185 27.50 -49.37 -41.22
C GLU C 185 26.98 -47.92 -41.28
N LYS C 186 27.84 -46.97 -40.90
CA LYS C 186 27.52 -45.54 -40.94
C LYS C 186 27.27 -45.04 -42.38
N ASN C 187 28.21 -45.34 -43.28
CA ASN C 187 28.08 -44.97 -44.69
C ASN C 187 26.89 -45.63 -45.38
N ASP C 188 26.61 -46.89 -45.02
CA ASP C 188 25.51 -47.66 -45.62
C ASP C 188 24.13 -47.04 -45.37
N LEU C 189 23.92 -46.49 -44.16
CA LEU C 189 22.64 -45.89 -43.75
C LEU C 189 22.56 -44.38 -43.99
N TYR C 190 23.60 -43.65 -43.58
CA TYR C 190 23.62 -42.17 -43.59
C TYR C 190 24.48 -41.52 -44.69
N GLY C 191 25.60 -42.16 -45.05
CA GLY C 191 26.49 -41.68 -46.11
C GLY C 191 27.87 -41.31 -45.62
N THR C 192 28.75 -40.99 -46.57
CA THR C 192 30.15 -40.60 -46.27
C THR C 192 30.27 -39.22 -45.61
N GLN C 193 29.30 -38.35 -45.85
CA GLN C 193 29.22 -37.00 -45.24
C GLN C 193 29.40 -36.96 -43.73
N SER C 194 29.84 -35.80 -43.22
CA SER C 194 29.93 -35.57 -41.76
C SER C 194 28.54 -35.34 -41.19
N LEU C 195 28.25 -36.02 -40.08
CA LEU C 195 26.93 -35.97 -39.44
C LEU C 195 26.92 -34.97 -38.29
N SER C 196 25.78 -34.29 -38.14
CA SER C 196 25.56 -33.34 -37.05
C SER C 196 24.05 -33.19 -36.80
N ILE C 197 23.67 -33.20 -35.52
CA ILE C 197 22.28 -33.16 -35.13
C ILE C 197 22.10 -32.08 -34.06
N SER C 198 21.27 -31.08 -34.36
CA SER C 198 20.96 -30.01 -33.41
C SER C 198 19.51 -30.11 -32.94
N VAL C 199 19.29 -29.69 -31.70
CA VAL C 199 17.95 -29.61 -31.10
C VAL C 199 17.83 -28.26 -30.44
N GLY C 200 16.64 -27.65 -30.50
CA GLY C 200 16.43 -26.33 -29.90
C GLY C 200 14.97 -26.02 -29.61
N SER C 201 14.72 -25.47 -28.43
CA SER C 201 13.40 -24.95 -28.02
C SER C 201 13.64 -23.63 -27.27
N SER C 202 12.62 -23.12 -26.57
CA SER C 202 12.78 -21.92 -25.73
C SER C 202 13.74 -22.18 -24.56
N THR C 203 13.56 -23.32 -23.89
CA THR C 203 14.35 -23.69 -22.73
C THR C 203 15.55 -24.54 -23.11
N TYR C 204 15.29 -25.66 -23.78
CA TYR C 204 16.31 -26.66 -24.12
C TYR C 204 17.03 -26.31 -25.43
N LYS C 205 18.32 -26.66 -25.50
CA LYS C 205 19.09 -26.62 -26.74
C LYS C 205 20.37 -27.43 -26.60
N ASN C 206 20.82 -28.06 -27.68
CA ASN C 206 21.92 -29.03 -27.62
C ASN C 206 22.39 -29.45 -29.00
N ASN C 207 23.61 -29.99 -29.05
CA ASN C 207 24.20 -30.54 -30.27
C ASN C 207 24.64 -31.98 -30.02
N PHE C 208 24.52 -32.82 -31.06
CA PHE C 208 24.86 -34.24 -30.97
C PHE C 208 25.59 -34.68 -32.23
N VAL C 209 26.57 -35.56 -32.06
CA VAL C 209 27.33 -36.12 -33.17
C VAL C 209 27.45 -37.63 -32.94
N PRO C 210 27.06 -38.45 -33.93
CA PRO C 210 27.32 -39.88 -33.87
C PRO C 210 28.81 -40.23 -33.70
N VAL C 211 29.09 -41.17 -32.80
CA VAL C 211 30.45 -41.59 -32.48
C VAL C 211 30.58 -43.06 -32.85
N VAL C 212 31.12 -43.31 -34.05
CA VAL C 212 31.25 -44.67 -34.59
C VAL C 212 32.22 -45.49 -33.74
N GLY C 213 31.88 -46.76 -33.53
CA GLY C 213 32.68 -47.66 -32.69
C GLY C 213 31.93 -48.94 -32.39
N ALA C 214 32.65 -50.07 -32.39
CA ALA C 214 32.05 -51.38 -32.14
C ALA C 214 31.95 -51.65 -30.64
N ARG C 215 30.75 -51.46 -30.10
CA ARG C 215 30.46 -51.74 -28.68
C ARG C 215 30.22 -53.24 -28.46
N PRO C 216 30.18 -53.69 -27.19
CA PRO C 216 29.82 -55.10 -26.90
C PRO C 216 28.43 -55.51 -27.42
N GLN C 217 28.31 -56.72 -27.95
CA GLN C 217 27.06 -57.19 -28.54
C GLN C 217 26.01 -57.52 -27.46
N VAL C 218 24.95 -56.70 -27.37
CA VAL C 218 23.94 -56.81 -26.30
C VAL C 218 22.76 -57.70 -26.72
N ASN C 219 21.90 -57.21 -27.60
CA ASN C 219 20.73 -57.97 -28.08
C ASN C 219 20.95 -58.35 -29.55
N GLY C 220 22.09 -58.98 -29.81
CA GLY C 220 22.54 -59.27 -31.18
C GLY C 220 22.91 -58.01 -31.95
N GLN C 221 23.39 -56.99 -31.24
CA GLN C 221 23.55 -55.63 -31.77
C GLN C 221 24.82 -54.95 -31.26
N SER C 222 25.70 -54.55 -32.18
CA SER C 222 26.96 -53.86 -31.85
C SER C 222 26.78 -52.35 -31.59
N GLY C 223 25.87 -51.71 -32.33
CA GLY C 223 25.61 -50.27 -32.19
C GLY C 223 24.90 -49.87 -30.90
N ARG C 224 24.60 -48.57 -30.78
CA ARG C 224 23.92 -48.00 -29.61
C ARG C 224 22.96 -46.87 -30.01
N ILE C 225 22.02 -46.55 -29.11
CA ILE C 225 21.08 -45.43 -29.28
C ILE C 225 20.91 -44.69 -27.95
N ASP C 226 21.59 -43.56 -27.82
CA ASP C 226 21.49 -42.74 -26.60
C ASP C 226 20.24 -41.88 -26.68
N PHE C 227 19.34 -42.04 -25.72
CA PHE C 227 18.09 -41.27 -25.68
C PHE C 227 18.27 -39.99 -24.88
N HIS C 228 17.54 -38.95 -25.27
CA HIS C 228 17.50 -37.67 -24.54
C HIS C 228 16.06 -37.23 -24.39
N TRP C 229 15.81 -36.33 -23.45
CA TRP C 229 14.45 -35.84 -23.21
C TRP C 229 14.37 -34.43 -22.64
N THR C 230 13.22 -33.81 -22.86
CA THR C 230 12.91 -32.46 -22.35
C THR C 230 11.40 -32.21 -22.40
N LEU C 231 10.97 -31.23 -21.62
CA LEU C 231 9.57 -30.78 -21.63
C LEU C 231 9.44 -29.66 -22.66
N VAL C 232 8.36 -29.69 -23.44
CA VAL C 232 8.00 -28.62 -24.35
C VAL C 232 6.75 -27.97 -23.78
N GLN C 233 6.85 -26.69 -23.44
CA GLN C 233 5.76 -25.97 -22.75
C GLN C 233 4.63 -25.62 -23.72
N PRO C 234 3.42 -25.36 -23.20
CA PRO C 234 2.28 -24.95 -24.05
C PRO C 234 2.57 -23.74 -24.95
N GLY C 235 2.42 -23.94 -26.27
CA GLY C 235 2.68 -22.90 -27.26
C GLY C 235 4.07 -22.90 -27.89
N ASP C 236 5.05 -23.43 -27.17
CA ASP C 236 6.45 -23.43 -27.62
C ASP C 236 6.70 -24.53 -28.68
N LYS C 237 7.69 -24.29 -29.53
CA LYS C 237 8.10 -25.24 -30.57
C LYS C 237 9.47 -25.85 -30.26
N ILE C 238 9.71 -27.05 -30.77
CA ILE C 238 11.02 -27.72 -30.66
C ILE C 238 11.46 -28.15 -32.05
N THR C 239 12.65 -27.70 -32.47
CA THR C 239 13.13 -27.91 -33.83
C THR C 239 14.32 -28.85 -33.84
N PHE C 240 14.23 -29.92 -34.64
CA PHE C 240 15.32 -30.86 -34.83
C PHE C 240 15.96 -30.59 -36.19
N SER C 241 17.25 -30.27 -36.18
CA SER C 241 18.03 -30.15 -37.43
C SER C 241 18.99 -31.33 -37.49
N HIS C 242 19.00 -32.04 -38.61
CA HIS C 242 19.75 -33.30 -38.73
C HIS C 242 20.01 -33.71 -40.17
N ASN C 243 21.01 -34.57 -40.35
CA ASN C 243 21.32 -35.16 -41.66
C ASN C 243 21.83 -36.60 -41.53
N GLY C 244 21.10 -37.39 -40.73
CA GLY C 244 21.43 -38.79 -40.48
C GLY C 244 21.89 -39.01 -39.05
N GLY C 245 21.36 -40.06 -38.42
CA GLY C 245 21.73 -40.43 -37.06
C GLY C 245 20.69 -40.07 -36.01
N LEU C 246 19.71 -39.23 -36.38
CA LEU C 246 18.59 -38.93 -35.48
C LEU C 246 17.59 -40.09 -35.46
N ILE C 247 17.16 -40.44 -34.25
CA ILE C 247 16.01 -41.29 -34.03
C ILE C 247 14.89 -40.34 -33.59
N ALA C 248 13.98 -40.04 -34.51
CA ALA C 248 13.01 -38.95 -34.32
C ALA C 248 11.73 -39.43 -33.67
N PRO C 249 11.07 -38.57 -32.88
CA PRO C 249 9.76 -38.90 -32.30
C PRO C 249 8.60 -38.80 -33.29
N SER C 250 7.90 -39.91 -33.50
CA SER C 250 6.61 -39.90 -34.16
C SER C 250 5.53 -39.39 -33.20
N ARG C 251 5.66 -39.76 -31.92
CA ARG C 251 4.75 -39.26 -30.87
C ARG C 251 5.51 -38.65 -29.70
N VAL C 252 4.79 -37.84 -28.92
CA VAL C 252 5.29 -37.27 -27.65
C VAL C 252 4.30 -37.58 -26.54
N SER C 253 4.75 -37.44 -25.30
CA SER C 253 3.99 -37.90 -24.14
C SER C 253 3.50 -36.73 -23.28
N LYS C 254 2.31 -36.90 -22.70
CA LYS C 254 1.78 -35.99 -21.69
C LYS C 254 1.45 -36.81 -20.45
N LEU C 255 1.98 -36.39 -19.30
CA LEU C 255 1.75 -37.06 -18.03
C LEU C 255 0.51 -36.44 -17.38
N ILE C 256 -0.48 -37.28 -17.05
CA ILE C 256 -1.77 -36.81 -16.51
C ILE C 256 -1.81 -37.01 -14.99
N GLY C 257 -1.91 -35.90 -14.26
CA GLY C 257 -2.15 -35.94 -12.81
C GLY C 257 -1.01 -36.50 -11.98
N ARG C 258 -1.36 -37.01 -10.80
CA ARG C 258 -0.40 -37.64 -9.89
C ARG C 258 -0.85 -39.06 -9.55
N GLY C 259 0.10 -39.85 -9.04
CA GLY C 259 -0.15 -41.25 -8.70
C GLY C 259 0.94 -41.86 -7.83
N LEU C 260 0.56 -42.92 -7.12
CA LEU C 260 1.46 -43.59 -6.19
C LEU C 260 2.36 -44.58 -6.94
N GLY C 261 3.66 -44.30 -6.97
CA GLY C 261 4.62 -45.16 -7.65
C GLY C 261 5.16 -46.22 -6.73
N ILE C 262 4.78 -47.47 -6.98
CA ILE C 262 5.19 -48.61 -6.15
C ILE C 262 6.24 -49.45 -6.87
N GLN C 263 7.37 -49.67 -6.21
CA GLN C 263 8.37 -50.63 -6.69
C GLN C 263 8.28 -51.85 -5.80
N SER C 264 8.05 -53.03 -6.40
CA SER C 264 7.80 -54.26 -5.65
C SER C 264 7.90 -55.54 -6.49
N GLU C 265 8.30 -56.64 -5.84
CA GLU C 265 8.32 -57.97 -6.45
C GLU C 265 7.09 -58.80 -6.08
N ALA C 266 6.18 -58.25 -5.27
CA ALA C 266 5.05 -59.01 -4.74
C ALA C 266 3.84 -58.99 -5.70
N PRO C 267 3.06 -60.08 -5.75
CA PRO C 267 1.91 -60.16 -6.67
C PRO C 267 0.70 -59.32 -6.25
N ILE C 268 -0.28 -59.21 -7.16
CA ILE C 268 -1.47 -58.38 -6.97
C ILE C 268 -2.59 -59.18 -6.31
N ASP C 269 -3.43 -58.50 -5.53
CA ASP C 269 -4.63 -59.09 -4.91
C ASP C 269 -5.74 -58.03 -4.88
N ASN C 270 -6.77 -58.22 -5.71
CA ASN C 270 -7.87 -57.26 -5.82
C ASN C 270 -8.95 -57.38 -4.73
N SER C 271 -8.85 -58.38 -3.85
CA SER C 271 -9.75 -58.50 -2.70
C SER C 271 -9.26 -57.71 -1.48
N CYS C 272 -7.93 -57.57 -1.36
CA CYS C 272 -7.28 -56.83 -0.27
C CYS C 272 -7.10 -55.35 -0.65
N GLU C 273 -7.31 -54.44 0.31
CA GLU C 273 -7.13 -52.99 0.11
C GLU C 273 -6.17 -52.40 1.15
N SER C 274 -5.38 -51.40 0.73
CA SER C 274 -4.34 -50.79 1.59
C SER C 274 -4.00 -49.36 1.17
N LYS C 275 -3.37 -48.63 2.08
CA LYS C 275 -2.85 -47.29 1.81
C LYS C 275 -1.33 -47.18 1.99
N CYS C 276 -0.65 -48.29 2.28
CA CYS C 276 0.77 -48.31 2.57
C CYS C 276 1.40 -49.55 1.92
N PHE C 277 2.52 -49.36 1.22
CA PHE C 277 3.18 -50.44 0.47
C PHE C 277 4.68 -50.33 0.60
N TRP C 278 5.34 -51.45 0.31
CA TRP C 278 6.79 -51.54 0.35
C TRP C 278 7.23 -52.69 -0.56
N ARG C 279 8.52 -52.70 -0.90
CA ARG C 279 9.12 -53.74 -1.76
C ARG C 279 8.55 -55.15 -1.56
N GLY C 280 8.40 -55.53 -0.29
CA GLY C 280 7.89 -56.84 0.11
C GLY C 280 6.38 -57.04 0.12
N GLY C 281 5.60 -55.97 0.12
CA GLY C 281 4.13 -56.10 0.10
C GLY C 281 3.35 -54.87 0.56
N SER C 282 2.23 -55.11 1.26
CA SER C 282 1.36 -54.05 1.78
C SER C 282 1.40 -53.97 3.31
N ILE C 283 0.81 -52.91 3.86
CA ILE C 283 0.66 -52.72 5.31
C ILE C 283 -0.74 -52.18 5.63
N ASN C 284 -1.66 -53.09 5.97
CA ASN C 284 -3.07 -52.78 6.20
C ASN C 284 -3.38 -52.25 7.58
N THR C 285 -2.50 -52.54 8.53
CA THR C 285 -2.77 -52.36 9.96
C THR C 285 -3.33 -50.99 10.39
N ARG C 286 -4.15 -51.02 11.43
CA ARG C 286 -4.64 -49.81 12.10
C ARG C 286 -3.62 -49.28 13.12
N LEU C 287 -2.59 -50.08 13.44
CA LEU C 287 -1.61 -49.74 14.47
C LEU C 287 -0.72 -48.56 14.04
N PRO C 288 -0.29 -47.73 15.01
CA PRO C 288 0.48 -46.51 14.74
C PRO C 288 1.91 -46.75 14.23
N PHE C 289 2.55 -47.83 14.66
CA PHE C 289 3.94 -48.12 14.29
C PHE C 289 4.08 -49.51 13.63
N GLN C 290 5.19 -49.70 12.90
CA GLN C 290 5.51 -50.97 12.24
C GLN C 290 7.02 -51.18 12.17
N ASN C 291 7.47 -52.43 12.12
CA ASN C 291 8.91 -52.72 11.99
C ASN C 291 9.23 -53.62 10.79
N LEU C 292 8.47 -53.44 9.72
CA LEU C 292 8.64 -54.22 8.49
C LEU C 292 9.67 -53.59 7.58
N SER C 293 9.57 -52.27 7.41
CA SER C 293 10.52 -51.53 6.58
C SER C 293 10.52 -50.02 6.84
N PRO C 294 11.73 -49.41 6.84
CA PRO C 294 11.79 -47.95 6.79
C PRO C 294 11.39 -47.37 5.43
N ARG C 295 11.63 -48.13 4.35
CA ARG C 295 11.27 -47.71 2.98
C ARG C 295 9.81 -48.09 2.70
N THR C 296 8.90 -47.13 2.87
CA THR C 296 7.49 -47.32 2.54
C THR C 296 6.94 -46.14 1.77
N VAL C 297 5.76 -46.33 1.20
CA VAL C 297 5.09 -45.31 0.39
C VAL C 297 3.59 -45.30 0.69
N GLY C 298 3.00 -44.12 0.62
CA GLY C 298 1.57 -43.92 0.92
C GLY C 298 1.38 -43.31 2.30
N GLN C 299 0.22 -43.62 2.90
CA GLN C 299 -0.10 -43.18 4.26
C GLN C 299 0.27 -44.34 5.18
N CYS C 300 1.40 -44.21 5.87
CA CYS C 300 2.06 -45.34 6.53
C CYS C 300 2.22 -45.21 8.05
N PRO C 301 2.11 -46.34 8.78
CA PRO C 301 2.59 -46.36 10.16
C PRO C 301 4.09 -46.11 10.20
N LYS C 302 4.55 -45.37 11.19
CA LYS C 302 5.94 -44.94 11.26
C LYS C 302 6.83 -46.12 11.64
N TYR C 303 7.96 -46.22 10.97
CA TYR C 303 8.90 -47.30 11.22
C TYR C 303 9.57 -47.11 12.58
N VAL C 304 9.68 -48.20 13.35
CA VAL C 304 10.33 -48.19 14.67
C VAL C 304 11.29 -49.37 14.83
N ASN C 305 12.41 -49.14 15.54
CA ASN C 305 13.36 -50.22 15.83
C ASN C 305 12.91 -51.02 17.06
N LYS C 306 11.77 -51.70 16.94
CA LYS C 306 11.17 -52.45 18.04
C LYS C 306 10.35 -53.61 17.50
N LYS C 307 10.49 -54.79 18.11
CA LYS C 307 9.65 -55.94 17.76
C LYS C 307 8.23 -55.68 18.26
N SER C 308 8.12 -55.30 19.53
CA SER C 308 6.84 -55.10 20.21
C SER C 308 6.85 -53.88 21.16
N LEU C 309 5.71 -53.22 21.25
CA LEU C 309 5.42 -52.26 22.30
C LEU C 309 3.99 -52.46 22.77
N MET C 310 3.84 -52.94 24.00
CA MET C 310 2.51 -53.30 24.53
C MET C 310 1.91 -52.14 25.32
N LEU C 311 0.80 -51.62 24.80
CA LEU C 311 0.00 -50.60 25.47
C LEU C 311 -1.00 -51.28 26.39
N ALA C 312 -1.01 -50.88 27.66
CA ALA C 312 -1.87 -51.50 28.66
C ALA C 312 -3.31 -51.05 28.47
N THR C 313 -4.23 -52.01 28.50
CA THR C 313 -5.66 -51.76 28.40
C THR C 313 -6.37 -52.29 29.66
N GLY C 314 -5.66 -52.27 30.78
CA GLY C 314 -6.17 -52.76 32.05
C GLY C 314 -5.29 -52.40 33.23
N MET C 315 -5.83 -52.63 34.43
CA MET C 315 -5.13 -52.34 35.69
C MET C 315 -3.96 -53.30 35.93
N ARG C 316 -3.21 -53.06 37.01
CA ARG C 316 -2.24 -54.04 37.51
C ARG C 316 -2.92 -55.37 37.82
N ASN C 317 -2.29 -56.47 37.43
CA ASN C 317 -2.77 -57.81 37.75
C ASN C 317 -2.09 -58.27 39.02
N VAL C 318 -2.89 -58.44 40.09
CA VAL C 318 -2.42 -58.87 41.40
C VAL C 318 -3.12 -60.18 41.72
N PRO C 319 -2.52 -61.32 41.33
CA PRO C 319 -3.23 -62.60 41.41
C PRO C 319 -3.46 -63.14 42.82
N GLU C 320 -4.35 -64.11 42.93
CA GLU C 320 -4.69 -64.76 44.20
C GLU C 320 -3.73 -65.91 44.51
N GLY D 1 1.58 -48.28 44.57
CA GLY D 1 1.23 -47.31 43.50
C GLY D 1 0.74 -45.98 44.03
N LEU D 2 0.55 -45.01 43.14
CA LEU D 2 0.24 -43.63 43.53
C LEU D 2 -0.89 -43.49 44.51
N PHE D 3 -2.02 -44.13 44.23
CA PHE D 3 -3.23 -43.93 45.05
C PHE D 3 -3.39 -44.92 46.19
N GLY D 4 -2.48 -45.90 46.29
CA GLY D 4 -2.32 -46.72 47.47
C GLY D 4 -3.22 -47.93 47.64
N ALA D 5 -4.19 -48.13 46.74
CA ALA D 5 -5.20 -49.20 46.88
C ALA D 5 -4.81 -50.48 46.14
N ILE D 6 -4.74 -50.41 44.81
CA ILE D 6 -4.40 -51.57 43.98
C ILE D 6 -2.89 -51.80 44.09
N ALA D 7 -2.53 -53.06 44.37
CA ALA D 7 -1.17 -53.43 44.79
C ALA D 7 -0.72 -52.63 46.02
N GLY D 8 -1.66 -52.41 46.93
CA GLY D 8 -1.43 -51.62 48.14
C GLY D 8 -2.25 -52.18 49.30
N PHE D 9 -3.17 -51.39 49.84
CA PHE D 9 -3.94 -51.83 51.01
C PHE D 9 -4.93 -52.94 50.65
N ILE D 10 -5.43 -52.97 49.42
CA ILE D 10 -6.09 -54.18 48.88
C ILE D 10 -4.96 -55.17 48.52
N GLU D 11 -4.90 -56.29 49.24
CA GLU D 11 -3.81 -57.25 49.09
C GLU D 11 -3.76 -57.85 47.69
N ASN D 12 -4.91 -58.26 47.16
CA ASN D 12 -4.99 -58.82 45.81
C ASN D 12 -6.33 -58.59 45.12
N GLY D 13 -6.36 -58.87 43.83
CA GLY D 13 -7.59 -58.80 43.04
C GLY D 13 -8.38 -60.09 43.16
N TRP D 14 -9.59 -60.06 42.63
CA TRP D 14 -10.51 -61.19 42.67
C TRP D 14 -10.73 -61.75 41.28
N GLU D 15 -10.14 -62.91 41.01
CA GLU D 15 -10.38 -63.63 39.74
C GLU D 15 -11.84 -64.10 39.56
N GLY D 16 -12.55 -64.29 40.67
CA GLY D 16 -13.97 -64.65 40.65
C GLY D 16 -14.92 -63.57 40.18
N MET D 17 -14.50 -62.30 40.25
CA MET D 17 -15.30 -61.19 39.74
C MET D 17 -15.02 -61.03 38.25
N VAL D 18 -15.98 -61.49 37.44
CA VAL D 18 -15.87 -61.49 35.97
C VAL D 18 -16.91 -60.61 35.27
N ASP D 19 -17.76 -59.92 36.05
CA ASP D 19 -18.81 -59.05 35.49
C ASP D 19 -18.57 -57.58 35.84
N GLY D 20 -17.30 -57.20 35.93
CA GLY D 20 -16.89 -55.86 36.35
C GLY D 20 -15.43 -55.81 36.77
N TRP D 21 -14.90 -54.60 36.82
CA TRP D 21 -13.50 -54.36 37.16
C TRP D 21 -13.35 -54.11 38.65
N TYR D 22 -14.25 -53.30 39.19
CA TYR D 22 -14.32 -53.02 40.62
C TYR D 22 -15.61 -53.60 41.17
N GLY D 23 -15.63 -53.87 42.47
CA GLY D 23 -16.84 -54.36 43.11
C GLY D 23 -16.73 -54.61 44.59
N PHE D 24 -17.78 -55.25 45.12
CA PHE D 24 -17.95 -55.47 46.56
C PHE D 24 -18.05 -56.97 46.87
N ARG D 25 -17.68 -57.32 48.09
CA ARG D 25 -18.01 -58.62 48.69
C ARG D 25 -18.41 -58.38 50.13
N HIS D 26 -19.45 -59.05 50.60
CA HIS D 26 -19.89 -58.88 52.00
C HIS D 26 -20.16 -60.21 52.68
N GLN D 27 -20.06 -60.18 54.01
CA GLN D 27 -20.57 -61.25 54.85
C GLN D 27 -21.47 -60.61 55.91
N ASN D 28 -22.65 -61.19 56.10
CA ASN D 28 -23.58 -60.79 57.16
C ASN D 28 -24.17 -62.06 57.77
N ALA D 29 -25.09 -61.88 58.72
CA ALA D 29 -25.79 -63.00 59.34
C ALA D 29 -26.37 -63.96 58.30
N GLN D 30 -27.07 -63.40 57.32
CA GLN D 30 -27.82 -64.22 56.37
C GLN D 30 -26.97 -64.92 55.30
N GLY D 31 -25.70 -64.54 55.18
CA GLY D 31 -24.77 -65.27 54.31
C GLY D 31 -23.68 -64.44 53.66
N THR D 32 -23.53 -64.63 52.34
CA THR D 32 -22.40 -64.10 51.57
C THR D 32 -22.92 -63.55 50.24
N GLY D 33 -22.27 -62.51 49.74
CA GLY D 33 -22.64 -61.92 48.44
C GLY D 33 -21.48 -61.22 47.73
N GLN D 34 -21.52 -61.25 46.40
CA GLN D 34 -20.59 -60.51 45.54
C GLN D 34 -21.36 -59.70 44.53
N ALA D 35 -20.85 -58.53 44.19
CA ALA D 35 -21.44 -57.68 43.16
C ALA D 35 -20.40 -56.73 42.58
N ALA D 36 -20.50 -56.47 41.28
CA ALA D 36 -19.62 -55.53 40.59
C ALA D 36 -20.21 -54.13 40.66
N ASP D 37 -19.36 -53.12 40.65
CA ASP D 37 -19.80 -51.73 40.56
C ASP D 37 -19.71 -51.28 39.09
N TYR D 38 -20.84 -50.88 38.53
CA TYR D 38 -20.91 -50.45 37.13
C TYR D 38 -20.22 -49.11 36.88
N LYS D 39 -20.57 -48.10 37.67
CA LYS D 39 -20.14 -46.72 37.45
C LYS D 39 -18.61 -46.55 37.42
N SER D 40 -17.94 -47.12 38.41
CA SER D 40 -16.48 -47.05 38.51
C SER D 40 -15.78 -47.92 37.46
N THR D 41 -16.39 -49.07 37.15
CA THR D 41 -15.87 -49.96 36.11
C THR D 41 -15.89 -49.27 34.76
N GLN D 42 -17.00 -48.61 34.46
CA GLN D 42 -17.18 -47.96 33.16
C GLN D 42 -16.33 -46.70 33.04
N ALA D 43 -16.13 -46.00 34.15
CA ALA D 43 -15.20 -44.88 34.22
C ALA D 43 -13.79 -45.27 33.79
N ALA D 44 -13.28 -46.39 34.30
CA ALA D 44 -11.95 -46.89 33.95
C ALA D 44 -11.87 -47.40 32.51
N ILE D 45 -12.92 -48.09 32.06
CA ILE D 45 -13.01 -48.58 30.69
C ILE D 45 -13.04 -47.40 29.70
N ASP D 46 -13.89 -46.41 29.98
CA ASP D 46 -14.06 -45.27 29.05
C ASP D 46 -12.78 -44.46 28.87
N GLN D 47 -11.99 -44.33 29.93
CA GLN D 47 -10.71 -43.62 29.86
C GLN D 47 -9.67 -44.42 29.09
N ILE D 48 -9.72 -45.74 29.21
CA ILE D 48 -8.86 -46.63 28.43
C ILE D 48 -9.26 -46.67 26.95
N THR D 49 -10.57 -46.64 26.65
CA THR D 49 -11.06 -46.56 25.28
C THR D 49 -10.65 -45.26 24.60
N GLY D 50 -10.74 -44.15 25.34
CA GLY D 50 -10.37 -42.84 24.83
C GLY D 50 -8.89 -42.69 24.49
N LYS D 51 -8.04 -43.43 25.20
CA LYS D 51 -6.62 -43.52 24.87
C LYS D 51 -6.42 -44.24 23.54
N LEU D 52 -7.01 -45.43 23.41
CA LEU D 52 -6.90 -46.22 22.18
C LEU D 52 -7.34 -45.45 20.94
N ASN D 53 -8.42 -44.68 21.07
CA ASN D 53 -8.92 -43.83 19.97
C ASN D 53 -7.98 -42.67 19.56
N ARG D 54 -7.05 -42.31 20.46
CA ARG D 54 -6.02 -41.31 20.18
C ARG D 54 -4.71 -41.95 19.68
N ILE D 55 -4.35 -43.11 20.24
CA ILE D 55 -3.07 -43.77 19.98
C ILE D 55 -3.11 -44.67 18.74
N ILE D 56 -4.16 -45.51 18.62
CA ILE D 56 -4.29 -46.45 17.51
C ILE D 56 -4.76 -45.67 16.27
N LYS D 57 -3.77 -45.11 15.57
CA LYS D 57 -3.98 -44.01 14.65
C LYS D 57 -2.67 -43.79 13.87
N LYS D 58 -2.76 -43.56 12.57
CA LYS D 58 -1.60 -43.17 11.75
C LYS D 58 -1.87 -41.85 11.03
N THR D 59 -0.81 -41.15 10.65
CA THR D 59 -0.95 -39.86 9.94
C THR D 59 -1.50 -40.09 8.55
N ASN D 60 -2.29 -39.14 8.06
CA ASN D 60 -2.84 -39.19 6.70
C ASN D 60 -1.92 -38.54 5.64
N THR D 61 -0.64 -38.38 5.97
CA THR D 61 0.34 -37.79 5.09
C THR D 61 0.77 -38.81 4.03
N GLU D 62 0.67 -38.42 2.76
CA GLU D 62 1.12 -39.24 1.64
C GLU D 62 2.62 -39.04 1.45
N PHE D 63 3.37 -40.13 1.57
CA PHE D 63 4.80 -40.15 1.27
C PHE D 63 5.06 -40.90 -0.03
N GLU D 64 5.96 -40.35 -0.84
CA GLU D 64 6.36 -40.95 -2.11
C GLU D 64 7.78 -41.46 -1.96
N SER D 65 8.20 -42.27 -2.92
CA SER D 65 9.53 -42.85 -2.89
C SER D 65 10.61 -41.80 -3.16
N ILE D 66 11.71 -41.84 -2.39
CA ILE D 66 12.92 -41.04 -2.67
C ILE D 66 14.14 -41.89 -3.00
N GLU D 67 14.18 -43.14 -2.54
CA GLU D 67 15.20 -44.12 -2.93
C GLU D 67 14.57 -45.13 -3.89
N SER D 68 15.25 -45.37 -5.02
CA SER D 68 14.81 -46.42 -5.96
C SER D 68 15.20 -47.80 -5.45
N GLU D 69 14.28 -48.75 -5.53
CA GLU D 69 14.52 -50.14 -5.11
C GLU D 69 15.42 -50.88 -6.10
N PHE D 70 15.16 -50.71 -7.40
CA PHE D 70 15.79 -51.52 -8.46
C PHE D 70 16.96 -50.85 -9.20
N SER D 71 17.31 -49.62 -8.83
CA SER D 71 18.43 -48.91 -9.45
C SER D 71 19.19 -48.07 -8.42
N GLU D 72 20.49 -47.86 -8.69
CA GLU D 72 21.38 -47.16 -7.77
C GLU D 72 21.24 -45.65 -7.87
N ILE D 73 21.65 -44.97 -6.82
CA ILE D 73 21.54 -43.51 -6.70
C ILE D 73 22.92 -42.95 -6.36
N ASP D 74 23.13 -41.65 -6.56
CA ASP D 74 24.37 -40.98 -6.12
C ASP D 74 24.65 -41.29 -4.64
N HIS D 75 25.89 -41.67 -4.35
CA HIS D 75 26.28 -42.18 -3.03
C HIS D 75 26.16 -41.12 -1.92
N GLN D 76 26.42 -39.87 -2.27
CA GLN D 76 26.33 -38.76 -1.31
C GLN D 76 24.88 -38.50 -0.90
N ILE D 77 24.01 -38.25 -1.89
CA ILE D 77 22.59 -38.03 -1.62
C ILE D 77 21.93 -39.25 -0.93
N GLY D 78 22.41 -40.46 -1.24
CA GLY D 78 21.97 -41.67 -0.55
C GLY D 78 22.38 -41.73 0.92
N ASN D 79 23.60 -41.29 1.22
CA ASN D 79 24.06 -41.13 2.61
C ASN D 79 23.28 -40.05 3.39
N VAL D 80 22.90 -38.97 2.70
CA VAL D 80 22.08 -37.91 3.31
C VAL D 80 20.68 -38.44 3.63
N ILE D 81 20.11 -39.21 2.71
CA ILE D 81 18.82 -39.88 2.92
C ILE D 81 18.95 -40.86 4.08
N ASN D 82 19.96 -41.72 4.02
CA ASN D 82 20.19 -42.70 5.07
C ASN D 82 20.40 -42.09 6.46
N TRP D 83 21.06 -40.93 6.51
CA TRP D 83 21.20 -40.17 7.75
C TRP D 83 19.84 -39.63 8.20
N THR D 84 19.08 -39.03 7.28
CA THR D 84 17.79 -38.42 7.61
C THR D 84 16.77 -39.46 8.08
N LYS D 85 16.67 -40.58 7.36
CA LYS D 85 15.73 -41.65 7.74
C LYS D 85 16.06 -42.27 9.09
N ASP D 86 17.32 -42.63 9.30
CA ASP D 86 17.76 -43.18 10.59
C ASP D 86 17.54 -42.21 11.76
N SER D 87 17.70 -40.92 11.50
CA SER D 87 17.40 -39.89 12.50
C SER D 87 15.92 -39.79 12.79
N ILE D 88 15.09 -39.85 11.75
CA ILE D 88 13.63 -39.79 11.89
C ILE D 88 13.11 -41.05 12.59
N THR D 89 13.67 -42.20 12.22
CA THR D 89 13.38 -43.47 12.86
C THR D 89 13.76 -43.48 14.34
N ASP D 90 14.91 -42.90 14.67
CA ASP D 90 15.33 -42.73 16.05
C ASP D 90 14.37 -41.88 16.87
N ILE D 91 13.82 -40.83 16.25
CA ILE D 91 12.82 -39.99 16.92
C ILE D 91 11.51 -40.76 17.18
N TRP D 92 11.02 -41.49 16.19
CA TRP D 92 9.75 -42.21 16.33
C TRP D 92 9.85 -43.42 17.27
N THR D 93 11.00 -44.10 17.26
CA THR D 93 11.23 -45.20 18.20
C THR D 93 11.25 -44.68 19.64
N TYR D 94 11.82 -43.50 19.84
CA TYR D 94 11.89 -42.88 21.14
C TYR D 94 10.50 -42.42 21.58
N GLN D 95 9.84 -41.65 20.72
CA GLN D 95 8.47 -41.19 20.96
C GLN D 95 7.48 -42.31 21.24
N ALA D 96 7.64 -43.44 20.56
CA ALA D 96 6.78 -44.60 20.75
C ALA D 96 7.04 -45.25 22.10
N GLU D 97 8.32 -45.43 22.44
CA GLU D 97 8.71 -46.01 23.72
C GLU D 97 8.25 -45.15 24.90
N LEU D 98 8.35 -43.83 24.74
CA LEU D 98 7.89 -42.86 25.75
C LEU D 98 6.38 -42.84 25.88
N LEU D 99 5.67 -42.82 24.75
CA LEU D 99 4.20 -42.78 24.75
C LEU D 99 3.62 -43.93 25.55
N VAL D 100 4.01 -45.15 25.16
CA VAL D 100 3.46 -46.37 25.75
C VAL D 100 3.82 -46.44 27.23
N ALA D 101 5.07 -46.13 27.56
CA ALA D 101 5.52 -46.14 28.96
C ALA D 101 4.79 -45.10 29.81
N MET D 102 4.65 -43.88 29.28
CA MET D 102 3.90 -42.82 29.96
C MET D 102 2.41 -43.17 30.11
N GLU D 103 1.80 -43.71 29.05
CA GLU D 103 0.39 -44.10 29.10
C GLU D 103 0.15 -45.27 30.04
N ASN D 104 1.02 -46.27 29.99
CA ASN D 104 0.90 -47.45 30.85
C ASN D 104 0.92 -47.02 32.31
N GLN D 105 1.89 -46.17 32.66
CA GLN D 105 1.98 -45.59 34.02
C GLN D 105 0.69 -44.91 34.43
N HIS D 106 0.15 -44.07 33.55
CA HIS D 106 -1.11 -43.37 33.80
C HIS D 106 -2.32 -44.33 33.90
N THR D 107 -2.41 -45.31 33.00
CA THR D 107 -3.50 -46.30 33.01
C THR D 107 -3.57 -47.08 34.32
N ILE D 108 -2.41 -47.51 34.82
CA ILE D 108 -2.30 -48.20 36.10
C ILE D 108 -2.75 -47.31 37.26
N ASP D 109 -2.21 -46.10 37.32
CA ASP D 109 -2.54 -45.16 38.39
C ASP D 109 -4.00 -44.71 38.34
N MET D 110 -4.51 -44.45 37.14
CA MET D 110 -5.92 -44.10 36.95
C MET D 110 -6.82 -45.19 37.50
N ALA D 111 -6.55 -46.42 37.08
CA ALA D 111 -7.26 -47.60 37.58
C ALA D 111 -7.19 -47.72 39.10
N ASP D 112 -6.01 -47.46 39.65
CA ASP D 112 -5.77 -47.40 41.11
C ASP D 112 -6.69 -46.38 41.76
N SER D 113 -6.76 -45.18 41.16
CA SER D 113 -7.53 -44.08 41.73
C SER D 113 -9.04 -44.37 41.75
N GLU D 114 -9.57 -45.01 40.70
CA GLU D 114 -10.99 -45.36 40.66
C GLU D 114 -11.38 -46.33 41.77
N MET D 115 -10.48 -47.26 42.08
CA MET D 115 -10.61 -48.13 43.26
C MET D 115 -10.71 -47.28 44.52
N LEU D 116 -9.76 -46.35 44.69
CA LEU D 116 -9.75 -45.47 45.85
C LEU D 116 -10.98 -44.56 45.95
N ASN D 117 -11.49 -44.10 44.80
CA ASN D 117 -12.67 -43.25 44.77
C ASN D 117 -13.93 -43.98 45.19
N LEU D 118 -14.05 -45.26 44.79
CA LEU D 118 -15.13 -46.12 45.26
C LEU D 118 -15.01 -46.41 46.77
N TYR D 119 -13.79 -46.67 47.23
CA TYR D 119 -13.53 -46.91 48.66
C TYR D 119 -13.89 -45.72 49.52
N GLU D 120 -13.42 -44.55 49.11
CA GLU D 120 -13.68 -43.29 49.81
C GLU D 120 -15.16 -42.92 49.78
N ARG D 121 -15.85 -43.24 48.68
CA ARG D 121 -17.29 -42.99 48.58
C ARG D 121 -18.04 -43.79 49.64
N VAL D 122 -17.73 -45.08 49.75
CA VAL D 122 -18.36 -45.97 50.73
C VAL D 122 -18.04 -45.56 52.18
N ARG D 123 -16.78 -45.21 52.45
CA ARG D 123 -16.38 -44.73 53.78
C ARG D 123 -17.27 -43.58 54.27
N LYS D 124 -17.46 -42.58 53.42
CA LYS D 124 -18.25 -41.41 53.75
C LYS D 124 -19.74 -41.73 53.95
N GLN D 125 -20.28 -42.62 53.11
CA GLN D 125 -21.66 -43.12 53.28
C GLN D 125 -21.92 -43.74 54.65
N LEU D 126 -21.02 -44.61 55.07
CA LEU D 126 -21.16 -45.36 56.33
C LEU D 126 -20.89 -44.48 57.56
N ARG D 127 -20.08 -43.44 57.38
CA ARG D 127 -19.91 -42.39 58.40
C ARG D 127 -19.41 -42.97 59.74
N GLN D 128 -20.22 -42.93 60.80
CA GLN D 128 -19.80 -43.44 62.10
C GLN D 128 -20.39 -44.81 62.41
N ASN D 129 -21.01 -45.44 61.40
CA ASN D 129 -21.56 -46.79 61.53
C ASN D 129 -20.57 -47.92 61.20
N ALA D 130 -19.38 -47.56 60.72
CA ALA D 130 -18.36 -48.55 60.34
C ALA D 130 -16.95 -48.05 60.61
N GLU D 131 -16.01 -48.98 60.63
CA GLU D 131 -14.59 -48.68 60.80
C GLU D 131 -13.79 -49.37 59.72
N GLU D 132 -12.68 -48.75 59.34
CA GLU D 132 -11.81 -49.26 58.29
C GLU D 132 -11.00 -50.45 58.77
N ASP D 133 -11.10 -51.53 58.01
CA ASP D 133 -10.43 -52.80 58.30
C ASP D 133 -8.92 -52.73 58.16
N GLY D 134 -8.45 -51.87 57.24
CA GLY D 134 -7.04 -51.82 56.84
C GLY D 134 -6.76 -52.49 55.50
N LYS D 135 -7.65 -53.39 55.09
CA LYS D 135 -7.45 -54.22 53.89
C LYS D 135 -8.50 -53.94 52.80
N GLY D 136 -9.09 -52.75 52.82
CA GLY D 136 -10.10 -52.37 51.83
C GLY D 136 -11.52 -52.73 52.22
N CYS D 137 -11.71 -53.22 53.45
CA CYS D 137 -13.03 -53.61 53.95
C CYS D 137 -13.49 -52.65 55.04
N PHE D 138 -14.79 -52.69 55.35
CA PHE D 138 -15.41 -51.96 56.43
C PHE D 138 -16.16 -52.90 57.36
N GLU D 139 -15.72 -52.97 58.62
CA GLU D 139 -16.49 -53.66 59.65
C GLU D 139 -17.66 -52.76 60.06
N ILE D 140 -18.86 -53.17 59.65
CA ILE D 140 -20.09 -52.44 59.91
C ILE D 140 -20.63 -52.91 61.26
N TYR D 141 -20.86 -51.95 62.17
CA TYR D 141 -21.26 -52.28 63.55
C TYR D 141 -22.78 -52.32 63.76
N HIS D 142 -23.51 -52.87 62.79
CA HIS D 142 -24.94 -53.15 62.95
C HIS D 142 -25.40 -54.24 61.96
N ALA D 143 -26.55 -54.84 62.25
CA ALA D 143 -27.11 -55.86 61.35
C ALA D 143 -27.38 -55.21 60.01
N CYS D 144 -26.70 -55.70 58.97
CA CYS D 144 -26.86 -55.13 57.63
C CYS D 144 -27.20 -56.26 56.65
N ASP D 145 -28.51 -56.43 56.45
CA ASP D 145 -29.05 -57.46 55.53
C ASP D 145 -28.76 -57.11 54.06
N ASP D 146 -29.12 -58.01 53.16
CA ASP D 146 -28.85 -57.79 51.73
C ASP D 146 -29.49 -56.52 51.16
N SER D 147 -30.60 -56.05 51.74
CA SER D 147 -31.17 -54.74 51.38
C SER D 147 -30.30 -53.57 51.84
N CYS D 148 -29.74 -53.69 53.05
CA CYS D 148 -28.80 -52.70 53.58
C CYS D 148 -27.46 -52.72 52.83
N MET D 149 -27.00 -53.92 52.45
CA MET D 149 -25.79 -54.07 51.63
C MET D 149 -25.99 -53.51 50.22
N GLU D 150 -27.17 -53.76 49.64
CA GLU D 150 -27.57 -53.17 48.36
C GLU D 150 -27.68 -51.64 48.46
N SER D 151 -28.13 -51.13 49.61
CA SER D 151 -28.22 -49.68 49.83
C SER D 151 -26.85 -48.99 49.87
N ILE D 152 -25.83 -49.70 50.32
CA ILE D 152 -24.45 -49.20 50.27
C ILE D 152 -23.94 -49.14 48.82
N ARG D 153 -24.21 -50.19 48.05
CA ARG D 153 -23.79 -50.26 46.64
C ARG D 153 -24.46 -49.21 45.75
N ASN D 154 -25.77 -49.00 45.94
CA ASN D 154 -26.56 -48.04 45.14
C ASN D 154 -26.47 -46.59 45.62
N ASN D 155 -25.78 -46.35 46.74
CA ASN D 155 -25.62 -45.01 47.31
C ASN D 155 -26.93 -44.43 47.86
N THR D 156 -27.73 -45.28 48.51
CA THR D 156 -28.97 -44.87 49.17
C THR D 156 -28.99 -45.27 50.67
N TYR D 157 -27.83 -45.61 51.22
CA TYR D 157 -27.70 -45.97 52.63
C TYR D 157 -27.80 -44.71 53.48
N ASP D 158 -28.80 -44.68 54.36
CA ASP D 158 -29.00 -43.56 55.30
C ASP D 158 -28.39 -43.94 56.65
N HIS D 159 -27.24 -43.34 56.97
CA HIS D 159 -26.50 -43.62 58.21
C HIS D 159 -27.29 -43.37 59.51
N SER D 160 -28.20 -42.40 59.49
CA SER D 160 -28.97 -42.03 60.68
C SER D 160 -29.93 -43.15 61.13
N GLN D 161 -30.43 -43.93 60.18
CA GLN D 161 -31.25 -45.12 60.46
C GLN D 161 -30.56 -46.13 61.38
N TYR D 162 -29.23 -46.26 61.29
CA TYR D 162 -28.47 -47.25 62.08
C TYR D 162 -27.42 -46.66 63.04
N ARG D 163 -27.38 -45.33 63.17
CA ARG D 163 -26.34 -44.64 63.96
C ARG D 163 -26.37 -45.02 65.43
N GLU D 164 -27.57 -44.93 66.01
CA GLU D 164 -27.81 -45.30 67.41
C GLU D 164 -27.31 -46.70 67.77
N GLU D 165 -27.63 -47.69 66.93
CA GLU D 165 -27.24 -49.08 67.16
C GLU D 165 -25.72 -49.20 67.01
N ALA D 166 -25.19 -48.61 65.96
CA ALA D 166 -23.76 -48.69 65.65
C ALA D 166 -22.89 -48.09 66.74
N LEU D 167 -23.19 -46.86 67.15
CA LEU D 167 -22.37 -46.16 68.15
C LEU D 167 -22.34 -46.87 69.51
N LEU D 168 -23.41 -47.58 69.85
CA LEU D 168 -23.45 -48.44 71.05
C LEU D 168 -22.54 -49.67 70.91
N ASN D 169 -22.63 -50.37 69.77
CA ASN D 169 -21.76 -51.52 69.49
C ASN D 169 -20.28 -51.17 69.37
N ARG D 170 -19.98 -50.00 68.79
CA ARG D 170 -18.59 -49.53 68.61
C ARG D 170 -17.92 -49.20 69.94
N LEU D 171 -18.63 -48.47 70.79
CA LEU D 171 -18.14 -48.14 72.14
C LEU D 171 -18.24 -49.33 73.09
N ASN D 172 -19.30 -50.14 72.90
CA ASN D 172 -19.49 -51.43 73.59
C ASN D 172 -19.79 -51.26 75.08
N ASP E 1 -30.72 -29.79 64.13
CA ASP E 1 -29.75 -29.64 62.99
C ASP E 1 -28.38 -29.13 63.48
N PRO E 2 -27.27 -29.61 62.86
CA PRO E 2 -25.94 -29.09 63.15
C PRO E 2 -25.52 -28.00 62.15
N ASP E 3 -24.49 -27.24 62.50
CA ASP E 3 -23.92 -26.22 61.61
C ASP E 3 -23.09 -26.87 60.50
N LYS E 4 -23.09 -26.24 59.34
CA LYS E 4 -22.51 -26.83 58.13
C LYS E 4 -21.44 -25.91 57.51
N ILE E 5 -20.37 -26.52 57.01
CA ILE E 5 -19.38 -25.82 56.19
C ILE E 5 -19.07 -26.71 54.98
N CYS E 6 -19.12 -26.13 53.79
CA CYS E 6 -18.97 -26.88 52.53
C CYS E 6 -17.80 -26.34 51.72
N LEU E 7 -16.92 -27.23 51.29
CA LEU E 7 -15.90 -26.90 50.30
C LEU E 7 -16.51 -27.00 48.91
N GLY E 8 -15.95 -26.24 47.97
CA GLY E 8 -16.46 -26.18 46.61
C GLY E 8 -15.55 -25.38 45.69
N HIS E 9 -15.79 -25.47 44.38
CA HIS E 9 -14.97 -24.77 43.38
C HIS E 9 -15.82 -23.95 42.44
N HIS E 10 -15.19 -23.03 41.75
CA HIS E 10 -15.88 -22.17 40.79
C HIS E 10 -16.25 -22.92 39.51
N ALA E 11 -17.15 -22.31 38.74
CA ALA E 11 -17.57 -22.82 37.43
C ALA E 11 -18.02 -21.64 36.56
N VAL E 12 -18.26 -21.91 35.29
CA VAL E 12 -18.72 -20.89 34.34
C VAL E 12 -19.79 -21.47 33.41
N ALA E 13 -20.54 -20.59 32.75
CA ALA E 13 -21.52 -21.02 31.75
C ALA E 13 -20.83 -21.32 30.41
N ASN E 14 -19.94 -20.41 29.99
CA ASN E 14 -19.18 -20.56 28.74
C ASN E 14 -17.95 -21.46 28.93
N GLY E 15 -18.19 -22.78 28.96
CA GLY E 15 -17.14 -23.78 29.13
C GLY E 15 -16.48 -24.13 27.80
N THR E 16 -15.15 -24.09 27.77
CA THR E 16 -14.37 -24.38 26.55
C THR E 16 -13.99 -25.86 26.48
N ILE E 17 -14.13 -26.46 25.31
CA ILE E 17 -13.76 -27.86 25.06
C ILE E 17 -12.27 -27.98 24.78
N VAL E 18 -11.63 -28.98 25.39
CA VAL E 18 -10.23 -29.33 25.12
C VAL E 18 -10.07 -30.84 24.99
N LYS E 19 -8.96 -31.27 24.40
CA LYS E 19 -8.59 -32.69 24.31
C LYS E 19 -7.68 -33.07 25.47
N THR E 20 -7.90 -34.24 26.05
CA THR E 20 -6.99 -34.85 27.02
C THR E 20 -6.50 -36.20 26.49
N LEU E 21 -5.69 -36.90 27.29
CA LEU E 21 -5.26 -38.26 26.94
C LEU E 21 -6.44 -39.22 26.97
N THR E 22 -7.36 -38.95 27.89
CA THR E 22 -8.55 -39.74 28.14
C THR E 22 -9.73 -39.33 27.24
N ASN E 23 -10.04 -38.04 27.24
CA ASN E 23 -11.32 -37.52 26.74
C ASN E 23 -11.07 -36.55 25.58
N GLU E 24 -11.89 -36.64 24.55
CA GLU E 24 -11.80 -35.75 23.39
C GLU E 24 -12.72 -34.51 23.49
N GLN E 25 -13.75 -34.59 24.34
CA GLN E 25 -14.75 -33.52 24.52
C GLN E 25 -14.80 -33.06 25.99
N GLU E 26 -13.64 -32.78 26.56
CA GLU E 26 -13.55 -32.41 27.99
C GLU E 26 -13.78 -30.91 28.18
N GLU E 27 -14.81 -30.57 28.96
CA GLU E 27 -15.16 -29.17 29.26
C GLU E 27 -14.33 -28.64 30.41
N VAL E 28 -13.65 -27.51 30.21
CA VAL E 28 -12.91 -26.79 31.26
C VAL E 28 -13.36 -25.33 31.35
N THR E 29 -12.97 -24.64 32.42
CA THR E 29 -13.41 -23.27 32.67
C THR E 29 -12.81 -22.29 31.65
N ASN E 30 -11.49 -22.34 31.50
CA ASN E 30 -10.77 -21.48 30.56
C ASN E 30 -9.75 -22.30 29.76
N ALA E 31 -9.46 -21.83 28.55
CA ALA E 31 -8.48 -22.45 27.66
C ALA E 31 -7.83 -21.39 26.78
N THR E 32 -6.69 -21.72 26.18
CA THR E 32 -5.98 -20.80 25.29
C THR E 32 -5.27 -21.53 24.14
N GLU E 33 -5.37 -20.95 22.94
CA GLU E 33 -4.87 -21.54 21.70
C GLU E 33 -3.35 -21.68 21.67
N THR E 34 -2.86 -22.76 21.07
CA THR E 34 -1.41 -22.99 20.88
C THR E 34 -0.94 -22.96 19.40
N VAL E 35 -1.87 -23.10 18.44
CA VAL E 35 -1.53 -23.05 17.01
C VAL E 35 -2.02 -21.73 16.42
N GLU E 36 -1.09 -20.98 15.82
CA GLU E 36 -1.43 -19.73 15.15
C GLU E 36 -2.00 -19.95 13.75
N SER E 37 -3.21 -19.42 13.51
CA SER E 37 -3.85 -19.41 12.18
C SER E 37 -3.86 -18.04 11.50
N THR E 38 -3.59 -16.97 12.25
CA THR E 38 -3.60 -15.59 11.72
C THR E 38 -2.20 -15.18 11.25
N SER E 39 -2.14 -14.40 10.18
CA SER E 39 -0.89 -13.86 9.66
C SER E 39 -1.08 -12.41 9.22
N LEU E 40 -0.11 -11.56 9.56
CA LEU E 40 -0.07 -10.18 9.09
C LEU E 40 0.54 -10.19 7.70
N ASN E 41 -0.28 -10.01 6.66
CA ASN E 41 0.18 -10.14 5.26
C ASN E 41 1.06 -8.97 4.79
N ARG E 42 2.22 -8.86 5.44
CA ARG E 42 3.20 -7.77 5.23
C ARG E 42 4.58 -8.28 5.65
N LEU E 43 5.63 -7.57 5.22
CA LEU E 43 7.01 -7.90 5.63
C LEU E 43 7.52 -6.88 6.64
N CYS E 44 7.76 -7.33 7.87
CA CYS E 44 8.04 -6.45 9.00
C CYS E 44 9.53 -6.16 9.14
N MET E 45 9.96 -5.03 8.59
CA MET E 45 11.38 -4.71 8.44
C MET E 45 11.95 -3.69 9.44
N LYS E 46 11.29 -3.49 10.57
CA LYS E 46 11.84 -2.62 11.63
C LYS E 46 13.09 -3.28 12.24
N GLY E 47 14.08 -2.47 12.57
CA GLY E 47 15.34 -2.96 13.14
C GLY E 47 16.19 -3.79 12.19
N ARG E 48 15.99 -3.57 10.88
CA ARG E 48 16.66 -4.35 9.83
C ARG E 48 17.10 -3.44 8.69
N ASN E 49 18.40 -3.41 8.41
CA ASN E 49 18.92 -2.76 7.20
C ASN E 49 18.63 -3.70 6.03
N HIS E 50 17.49 -3.49 5.38
CA HIS E 50 16.99 -4.41 4.36
C HIS E 50 17.11 -3.86 2.94
N LYS E 51 16.71 -4.67 1.96
CA LYS E 51 16.72 -4.28 0.56
C LYS E 51 15.63 -5.02 -0.20
N ASP E 52 14.58 -4.29 -0.61
CA ASP E 52 13.52 -4.82 -1.46
C ASP E 52 13.97 -4.71 -2.91
N LEU E 53 14.24 -5.85 -3.55
CA LEU E 53 14.72 -5.88 -4.93
C LEU E 53 13.64 -5.50 -5.95
N GLY E 54 12.40 -5.89 -5.68
CA GLY E 54 11.29 -5.60 -6.57
C GLY E 54 11.41 -6.42 -7.85
N ASN E 55 11.56 -5.72 -8.98
CA ASN E 55 11.64 -6.37 -10.29
C ASN E 55 12.99 -7.08 -10.53
N CYS E 56 14.00 -6.78 -9.71
CA CYS E 56 15.33 -7.36 -9.83
C CYS E 56 15.45 -8.76 -9.19
N HIS E 57 16.09 -9.67 -9.93
CA HIS E 57 16.38 -11.03 -9.46
C HIS E 57 17.83 -11.08 -9.01
N PRO E 58 18.13 -11.71 -7.85
CA PRO E 58 19.47 -11.74 -7.25
C PRO E 58 20.67 -11.95 -8.19
N ILE E 59 20.53 -12.84 -9.17
CA ILE E 59 21.61 -13.09 -10.15
C ILE E 59 21.85 -11.86 -11.03
N GLY E 60 20.78 -11.11 -11.32
CA GLY E 60 20.88 -9.84 -12.03
C GLY E 60 21.74 -8.79 -11.37
N MET E 61 21.89 -8.86 -10.04
CA MET E 61 22.79 -7.96 -9.31
C MET E 61 24.27 -8.19 -9.63
N LEU E 62 24.64 -9.43 -9.94
CA LEU E 62 26.04 -9.79 -10.26
C LEU E 62 26.42 -9.47 -11.71
N ILE E 63 25.47 -9.66 -12.64
CA ILE E 63 25.71 -9.42 -14.08
C ILE E 63 25.31 -8.01 -14.54
N GLY E 64 24.25 -7.46 -13.95
CA GLY E 64 23.85 -6.06 -14.17
C GLY E 64 22.79 -5.88 -15.23
N THR E 65 21.63 -6.50 -15.02
CA THR E 65 20.45 -6.32 -15.87
C THR E 65 19.89 -4.90 -15.67
N PRO E 66 19.20 -4.33 -16.70
CA PRO E 66 18.46 -3.07 -16.56
C PRO E 66 17.68 -2.89 -15.25
N ALA E 67 16.92 -3.91 -14.85
CA ALA E 67 16.13 -3.85 -13.61
C ALA E 67 16.96 -3.74 -12.32
N CYS E 68 18.20 -4.23 -12.36
CA CYS E 68 19.09 -4.28 -11.19
C CYS E 68 20.14 -3.18 -11.10
N ASP E 69 19.93 -2.04 -11.77
CA ASP E 69 20.92 -0.94 -11.77
C ASP E 69 21.08 -0.26 -10.40
N LEU E 70 19.99 -0.15 -9.64
CA LEU E 70 20.03 0.43 -8.28
C LEU E 70 20.37 -0.59 -7.18
N HIS E 71 20.42 -1.87 -7.54
CA HIS E 71 20.80 -2.96 -6.62
C HIS E 71 22.10 -3.66 -7.05
N LEU E 72 23.01 -2.95 -7.71
CA LEU E 72 24.29 -3.53 -8.14
C LEU E 72 25.23 -3.76 -6.96
N THR E 73 25.22 -2.83 -6.01
CA THR E 73 25.99 -2.97 -4.77
C THR E 73 25.14 -2.55 -3.57
N GLY E 74 25.66 -2.82 -2.38
CA GLY E 74 24.98 -2.46 -1.14
C GLY E 74 25.42 -3.29 0.06
N THR E 75 24.88 -2.94 1.23
CA THR E 75 25.05 -3.71 2.46
C THR E 75 23.68 -3.87 3.12
N TRP E 76 23.46 -5.04 3.72
CA TRP E 76 22.17 -5.37 4.32
C TRP E 76 22.26 -6.53 5.30
N ASP E 77 21.15 -6.80 5.98
CA ASP E 77 20.95 -8.04 6.73
C ASP E 77 19.66 -8.80 6.33
N THR E 78 18.85 -8.24 5.42
CA THR E 78 17.65 -8.93 4.93
C THR E 78 17.34 -8.58 3.47
N LEU E 79 17.54 -9.54 2.58
CA LEU E 79 17.31 -9.38 1.15
C LEU E 79 15.95 -9.98 0.77
N ILE E 80 15.19 -9.27 -0.07
CA ILE E 80 13.81 -9.66 -0.43
C ILE E 80 13.67 -9.86 -1.95
N GLU E 81 13.35 -11.09 -2.37
CA GLU E 81 13.14 -11.44 -3.78
C GLU E 81 11.65 -11.49 -4.10
N ARG E 82 11.27 -11.05 -5.30
CA ARG E 82 9.86 -11.02 -5.72
C ARG E 82 9.60 -11.95 -6.89
N LYS E 83 8.32 -12.16 -7.15
CA LYS E 83 7.87 -13.04 -8.23
C LYS E 83 8.07 -12.39 -9.60
N ASN E 84 8.33 -13.22 -10.61
CA ASN E 84 8.56 -12.77 -11.99
C ASN E 84 9.69 -11.74 -12.12
N ALA E 85 10.70 -11.85 -11.25
CA ALA E 85 11.82 -10.91 -11.21
C ALA E 85 12.78 -11.24 -12.34
N ILE E 86 13.33 -10.20 -12.97
CA ILE E 86 14.10 -10.36 -14.21
C ILE E 86 15.58 -10.58 -13.89
N ALA E 87 16.10 -11.71 -14.37
CA ALA E 87 17.52 -12.06 -14.26
C ALA E 87 18.27 -11.75 -15.54
N TYR E 88 17.71 -12.21 -16.66
CA TYR E 88 18.34 -12.06 -17.98
C TYR E 88 17.36 -11.35 -18.92
N CYS E 89 17.84 -10.30 -19.59
CA CYS E 89 17.08 -9.63 -20.65
C CYS E 89 17.27 -10.37 -21.97
N TYR E 90 18.52 -10.53 -22.39
CA TYR E 90 18.87 -11.39 -23.53
C TYR E 90 18.75 -12.84 -23.06
N PRO E 91 17.98 -13.69 -23.79
CA PRO E 91 17.60 -15.02 -23.25
C PRO E 91 18.77 -15.96 -22.95
N GLY E 92 18.50 -16.93 -22.07
CA GLY E 92 19.49 -17.90 -21.64
C GLY E 92 19.25 -18.32 -20.21
N ALA E 93 20.22 -19.04 -19.64
CA ALA E 93 20.14 -19.54 -18.27
C ALA E 93 21.53 -19.68 -17.67
N THR E 94 21.62 -19.54 -16.35
CA THR E 94 22.88 -19.73 -15.64
C THR E 94 23.03 -21.20 -15.22
N VAL E 95 24.24 -21.75 -15.35
CA VAL E 95 24.53 -23.10 -14.87
C VAL E 95 24.77 -23.00 -13.37
N ASN E 96 24.17 -23.93 -12.61
CA ASN E 96 24.05 -23.82 -11.15
C ASN E 96 23.39 -22.50 -10.77
N GLU E 97 22.17 -22.30 -11.30
CA GLU E 97 21.42 -21.06 -11.08
C GLU E 97 20.97 -20.95 -9.62
N GLU E 98 20.37 -22.03 -9.12
CA GLU E 98 19.79 -22.05 -7.77
C GLU E 98 20.84 -21.92 -6.68
N ALA E 99 21.96 -22.63 -6.83
CA ALA E 99 23.09 -22.53 -5.91
C ALA E 99 23.61 -21.09 -5.82
N LEU E 100 23.79 -20.45 -6.96
CA LEU E 100 24.21 -19.05 -7.04
C LEU E 100 23.21 -18.09 -6.37
N ARG E 101 21.93 -18.29 -6.64
CA ARG E 101 20.87 -17.47 -6.04
C ARG E 101 20.85 -17.55 -4.52
N GLN E 102 20.99 -18.75 -3.98
CA GLN E 102 21.04 -18.96 -2.52
C GLN E 102 22.25 -18.27 -1.88
N LYS E 103 23.41 -18.39 -2.51
CA LYS E 103 24.65 -17.75 -2.01
C LYS E 103 24.49 -16.23 -1.87
N ILE E 104 23.77 -15.64 -2.82
CA ILE E 104 23.46 -14.21 -2.81
C ILE E 104 22.47 -13.89 -1.69
N MET E 105 21.40 -14.68 -1.60
CA MET E 105 20.35 -14.46 -0.60
C MET E 105 20.79 -14.74 0.85
N GLU E 106 21.85 -15.53 1.02
CA GLU E 106 22.50 -15.73 2.32
C GLU E 106 23.45 -14.58 2.71
N SER E 107 23.97 -13.87 1.72
CA SER E 107 24.89 -12.75 1.97
C SER E 107 24.20 -11.52 2.56
N GLY E 108 25.00 -10.67 3.18
CA GLY E 108 24.55 -9.39 3.72
C GLY E 108 25.18 -8.21 3.02
N GLY E 109 25.31 -8.29 1.69
CA GLY E 109 25.90 -7.22 0.89
C GLY E 109 26.69 -7.68 -0.32
N ILE E 110 26.78 -6.80 -1.31
CA ILE E 110 27.60 -7.01 -2.51
C ILE E 110 28.44 -5.75 -2.74
N SER E 111 29.73 -5.96 -2.99
CA SER E 111 30.61 -4.93 -3.57
C SER E 111 31.15 -5.44 -4.89
N LYS E 112 31.79 -4.55 -5.65
CA LYS E 112 32.35 -4.88 -6.96
C LYS E 112 33.83 -4.54 -7.02
N ILE E 113 34.55 -5.26 -7.86
CA ILE E 113 35.97 -5.01 -8.15
C ILE E 113 36.12 -5.11 -9.66
N ASN E 114 36.86 -4.17 -10.26
CA ASN E 114 37.05 -4.18 -11.72
C ASN E 114 38.12 -5.21 -12.12
N THR E 115 37.88 -5.89 -13.22
CA THR E 115 38.81 -6.90 -13.75
C THR E 115 40.03 -6.28 -14.44
N GLY E 116 39.81 -5.15 -15.10
CA GLY E 116 40.87 -4.47 -15.87
C GLY E 116 41.11 -5.12 -17.23
N PHE E 117 40.09 -5.80 -17.76
CA PHE E 117 40.18 -6.54 -19.01
C PHE E 117 40.10 -5.57 -20.19
N THR E 118 41.11 -5.60 -21.05
CA THR E 118 41.20 -4.72 -22.22
C THR E 118 41.37 -5.55 -23.48
N TYR E 119 40.71 -5.13 -24.56
CA TYR E 119 40.63 -5.90 -25.81
C TYR E 119 41.16 -5.03 -26.97
N GLY E 120 41.88 -5.66 -27.90
CA GLY E 120 42.58 -4.95 -28.97
C GLY E 120 41.73 -4.37 -30.09
N SER E 121 42.39 -4.05 -31.20
CA SER E 121 41.72 -3.43 -32.35
C SER E 121 40.73 -4.36 -33.04
N SER E 122 41.10 -5.62 -33.22
CA SER E 122 40.26 -6.61 -33.90
C SER E 122 38.98 -7.01 -33.14
N ILE E 123 38.95 -6.78 -31.82
CA ILE E 123 37.80 -7.13 -30.95
C ILE E 123 36.93 -5.90 -30.66
N ASN E 124 35.64 -6.01 -30.95
CA ASN E 124 34.64 -4.99 -30.58
C ASN E 124 33.98 -5.42 -29.27
N SER E 125 34.13 -4.60 -28.21
CA SER E 125 33.62 -4.92 -26.88
C SER E 125 32.28 -4.29 -26.52
N ALA E 126 31.98 -3.11 -27.09
CA ALA E 126 30.80 -2.32 -26.69
C ALA E 126 29.49 -2.65 -27.44
N GLY E 127 29.48 -3.70 -28.26
CA GLY E 127 28.32 -4.07 -29.07
C GLY E 127 27.09 -4.46 -28.26
N THR E 128 26.08 -3.58 -28.26
CA THR E 128 24.85 -3.76 -27.48
C THR E 128 23.82 -4.62 -28.23
N THR E 129 22.65 -4.80 -27.64
CA THR E 129 21.53 -5.54 -28.28
C THR E 129 20.16 -4.95 -27.93
N LYS E 130 19.16 -5.30 -28.75
CA LYS E 130 17.79 -4.76 -28.65
C LYS E 130 16.95 -5.31 -27.49
N ALA E 131 17.33 -6.47 -26.95
CA ALA E 131 16.61 -7.11 -25.84
C ALA E 131 16.89 -6.41 -24.50
N CYS E 132 18.15 -6.08 -24.25
CA CYS E 132 18.58 -5.38 -23.03
C CYS E 132 18.59 -3.87 -23.26
N MET E 133 17.54 -3.20 -22.79
CA MET E 133 17.40 -1.75 -22.99
C MET E 133 17.54 -0.98 -21.68
N ARG E 134 18.47 -0.02 -21.67
CA ARG E 134 18.74 0.85 -20.53
C ARG E 134 18.69 2.31 -20.99
N ASN E 135 18.03 3.16 -20.21
CA ASN E 135 17.92 4.61 -20.49
C ASN E 135 17.20 4.90 -21.82
N GLY E 136 16.18 4.10 -22.13
CA GLY E 136 15.37 4.24 -23.34
C GLY E 136 16.00 3.85 -24.66
N GLY E 137 17.12 3.10 -24.61
CA GLY E 137 17.86 2.72 -25.81
C GLY E 137 18.56 1.38 -25.64
N ASN E 138 19.19 0.90 -26.73
CA ASN E 138 19.84 -0.42 -26.72
C ASN E 138 21.10 -0.45 -25.86
N SER E 139 21.29 -1.58 -25.17
CA SER E 139 22.33 -1.71 -24.15
C SER E 139 22.74 -3.18 -23.93
N PHE E 140 23.57 -3.42 -22.92
CA PHE E 140 24.02 -4.76 -22.57
C PHE E 140 24.34 -4.83 -21.08
N TYR E 141 24.35 -6.04 -20.54
CA TYR E 141 24.63 -6.30 -19.10
C TYR E 141 25.78 -5.43 -18.59
N ALA E 142 25.50 -4.65 -17.55
CA ALA E 142 26.39 -3.58 -17.09
C ALA E 142 27.74 -4.01 -16.50
N GLU E 143 27.87 -5.29 -16.12
CA GLU E 143 29.09 -5.83 -15.53
C GLU E 143 29.88 -6.74 -16.49
N LEU E 144 29.41 -6.87 -17.73
CA LEU E 144 30.03 -7.73 -18.74
C LEU E 144 30.18 -7.01 -20.08
N LYS E 145 30.82 -7.68 -21.05
CA LYS E 145 31.07 -7.11 -22.40
C LYS E 145 30.90 -8.18 -23.50
N TRP E 146 30.10 -7.87 -24.53
CA TRP E 146 29.94 -8.75 -25.70
C TRP E 146 31.15 -8.56 -26.63
N LEU E 147 31.97 -9.61 -26.78
CA LEU E 147 33.14 -9.57 -27.65
C LEU E 147 32.86 -10.21 -29.01
N VAL E 148 32.52 -9.37 -29.99
CA VAL E 148 32.35 -9.78 -31.39
C VAL E 148 33.46 -9.14 -32.26
N SER E 149 33.61 -9.64 -33.49
CA SER E 149 34.65 -9.14 -34.41
C SER E 149 34.29 -7.76 -34.99
N LYS E 150 35.27 -6.86 -35.09
CA LYS E 150 35.08 -5.56 -35.75
C LYS E 150 34.97 -5.75 -37.26
N ASN E 151 36.01 -6.34 -37.85
CA ASN E 151 35.97 -6.76 -39.25
C ASN E 151 35.05 -7.98 -39.31
N LYS E 152 33.84 -7.76 -39.82
CA LYS E 152 32.80 -8.79 -39.87
C LYS E 152 33.23 -9.93 -40.81
N GLY E 153 33.06 -11.17 -40.36
CA GLY E 153 33.39 -12.35 -41.16
C GLY E 153 34.67 -13.06 -40.74
N GLN E 154 35.76 -12.29 -40.62
CA GLN E 154 37.07 -12.85 -40.25
C GLN E 154 37.09 -13.40 -38.83
N ASN E 155 38.06 -14.29 -38.57
CA ASN E 155 38.16 -15.00 -37.29
C ASN E 155 38.48 -14.09 -36.11
N PHE E 156 37.99 -14.47 -34.94
CA PHE E 156 38.20 -13.74 -33.69
C PHE E 156 39.65 -13.91 -33.26
N PRO E 157 40.32 -12.81 -32.85
CA PRO E 157 41.74 -12.94 -32.50
C PRO E 157 41.96 -13.70 -31.19
N GLN E 158 42.92 -14.62 -31.20
CA GLN E 158 43.27 -15.41 -30.01
C GLN E 158 43.81 -14.47 -28.92
N THR E 159 43.02 -14.29 -27.86
CA THR E 159 43.33 -13.33 -26.79
C THR E 159 43.28 -13.99 -25.41
N THR E 160 44.04 -13.43 -24.47
CA THR E 160 44.20 -13.96 -23.12
C THR E 160 43.97 -12.85 -22.10
N ASN E 161 42.95 -13.04 -21.24
CA ASN E 161 42.61 -12.09 -20.18
C ASN E 161 42.70 -12.77 -18.82
N THR E 162 43.54 -12.23 -17.94
CA THR E 162 43.85 -12.83 -16.65
C THR E 162 43.53 -11.86 -15.51
N TYR E 163 42.53 -12.21 -14.70
CA TYR E 163 42.18 -11.45 -13.49
C TYR E 163 42.88 -12.06 -12.29
N ARG E 164 43.46 -11.21 -11.44
CA ARG E 164 44.09 -11.63 -10.19
C ARG E 164 43.28 -11.08 -9.01
N ASN E 165 43.00 -11.93 -8.03
CA ASN E 165 42.29 -11.52 -6.82
C ASN E 165 43.30 -10.87 -5.85
N ALA E 166 43.32 -9.53 -5.83
CA ALA E 166 44.21 -8.75 -4.95
C ALA E 166 43.69 -8.62 -3.51
N ASP E 167 42.41 -8.92 -3.29
CA ASP E 167 41.76 -8.86 -1.98
C ASP E 167 42.23 -10.04 -1.09
N THR E 168 41.90 -9.96 0.21
CA THR E 168 42.15 -11.04 1.18
C THR E 168 40.98 -12.03 1.33
N ALA E 169 39.82 -11.72 0.75
CA ALA E 169 38.66 -12.63 0.70
C ALA E 169 38.37 -13.08 -0.75
N GLU E 170 37.59 -14.15 -0.87
CA GLU E 170 37.21 -14.70 -2.19
C GLU E 170 36.25 -13.80 -2.98
N HIS E 171 36.40 -13.79 -4.31
CA HIS E 171 35.58 -12.99 -5.22
C HIS E 171 34.74 -13.87 -6.15
N LEU E 172 33.53 -13.41 -6.48
CA LEU E 172 32.61 -14.13 -7.36
C LEU E 172 32.65 -13.59 -8.80
N ILE E 173 33.52 -14.17 -9.62
CA ILE E 173 33.62 -13.88 -11.06
C ILE E 173 32.52 -14.60 -11.88
N MET E 174 31.98 -13.89 -12.88
CA MET E 174 30.99 -14.46 -13.81
C MET E 174 31.34 -14.14 -15.26
N TRP E 175 30.77 -14.91 -16.18
CA TRP E 175 30.98 -14.71 -17.62
C TRP E 175 29.92 -15.46 -18.43
N GLY E 176 29.68 -15.03 -19.66
CA GLY E 176 28.70 -15.65 -20.55
C GLY E 176 29.34 -16.37 -21.73
N ILE E 177 28.54 -17.22 -22.38
CA ILE E 177 28.95 -17.92 -23.61
C ILE E 177 27.80 -17.80 -24.60
N HIS E 178 28.03 -17.08 -25.72
CA HIS E 178 27.00 -16.87 -26.73
C HIS E 178 26.81 -18.14 -27.58
N HIS E 179 25.54 -18.40 -27.92
CA HIS E 179 25.14 -19.55 -28.71
C HIS E 179 24.29 -19.07 -29.91
N PRO E 180 24.95 -18.81 -31.06
CA PRO E 180 24.27 -18.29 -32.26
C PRO E 180 23.16 -19.20 -32.80
N SER E 181 22.08 -18.58 -33.27
CA SER E 181 20.92 -19.32 -33.80
C SER E 181 21.13 -19.92 -35.19
N SER E 182 22.17 -19.49 -35.91
CA SER E 182 22.50 -20.02 -37.25
C SER E 182 24.01 -20.14 -37.47
N THR E 183 24.38 -20.88 -38.52
CA THR E 183 25.77 -20.96 -38.98
C THR E 183 26.21 -19.62 -39.60
N GLN E 184 25.27 -18.94 -40.26
CA GLN E 184 25.49 -17.60 -40.80
C GLN E 184 25.76 -16.59 -39.67
N GLU E 185 24.90 -16.59 -38.66
CA GLU E 185 25.05 -15.70 -37.49
C GLU E 185 26.36 -15.94 -36.72
N LYS E 186 26.85 -17.18 -36.73
CA LYS E 186 28.10 -17.56 -36.06
C LYS E 186 29.35 -17.12 -36.83
N ASN E 187 29.36 -17.31 -38.15
CA ASN E 187 30.52 -16.98 -38.99
C ASN E 187 30.82 -15.48 -39.05
N ASP E 188 29.78 -14.68 -39.28
CA ASP E 188 29.94 -13.22 -39.37
C ASP E 188 30.29 -12.55 -38.04
N LEU E 189 29.75 -13.09 -36.94
CA LEU E 189 29.95 -12.50 -35.62
C LEU E 189 31.36 -12.73 -35.06
N TYR E 190 31.85 -13.97 -35.15
CA TYR E 190 33.16 -14.36 -34.59
C TYR E 190 34.13 -14.88 -35.64
N GLY E 191 33.72 -15.87 -36.44
CA GLY E 191 34.57 -16.39 -37.53
C GLY E 191 34.26 -17.78 -38.05
N THR E 192 35.03 -18.17 -39.07
CA THR E 192 34.88 -19.49 -39.72
C THR E 192 35.51 -20.67 -38.93
N GLN E 193 36.46 -20.37 -38.05
CA GLN E 193 37.20 -21.40 -37.27
C GLN E 193 36.33 -22.18 -36.28
N SER E 194 36.92 -23.23 -35.72
CA SER E 194 36.29 -24.01 -34.64
C SER E 194 36.44 -23.26 -33.30
N LEU E 195 35.32 -22.80 -32.74
CA LEU E 195 35.34 -21.93 -31.54
C LEU E 195 35.68 -22.69 -30.26
N SER E 196 36.49 -22.04 -29.40
CA SER E 196 36.97 -22.65 -28.16
C SER E 196 37.18 -21.57 -27.09
N ILE E 197 36.72 -21.85 -25.87
CA ILE E 197 36.82 -20.91 -24.74
C ILE E 197 37.25 -21.69 -23.49
N SER E 198 38.52 -21.55 -23.11
CA SER E 198 39.10 -22.22 -21.93
C SER E 198 39.32 -21.26 -20.75
N VAL E 199 38.54 -21.44 -19.68
CA VAL E 199 38.75 -20.72 -18.42
C VAL E 199 39.57 -21.61 -17.47
N GLY E 200 40.46 -21.00 -16.68
CA GLY E 200 41.38 -21.74 -15.83
C GLY E 200 42.01 -20.96 -14.68
N SER E 201 41.76 -21.42 -13.46
CA SER E 201 42.39 -20.90 -12.23
C SER E 201 43.14 -22.02 -11.51
N SER E 202 43.49 -21.82 -10.24
CA SER E 202 44.05 -22.89 -9.40
C SER E 202 43.00 -23.93 -9.01
N THR E 203 41.78 -23.46 -8.73
CA THR E 203 40.70 -24.29 -8.24
C THR E 203 39.69 -24.71 -9.32
N TYR E 204 39.50 -23.86 -10.34
CA TYR E 204 38.49 -24.05 -11.37
C TYR E 204 39.14 -24.30 -12.73
N LYS E 205 38.41 -24.99 -13.59
CA LYS E 205 38.82 -25.24 -14.97
C LYS E 205 37.61 -25.66 -15.78
N ASN E 206 37.54 -25.23 -17.04
CA ASN E 206 36.45 -25.64 -17.92
C ASN E 206 36.71 -25.26 -19.38
N ASN E 207 35.99 -25.92 -20.28
CA ASN E 207 35.94 -25.54 -21.70
C ASN E 207 34.50 -25.27 -22.08
N PHE E 208 34.30 -24.30 -22.97
CA PHE E 208 32.97 -23.94 -23.46
C PHE E 208 33.02 -23.83 -24.98
N VAL E 209 32.33 -24.76 -25.64
CA VAL E 209 32.18 -24.75 -27.09
C VAL E 209 30.82 -24.12 -27.39
N PRO E 210 30.80 -23.00 -28.17
CA PRO E 210 29.50 -22.45 -28.58
C PRO E 210 28.68 -23.39 -29.49
N VAL E 211 27.67 -24.02 -28.91
CA VAL E 211 26.65 -24.76 -29.69
C VAL E 211 25.91 -23.81 -30.65
N VAL E 212 25.71 -24.26 -31.89
CA VAL E 212 24.98 -23.50 -32.90
C VAL E 212 23.87 -24.35 -33.51
N GLY E 213 22.70 -23.73 -33.70
CA GLY E 213 21.53 -24.44 -34.21
C GLY E 213 20.25 -23.63 -34.12
N ALA E 214 19.29 -23.96 -34.96
CA ALA E 214 18.02 -23.24 -35.03
C ALA E 214 17.19 -23.44 -33.76
N ARG E 215 16.48 -22.38 -33.36
CA ARG E 215 15.63 -22.43 -32.17
C ARG E 215 14.63 -21.25 -32.10
N PRO E 216 13.51 -21.41 -31.36
CA PRO E 216 12.52 -20.35 -31.15
C PRO E 216 13.06 -19.03 -30.58
N GLN E 217 12.33 -17.95 -30.83
CA GLN E 217 12.66 -16.63 -30.30
C GLN E 217 12.15 -16.50 -28.87
N VAL E 218 12.98 -15.94 -27.99
CA VAL E 218 12.60 -15.61 -26.61
C VAL E 218 13.02 -14.17 -26.33
N ASN E 219 12.07 -13.34 -25.92
CA ASN E 219 12.26 -11.89 -25.77
C ASN E 219 12.75 -11.22 -27.08
N GLY E 220 12.19 -11.66 -28.19
CA GLY E 220 12.57 -11.17 -29.53
C GLY E 220 13.99 -11.50 -29.99
N GLN E 221 14.53 -12.63 -29.52
CA GLN E 221 15.90 -13.07 -29.87
C GLN E 221 15.97 -14.59 -29.93
N SER E 222 16.54 -15.13 -31.01
CA SER E 222 16.67 -16.57 -31.21
C SER E 222 17.91 -17.14 -30.54
N GLY E 223 19.06 -16.47 -30.71
CA GLY E 223 20.32 -16.87 -30.06
C GLY E 223 20.28 -16.71 -28.56
N ARG E 224 21.14 -17.44 -27.85
CA ARG E 224 21.14 -17.45 -26.37
C ARG E 224 22.52 -17.15 -25.78
N ILE E 225 22.52 -16.55 -24.59
CA ILE E 225 23.74 -16.30 -23.80
C ILE E 225 23.53 -16.94 -22.43
N ASP E 226 24.19 -18.09 -22.22
CA ASP E 226 24.15 -18.79 -20.93
CA ASP E 226 24.15 -18.79 -20.93
C ASP E 226 25.33 -18.36 -20.07
N PHE E 227 25.09 -18.15 -18.77
CA PHE E 227 26.12 -17.69 -17.84
C PHE E 227 26.75 -18.82 -17.04
N HIS E 228 28.02 -18.63 -16.70
CA HIS E 228 28.79 -19.56 -15.88
C HIS E 228 29.51 -18.74 -14.83
N TRP E 229 29.84 -19.37 -13.71
CA TRP E 229 30.47 -18.67 -12.59
C TRP E 229 31.41 -19.56 -11.78
N THR E 230 32.23 -18.91 -10.97
CA THR E 230 33.12 -19.59 -10.04
C THR E 230 33.59 -18.58 -8.98
N LEU E 231 34.31 -19.07 -7.99
CA LEU E 231 34.87 -18.21 -6.96
C LEU E 231 36.39 -18.19 -7.13
N VAL E 232 36.95 -16.99 -7.28
CA VAL E 232 38.40 -16.83 -7.36
C VAL E 232 38.91 -16.63 -5.93
N GLN E 233 39.81 -17.50 -5.50
CA GLN E 233 40.39 -17.44 -4.16
C GLN E 233 41.40 -16.30 -4.03
N PRO E 234 41.67 -15.83 -2.79
CA PRO E 234 42.65 -14.76 -2.54
C PRO E 234 44.02 -15.00 -3.18
N GLY E 235 44.50 -14.02 -3.95
CA GLY E 235 45.82 -14.10 -4.56
C GLY E 235 45.96 -15.06 -5.72
N ASP E 236 44.83 -15.50 -6.28
CA ASP E 236 44.84 -16.47 -7.37
C ASP E 236 44.46 -15.78 -8.66
N LYS E 237 45.08 -16.22 -9.75
CA LYS E 237 44.81 -15.69 -11.08
C LYS E 237 43.78 -16.59 -11.76
N ILE E 238 42.87 -15.99 -12.53
CA ILE E 238 41.94 -16.74 -13.37
C ILE E 238 42.08 -16.25 -14.82
N THR E 239 42.63 -17.12 -15.67
CA THR E 239 42.93 -16.78 -17.06
C THR E 239 41.78 -17.24 -17.98
N PHE E 240 41.43 -16.39 -18.94
CA PHE E 240 40.39 -16.67 -19.94
C PHE E 240 41.01 -16.79 -21.32
N SER E 241 41.42 -17.99 -21.69
CA SER E 241 41.88 -18.27 -23.05
C SER E 241 40.64 -18.46 -23.94
N HIS E 242 40.49 -17.63 -24.97
CA HIS E 242 39.30 -17.70 -25.84
C HIS E 242 39.54 -17.18 -27.26
N ASN E 243 38.70 -17.64 -28.20
CA ASN E 243 38.70 -17.15 -29.58
C ASN E 243 37.27 -16.91 -30.10
N GLY E 244 36.50 -16.13 -29.35
CA GLY E 244 35.17 -15.66 -29.76
C GLY E 244 34.05 -16.48 -29.16
N GLY E 245 33.00 -15.80 -28.69
CA GLY E 245 31.88 -16.44 -28.00
C GLY E 245 31.78 -16.05 -26.54
N LEU E 246 32.92 -15.74 -25.92
CA LEU E 246 32.99 -15.39 -24.51
C LEU E 246 32.50 -13.95 -24.26
N ILE E 247 31.45 -13.81 -23.45
CA ILE E 247 31.02 -12.51 -22.91
C ILE E 247 31.86 -12.25 -21.65
N ALA E 248 32.90 -11.42 -21.79
CA ALA E 248 33.89 -11.21 -20.73
C ALA E 248 33.38 -10.29 -19.62
N PRO E 249 33.89 -10.46 -18.38
CA PRO E 249 33.49 -9.57 -17.28
C PRO E 249 34.37 -8.32 -17.19
N SER E 250 33.73 -7.17 -17.06
CA SER E 250 34.43 -5.92 -16.69
C SER E 250 34.55 -5.83 -15.17
N ARG E 251 33.47 -6.12 -14.45
CA ARG E 251 33.46 -6.15 -12.98
C ARG E 251 33.23 -7.56 -12.40
N VAL E 252 33.74 -7.76 -11.18
CA VAL E 252 33.68 -9.01 -10.43
C VAL E 252 33.06 -8.71 -9.07
N SER E 253 32.17 -9.59 -8.60
CA SER E 253 31.40 -9.36 -7.37
C SER E 253 32.10 -9.91 -6.12
N LYS E 254 31.72 -9.37 -4.96
CA LYS E 254 32.19 -9.86 -3.66
C LYS E 254 31.04 -9.83 -2.66
N LEU E 255 30.63 -11.03 -2.20
CA LEU E 255 29.52 -11.16 -1.25
C LEU E 255 30.05 -10.95 0.16
N ILE E 256 29.34 -10.12 0.94
CA ILE E 256 29.85 -9.59 2.22
C ILE E 256 28.91 -9.96 3.36
N GLY E 257 29.46 -10.58 4.40
CA GLY E 257 28.72 -10.89 5.62
C GLY E 257 27.59 -11.89 5.42
N ARG E 258 26.55 -11.80 6.26
CA ARG E 258 25.40 -12.69 6.19
C ARG E 258 24.08 -11.94 6.38
N GLY E 259 23.03 -12.50 5.80
CA GLY E 259 21.70 -11.90 5.86
C GLY E 259 20.60 -12.88 5.48
N LEU E 260 19.37 -12.54 5.86
CA LEU E 260 18.22 -13.43 5.68
C LEU E 260 17.55 -13.22 4.32
N GLY E 261 17.57 -14.25 3.48
CA GLY E 261 16.91 -14.22 2.18
C GLY E 261 15.44 -14.58 2.27
N ILE E 262 14.58 -13.60 2.02
CA ILE E 262 13.12 -13.79 2.04
C ILE E 262 12.56 -13.80 0.60
N GLN E 263 11.64 -14.73 0.32
CA GLN E 263 10.88 -14.72 -0.92
C GLN E 263 9.42 -14.53 -0.58
N SER E 264 8.83 -13.43 -1.02
CA SER E 264 7.44 -13.11 -0.69
C SER E 264 6.84 -12.09 -1.66
N GLU E 265 5.51 -12.09 -1.73
CA GLU E 265 4.74 -11.15 -2.55
C GLU E 265 4.21 -9.95 -1.76
N ALA E 266 4.29 -10.01 -0.43
CA ALA E 266 3.64 -9.01 0.44
C ALA E 266 4.48 -7.73 0.59
N PRO E 267 3.81 -6.58 0.82
CA PRO E 267 4.50 -5.28 0.89
C PRO E 267 5.28 -5.04 2.19
N ILE E 268 6.25 -4.13 2.12
CA ILE E 268 7.10 -3.77 3.28
C ILE E 268 6.30 -2.92 4.28
N ASP E 269 6.67 -3.05 5.56
CA ASP E 269 6.14 -2.24 6.65
C ASP E 269 7.28 -1.98 7.64
N ASN E 270 7.65 -0.71 7.83
CA ASN E 270 8.75 -0.34 8.73
C ASN E 270 8.34 -0.03 10.18
N SER E 271 7.05 -0.11 10.49
CA SER E 271 6.57 0.03 11.88
C SER E 271 6.63 -1.33 12.60
N CYS E 272 6.10 -2.36 11.94
CA CYS E 272 6.10 -3.73 12.47
C CYS E 272 7.50 -4.34 12.53
N GLU E 273 7.75 -5.14 13.57
CA GLU E 273 9.01 -5.86 13.78
C GLU E 273 8.74 -7.36 13.82
N SER E 274 9.64 -8.17 13.25
CA SER E 274 9.47 -9.63 13.22
C SER E 274 10.78 -10.39 13.05
N LYS E 275 10.73 -11.68 13.39
CA LYS E 275 11.85 -12.60 13.19
C LYS E 275 11.54 -13.83 12.32
N CYS E 276 10.28 -13.99 11.91
CA CYS E 276 9.82 -15.14 11.12
C CYS E 276 9.00 -14.66 9.91
N PHE E 277 9.27 -15.24 8.74
CA PHE E 277 8.68 -14.78 7.48
C PHE E 277 8.31 -15.95 6.58
N TRP E 278 7.30 -15.74 5.74
CA TRP E 278 6.89 -16.69 4.72
C TRP E 278 6.41 -15.96 3.49
N ARG E 279 6.05 -16.70 2.43
CA ARG E 279 5.57 -16.12 1.17
C ARG E 279 4.45 -15.10 1.37
N GLY E 280 3.44 -15.48 2.14
CA GLY E 280 2.31 -14.62 2.46
C GLY E 280 2.55 -13.45 3.39
N GLY E 281 3.64 -13.47 4.18
CA GLY E 281 3.96 -12.36 5.08
C GLY E 281 4.90 -12.67 6.23
N SER E 282 4.56 -12.14 7.41
CA SER E 282 5.36 -12.29 8.63
C SER E 282 4.53 -12.91 9.74
N ILE E 283 5.16 -13.77 10.55
CA ILE E 283 4.49 -14.44 11.67
C ILE E 283 5.11 -13.90 12.95
N ASN E 284 4.30 -13.17 13.71
CA ASN E 284 4.75 -12.45 14.92
C ASN E 284 4.35 -13.12 16.23
N THR E 285 3.60 -14.21 16.15
CA THR E 285 2.99 -14.84 17.32
C THR E 285 4.01 -15.36 18.34
N ARG E 286 3.65 -15.26 19.61
CA ARG E 286 4.42 -15.86 20.71
C ARG E 286 4.08 -17.36 20.87
N LEU E 287 3.02 -17.81 20.21
CA LEU E 287 2.57 -19.19 20.27
C LEU E 287 3.61 -20.15 19.67
N PRO E 288 3.65 -21.40 20.17
CA PRO E 288 4.69 -22.38 19.78
C PRO E 288 4.56 -22.99 18.38
N PHE E 289 3.32 -23.13 17.90
CA PHE E 289 3.05 -23.77 16.61
C PHE E 289 2.28 -22.82 15.70
N GLN E 290 2.29 -23.13 14.40
CA GLN E 290 1.46 -22.42 13.40
C GLN E 290 1.09 -23.37 12.29
N ASN E 291 0.02 -23.04 11.56
CA ASN E 291 -0.44 -23.85 10.41
C ASN E 291 -0.58 -23.03 9.12
N LEU E 292 0.17 -21.93 9.02
CA LEU E 292 0.11 -21.03 7.86
C LEU E 292 0.86 -21.60 6.66
N SER E 293 2.06 -22.14 6.90
CA SER E 293 2.87 -22.73 5.83
C SER E 293 3.99 -23.60 6.40
N PRO E 294 4.33 -24.71 5.72
CA PRO E 294 5.54 -25.45 6.09
C PRO E 294 6.83 -24.74 5.71
N ARG E 295 6.78 -23.89 4.69
CA ARG E 295 7.94 -23.14 4.22
C ARG E 295 7.98 -21.76 4.87
N THR E 296 8.89 -21.59 5.83
CA THR E 296 9.16 -20.31 6.47
C THR E 296 10.67 -20.09 6.58
N VAL E 297 11.07 -18.89 6.96
CA VAL E 297 12.48 -18.55 7.20
C VAL E 297 12.59 -17.65 8.44
N GLY E 298 13.75 -17.73 9.08
CA GLY E 298 14.01 -17.01 10.33
C GLY E 298 13.78 -17.87 11.57
N GLN E 299 13.40 -17.23 12.67
CA GLN E 299 13.17 -17.90 13.95
C GLN E 299 11.68 -18.13 14.11
N CYS E 300 11.23 -19.34 13.77
CA CYS E 300 9.82 -19.59 13.52
C CYS E 300 9.15 -20.58 14.46
N PRO E 301 7.83 -20.40 14.69
CA PRO E 301 7.01 -21.48 15.26
C PRO E 301 6.97 -22.67 14.31
N LYS E 302 6.79 -23.87 14.85
CA LYS E 302 6.83 -25.09 14.06
C LYS E 302 5.52 -25.35 13.33
N TYR E 303 5.62 -25.78 12.06
CA TYR E 303 4.44 -26.06 11.26
C TYR E 303 3.75 -27.36 11.71
N VAL E 304 2.44 -27.29 11.86
CA VAL E 304 1.63 -28.45 12.27
C VAL E 304 0.38 -28.57 11.39
N ASN E 305 -0.17 -29.78 11.30
CA ASN E 305 -1.40 -30.05 10.53
C ASN E 305 -2.62 -29.98 11.44
N LYS E 306 -2.79 -28.83 12.10
CA LYS E 306 -3.87 -28.64 13.06
C LYS E 306 -4.52 -27.28 12.84
N LYS E 307 -5.84 -27.26 12.85
CA LYS E 307 -6.59 -26.01 12.87
C LYS E 307 -6.37 -25.33 14.21
N SER E 308 -6.65 -26.08 15.28
CA SER E 308 -6.58 -25.58 16.65
C SER E 308 -6.15 -26.68 17.62
N LEU E 309 -5.30 -26.32 18.59
CA LEU E 309 -4.98 -27.14 19.75
C LEU E 309 -5.14 -26.30 21.01
N MET E 310 -6.22 -26.54 21.75
CA MET E 310 -6.52 -25.75 22.94
C MET E 310 -5.86 -26.31 24.18
N LEU E 311 -5.11 -25.46 24.87
CA LEU E 311 -4.41 -25.80 26.10
C LEU E 311 -5.25 -25.30 27.27
N ALA E 312 -5.69 -26.24 28.11
CA ALA E 312 -6.50 -25.91 29.28
C ALA E 312 -5.73 -25.01 30.23
N THR E 313 -6.35 -23.90 30.59
CA THR E 313 -5.81 -22.95 31.57
C THR E 313 -6.74 -22.90 32.79
N GLY E 314 -7.39 -24.04 33.08
CA GLY E 314 -8.37 -24.12 34.15
C GLY E 314 -8.84 -25.53 34.43
N MET E 315 -9.55 -25.67 35.55
CA MET E 315 -10.08 -26.96 36.00
C MET E 315 -11.27 -27.41 35.16
N ARG E 316 -11.75 -28.61 35.46
CA ARG E 316 -13.01 -29.12 34.91
C ARG E 316 -14.15 -28.16 35.22
N ASN E 317 -14.96 -27.86 34.20
CA ASN E 317 -16.13 -27.02 34.38
C ASN E 317 -17.34 -27.91 34.60
N VAL E 318 -17.85 -27.91 35.83
CA VAL E 318 -19.04 -28.68 36.19
C VAL E 318 -20.13 -27.65 36.53
N PRO E 319 -20.98 -27.29 35.55
CA PRO E 319 -21.94 -26.20 35.77
C PRO E 319 -23.12 -26.62 36.64
N GLU E 320 -23.81 -25.62 37.21
CA GLU E 320 -25.03 -25.84 38.00
C GLU E 320 -26.22 -26.10 37.09
N GLY F 1 -12.57 -38.04 38.55
CA GLY F 1 -11.13 -37.96 38.13
C GLY F 1 -10.18 -38.49 39.17
N LEU F 2 -8.89 -38.22 38.96
CA LEU F 2 -7.81 -38.84 39.74
C LEU F 2 -7.93 -38.72 41.26
N PHE F 3 -8.30 -37.53 41.74
CA PHE F 3 -8.41 -37.30 43.19
C PHE F 3 -9.85 -37.33 43.73
N GLY F 4 -10.82 -37.54 42.84
CA GLY F 4 -12.18 -37.84 43.22
C GLY F 4 -13.01 -36.71 43.81
N ALA F 5 -12.49 -35.47 43.76
CA ALA F 5 -13.15 -34.33 44.39
C ALA F 5 -13.91 -33.48 43.37
N ILE F 6 -13.20 -32.78 42.49
CA ILE F 6 -13.86 -32.02 41.42
C ILE F 6 -14.43 -33.02 40.41
N ALA F 7 -15.69 -32.81 40.03
CA ALA F 7 -16.46 -33.77 39.23
C ALA F 7 -16.55 -35.15 39.90
N GLY F 8 -16.53 -35.17 41.23
CA GLY F 8 -16.51 -36.41 42.01
C GLY F 8 -17.50 -36.30 43.15
N PHE F 9 -17.03 -36.32 44.39
CA PHE F 9 -17.93 -36.18 45.55
C PHE F 9 -18.51 -34.76 45.65
N ILE F 10 -17.79 -33.76 45.16
CA ILE F 10 -18.35 -32.43 44.95
C ILE F 10 -19.21 -32.50 43.68
N GLU F 11 -20.53 -32.44 43.86
CA GLU F 11 -21.51 -32.66 42.78
C GLU F 11 -21.39 -31.69 41.62
N ASN F 12 -21.09 -30.43 41.92
CA ASN F 12 -20.99 -29.40 40.88
C ASN F 12 -20.19 -28.18 41.36
N GLY F 13 -19.83 -27.34 40.41
CA GLY F 13 -19.14 -26.08 40.71
C GLY F 13 -20.09 -25.00 41.15
N TRP F 14 -19.51 -23.88 41.59
CA TRP F 14 -20.25 -22.69 42.02
C TRP F 14 -19.99 -21.56 41.03
N GLU F 15 -20.94 -21.33 40.12
CA GLU F 15 -20.88 -20.17 39.20
C GLU F 15 -20.87 -18.84 39.96
N GLY F 16 -21.62 -18.79 41.07
CA GLY F 16 -21.67 -17.64 41.96
C GLY F 16 -20.32 -17.15 42.46
N MET F 17 -19.40 -18.08 42.75
CA MET F 17 -18.06 -17.72 43.22
C MET F 17 -17.20 -17.20 42.06
N VAL F 18 -16.83 -15.92 42.14
CA VAL F 18 -16.06 -15.24 41.09
C VAL F 18 -14.74 -14.61 41.58
N ASP F 19 -14.40 -14.80 42.85
CA ASP F 19 -13.22 -14.17 43.47
C ASP F 19 -12.22 -15.24 43.94
N GLY F 20 -12.24 -16.39 43.29
CA GLY F 20 -11.43 -17.54 43.68
C GLY F 20 -11.79 -18.79 42.91
N TRP F 21 -10.87 -19.75 42.90
CA TRP F 21 -11.06 -21.03 42.20
C TRP F 21 -11.69 -22.04 43.15
N TYR F 22 -11.16 -22.08 44.37
CA TYR F 22 -11.70 -22.90 45.46
C TYR F 22 -12.20 -21.98 46.57
N GLY F 23 -13.11 -22.49 47.40
CA GLY F 23 -13.65 -21.70 48.51
C GLY F 23 -14.65 -22.41 49.40
N PHE F 24 -15.24 -21.64 50.31
CA PHE F 24 -16.14 -22.15 51.34
C PHE F 24 -17.57 -21.66 51.19
N ARG F 25 -18.52 -22.41 51.74
CA ARG F 25 -19.90 -21.95 51.91
C ARG F 25 -20.45 -22.47 53.23
N HIS F 26 -20.46 -21.63 54.25
CA HIS F 26 -20.96 -22.01 55.57
C HIS F 26 -22.48 -21.88 55.71
N GLN F 27 -22.99 -22.46 56.79
CA GLN F 27 -24.40 -22.34 57.17
C GLN F 27 -24.52 -22.66 58.66
N ASN F 28 -24.80 -21.63 59.47
CA ASN F 28 -24.93 -21.77 60.92
C ASN F 28 -26.26 -21.17 61.38
N ALA F 29 -26.48 -21.17 62.70
CA ALA F 29 -27.64 -20.50 63.31
C ALA F 29 -27.74 -19.03 62.89
N GLN F 30 -26.61 -18.35 62.76
CA GLN F 30 -26.54 -16.94 62.34
C GLN F 30 -27.00 -16.74 60.89
N GLY F 31 -26.48 -17.53 59.96
CA GLY F 31 -26.94 -17.49 58.54
C GLY F 31 -25.96 -18.01 57.50
N THR F 32 -26.43 -18.08 56.26
CA THR F 32 -25.63 -18.53 55.10
C THR F 32 -24.56 -17.50 54.73
N GLY F 33 -23.45 -17.98 54.18
CA GLY F 33 -22.39 -17.12 53.63
C GLY F 33 -21.52 -17.80 52.59
N GLN F 34 -20.50 -17.08 52.12
CA GLN F 34 -19.56 -17.60 51.11
C GLN F 34 -18.24 -16.84 51.14
N ALA F 35 -17.15 -17.55 50.84
CA ALA F 35 -15.82 -16.97 50.77
C ALA F 35 -14.94 -17.76 49.81
N ALA F 36 -13.71 -17.29 49.60
CA ALA F 36 -12.75 -17.95 48.72
C ALA F 36 -11.43 -18.14 49.45
N ASP F 37 -10.74 -19.24 49.14
CA ASP F 37 -9.43 -19.52 49.72
C ASP F 37 -8.34 -19.04 48.75
N TYR F 38 -7.51 -18.12 49.22
CA TYR F 38 -6.46 -17.52 48.38
C TYR F 38 -5.31 -18.50 48.16
N LYS F 39 -4.83 -19.12 49.24
CA LYS F 39 -3.63 -19.97 49.20
C LYS F 39 -3.73 -21.07 48.15
N SER F 40 -4.85 -21.80 48.15
CA SER F 40 -5.08 -22.89 47.20
C SER F 40 -5.42 -22.40 45.78
N THR F 41 -6.14 -21.30 45.68
CA THR F 41 -6.43 -20.66 44.39
C THR F 41 -5.15 -20.24 43.65
N GLN F 42 -4.21 -19.64 44.37
CA GLN F 42 -2.93 -19.24 43.78
C GLN F 42 -1.99 -20.41 43.49
N ALA F 43 -2.09 -21.49 44.27
CA ALA F 43 -1.29 -22.69 44.03
C ALA F 43 -1.58 -23.31 42.67
N ALA F 44 -2.86 -23.33 42.29
CA ALA F 44 -3.29 -23.80 40.99
C ALA F 44 -2.89 -22.85 39.86
N ILE F 45 -3.14 -21.55 40.08
CA ILE F 45 -2.85 -20.51 39.10
C ILE F 45 -1.33 -20.42 38.84
N ASP F 46 -0.52 -20.43 39.89
CA ASP F 46 0.95 -20.46 39.76
C ASP F 46 1.44 -21.67 38.95
N GLN F 47 0.82 -22.83 39.14
CA GLN F 47 1.19 -24.04 38.41
C GLN F 47 0.82 -23.97 36.93
N ILE F 48 -0.33 -23.35 36.63
CA ILE F 48 -0.75 -23.11 35.26
C ILE F 48 0.13 -22.06 34.56
N THR F 49 0.53 -21.02 35.29
CA THR F 49 1.44 -20.01 34.76
C THR F 49 2.78 -20.64 34.34
N GLY F 50 3.30 -21.51 35.20
CA GLY F 50 4.52 -22.27 34.91
C GLY F 50 4.45 -23.09 33.63
N LYS F 51 3.29 -23.69 33.38
CA LYS F 51 3.03 -24.41 32.13
C LYS F 51 3.08 -23.49 30.93
N LEU F 52 2.40 -22.35 31.06
CA LEU F 52 2.35 -21.37 29.98
C LEU F 52 3.72 -20.74 29.68
N ASN F 53 4.53 -20.48 30.71
CA ASN F 53 5.90 -19.98 30.49
C ASN F 53 6.76 -20.94 29.67
N ARG F 54 6.58 -22.25 29.88
CA ARG F 54 7.36 -23.27 29.19
C ARG F 54 6.81 -23.55 27.80
N ILE F 55 5.49 -23.62 27.67
CA ILE F 55 4.84 -24.01 26.41
C ILE F 55 4.74 -22.87 25.40
N ILE F 56 4.36 -21.67 25.84
CA ILE F 56 4.17 -20.51 24.94
C ILE F 56 5.54 -19.92 24.61
N LYS F 57 6.21 -20.55 23.65
CA LYS F 57 7.63 -20.34 23.40
C LYS F 57 8.01 -20.99 22.08
N LYS F 58 8.90 -20.31 21.34
CA LYS F 58 9.46 -20.85 20.10
C LYS F 58 10.97 -20.97 20.25
N THR F 59 11.59 -21.78 19.40
CA THR F 59 13.04 -21.92 19.39
C THR F 59 13.68 -20.68 18.74
N ASN F 60 14.93 -20.41 19.12
CA ASN F 60 15.70 -19.28 18.57
C ASN F 60 16.62 -19.68 17.40
N THR F 61 16.43 -20.88 16.85
CA THR F 61 17.20 -21.35 15.70
C THR F 61 16.79 -20.60 14.45
N GLU F 62 17.76 -20.00 13.77
CA GLU F 62 17.54 -19.33 12.48
C GLU F 62 17.54 -20.38 11.38
N PHE F 63 16.41 -20.49 10.68
CA PHE F 63 16.28 -21.40 9.54
C PHE F 63 16.26 -20.60 8.24
N GLU F 64 17.11 -20.99 7.30
CA GLU F 64 17.13 -20.40 5.95
C GLU F 64 16.27 -21.23 5.01
N SER F 65 16.04 -20.68 3.82
CA SER F 65 15.21 -21.34 2.81
C SER F 65 15.99 -22.44 2.11
N ILE F 66 15.35 -23.61 1.95
CA ILE F 66 15.89 -24.70 1.10
C ILE F 66 14.98 -25.09 -0.08
N GLU F 67 13.78 -24.53 -0.15
CA GLU F 67 12.89 -24.67 -1.30
C GLU F 67 12.60 -23.27 -1.84
N SER F 68 12.88 -23.06 -3.12
CA SER F 68 12.54 -21.78 -3.78
C SER F 68 11.04 -21.67 -4.01
N GLU F 69 10.50 -20.49 -3.72
CA GLU F 69 9.09 -20.20 -3.92
C GLU F 69 8.78 -20.06 -5.41
N PHE F 70 9.63 -19.32 -6.12
CA PHE F 70 9.34 -18.84 -7.47
C PHE F 70 9.95 -19.70 -8.58
N SER F 71 11.22 -20.06 -8.45
CA SER F 71 11.90 -20.90 -9.46
C SER F 71 11.79 -22.39 -9.13
N GLU F 72 11.72 -23.23 -10.17
CA GLU F 72 11.65 -24.68 -10.01
C GLU F 72 13.00 -25.25 -9.58
N ILE F 73 12.96 -26.23 -8.68
CA ILE F 73 14.14 -26.82 -8.06
C ILE F 73 14.40 -28.19 -8.69
N ASP F 74 15.66 -28.61 -8.70
CA ASP F 74 16.05 -29.96 -9.13
C ASP F 74 15.10 -30.99 -8.51
N HIS F 75 14.63 -31.91 -9.34
CA HIS F 75 13.48 -32.74 -8.97
C HIS F 75 13.83 -33.80 -7.92
N GLN F 76 15.03 -34.37 -8.00
CA GLN F 76 15.46 -35.42 -7.08
C GLN F 76 15.72 -34.88 -5.66
N ILE F 77 16.46 -33.77 -5.57
CA ILE F 77 16.72 -33.10 -4.28
C ILE F 77 15.43 -32.50 -3.69
N GLY F 78 14.53 -32.02 -4.55
CA GLY F 78 13.25 -31.48 -4.11
C GLY F 78 12.35 -32.53 -3.49
N ASN F 79 12.43 -33.76 -4.00
CA ASN F 79 11.71 -34.90 -3.42
C ASN F 79 12.28 -35.31 -2.06
N VAL F 80 13.61 -35.23 -1.90
CA VAL F 80 14.27 -35.46 -0.61
C VAL F 80 13.82 -34.43 0.41
N ILE F 81 13.69 -33.17 -0.02
CA ILE F 81 13.25 -32.07 0.84
C ILE F 81 11.79 -32.26 1.28
N ASN F 82 10.92 -32.54 0.31
CA ASN F 82 9.50 -32.80 0.59
C ASN F 82 9.29 -33.98 1.56
N TRP F 83 10.06 -35.04 1.38
CA TRP F 83 10.03 -36.18 2.29
C TRP F 83 10.45 -35.75 3.70
N THR F 84 11.54 -34.99 3.79
CA THR F 84 12.07 -34.53 5.08
C THR F 84 11.10 -33.56 5.78
N LYS F 85 10.57 -32.57 5.05
CA LYS F 85 9.65 -31.59 5.65
C LYS F 85 8.32 -32.21 6.09
N ASP F 86 7.80 -33.15 5.31
CA ASP F 86 6.57 -33.87 5.69
C ASP F 86 6.77 -34.80 6.89
N SER F 87 7.94 -35.45 6.96
CA SER F 87 8.32 -36.26 8.12
C SER F 87 8.46 -35.43 9.40
N ILE F 88 9.21 -34.33 9.30
CA ILE F 88 9.41 -33.39 10.42
C ILE F 88 8.09 -32.79 10.89
N THR F 89 7.19 -32.51 9.95
CA THR F 89 5.87 -31.96 10.27
C THR F 89 5.00 -32.98 11.04
N ASP F 90 5.02 -34.23 10.58
CA ASP F 90 4.34 -35.32 11.28
C ASP F 90 4.82 -35.43 12.72
N ILE F 91 6.13 -35.32 12.92
CA ILE F 91 6.73 -35.37 14.26
C ILE F 91 6.22 -34.20 15.12
N TRP F 92 6.32 -32.98 14.60
CA TRP F 92 5.86 -31.78 15.33
C TRP F 92 4.36 -31.74 15.59
N THR F 93 3.56 -32.22 14.63
CA THR F 93 2.11 -32.31 14.82
C THR F 93 1.78 -33.27 15.94
N TYR F 94 2.41 -34.45 15.87
CA TYR F 94 2.26 -35.50 16.89
C TYR F 94 2.72 -35.03 18.27
N GLN F 95 3.88 -34.38 18.34
CA GLN F 95 4.41 -33.87 19.61
C GLN F 95 3.55 -32.75 20.19
N ALA F 96 2.95 -31.94 19.31
CA ALA F 96 2.03 -30.88 19.71
C ALA F 96 0.71 -31.44 20.25
N GLU F 97 0.16 -32.46 19.59
CA GLU F 97 -1.05 -33.15 20.07
C GLU F 97 -0.82 -33.86 21.40
N LEU F 98 0.34 -34.51 21.54
CA LEU F 98 0.69 -35.26 22.75
C LEU F 98 0.92 -34.33 23.94
N LEU F 99 1.68 -33.26 23.70
CA LEU F 99 1.99 -32.26 24.72
C LEU F 99 0.72 -31.68 25.33
N VAL F 100 -0.15 -31.17 24.48
CA VAL F 100 -1.34 -30.45 24.92
C VAL F 100 -2.30 -31.41 25.64
N ALA F 101 -2.56 -32.56 25.02
CA ALA F 101 -3.38 -33.61 25.64
C ALA F 101 -2.86 -34.03 27.01
N MET F 102 -1.56 -34.26 27.11
CA MET F 102 -0.93 -34.65 28.36
C MET F 102 -1.02 -33.55 29.41
N GLU F 103 -0.73 -32.32 29.01
CA GLU F 103 -0.78 -31.17 29.92
C GLU F 103 -2.18 -30.84 30.38
N ASN F 104 -3.17 -31.06 29.52
CA ASN F 104 -4.57 -30.87 29.90
C ASN F 104 -4.99 -31.86 30.97
N GLN F 105 -4.57 -33.11 30.84
CA GLN F 105 -4.82 -34.16 31.82
C GLN F 105 -4.20 -33.83 33.17
N HIS F 106 -2.97 -33.31 33.15
CA HIS F 106 -2.26 -32.90 34.37
C HIS F 106 -2.90 -31.65 34.98
N THR F 107 -3.33 -30.70 34.15
CA THR F 107 -4.00 -29.47 34.64
C THR F 107 -5.31 -29.79 35.36
N ILE F 108 -6.14 -30.60 34.72
CA ILE F 108 -7.41 -31.03 35.31
C ILE F 108 -7.22 -31.76 36.64
N ASP F 109 -6.30 -32.72 36.67
CA ASP F 109 -6.05 -33.50 37.89
C ASP F 109 -5.34 -32.68 38.96
N MET F 110 -4.41 -31.81 38.57
CA MET F 110 -3.72 -30.89 39.50
C MET F 110 -4.73 -30.01 40.24
N ALA F 111 -5.72 -29.52 39.49
CA ALA F 111 -6.80 -28.73 40.06
C ALA F 111 -7.65 -29.55 41.01
N ASP F 112 -7.97 -30.78 40.60
CA ASP F 112 -8.67 -31.74 41.45
C ASP F 112 -7.89 -32.00 42.75
N SER F 113 -6.56 -32.10 42.65
CA SER F 113 -5.72 -32.36 43.83
C SER F 113 -5.71 -31.20 44.83
N GLU F 114 -5.67 -29.96 44.33
CA GLU F 114 -5.70 -28.78 45.20
C GLU F 114 -7.06 -28.59 45.88
N MET F 115 -8.14 -28.99 45.21
CA MET F 115 -9.47 -29.07 45.83
C MET F 115 -9.46 -30.05 47.01
N LEU F 116 -8.97 -31.26 46.79
CA LEU F 116 -8.89 -32.31 47.81
C LEU F 116 -8.01 -31.92 49.00
N ASN F 117 -6.86 -31.32 48.71
CA ASN F 117 -5.91 -30.90 49.76
C ASN F 117 -6.53 -29.89 50.72
N LEU F 118 -7.34 -28.98 50.18
CA LEU F 118 -8.06 -28.00 51.00
C LEU F 118 -9.06 -28.72 51.90
N TYR F 119 -9.87 -29.60 51.30
CA TYR F 119 -10.82 -30.46 52.03
C TYR F 119 -10.12 -31.24 53.14
N GLU F 120 -9.02 -31.92 52.80
CA GLU F 120 -8.25 -32.70 53.79
C GLU F 120 -7.64 -31.86 54.89
N ARG F 121 -7.29 -30.61 54.59
CA ARG F 121 -6.74 -29.70 55.59
C ARG F 121 -7.84 -29.28 56.59
N VAL F 122 -9.05 -29.05 56.09
CA VAL F 122 -10.20 -28.72 56.94
C VAL F 122 -10.63 -29.89 57.83
N ARG F 123 -10.67 -31.11 57.26
CA ARG F 123 -11.04 -32.31 58.02
C ARG F 123 -10.14 -32.53 59.24
N LYS F 124 -8.84 -32.33 59.06
CA LYS F 124 -7.87 -32.50 60.12
C LYS F 124 -7.91 -31.39 61.18
N GLN F 125 -8.28 -30.17 60.77
CA GLN F 125 -8.55 -29.08 61.74
C GLN F 125 -9.71 -29.46 62.63
N LEU F 126 -10.84 -29.78 62.00
CA LEU F 126 -12.09 -30.06 62.70
C LEU F 126 -12.01 -31.33 63.56
N ARG F 127 -11.12 -32.26 63.18
CA ARG F 127 -10.76 -33.40 64.01
C ARG F 127 -12.02 -34.20 64.42
N GLN F 128 -12.36 -34.25 65.71
CA GLN F 128 -13.51 -35.03 66.17
C GLN F 128 -14.75 -34.17 66.38
N ASN F 129 -14.67 -32.88 66.08
CA ASN F 129 -15.80 -31.98 66.30
C ASN F 129 -16.74 -31.92 65.10
N ALA F 130 -16.37 -32.59 64.00
CA ALA F 130 -17.21 -32.63 62.79
C ALA F 130 -17.17 -33.99 62.12
N GLU F 131 -18.11 -34.20 61.21
CA GLU F 131 -18.23 -35.43 60.44
C GLU F 131 -18.46 -35.12 58.98
N GLU F 132 -17.90 -35.96 58.11
CA GLU F 132 -17.99 -35.75 56.67
C GLU F 132 -19.39 -36.02 56.14
N ASP F 133 -19.89 -35.08 55.35
CA ASP F 133 -21.23 -35.13 54.76
C ASP F 133 -21.30 -36.15 53.63
N GLY F 134 -20.24 -36.20 52.82
CA GLY F 134 -20.19 -37.04 51.62
C GLY F 134 -20.23 -36.23 50.34
N LYS F 135 -20.66 -34.98 50.42
CA LYS F 135 -20.81 -34.11 49.26
C LYS F 135 -19.84 -32.93 49.28
N GLY F 136 -18.75 -33.05 50.05
CA GLY F 136 -17.79 -31.97 50.22
C GLY F 136 -18.00 -31.10 51.46
N CYS F 137 -19.09 -31.36 52.20
CA CYS F 137 -19.43 -30.58 53.40
C CYS F 137 -18.98 -31.29 54.67
N PHE F 138 -18.84 -30.52 55.74
CA PHE F 138 -18.62 -31.03 57.09
C PHE F 138 -19.77 -30.56 57.99
N GLU F 139 -20.52 -31.51 58.53
CA GLU F 139 -21.50 -31.21 59.57
C GLU F 139 -20.74 -31.04 60.89
N ILE F 140 -20.86 -29.86 61.50
CA ILE F 140 -20.12 -29.49 62.71
C ILE F 140 -21.05 -29.61 63.90
N TYR F 141 -20.62 -30.34 64.92
CA TYR F 141 -21.48 -30.68 66.06
C TYR F 141 -21.32 -29.69 67.24
N HIS F 142 -21.25 -28.41 66.92
CA HIS F 142 -21.32 -27.35 67.92
C HIS F 142 -21.80 -26.06 67.27
N ALA F 143 -22.16 -25.09 68.11
CA ALA F 143 -22.55 -23.77 67.64
C ALA F 143 -21.30 -23.07 67.10
N CYS F 144 -21.21 -22.98 65.78
CA CYS F 144 -20.09 -22.34 65.11
C CYS F 144 -20.59 -21.07 64.42
N ASP F 145 -20.41 -19.95 65.11
CA ASP F 145 -20.81 -18.63 64.59
C ASP F 145 -19.85 -18.09 63.52
N ASP F 146 -20.19 -16.95 62.92
CA ASP F 146 -19.38 -16.32 61.86
C ASP F 146 -17.91 -16.07 62.24
N SER F 147 -17.63 -15.89 63.52
CA SER F 147 -16.24 -15.83 64.01
C SER F 147 -15.58 -17.22 64.02
N CYS F 148 -16.34 -18.24 64.42
CA CYS F 148 -15.87 -19.64 64.39
C CYS F 148 -15.62 -20.11 62.94
N MET F 149 -16.56 -19.82 62.04
CA MET F 149 -16.41 -20.17 60.62
C MET F 149 -15.17 -19.53 60.00
N GLU F 150 -14.90 -18.28 60.33
CA GLU F 150 -13.72 -17.57 59.83
C GLU F 150 -12.42 -18.16 60.40
N SER F 151 -12.47 -18.68 61.62
CA SER F 151 -11.31 -19.36 62.23
C SER F 151 -10.93 -20.64 61.49
N ILE F 152 -11.92 -21.35 60.95
CA ILE F 152 -11.69 -22.54 60.14
C ILE F 152 -11.05 -22.15 58.80
N ARG F 153 -11.65 -21.18 58.11
CA ARG F 153 -11.14 -20.67 56.83
C ARG F 153 -9.71 -20.14 56.92
N ASN F 154 -9.37 -19.46 58.02
CA ASN F 154 -8.05 -18.85 58.20
C ASN F 154 -7.03 -19.79 58.89
N ASN F 155 -7.38 -21.06 59.06
CA ASN F 155 -6.50 -22.08 59.68
C ASN F 155 -6.09 -21.75 61.13
N THR F 156 -7.02 -21.15 61.89
CA THR F 156 -6.81 -20.85 63.32
C THR F 156 -7.83 -21.53 64.27
N TYR F 157 -8.70 -22.39 63.73
CA TYR F 157 -9.66 -23.16 64.53
C TYR F 157 -8.94 -24.19 65.43
N ASP F 158 -9.08 -24.01 66.75
CA ASP F 158 -8.55 -24.96 67.74
C ASP F 158 -9.68 -25.94 68.13
N HIS F 159 -9.52 -27.20 67.73
CA HIS F 159 -10.52 -28.25 67.98
C HIS F 159 -10.84 -28.47 69.47
N SER F 160 -9.81 -28.39 70.32
CA SER F 160 -9.95 -28.70 71.74
C SER F 160 -10.88 -27.75 72.51
N GLN F 161 -11.04 -26.53 71.99
CA GLN F 161 -11.96 -25.55 72.57
C GLN F 161 -13.42 -26.01 72.46
N TYR F 162 -13.80 -26.57 71.31
CA TYR F 162 -15.17 -27.00 71.05
C TYR F 162 -15.38 -28.51 71.24
N ARG F 163 -14.38 -29.22 71.76
CA ARG F 163 -14.39 -30.69 71.81
C ARG F 163 -15.52 -31.25 72.68
N GLU F 164 -15.74 -30.65 73.85
CA GLU F 164 -16.72 -31.18 74.82
C GLU F 164 -18.15 -31.03 74.35
N GLU F 165 -18.49 -29.85 73.84
CA GLU F 165 -19.80 -29.63 73.20
C GLU F 165 -20.01 -30.61 72.04
N ALA F 166 -18.95 -30.84 71.27
CA ALA F 166 -19.01 -31.68 70.06
C ALA F 166 -19.19 -33.16 70.34
N LEU F 167 -18.36 -33.73 71.22
CA LEU F 167 -18.48 -35.15 71.58
C LEU F 167 -19.86 -35.51 72.14
N LEU F 168 -20.46 -34.61 72.92
CA LEU F 168 -21.82 -34.82 73.44
C LEU F 168 -22.87 -34.89 72.33
N ASN F 169 -22.85 -33.91 71.43
CA ASN F 169 -23.84 -33.84 70.35
C ASN F 169 -23.71 -34.99 69.34
N ARG F 170 -22.48 -35.45 69.12
CA ARG F 170 -22.22 -36.62 68.27
C ARG F 170 -22.74 -37.92 68.87
N LEU F 171 -22.45 -38.14 70.15
CA LEU F 171 -22.96 -39.31 70.87
C LEU F 171 -24.46 -39.24 71.17
N ASN F 172 -24.98 -38.02 71.38
CA ASN F 172 -26.41 -37.79 71.67
C ASN F 172 -26.85 -38.50 72.96
N ASP G 1 -45.45 11.76 42.44
CA ASP G 1 -46.69 12.38 43.06
C ASP G 1 -47.38 13.41 42.14
N PRO G 2 -46.66 14.46 41.69
CA PRO G 2 -47.31 15.44 40.81
C PRO G 2 -47.39 14.96 39.36
N ASP G 3 -48.36 15.47 38.62
CA ASP G 3 -48.48 15.19 37.18
C ASP G 3 -47.33 15.84 36.42
N LYS G 4 -47.15 15.44 35.16
CA LYS G 4 -46.00 15.86 34.37
C LYS G 4 -46.39 16.13 32.92
N ILE G 5 -45.81 17.18 32.34
CA ILE G 5 -45.88 17.45 30.90
C ILE G 5 -44.46 17.74 30.41
N CYS G 6 -44.06 17.07 29.33
CA CYS G 6 -42.68 17.07 28.87
C CYS G 6 -42.60 17.56 27.45
N LEU G 7 -41.74 18.54 27.21
CA LEU G 7 -41.47 19.04 25.87
C LEU G 7 -40.32 18.27 25.25
N GLY G 8 -40.40 18.04 23.96
CA GLY G 8 -39.39 17.30 23.25
C GLY G 8 -39.47 17.51 21.76
N HIS G 9 -38.58 16.83 21.06
CA HIS G 9 -38.44 16.97 19.61
C HIS G 9 -38.24 15.61 18.97
N HIS G 10 -38.55 15.52 17.68
CA HIS G 10 -38.43 14.27 16.96
C HIS G 10 -36.98 13.87 16.74
N ALA G 11 -36.80 12.58 16.45
CA ALA G 11 -35.51 12.03 16.08
C ALA G 11 -35.75 10.93 15.05
N VAL G 12 -34.66 10.38 14.53
CA VAL G 12 -34.69 9.30 13.54
C VAL G 12 -33.54 8.36 13.85
N ALA G 13 -33.71 7.08 13.48
CA ALA G 13 -32.69 6.06 13.75
C ALA G 13 -31.46 6.27 12.87
N ASN G 14 -31.70 6.49 11.57
CA ASN G 14 -30.62 6.74 10.59
C ASN G 14 -30.49 8.24 10.26
N GLY G 15 -29.60 8.91 10.99
CA GLY G 15 -29.28 10.31 10.75
C GLY G 15 -28.36 10.51 9.55
N THR G 16 -28.01 11.77 9.30
CA THR G 16 -27.11 12.13 8.19
C THR G 16 -26.05 13.13 8.68
N ILE G 17 -24.80 12.89 8.29
CA ILE G 17 -23.67 13.73 8.69
C ILE G 17 -23.59 14.94 7.77
N VAL G 18 -23.49 16.14 8.37
CA VAL G 18 -23.18 17.37 7.65
C VAL G 18 -22.03 18.10 8.35
N LYS G 19 -21.44 19.04 7.62
CA LYS G 19 -20.39 19.90 8.13
C LYS G 19 -21.01 21.26 8.46
N THR G 20 -20.71 21.76 9.66
CA THR G 20 -21.05 23.11 10.10
C THR G 20 -19.77 23.93 10.22
N LEU G 21 -19.91 25.18 10.64
CA LEU G 21 -18.76 26.07 10.85
C LEU G 21 -17.80 25.57 11.94
N THR G 22 -18.35 24.86 12.93
CA THR G 22 -17.59 24.38 14.09
C THR G 22 -17.36 22.87 14.12
N ASN G 23 -18.20 22.10 13.44
CA ASN G 23 -18.22 20.66 13.57
C ASN G 23 -18.18 20.03 12.18
N GLU G 24 -17.22 19.14 11.99
CA GLU G 24 -17.03 18.43 10.73
C GLU G 24 -17.96 17.20 10.64
N GLN G 25 -18.24 16.56 11.78
CA GLN G 25 -19.07 15.35 11.84
C GLN G 25 -20.34 15.59 12.67
N GLU G 26 -21.20 16.47 12.17
CA GLU G 26 -22.45 16.85 12.85
C GLU G 26 -23.65 16.10 12.27
N GLU G 27 -24.26 15.23 13.08
CA GLU G 27 -25.38 14.40 12.65
C GLU G 27 -26.71 15.16 12.77
N VAL G 28 -27.46 15.24 11.67
CA VAL G 28 -28.80 15.87 11.64
C VAL G 28 -29.88 14.88 11.19
N THR G 29 -31.14 15.25 11.38
CA THR G 29 -32.28 14.38 11.07
C THR G 29 -32.47 14.14 9.57
N ASN G 30 -32.15 15.15 8.77
CA ASN G 30 -32.24 15.02 7.32
C ASN G 30 -31.30 16.03 6.64
N ALA G 31 -30.82 15.67 5.46
CA ALA G 31 -29.99 16.55 4.64
C ALA G 31 -30.22 16.27 3.16
N THR G 32 -29.79 17.20 2.30
CA THR G 32 -29.92 17.06 0.85
C THR G 32 -28.68 17.59 0.14
N GLU G 33 -28.37 16.97 -1.00
CA GLU G 33 -27.17 17.28 -1.78
C GLU G 33 -27.31 18.62 -2.50
N THR G 34 -26.20 19.35 -2.61
CA THR G 34 -26.09 20.59 -3.39
C THR G 34 -25.12 20.51 -4.58
N VAL G 35 -24.30 19.47 -4.63
CA VAL G 35 -23.33 19.27 -5.72
C VAL G 35 -23.73 18.06 -6.56
N GLU G 36 -23.96 18.29 -7.86
CA GLU G 36 -24.38 17.22 -8.76
C GLU G 36 -23.19 16.35 -9.21
N SER G 37 -23.29 15.05 -8.95
CA SER G 37 -22.29 14.06 -9.36
C SER G 37 -22.72 13.20 -10.55
N THR G 38 -24.03 13.09 -10.80
CA THR G 38 -24.55 12.21 -11.86
C THR G 38 -24.63 12.97 -13.19
N SER G 39 -24.15 12.32 -14.25
CA SER G 39 -24.06 12.93 -15.59
C SER G 39 -24.73 12.05 -16.63
N LEU G 40 -25.73 12.60 -17.32
CA LEU G 40 -26.36 11.92 -18.45
C LEU G 40 -25.43 12.02 -19.65
N ASN G 41 -25.12 10.88 -20.27
CA ASN G 41 -24.28 10.85 -21.48
C ASN G 41 -25.14 10.90 -22.75
N ARG G 42 -25.99 11.93 -22.82
CA ARG G 42 -26.90 12.16 -23.95
C ARG G 42 -27.14 13.67 -24.09
N LEU G 43 -26.94 14.21 -25.29
CA LEU G 43 -27.25 15.61 -25.58
C LEU G 43 -28.76 15.80 -25.60
N CYS G 44 -29.29 16.57 -24.64
CA CYS G 44 -30.73 16.74 -24.44
C CYS G 44 -31.30 17.89 -25.29
N MET G 45 -31.86 17.53 -26.45
CA MET G 45 -32.27 18.50 -27.48
C MET G 45 -33.77 18.80 -27.58
N LYS G 46 -34.54 18.49 -26.53
CA LYS G 46 -35.98 18.83 -26.52
C LYS G 46 -36.18 20.34 -26.53
N GLY G 47 -37.08 20.81 -27.37
CA GLY G 47 -37.33 22.25 -27.53
C GLY G 47 -36.22 23.03 -28.20
N ARG G 48 -35.32 22.33 -28.91
CA ARG G 48 -34.18 22.95 -29.58
C ARG G 48 -34.16 22.60 -31.07
N ASN G 49 -34.28 23.64 -31.90
CA ASN G 49 -34.03 23.52 -33.34
C ASN G 49 -32.52 23.35 -33.55
N HIS G 50 -32.08 22.10 -33.56
CA HIS G 50 -30.65 21.75 -33.53
C HIS G 50 -30.16 21.06 -34.81
N LYS G 51 -28.85 21.20 -35.07
CA LYS G 51 -28.20 20.55 -36.21
C LYS G 51 -26.99 19.76 -35.74
N ASP G 52 -27.16 18.44 -35.65
CA ASP G 52 -26.03 17.54 -35.41
C ASP G 52 -25.23 17.41 -36.71
N LEU G 53 -24.04 18.02 -36.74
CA LEU G 53 -23.16 17.98 -37.91
C LEU G 53 -22.54 16.61 -38.16
N GLY G 54 -22.40 15.80 -37.12
CA GLY G 54 -21.86 14.44 -37.26
C GLY G 54 -20.48 14.44 -37.89
N ASN G 55 -20.39 13.92 -39.10
CA ASN G 55 -19.13 13.77 -39.82
C ASN G 55 -18.58 15.10 -40.41
N CYS G 56 -19.39 16.17 -40.35
CA CYS G 56 -19.05 17.47 -40.95
C CYS G 56 -18.35 18.40 -39.95
N HIS G 57 -17.26 19.03 -40.38
CA HIS G 57 -16.57 20.08 -39.64
C HIS G 57 -17.17 21.44 -40.05
N PRO G 58 -17.40 22.37 -39.09
CA PRO G 58 -17.99 23.68 -39.41
C PRO G 58 -17.36 24.46 -40.56
N ILE G 59 -16.06 24.29 -40.75
CA ILE G 59 -15.38 24.72 -41.97
C ILE G 59 -15.43 23.51 -42.91
N GLY G 60 -16.09 23.67 -44.05
CA GLY G 60 -16.56 22.52 -44.83
C GLY G 60 -18.05 22.69 -45.05
N MET G 61 -18.71 23.19 -44.02
CA MET G 61 -20.03 23.79 -44.13
C MET G 61 -19.99 24.99 -45.09
N LEU G 62 -18.99 25.85 -44.92
CA LEU G 62 -18.82 27.05 -45.74
C LEU G 62 -18.23 26.80 -47.14
N ILE G 63 -17.48 25.72 -47.31
CA ILE G 63 -16.87 25.37 -48.60
C ILE G 63 -17.49 24.16 -49.31
N GLY G 64 -18.35 23.41 -48.61
CA GLY G 64 -19.10 22.32 -49.23
C GLY G 64 -18.29 21.06 -49.46
N THR G 65 -17.78 20.47 -48.38
CA THR G 65 -17.08 19.19 -48.42
C THR G 65 -18.13 18.06 -48.59
N PRO G 66 -17.79 16.96 -49.30
CA PRO G 66 -18.71 15.83 -49.48
C PRO G 66 -19.46 15.31 -48.23
N ALA G 67 -18.78 15.28 -47.08
CA ALA G 67 -19.42 14.88 -45.83
C ALA G 67 -20.43 15.92 -45.30
N CYS G 68 -20.26 17.18 -45.70
CA CYS G 68 -21.09 18.30 -45.25
C CYS G 68 -22.34 18.60 -46.09
N ASP G 69 -22.55 17.88 -47.19
CA ASP G 69 -23.65 18.17 -48.15
C ASP G 69 -25.02 18.46 -47.53
N LEU G 70 -25.37 17.71 -46.49
CA LEU G 70 -26.66 17.89 -45.79
C LEU G 70 -26.73 19.11 -44.85
N HIS G 71 -25.64 19.85 -44.70
CA HIS G 71 -25.57 20.96 -43.74
C HIS G 71 -25.12 22.31 -44.34
N LEU G 72 -25.12 22.43 -45.67
CA LEU G 72 -24.63 23.65 -46.34
C LEU G 72 -25.44 24.91 -46.01
N THR G 73 -26.69 24.72 -45.64
CA THR G 73 -27.55 25.81 -45.17
C THR G 73 -28.52 25.30 -44.10
N GLY G 74 -29.07 26.25 -43.34
CA GLY G 74 -30.08 25.95 -42.31
C GLY G 74 -30.29 27.10 -41.35
N THR G 75 -31.16 26.86 -40.36
CA THR G 75 -31.33 27.75 -39.21
C THR G 75 -31.37 26.90 -37.95
N TRP G 76 -30.71 27.36 -36.89
CA TRP G 76 -30.63 26.60 -35.64
C TRP G 76 -30.39 27.50 -34.43
N ASP G 77 -30.80 27.01 -33.26
CA ASP G 77 -30.46 27.62 -31.96
C ASP G 77 -29.41 26.77 -31.20
N THR G 78 -28.90 25.72 -31.85
CA THR G 78 -27.84 24.87 -31.30
C THR G 78 -27.05 24.23 -32.44
N LEU G 79 -25.73 24.15 -32.29
CA LEU G 79 -24.87 23.50 -33.28
C LEU G 79 -23.88 22.57 -32.59
N ILE G 80 -23.79 21.33 -33.08
CA ILE G 80 -23.03 20.26 -32.43
C ILE G 80 -21.92 19.75 -33.34
N GLU G 81 -20.66 20.08 -33.01
CA GLU G 81 -19.48 19.52 -33.68
C GLU G 81 -19.16 18.16 -33.07
N ARG G 82 -18.48 17.29 -33.83
CA ARG G 82 -17.99 16.00 -33.33
C ARG G 82 -16.48 15.86 -33.53
N LYS G 83 -15.91 14.85 -32.88
CA LYS G 83 -14.48 14.56 -32.97
C LYS G 83 -14.16 13.94 -34.32
N ASN G 84 -12.96 14.23 -34.83
CA ASN G 84 -12.47 13.73 -36.12
C ASN G 84 -13.37 14.08 -37.31
N ALA G 85 -14.04 15.23 -37.21
CA ALA G 85 -14.98 15.67 -38.23
C ALA G 85 -14.22 16.17 -39.46
N ILE G 86 -14.65 15.72 -40.65
CA ILE G 86 -13.96 16.03 -41.90
C ILE G 86 -14.22 17.48 -42.32
N ALA G 87 -13.13 18.22 -42.53
CA ALA G 87 -13.16 19.59 -43.07
C ALA G 87 -12.68 19.68 -44.51
N TYR G 88 -11.71 18.84 -44.90
CA TYR G 88 -11.07 18.94 -46.22
C TYR G 88 -10.95 17.58 -46.91
N CYS G 89 -11.68 17.40 -48.01
CA CYS G 89 -11.55 16.19 -48.85
C CYS G 89 -10.26 16.18 -49.67
N TYR G 90 -9.78 17.38 -50.03
CA TYR G 90 -8.48 17.57 -50.66
C TYR G 90 -7.62 18.30 -49.64
N PRO G 91 -6.41 17.77 -49.34
CA PRO G 91 -5.65 18.21 -48.15
C PRO G 91 -5.31 19.70 -48.10
N GLY G 92 -5.17 20.21 -46.87
CA GLY G 92 -4.81 21.62 -46.64
C GLY G 92 -5.29 22.15 -45.30
N ALA G 93 -5.42 23.47 -45.21
CA ALA G 93 -5.92 24.12 -44.00
C ALA G 93 -6.39 25.56 -44.31
N THR G 94 -7.22 26.10 -43.42
CA THR G 94 -7.68 27.48 -43.52
C THR G 94 -6.60 28.43 -43.00
N VAL G 95 -6.57 29.65 -43.55
CA VAL G 95 -5.53 30.63 -43.24
C VAL G 95 -5.54 31.03 -41.76
N ASN G 96 -6.74 31.30 -41.25
CA ASN G 96 -6.95 31.55 -39.83
C ASN G 96 -8.07 30.61 -39.38
N GLU G 97 -7.74 29.32 -39.35
CA GLU G 97 -8.72 28.23 -39.15
C GLU G 97 -9.54 28.30 -37.87
N GLU G 98 -8.88 28.28 -36.71
CA GLU G 98 -9.57 28.23 -35.41
C GLU G 98 -10.36 29.51 -35.08
N ALA G 99 -9.99 30.63 -35.69
CA ALA G 99 -10.75 31.87 -35.58
C ALA G 99 -12.09 31.80 -36.33
N LEU G 100 -12.09 31.10 -37.47
CA LEU G 100 -13.28 30.90 -38.28
C LEU G 100 -14.27 29.91 -37.65
N ARG G 101 -13.74 28.78 -37.18
CA ARG G 101 -14.57 27.73 -36.54
C ARG G 101 -15.42 28.26 -35.39
N GLN G 102 -14.81 29.07 -34.53
CA GLN G 102 -15.52 29.65 -33.38
C GLN G 102 -16.59 30.69 -33.77
N LYS G 103 -16.40 31.37 -34.90
CA LYS G 103 -17.38 32.33 -35.43
C LYS G 103 -18.65 31.62 -35.93
N ILE G 104 -18.44 30.46 -36.56
CA ILE G 104 -19.52 29.61 -37.06
C ILE G 104 -20.34 29.00 -35.92
N MET G 105 -19.66 28.50 -34.90
CA MET G 105 -20.33 27.90 -33.73
C MET G 105 -21.01 28.96 -32.85
N GLU G 106 -20.54 30.21 -32.94
CA GLU G 106 -21.21 31.35 -32.30
C GLU G 106 -22.51 31.78 -33.01
N SER G 107 -22.64 31.47 -34.30
CA SER G 107 -23.82 31.82 -35.10
C SER G 107 -24.94 30.78 -34.99
N GLY G 108 -26.15 31.19 -35.40
CA GLY G 108 -27.34 30.33 -35.34
C GLY G 108 -27.97 30.07 -36.71
N GLY G 109 -27.13 29.70 -37.69
CA GLY G 109 -27.60 29.36 -39.03
C GLY G 109 -26.75 29.95 -40.14
N ILE G 110 -26.79 29.30 -41.30
CA ILE G 110 -26.08 29.74 -42.50
C ILE G 110 -27.05 29.79 -43.70
N SER G 111 -26.98 30.88 -44.46
CA SER G 111 -27.66 31.01 -45.76
C SER G 111 -26.63 31.41 -46.80
N LYS G 112 -26.57 30.68 -47.91
CA LYS G 112 -25.60 30.92 -48.96
C LYS G 112 -26.19 31.85 -50.04
N ILE G 113 -25.38 32.82 -50.49
CA ILE G 113 -25.77 33.73 -51.58
C ILE G 113 -24.86 33.47 -52.78
N ASN G 114 -25.46 33.23 -53.95
CA ASN G 114 -24.71 32.96 -55.17
C ASN G 114 -23.91 34.18 -55.59
N THR G 115 -22.64 33.97 -55.94
CA THR G 115 -21.78 35.05 -56.45
C THR G 115 -22.06 35.37 -57.93
N GLY G 116 -22.55 34.37 -58.68
CA GLY G 116 -22.92 34.55 -60.09
C GLY G 116 -21.72 34.71 -61.01
N PHE G 117 -20.69 33.90 -60.79
CA PHE G 117 -19.39 34.03 -61.46
C PHE G 117 -19.34 33.22 -62.75
N THR G 118 -19.26 33.90 -63.89
CA THR G 118 -19.07 33.27 -65.20
C THR G 118 -17.61 33.43 -65.62
N TYR G 119 -17.12 32.46 -66.38
CA TYR G 119 -15.76 32.45 -66.92
C TYR G 119 -15.82 32.28 -68.43
N GLY G 120 -14.69 32.47 -69.11
CA GLY G 120 -14.62 32.42 -70.58
C GLY G 120 -14.84 31.06 -71.23
N SER G 121 -14.58 31.01 -72.54
CA SER G 121 -14.75 29.79 -73.34
C SER G 121 -13.52 28.85 -73.28
N SER G 122 -12.32 29.43 -73.18
CA SER G 122 -11.07 28.67 -73.11
C SER G 122 -10.92 27.94 -71.78
N ILE G 123 -11.12 28.67 -70.70
CA ILE G 123 -11.14 28.14 -69.32
C ILE G 123 -12.25 27.08 -69.12
N ASN G 124 -11.97 26.10 -68.26
CA ASN G 124 -12.95 25.09 -67.85
C ASN G 124 -13.03 25.06 -66.32
N SER G 125 -14.19 25.48 -65.78
CA SER G 125 -14.39 25.65 -64.33
C SER G 125 -14.83 24.39 -63.58
N ALA G 126 -15.12 23.30 -64.29
CA ALA G 126 -15.53 22.02 -63.68
C ALA G 126 -14.35 21.06 -63.53
N GLY G 127 -13.39 21.43 -62.68
CA GLY G 127 -12.22 20.62 -62.41
C GLY G 127 -12.47 19.60 -61.31
N THR G 128 -12.90 18.42 -61.71
CA THR G 128 -13.16 17.31 -60.77
C THR G 128 -11.87 16.61 -60.37
N THR G 129 -11.94 15.85 -59.28
CA THR G 129 -10.80 15.10 -58.74
C THR G 129 -11.27 13.77 -58.14
N LYS G 130 -10.35 12.80 -58.08
CA LYS G 130 -10.61 11.50 -57.46
C LYS G 130 -10.63 11.54 -55.91
N ALA G 131 -10.07 12.61 -55.32
CA ALA G 131 -10.04 12.78 -53.86
C ALA G 131 -11.42 13.08 -53.27
N CYS G 132 -12.01 14.22 -53.68
CA CYS G 132 -13.35 14.62 -53.22
C CYS G 132 -14.43 13.82 -53.96
N MET G 133 -14.71 12.63 -53.46
CA MET G 133 -15.70 11.75 -54.06
C MET G 133 -17.12 12.15 -53.64
N ARG G 134 -17.99 12.28 -54.63
CA ARG G 134 -19.42 12.58 -54.42
C ARG G 134 -20.23 11.79 -55.44
N ASN G 135 -21.38 11.28 -54.99
CA ASN G 135 -22.33 10.54 -55.84
C ASN G 135 -21.68 9.35 -56.58
N GLY G 136 -20.74 8.68 -55.92
CA GLY G 136 -20.01 7.56 -56.54
C GLY G 136 -19.31 7.98 -57.81
N GLY G 137 -18.45 9.00 -57.69
CA GLY G 137 -17.70 9.54 -58.83
C GLY G 137 -16.82 10.71 -58.45
N ASN G 138 -15.94 11.11 -59.37
CA ASN G 138 -15.01 12.22 -59.14
C ASN G 138 -15.77 13.55 -59.09
N SER G 139 -15.45 14.37 -58.09
CA SER G 139 -16.17 15.65 -57.86
C SER G 139 -15.27 16.67 -57.13
N PHE G 140 -15.84 17.79 -56.70
CA PHE G 140 -15.09 18.86 -56.01
C PHE G 140 -15.93 19.53 -54.93
N TYR G 141 -15.28 20.34 -54.09
CA TYR G 141 -15.96 21.24 -53.14
C TYR G 141 -17.17 21.94 -53.77
N ALA G 142 -18.33 21.82 -53.15
CA ALA G 142 -19.59 22.32 -53.72
C ALA G 142 -19.66 23.85 -53.88
N GLU G 143 -19.13 24.59 -52.90
CA GLU G 143 -19.19 26.05 -52.91
C GLU G 143 -18.02 26.73 -53.61
N LEU G 144 -17.07 25.95 -54.11
CA LEU G 144 -15.90 26.46 -54.85
C LEU G 144 -15.86 25.83 -56.24
N LYS G 145 -14.99 26.36 -57.10
CA LYS G 145 -14.83 25.86 -58.48
C LYS G 145 -13.34 25.70 -58.82
N TRP G 146 -12.98 24.53 -59.36
CA TRP G 146 -11.60 24.24 -59.80
C TRP G 146 -11.38 24.72 -61.23
N LEU G 147 -10.54 25.74 -61.38
CA LEU G 147 -10.30 26.40 -62.66
C LEU G 147 -9.03 25.90 -63.33
N VAL G 148 -9.21 25.09 -64.38
CA VAL G 148 -8.12 24.57 -65.21
C VAL G 148 -8.39 24.93 -66.67
N SER G 149 -7.33 24.90 -67.49
CA SER G 149 -7.43 25.23 -68.92
C SER G 149 -8.07 24.08 -69.72
N LYS G 150 -8.92 24.40 -70.69
CA LYS G 150 -9.54 23.39 -71.57
C LYS G 150 -8.51 22.78 -72.52
N ASN G 151 -7.56 23.60 -72.98
CA ASN G 151 -6.37 23.11 -73.68
C ASN G 151 -5.34 22.66 -72.65
N LYS G 152 -5.01 21.36 -72.65
CA LYS G 152 -4.18 20.73 -71.61
C LYS G 152 -2.76 21.30 -71.44
N GLY G 153 -2.23 21.94 -72.49
CA GLY G 153 -0.94 22.62 -72.44
C GLY G 153 -0.99 24.16 -72.40
N GLN G 154 -2.03 24.74 -73.01
CA GLN G 154 -2.12 26.19 -73.22
C GLN G 154 -2.09 27.03 -71.94
N ASN G 155 -1.61 28.26 -72.05
CA ASN G 155 -1.45 29.16 -70.90
C ASN G 155 -2.81 29.70 -70.47
N PHE G 156 -2.93 29.97 -69.17
CA PHE G 156 -4.20 30.35 -68.54
C PHE G 156 -4.47 31.85 -68.74
N PRO G 157 -5.69 32.22 -69.19
CA PRO G 157 -6.00 33.65 -69.41
C PRO G 157 -6.14 34.44 -68.12
N GLN G 158 -5.54 35.64 -68.07
CA GLN G 158 -5.58 36.50 -66.88
C GLN G 158 -6.99 37.07 -66.66
N THR G 159 -7.84 36.27 -66.01
CA THR G 159 -9.25 36.59 -65.78
C THR G 159 -9.44 37.30 -64.43
N THR G 160 -10.46 38.16 -64.35
CA THR G 160 -10.83 38.83 -63.10
C THR G 160 -12.36 38.85 -62.91
N ASN G 161 -12.85 38.15 -61.88
CA ASN G 161 -14.26 38.20 -61.46
C ASN G 161 -14.43 39.21 -60.31
N THR G 162 -15.65 39.72 -60.16
CA THR G 162 -15.99 40.69 -59.10
C THR G 162 -17.30 40.33 -58.41
N TYR G 163 -17.38 40.64 -57.11
CA TYR G 163 -18.58 40.36 -56.28
C TYR G 163 -18.91 41.56 -55.40
N ARG G 164 -20.06 42.21 -55.66
CA ARG G 164 -20.59 43.26 -54.81
C ARG G 164 -21.57 42.66 -53.81
N ASN G 165 -21.54 43.14 -52.57
CA ASN G 165 -22.42 42.64 -51.50
C ASN G 165 -23.78 43.36 -51.56
N ALA G 166 -24.79 42.64 -52.03
CA ALA G 166 -26.14 43.19 -52.21
C ALA G 166 -26.87 43.41 -50.88
N ASP G 167 -26.79 42.42 -49.99
CA ASP G 167 -27.53 42.41 -48.71
C ASP G 167 -27.03 43.49 -47.74
N THR G 168 -27.85 43.83 -46.75
CA THR G 168 -27.50 44.79 -45.70
C THR G 168 -26.55 44.26 -44.60
N ALA G 169 -26.39 42.92 -44.51
CA ALA G 169 -25.50 42.28 -43.52
C ALA G 169 -24.16 41.89 -44.13
N GLU G 170 -23.21 41.48 -43.27
CA GLU G 170 -21.88 41.04 -43.71
C GLU G 170 -21.93 39.65 -44.35
N HIS G 171 -21.18 39.47 -45.43
CA HIS G 171 -21.11 38.20 -46.17
C HIS G 171 -19.71 37.61 -46.04
N LEU G 172 -19.62 36.32 -45.70
CA LEU G 172 -18.34 35.63 -45.49
C LEU G 172 -17.92 34.90 -46.77
N ILE G 173 -16.74 35.24 -47.28
CA ILE G 173 -16.22 34.71 -48.56
C ILE G 173 -14.89 33.97 -48.36
N MET G 174 -14.78 32.79 -48.98
CA MET G 174 -13.60 31.92 -48.85
C MET G 174 -13.05 31.50 -50.21
N TRP G 175 -11.73 31.44 -50.30
CA TRP G 175 -11.02 31.04 -51.52
C TRP G 175 -9.71 30.35 -51.14
N GLY G 176 -8.81 30.15 -52.10
CA GLY G 176 -7.52 29.52 -51.83
C GLY G 176 -6.55 29.48 -53.01
N ILE G 177 -5.53 28.65 -52.88
CA ILE G 177 -4.49 28.49 -53.91
C ILE G 177 -3.99 27.04 -54.00
N HIS G 178 -4.08 26.45 -55.19
CA HIS G 178 -3.57 25.09 -55.46
C HIS G 178 -2.08 25.15 -55.76
N HIS G 179 -1.27 24.35 -55.03
CA HIS G 179 0.15 24.17 -55.34
C HIS G 179 0.45 22.67 -55.46
N PRO G 180 1.02 22.24 -56.60
CA PRO G 180 1.69 20.93 -56.61
C PRO G 180 3.11 21.04 -56.02
N SER G 181 3.71 19.91 -55.67
CA SER G 181 5.08 19.88 -55.12
C SER G 181 6.10 20.33 -56.15
N SER G 182 6.07 19.70 -57.33
CA SER G 182 7.02 19.95 -58.42
C SER G 182 6.62 21.13 -59.32
N THR G 183 7.55 21.53 -60.18
CA THR G 183 7.31 22.58 -61.19
C THR G 183 6.62 22.00 -62.44
N GLN G 184 7.07 20.82 -62.88
CA GLN G 184 6.50 20.12 -64.04
C GLN G 184 4.98 19.88 -63.98
N GLU G 185 4.47 19.65 -62.76
CA GLU G 185 3.03 19.52 -62.53
C GLU G 185 2.31 20.86 -62.74
N LYS G 186 2.88 21.93 -62.16
CA LYS G 186 2.30 23.28 -62.23
C LYS G 186 2.21 23.85 -63.65
N ASN G 187 3.19 23.54 -64.49
CA ASN G 187 3.30 24.12 -65.84
C ASN G 187 2.22 23.63 -66.82
N ASP G 188 1.94 22.32 -66.81
CA ASP G 188 0.88 21.76 -67.67
C ASP G 188 -0.54 22.19 -67.24
N LEU G 189 -0.74 22.40 -65.94
CA LEU G 189 -2.06 22.74 -65.41
C LEU G 189 -2.54 24.15 -65.80
N TYR G 190 -1.68 25.15 -65.59
CA TYR G 190 -2.04 26.57 -65.77
C TYR G 190 -1.05 27.36 -66.64
N GLY G 191 -0.27 26.68 -67.46
CA GLY G 191 0.77 27.31 -68.28
C GLY G 191 2.08 27.52 -67.55
N THR G 192 3.15 27.71 -68.31
CA THR G 192 4.49 27.93 -67.75
C THR G 192 4.67 29.30 -67.08
N GLN G 193 3.81 30.26 -67.44
CA GLN G 193 3.87 31.64 -66.89
C GLN G 193 3.76 31.66 -65.37
N SER G 194 4.71 32.33 -64.72
CA SER G 194 4.74 32.46 -63.26
C SER G 194 3.63 33.42 -62.79
N LEU G 195 2.41 32.88 -62.69
CA LEU G 195 1.23 33.66 -62.32
C LEU G 195 1.08 33.82 -60.80
N SER G 196 0.13 34.65 -60.41
CA SER G 196 -0.22 34.84 -58.99
C SER G 196 -1.67 35.35 -58.83
N ILE G 197 -2.15 35.35 -57.58
CA ILE G 197 -3.52 35.76 -57.25
C ILE G 197 -3.51 36.89 -56.23
N SER G 198 -4.45 37.83 -56.38
CA SER G 198 -4.64 38.96 -55.45
C SER G 198 -6.10 39.38 -55.38
N VAL G 199 -6.69 39.25 -54.19
CA VAL G 199 -8.07 39.67 -53.92
C VAL G 199 -8.03 41.08 -53.31
N GLY G 200 -8.86 41.98 -53.85
CA GLY G 200 -8.94 43.37 -53.39
C GLY G 200 -10.36 43.75 -53.00
N SER G 201 -10.49 44.58 -51.97
CA SER G 201 -11.79 45.01 -51.45
C SER G 201 -11.66 46.30 -50.63
N SER G 202 -12.74 46.70 -49.94
CA SER G 202 -12.74 47.90 -49.09
C SER G 202 -11.60 47.90 -48.06
N THR G 203 -11.60 46.90 -47.18
CA THR G 203 -10.62 46.80 -46.09
C THR G 203 -9.51 45.76 -46.37
N TYR G 204 -9.90 44.55 -46.73
CA TYR G 204 -8.95 43.45 -46.96
C TYR G 204 -8.23 43.57 -48.30
N LYS G 205 -6.96 43.17 -48.32
CA LYS G 205 -6.15 43.13 -49.54
C LYS G 205 -4.84 42.38 -49.30
N ASN G 206 -4.56 41.37 -50.12
CA ASN G 206 -3.30 40.62 -50.05
C ASN G 206 -3.03 39.82 -51.33
N ASN G 207 -1.75 39.60 -51.63
CA ASN G 207 -1.30 38.79 -52.77
C ASN G 207 -0.79 37.42 -52.29
N PHE G 208 -0.94 36.40 -53.14
CA PHE G 208 -0.56 35.01 -52.79
C PHE G 208 0.18 34.33 -53.95
N VAL G 209 1.34 33.73 -53.62
CA VAL G 209 2.20 33.06 -54.59
C VAL G 209 2.20 31.55 -54.34
N PRO G 210 1.76 30.74 -55.33
CA PRO G 210 1.79 29.27 -55.21
C PRO G 210 3.19 28.67 -54.99
N VAL G 211 3.48 28.27 -53.75
CA VAL G 211 4.77 27.65 -53.37
C VAL G 211 4.69 26.14 -53.50
N ARG G 215 6.53 18.07 -48.52
CA ARG G 215 5.81 17.77 -47.28
C ARG G 215 5.10 16.40 -47.35
N PRO G 216 4.51 15.93 -46.22
CA PRO G 216 3.80 14.63 -46.25
C PRO G 216 2.53 14.66 -47.09
N GLN G 217 2.18 13.51 -47.68
CA GLN G 217 0.98 13.38 -48.53
C GLN G 217 -0.25 13.02 -47.70
N VAL G 218 -1.41 13.52 -48.12
CA VAL G 218 -2.69 13.23 -47.45
C VAL G 218 -3.77 12.86 -48.47
N ASN G 219 -4.56 11.84 -48.14
CA ASN G 219 -5.59 11.26 -49.02
C ASN G 219 -5.06 10.97 -50.44
N GLY G 220 -3.85 10.41 -50.51
CA GLY G 220 -3.22 10.00 -51.77
C GLY G 220 -3.12 11.06 -52.86
N GLN G 221 -2.95 12.32 -52.46
CA GLN G 221 -2.85 13.44 -53.39
C GLN G 221 -1.48 14.09 -53.26
N SER G 222 -0.90 14.47 -54.41
CA SER G 222 0.42 15.11 -54.46
C SER G 222 0.34 16.58 -54.04
N GLY G 223 -0.57 17.32 -54.68
CA GLY G 223 -0.76 18.75 -54.42
C GLY G 223 -1.63 19.05 -53.21
N ARG G 224 -1.63 20.33 -52.81
CA ARG G 224 -2.43 20.84 -51.68
C ARG G 224 -3.36 21.96 -52.14
N ILE G 225 -4.35 22.28 -51.29
CA ILE G 225 -5.23 23.45 -51.48
C ILE G 225 -5.23 24.24 -50.16
N ASP G 226 -4.51 25.37 -50.13
CA ASP G 226 -4.48 26.23 -48.95
C ASP G 226 -5.61 27.25 -48.99
N PHE G 227 -6.55 27.16 -48.03
CA PHE G 227 -7.73 28.07 -47.98
C PHE G 227 -7.46 29.35 -47.20
N HIS G 228 -8.17 30.42 -47.58
CA HIS G 228 -8.14 31.73 -46.89
C HIS G 228 -9.56 32.29 -46.80
N TRP G 229 -9.77 33.31 -45.96
CA TRP G 229 -11.10 33.91 -45.79
C TRP G 229 -11.09 35.36 -45.29
N THR G 230 -12.20 36.06 -45.57
CA THR G 230 -12.46 37.38 -44.99
C THR G 230 -13.94 37.77 -45.10
N LEU G 231 -14.38 38.64 -44.19
CA LEU G 231 -15.77 39.12 -44.16
C LEU G 231 -15.94 40.26 -45.17
N VAL G 232 -16.79 40.04 -46.18
CA VAL G 232 -17.17 41.09 -47.13
C VAL G 232 -18.19 42.01 -46.49
N GLN G 233 -17.89 43.32 -46.47
CA GLN G 233 -18.76 44.32 -45.83
C GLN G 233 -20.02 44.58 -46.65
N PRO G 234 -21.10 45.07 -46.01
CA PRO G 234 -22.36 45.34 -46.72
C PRO G 234 -22.26 46.59 -47.59
N GLY G 235 -22.51 46.44 -48.89
CA GLY G 235 -22.20 47.47 -49.87
C GLY G 235 -20.71 47.64 -50.07
N ASP G 236 -20.04 46.54 -50.39
CA ASP G 236 -18.60 46.52 -50.69
C ASP G 236 -18.31 45.50 -51.78
N LYS G 237 -17.27 45.76 -52.58
CA LYS G 237 -16.96 44.96 -53.77
C LYS G 237 -15.64 44.18 -53.63
N ILE G 238 -15.75 42.85 -53.60
CA ILE G 238 -14.57 41.97 -53.58
C ILE G 238 -14.29 41.52 -55.01
N THR G 239 -13.15 41.95 -55.56
CA THR G 239 -12.73 41.61 -56.91
C THR G 239 -11.45 40.79 -56.86
N PHE G 240 -11.50 39.57 -57.41
CA PHE G 240 -10.37 38.63 -57.39
C PHE G 240 -9.59 38.74 -58.69
N SER G 241 -8.33 39.19 -58.59
CA SER G 241 -7.44 39.32 -59.75
C SER G 241 -6.41 38.19 -59.75
N HIS G 242 -6.53 37.28 -60.72
CA HIS G 242 -5.65 36.11 -60.82
C HIS G 242 -5.24 35.80 -62.27
N ASN G 243 -4.12 35.09 -62.42
CA ASN G 243 -3.61 34.66 -63.74
C ASN G 243 -3.60 33.13 -63.86
N GLY G 244 -4.63 32.49 -63.29
CA GLY G 244 -4.78 31.04 -63.33
C GLY G 244 -4.19 30.32 -62.13
N GLY G 245 -4.73 29.13 -61.84
CA GLY G 245 -4.28 28.30 -60.73
C GLY G 245 -4.73 28.81 -59.36
N LEU G 246 -6.00 29.20 -59.28
CA LEU G 246 -6.63 29.60 -58.03
C LEU G 246 -8.09 29.20 -58.07
N ILE G 247 -8.51 28.37 -57.12
CA ILE G 247 -9.92 27.95 -57.00
C ILE G 247 -10.80 29.12 -56.54
N ALA G 248 -12.01 29.20 -57.10
CA ALA G 248 -12.85 30.41 -56.99
C ALA G 248 -14.19 30.11 -56.32
N PRO G 249 -14.68 31.05 -55.47
CA PRO G 249 -15.98 30.84 -54.80
C PRO G 249 -17.18 31.01 -55.73
N SER G 250 -17.96 29.93 -55.88
CA SER G 250 -19.24 29.99 -56.59
C SER G 250 -20.34 30.58 -55.71
N ARG G 251 -20.31 30.31 -54.40
CA ARG G 251 -21.22 30.90 -53.42
C ARG G 251 -20.44 31.51 -52.26
N VAL G 252 -21.10 32.40 -51.52
CA VAL G 252 -20.58 32.97 -50.27
C VAL G 252 -21.60 32.79 -49.15
N SER G 253 -21.11 32.79 -47.91
CA SER G 253 -21.91 32.45 -46.74
C SER G 253 -22.39 33.69 -46.00
N LYS G 254 -23.55 33.56 -45.35
CA LYS G 254 -24.05 34.59 -44.43
C LYS G 254 -24.44 33.93 -43.12
N LEU G 255 -23.86 34.43 -42.03
CA LEU G 255 -24.16 33.94 -40.68
C LEU G 255 -25.31 34.77 -40.13
N ILE G 256 -26.38 34.12 -39.69
CA ILE G 256 -27.55 34.83 -39.12
C ILE G 256 -27.73 34.57 -37.62
N GLY G 257 -27.77 35.66 -36.85
CA GLY G 257 -28.02 35.62 -35.41
C GLY G 257 -26.93 34.92 -34.63
N ARG G 258 -27.32 34.27 -33.52
CA ARG G 258 -26.42 33.49 -32.69
C ARG G 258 -27.09 32.24 -32.13
N GLY G 259 -26.26 31.24 -31.83
CA GLY G 259 -26.71 29.97 -31.24
C GLY G 259 -25.63 29.36 -30.37
N LEU G 260 -25.99 28.29 -29.68
CA LEU G 260 -25.11 27.64 -28.70
C LEU G 260 -24.23 26.57 -29.38
N GLY G 261 -22.92 26.82 -29.40
CA GLY G 261 -21.97 25.89 -30.01
C GLY G 261 -21.52 24.79 -29.06
N ILE G 262 -22.17 23.63 -29.14
CA ILE G 262 -21.83 22.47 -28.31
C ILE G 262 -20.76 21.63 -29.00
N GLN G 263 -19.87 21.03 -28.21
CA GLN G 263 -18.85 20.09 -28.69
C GLN G 263 -18.92 18.83 -27.85
N SER G 264 -19.24 17.70 -28.46
CA SER G 264 -19.47 16.46 -27.71
C SER G 264 -19.28 15.19 -28.54
N GLU G 265 -19.02 14.09 -27.83
CA GLU G 265 -19.02 12.75 -28.42
C GLU G 265 -20.30 11.96 -28.12
N ALA G 266 -21.13 12.46 -27.19
CA ALA G 266 -22.31 11.73 -26.72
C ALA G 266 -23.48 11.83 -27.70
N PRO G 267 -24.30 10.75 -27.82
CA PRO G 267 -25.42 10.74 -28.78
C PRO G 267 -26.62 11.62 -28.39
N ILE G 268 -27.59 11.74 -29.30
CA ILE G 268 -28.73 12.66 -29.17
C ILE G 268 -29.92 11.99 -28.45
N ASP G 269 -30.76 12.81 -27.81
CA ASP G 269 -32.03 12.36 -27.22
C ASP G 269 -33.01 13.54 -27.06
N ASN G 270 -34.10 13.52 -27.82
CA ASN G 270 -35.10 14.61 -27.83
C ASN G 270 -36.22 14.44 -26.79
N SER G 271 -36.17 13.38 -25.98
CA SER G 271 -37.11 13.22 -24.87
C SER G 271 -36.71 14.11 -23.68
N CYS G 272 -35.43 14.06 -23.31
CA CYS G 272 -34.88 14.89 -22.22
C CYS G 272 -34.61 16.33 -22.67
N GLU G 273 -34.62 17.24 -21.69
CA GLU G 273 -34.37 18.67 -21.92
C GLU G 273 -33.23 19.16 -21.00
N SER G 274 -32.51 20.19 -21.44
CA SER G 274 -31.38 20.75 -20.68
C SER G 274 -30.97 22.13 -21.16
N LYS G 275 -30.34 22.89 -20.25
CA LYS G 275 -29.73 24.18 -20.56
C LYS G 275 -28.20 24.19 -20.39
N CYS G 276 -27.62 23.06 -19.95
CA CYS G 276 -26.19 22.95 -19.66
C CYS G 276 -25.62 21.70 -20.33
N PHE G 277 -24.49 21.87 -21.03
CA PHE G 277 -23.89 20.79 -21.81
C PHE G 277 -22.38 20.75 -21.65
N TRP G 278 -21.82 19.55 -21.77
CA TRP G 278 -20.39 19.34 -21.74
C TRP G 278 -20.03 18.17 -22.66
N ARG G 279 -18.73 18.01 -22.90
CA ARG G 279 -18.19 16.95 -23.78
C ARG G 279 -18.80 15.56 -23.51
N GLY G 280 -18.80 15.17 -22.25
CA GLY G 280 -19.39 13.92 -21.81
C GLY G 280 -20.89 13.81 -21.98
N GLY G 281 -21.62 14.93 -21.92
CA GLY G 281 -23.07 14.92 -22.16
C GLY G 281 -23.86 16.13 -21.68
N SER G 282 -24.95 15.88 -20.95
CA SER G 282 -25.86 16.92 -20.45
C SER G 282 -25.92 16.97 -18.92
N ILE G 283 -26.34 18.12 -18.40
CA ILE G 283 -26.48 18.36 -16.96
C ILE G 283 -27.84 19.04 -16.70
N ASN G 284 -28.84 18.22 -16.38
CA ASN G 284 -30.23 18.69 -16.21
C ASN G 284 -30.64 18.74 -14.74
N THR G 285 -29.75 19.29 -13.90
CA THR G 285 -29.91 19.27 -12.44
C THR G 285 -30.38 20.62 -11.89
N ARG G 286 -31.21 20.56 -10.85
CA ARG G 286 -31.70 21.74 -10.16
C ARG G 286 -30.71 22.29 -9.13
N LEU G 287 -29.71 21.47 -8.78
CA LEU G 287 -28.75 21.79 -7.73
C LEU G 287 -27.82 22.93 -8.16
N PRO G 288 -27.32 23.75 -7.20
CA PRO G 288 -26.53 24.93 -7.52
C PRO G 288 -25.10 24.67 -7.99
N PHE G 289 -24.49 23.57 -7.55
CA PHE G 289 -23.09 23.27 -7.85
C PHE G 289 -22.96 21.92 -8.56
N GLN G 290 -21.75 21.60 -9.01
CA GLN G 290 -21.53 20.49 -9.94
C GLN G 290 -20.04 20.13 -10.01
N ASN G 291 -19.73 18.83 -10.14
CA ASN G 291 -18.32 18.37 -10.21
C ASN G 291 -18.02 17.42 -11.38
N LEU G 292 -18.75 17.59 -12.48
CA LEU G 292 -18.62 16.76 -13.67
C LEU G 292 -17.48 17.24 -14.59
N SER G 293 -17.53 18.52 -14.95
CA SER G 293 -16.45 19.17 -15.73
C SER G 293 -16.40 20.68 -15.50
N PRO G 294 -15.18 21.26 -15.50
CA PRO G 294 -15.07 22.72 -15.54
C PRO G 294 -15.45 23.31 -16.89
N ARG G 295 -15.34 22.51 -17.96
CA ARG G 295 -15.75 22.91 -19.32
C ARG G 295 -17.23 22.64 -19.53
N THR G 296 -18.05 23.68 -19.42
CA THR G 296 -19.47 23.60 -19.79
C THR G 296 -19.90 24.81 -20.60
N VAL G 297 -21.08 24.70 -21.21
CA VAL G 297 -21.67 25.78 -21.99
C VAL G 297 -23.16 25.91 -21.66
N GLY G 298 -23.68 27.13 -21.77
CA GLY G 298 -25.07 27.44 -21.48
C GLY G 298 -25.27 28.02 -20.09
N GLN G 299 -26.45 27.77 -19.52
CA GLN G 299 -26.77 28.21 -18.17
C GLN G 299 -26.55 27.00 -17.29
N CYS G 300 -25.55 27.09 -16.41
CA CYS G 300 -25.01 25.92 -15.71
C CYS G 300 -24.87 26.11 -14.20
N PRO G 301 -24.92 24.99 -13.45
CA PRO G 301 -24.40 25.02 -12.07
C PRO G 301 -22.89 25.20 -12.11
N LYS G 302 -22.34 25.82 -11.06
CA LYS G 302 -20.93 26.18 -11.05
C LYS G 302 -20.06 24.97 -10.71
N TYR G 303 -18.91 24.87 -11.38
CA TYR G 303 -17.98 23.79 -11.08
C TYR G 303 -17.35 24.01 -9.70
N VAL G 304 -17.22 22.92 -8.93
CA VAL G 304 -16.57 22.96 -7.62
C VAL G 304 -15.70 21.73 -7.41
N ASN G 305 -14.58 21.90 -6.68
CA ASN G 305 -13.69 20.79 -6.34
C ASN G 305 -14.22 20.05 -5.13
N LYS G 306 -15.39 19.43 -5.26
CA LYS G 306 -16.11 18.82 -4.15
C LYS G 306 -16.96 17.68 -4.66
N LYS G 307 -16.84 16.51 -4.04
CA LYS G 307 -17.65 15.35 -4.40
C LYS G 307 -19.09 15.55 -3.92
N SER G 308 -19.22 15.90 -2.64
CA SER G 308 -20.52 16.12 -1.99
C SER G 308 -20.46 17.35 -1.07
N LEU G 309 -21.56 18.09 -1.01
CA LEU G 309 -21.80 19.11 0.01
C LEU G 309 -23.23 18.99 0.50
N MET G 310 -23.41 18.51 1.72
CA MET G 310 -24.73 18.22 2.25
C MET G 310 -25.29 19.39 3.06
N LEU G 311 -26.42 19.91 2.60
CA LEU G 311 -27.12 21.01 3.25
C LEU G 311 -28.14 20.41 4.21
N ALA G 312 -28.10 20.86 5.47
CA ALA G 312 -28.99 20.33 6.50
C ALA G 312 -30.40 20.83 6.24
N THR G 313 -31.36 19.91 6.29
CA THR G 313 -32.79 20.24 6.14
C THR G 313 -33.58 19.85 7.39
N GLY G 314 -32.89 19.63 8.50
CA GLY G 314 -33.53 19.30 9.77
C GLY G 314 -32.60 19.50 10.95
N MET G 315 -33.17 19.42 12.14
CA MET G 315 -32.44 19.62 13.41
C MET G 315 -31.36 18.58 13.69
N ARG G 316 -30.53 18.87 14.69
CA ARG G 316 -29.61 17.87 15.27
C ARG G 316 -30.35 16.57 15.59
N ASN G 317 -29.74 15.45 15.21
CA ASN G 317 -30.30 14.14 15.49
C ASN G 317 -29.68 13.63 16.78
N VAL G 318 -30.53 13.38 17.77
CA VAL G 318 -30.09 12.96 19.10
C VAL G 318 -30.85 11.68 19.47
N PRO G 319 -30.28 10.50 19.17
CA PRO G 319 -31.01 9.24 19.37
C PRO G 319 -31.16 8.79 20.84
N GLU G 320 -31.94 7.72 21.04
CA GLU G 320 -32.36 7.23 22.35
C GLU G 320 -31.59 5.97 22.76
N GLY H 1 -25.38 23.45 21.95
CA GLY H 1 -26.20 24.31 21.04
C GLY H 1 -26.46 25.69 21.60
N LEU H 2 -26.54 26.68 20.71
CA LEU H 2 -26.71 28.09 21.08
C LEU H 2 -27.80 28.34 22.12
N PHE H 3 -28.96 27.69 21.96
CA PHE H 3 -30.11 27.97 22.82
C PHE H 3 -30.32 26.92 23.92
N GLY H 4 -29.51 25.88 23.92
CA GLY H 4 -29.35 25.01 25.08
C GLY H 4 -30.40 23.94 25.32
N ALA H 5 -31.36 23.78 24.40
CA ALA H 5 -32.42 22.77 24.53
C ALA H 5 -32.07 21.47 23.80
N ILE H 6 -31.97 21.53 22.47
CA ILE H 6 -31.74 20.34 21.66
C ILE H 6 -30.25 19.98 21.72
N ALA H 7 -29.97 18.75 22.13
CA ALA H 7 -28.63 18.30 22.56
C ALA H 7 -28.13 19.13 23.76
N GLY H 8 -29.06 19.52 24.62
CA GLY H 8 -28.77 20.35 25.79
C GLY H 8 -29.59 19.85 26.97
N PHE H 9 -30.42 20.72 27.56
CA PHE H 9 -31.21 20.34 28.74
C PHE H 9 -32.22 19.23 28.43
N ILE H 10 -32.66 19.13 27.18
CA ILE H 10 -33.41 17.97 26.72
C ILE H 10 -32.41 16.88 26.33
N GLU H 11 -32.44 15.76 27.06
CA GLU H 11 -31.49 14.65 26.89
C GLU H 11 -31.37 14.20 25.44
N ASN H 12 -32.51 13.88 24.83
CA ASN H 12 -32.54 13.34 23.47
C ASN H 12 -33.89 13.51 22.77
N GLY H 13 -33.92 13.17 21.48
CA GLY H 13 -35.13 13.27 20.68
C GLY H 13 -36.05 12.08 20.86
N TRP H 14 -37.16 12.09 20.13
CA TRP H 14 -38.17 11.05 20.21
C TRP H 14 -38.43 10.45 18.83
N GLU H 15 -37.84 9.27 18.58
CA GLU H 15 -38.10 8.50 17.36
C GLU H 15 -39.57 8.12 17.19
N GLY H 16 -40.29 8.00 18.31
CA GLY H 16 -41.74 7.79 18.30
C GLY H 16 -42.55 8.89 17.65
N MET H 17 -42.15 10.15 17.83
CA MET H 17 -42.93 11.28 17.32
C MET H 17 -42.70 11.48 15.82
N VAL H 18 -43.65 10.98 15.03
CA VAL H 18 -43.62 11.07 13.55
C VAL H 18 -44.55 12.14 12.95
N ASP H 19 -45.63 12.48 13.67
CA ASP H 19 -46.59 13.50 13.21
C ASP H 19 -46.11 14.96 13.32
N GLY H 20 -44.93 15.19 13.88
CA GLY H 20 -44.34 16.53 13.90
C GLY H 20 -42.92 16.57 14.46
N TRP H 21 -42.33 17.76 14.45
CA TRP H 21 -40.93 17.98 14.83
C TRP H 21 -40.79 18.26 16.32
N TYR H 22 -41.70 19.07 16.85
CA TYR H 22 -41.75 19.39 18.28
C TYR H 22 -43.08 18.94 18.83
N GLY H 23 -43.12 18.69 20.13
CA GLY H 23 -44.37 18.30 20.78
C GLY H 23 -44.26 17.95 22.24
N PHE H 24 -45.32 17.34 22.76
CA PHE H 24 -45.51 17.10 24.19
C PHE H 24 -45.67 15.62 24.51
N ARG H 25 -45.26 15.25 25.72
CA ARG H 25 -45.57 13.95 26.32
C ARG H 25 -45.98 14.19 27.76
N HIS H 26 -47.16 13.74 28.17
CA HIS H 26 -47.61 13.94 29.55
C HIS H 26 -47.89 12.64 30.27
N GLN H 27 -47.90 12.75 31.59
CA GLN H 27 -48.37 11.68 32.47
C GLN H 27 -49.29 12.32 33.49
N ASN H 28 -50.41 11.66 33.76
CA ASN H 28 -51.35 12.09 34.81
C ASN H 28 -51.97 10.84 35.42
N ALA H 29 -52.88 11.02 36.36
CA ALA H 29 -53.62 9.91 36.97
C ALA H 29 -54.15 8.93 35.91
N GLN H 30 -54.87 9.45 34.92
CA GLN H 30 -55.58 8.58 33.98
C GLN H 30 -54.71 7.87 32.93
N GLY H 31 -53.46 8.30 32.77
CA GLY H 31 -52.52 7.58 31.89
C GLY H 31 -51.42 8.41 31.25
N THR H 32 -51.41 8.43 29.92
CA THR H 32 -50.27 8.91 29.13
C THR H 32 -50.73 9.33 27.74
N GLY H 33 -50.16 10.42 27.23
CA GLY H 33 -50.46 10.92 25.89
C GLY H 33 -49.25 11.49 25.18
N GLN H 34 -49.35 11.65 23.85
CA GLN H 34 -48.35 12.32 23.03
C GLN H 34 -49.04 13.11 21.94
N ALA H 35 -48.53 14.32 21.64
CA ALA H 35 -49.05 15.13 20.56
C ALA H 35 -48.00 16.10 20.03
N ALA H 36 -47.95 16.25 18.72
CA ALA H 36 -47.07 17.22 18.07
C ALA H 36 -47.61 18.64 18.26
N ASP H 37 -46.70 19.62 18.23
CA ASP H 37 -47.08 21.03 18.16
C ASP H 37 -46.94 21.46 16.71
N TYR H 38 -48.05 21.85 16.10
CA TYR H 38 -48.07 22.22 14.68
C TYR H 38 -47.31 23.52 14.42
N LYS H 39 -47.58 24.55 15.22
CA LYS H 39 -47.06 25.91 14.98
C LYS H 39 -45.54 25.98 14.95
N SER H 40 -44.89 25.36 15.93
CA SER H 40 -43.43 25.34 16.03
C SER H 40 -42.81 24.40 15.01
N THR H 41 -43.49 23.28 14.72
CA THR H 41 -43.05 22.36 13.66
C THR H 41 -43.08 23.04 12.31
N GLN H 42 -44.15 23.79 12.04
CA GLN H 42 -44.32 24.44 10.75
C GLN H 42 -43.38 25.64 10.62
N ALA H 43 -43.16 26.36 11.72
CA ALA H 43 -42.22 27.49 11.73
C ALA H 43 -40.81 27.05 11.33
N ALA H 44 -40.39 25.87 11.79
CA ALA H 44 -39.09 25.30 11.45
C ALA H 44 -39.02 24.84 10.00
N ILE H 45 -40.04 24.12 9.55
CA ILE H 45 -40.11 23.62 8.17
C ILE H 45 -40.15 24.79 7.17
N ASP H 46 -41.01 25.77 7.43
CA ASP H 46 -41.13 26.96 6.58
C ASP H 46 -39.80 27.70 6.41
N GLN H 47 -39.06 27.85 7.51
CA GLN H 47 -37.75 28.51 7.49
C GLN H 47 -36.70 27.75 6.68
N ILE H 48 -36.73 26.41 6.76
CA ILE H 48 -35.86 25.53 5.96
C ILE H 48 -36.26 25.51 4.49
N THR H 49 -37.56 25.66 4.19
CA THR H 49 -38.04 25.76 2.81
C THR H 49 -37.45 26.99 2.13
N GLY H 50 -37.46 28.12 2.84
CA GLY H 50 -36.91 29.37 2.33
C GLY H 50 -35.43 29.31 1.99
N LYS H 51 -34.67 28.56 2.78
CA LYS H 51 -33.26 28.28 2.49
C LYS H 51 -33.11 27.48 1.22
N LEU H 52 -33.89 26.42 1.09
CA LEU H 52 -33.87 25.57 -0.10
C LEU H 52 -34.24 26.33 -1.38
N ASN H 53 -35.21 27.25 -1.27
CA ASN H 53 -35.63 28.08 -2.41
C ASN H 53 -34.53 29.05 -2.84
N ARG H 54 -33.81 29.61 -1.86
CA ARG H 54 -32.70 30.51 -2.15
C ARG H 54 -31.47 29.76 -2.67
N ILE H 55 -31.17 28.60 -2.08
CA ILE H 55 -29.93 27.87 -2.35
C ILE H 55 -30.03 26.96 -3.58
N ILE H 56 -31.12 26.20 -3.69
CA ILE H 56 -31.29 25.25 -4.80
C ILE H 56 -31.74 26.03 -6.04
N LYS H 57 -30.75 26.54 -6.77
CA LYS H 57 -30.94 27.54 -7.81
C LYS H 57 -29.62 27.76 -8.55
N LYS H 58 -29.69 28.10 -9.82
CA LYS H 58 -28.50 28.50 -10.60
C LYS H 58 -28.76 29.82 -11.30
N THR H 59 -27.68 30.46 -11.75
CA THR H 59 -27.78 31.74 -12.47
C THR H 59 -28.37 31.53 -13.86
N ASN H 60 -28.98 32.58 -14.41
CA ASN H 60 -29.48 32.57 -15.79
C ASN H 60 -28.53 33.41 -16.67
N THR H 61 -27.27 32.99 -16.71
CA THR H 61 -26.23 33.64 -17.47
C THR H 61 -25.72 32.64 -18.53
N GLU H 62 -25.77 33.05 -19.79
CA GLU H 62 -25.38 32.22 -20.92
C GLU H 62 -23.86 32.23 -21.03
N PHE H 63 -23.24 31.05 -21.07
CA PHE H 63 -21.79 30.90 -21.18
C PHE H 63 -21.44 30.12 -22.45
N GLU H 64 -20.75 30.78 -23.38
CA GLU H 64 -20.24 30.14 -24.59
C GLU H 64 -18.86 29.56 -24.32
N SER H 65 -18.44 28.65 -25.20
CA SER H 65 -17.14 28.01 -25.10
C SER H 65 -15.99 29.00 -25.33
N ILE H 66 -14.96 28.93 -24.49
CA ILE H 66 -13.67 29.57 -24.77
C ILE H 66 -12.52 28.57 -24.91
N GLU H 67 -12.81 27.29 -24.69
CA GLU H 67 -11.85 26.19 -24.79
C GLU H 67 -12.38 25.16 -25.78
N SER H 68 -11.70 25.01 -26.92
CA SER H 68 -12.05 23.98 -27.89
C SER H 68 -11.73 22.58 -27.33
N GLU H 69 -12.65 21.64 -27.55
CA GLU H 69 -12.52 20.26 -27.09
C GLU H 69 -11.63 19.44 -28.03
N PHE H 70 -11.80 19.64 -29.34
CA PHE H 70 -11.19 18.78 -30.38
C PHE H 70 -9.99 19.40 -31.11
N SER H 71 -9.52 20.56 -30.67
CA SER H 71 -8.40 21.26 -31.33
C SER H 71 -7.53 22.05 -30.34
N GLU H 72 -6.34 22.41 -30.80
CA GLU H 72 -5.36 23.12 -29.97
C GLU H 72 -5.71 24.60 -29.92
N ILE H 73 -5.30 25.25 -28.83
CA ILE H 73 -5.43 26.70 -28.65
C ILE H 73 -3.99 27.22 -28.49
N ASP H 74 -3.79 28.52 -28.71
CA ASP H 74 -2.50 29.16 -28.41
C ASP H 74 -2.12 28.91 -26.94
N HIS H 75 -0.85 28.56 -26.70
CA HIS H 75 -0.43 28.08 -25.39
C HIS H 75 -0.45 29.15 -24.29
N GLN H 76 -0.27 30.41 -24.69
CA GLN H 76 -0.30 31.53 -23.75
C GLN H 76 -1.74 31.78 -23.29
N ILE H 77 -2.65 31.97 -24.25
CA ILE H 77 -4.07 32.23 -23.95
C ILE H 77 -4.74 31.01 -23.29
N GLY H 78 -4.29 29.81 -23.64
CA GLY H 78 -4.75 28.58 -22.95
C GLY H 78 -4.41 28.57 -21.48
N ASN H 79 -3.19 29.00 -21.16
CA ASN H 79 -2.73 29.16 -19.77
C ASN H 79 -3.45 30.28 -19.03
N VAL H 80 -3.81 31.36 -19.73
CA VAL H 80 -4.60 32.45 -19.14
C VAL H 80 -6.02 32.00 -18.77
N ILE H 81 -6.59 31.13 -19.60
CA ILE H 81 -7.92 30.57 -19.35
C ILE H 81 -7.83 29.55 -18.21
N ASN H 82 -6.82 28.70 -18.24
CA ASN H 82 -6.59 27.74 -17.16
C ASN H 82 -6.39 28.40 -15.79
N TRP H 83 -5.65 29.51 -15.75
CA TRP H 83 -5.49 30.30 -14.52
C TRP H 83 -6.82 30.90 -14.06
N THR H 84 -7.55 31.52 -15.00
CA THR H 84 -8.83 32.15 -14.70
C THR H 84 -9.87 31.12 -14.22
N LYS H 85 -10.04 30.02 -14.96
CA LYS H 85 -11.02 28.99 -14.58
C LYS H 85 -10.73 28.33 -13.23
N ASP H 86 -9.46 28.07 -12.94
CA ASP H 86 -9.06 27.51 -11.63
C ASP H 86 -9.28 28.52 -10.50
N SER H 87 -9.02 29.80 -10.77
CA SER H 87 -9.27 30.87 -9.80
C SER H 87 -10.76 31.04 -9.48
N ILE H 88 -11.61 30.91 -10.51
CA ILE H 88 -13.06 31.02 -10.35
C ILE H 88 -13.62 29.78 -9.67
N THR H 89 -13.06 28.62 -10.01
CA THR H 89 -13.42 27.36 -9.36
C THR H 89 -13.03 27.34 -7.86
N ASP H 90 -11.89 27.93 -7.51
CA ASP H 90 -11.49 28.06 -6.11
C ASP H 90 -12.45 28.97 -5.35
N ILE H 91 -12.90 30.06 -5.99
CA ILE H 91 -13.87 30.97 -5.38
C ILE H 91 -15.19 30.24 -5.11
N TRP H 92 -15.79 29.63 -6.14
CA TRP H 92 -17.07 28.92 -5.99
C TRP H 92 -17.00 27.73 -5.04
N THR H 93 -15.87 27.01 -5.04
CA THR H 93 -15.66 25.91 -4.10
C THR H 93 -15.69 26.42 -2.66
N TYR H 94 -14.95 27.50 -2.42
CA TYR H 94 -14.90 28.15 -1.12
C TYR H 94 -16.26 28.74 -0.72
N GLN H 95 -16.92 29.40 -1.67
CA GLN H 95 -18.22 30.02 -1.42
C GLN H 95 -19.28 28.98 -1.06
N ALA H 96 -19.23 27.84 -1.74
CA ALA H 96 -20.16 26.74 -1.51
C ALA H 96 -19.92 26.10 -0.15
N GLU H 97 -18.65 25.81 0.15
CA GLU H 97 -18.26 25.24 1.44
C GLU H 97 -18.67 26.13 2.61
N LEU H 98 -18.48 27.43 2.45
CA LEU H 98 -18.88 28.41 3.47
C LEU H 98 -20.39 28.51 3.60
N LEU H 99 -21.08 28.66 2.47
CA LEU H 99 -22.53 28.74 2.44
C LEU H 99 -23.17 27.59 3.20
N VAL H 100 -22.82 26.37 2.82
CA VAL H 100 -23.45 25.18 3.37
C VAL H 100 -23.11 25.05 4.86
N ALA H 101 -21.84 25.22 5.21
CA ALA H 101 -21.40 25.18 6.61
C ALA H 101 -22.11 26.23 7.46
N MET H 102 -22.27 27.44 6.93
CA MET H 102 -22.93 28.52 7.64
C MET H 102 -24.43 28.25 7.80
N GLU H 103 -25.09 27.81 6.73
CA GLU H 103 -26.51 27.49 6.78
C GLU H 103 -26.81 26.30 7.70
N ASN H 104 -25.96 25.27 7.64
CA ASN H 104 -26.12 24.12 8.53
C ASN H 104 -26.03 24.54 10.00
N GLN H 105 -25.08 25.43 10.30
CA GLN H 105 -24.97 26.01 11.63
C GLN H 105 -26.24 26.76 12.00
N HIS H 106 -26.70 27.63 11.11
CA HIS H 106 -27.91 28.41 11.33
C HIS H 106 -29.14 27.51 11.51
N THR H 107 -29.30 26.49 10.66
CA THR H 107 -30.46 25.58 10.71
C THR H 107 -30.55 24.86 12.05
N ILE H 108 -29.43 24.31 12.49
CA ILE H 108 -29.33 23.60 13.75
C ILE H 108 -29.71 24.49 14.94
N ASP H 109 -29.23 25.72 14.95
CA ASP H 109 -29.53 26.66 16.03
C ASP H 109 -30.95 27.20 15.94
N MET H 110 -31.41 27.47 14.72
CA MET H 110 -32.81 27.90 14.50
C MET H 110 -33.80 26.85 15.04
N ALA H 111 -33.54 25.59 14.72
CA ALA H 111 -34.34 24.47 15.22
C ALA H 111 -34.26 24.34 16.76
N ASP H 112 -33.05 24.53 17.30
CA ASP H 112 -32.83 24.57 18.76
C ASP H 112 -33.70 25.66 19.39
N SER H 113 -33.72 26.85 18.77
CA SER H 113 -34.44 28.00 19.32
C SER H 113 -35.96 27.76 19.36
N GLU H 114 -36.51 27.16 18.31
CA GLU H 114 -37.95 26.87 18.27
C GLU H 114 -38.40 25.92 19.38
N MET H 115 -37.58 24.92 19.67
CA MET H 115 -37.77 24.07 20.84
C MET H 115 -37.82 24.90 22.12
N LEU H 116 -36.85 25.79 22.29
CA LEU H 116 -36.78 26.66 23.48
C LEU H 116 -37.94 27.66 23.54
N ASN H 117 -38.35 28.21 22.40
CA ASN H 117 -39.48 29.14 22.37
C ASN H 117 -40.81 28.46 22.72
N LEU H 118 -40.97 27.19 22.34
CA LEU H 118 -42.13 26.39 22.75
C LEU H 118 -42.09 26.13 24.25
N TYR H 119 -40.93 25.75 24.75
CA TYR H 119 -40.73 25.50 26.18
C TYR H 119 -41.02 26.73 27.05
N GLU H 120 -40.49 27.88 26.65
CA GLU H 120 -40.70 29.14 27.40
C GLU H 120 -42.15 29.59 27.34
N ARG H 121 -42.83 29.29 26.23
CA ARG H 121 -44.25 29.56 26.09
C ARG H 121 -45.09 28.76 27.10
N VAL H 122 -44.74 27.49 27.29
CA VAL H 122 -45.41 26.62 28.28
C VAL H 122 -45.09 27.06 29.71
N ARG H 123 -43.84 27.45 29.98
CA ARG H 123 -43.42 27.90 31.31
C ARG H 123 -44.28 29.07 31.80
N LYS H 124 -44.51 30.03 30.92
CA LYS H 124 -45.28 31.22 31.23
C LYS H 124 -46.78 30.93 31.36
N GLN H 125 -47.30 29.99 30.56
CA GLN H 125 -48.70 29.52 30.71
C GLN H 125 -48.95 28.97 32.10
N LEU H 126 -48.10 28.04 32.52
CA LEU H 126 -48.25 27.35 33.78
C LEU H 126 -47.96 28.24 34.99
N ARG H 127 -47.13 29.26 34.80
CA ARG H 127 -46.93 30.31 35.79
C ARG H 127 -46.47 29.72 37.14
N GLN H 128 -47.27 29.81 38.20
CA GLN H 128 -46.86 29.28 39.52
C GLN H 128 -47.50 27.92 39.82
N ASN H 129 -48.23 27.36 38.85
CA ASN H 129 -48.84 26.04 39.01
C ASN H 129 -47.89 24.87 38.69
N ALA H 130 -46.66 25.18 38.25
CA ALA H 130 -45.68 24.14 37.95
C ALA H 130 -44.26 24.61 38.18
N GLU H 131 -43.35 23.65 38.17
CA GLU H 131 -41.91 23.89 38.35
C GLU H 131 -41.12 23.13 37.29
N GLU H 132 -39.97 23.68 36.93
CA GLU H 132 -39.14 23.11 35.88
C GLU H 132 -38.35 21.90 36.39
N ASP H 133 -38.51 20.79 35.66
CA ASP H 133 -37.87 19.52 35.97
C ASP H 133 -36.36 19.56 35.78
N GLY H 134 -35.88 20.41 34.87
CA GLY H 134 -34.48 20.43 34.44
C GLY H 134 -34.25 19.70 33.13
N LYS H 135 -35.07 18.66 32.86
CA LYS H 135 -34.93 17.81 31.68
C LYS H 135 -35.98 18.15 30.58
N GLY H 136 -36.42 19.41 30.53
CA GLY H 136 -37.41 19.84 29.57
C GLY H 136 -38.85 19.54 29.94
N CYS H 137 -39.10 19.13 31.18
CA CYS H 137 -40.43 18.78 31.67
C CYS H 137 -40.91 19.74 32.74
N PHE H 138 -42.24 19.81 32.91
CA PHE H 138 -42.87 20.61 33.94
C PHE H 138 -43.65 19.73 34.90
N GLU H 139 -43.21 19.68 36.16
CA GLU H 139 -43.96 18.98 37.20
C GLU H 139 -45.11 19.87 37.66
N ILE H 140 -46.30 19.54 37.19
CA ILE H 140 -47.52 20.30 37.49
C ILE H 140 -48.01 19.91 38.87
N TYR H 141 -48.32 20.90 39.71
CA TYR H 141 -48.66 20.64 41.12
C TYR H 141 -50.18 20.62 41.39
N HIS H 142 -50.93 20.05 40.46
CA HIS H 142 -52.38 19.85 40.62
C HIS H 142 -52.89 18.77 39.68
N ALA H 143 -54.13 18.32 39.91
CA ALA H 143 -54.75 17.31 39.07
C ALA H 143 -54.99 17.89 37.68
N CYS H 144 -54.26 17.39 36.68
CA CYS H 144 -54.36 17.88 35.32
C CYS H 144 -54.72 16.72 34.40
N ASP H 145 -56.01 16.63 34.06
CA ASP H 145 -56.55 15.57 33.20
C ASP H 145 -56.22 15.84 31.72
N ASP H 146 -56.74 15.03 30.81
CA ASP H 146 -56.45 15.18 29.38
C ASP H 146 -57.00 16.46 28.75
N SER H 147 -58.11 16.98 29.27
CA SER H 147 -58.65 18.28 28.82
C SER H 147 -57.81 19.46 29.34
N CYS H 148 -57.29 19.33 30.56
CA CYS H 148 -56.30 20.27 31.11
C CYS H 148 -54.99 20.22 30.31
N MET H 149 -54.50 19.01 30.04
CA MET H 149 -53.30 18.83 29.21
C MET H 149 -53.49 19.36 27.80
N GLU H 150 -54.67 19.16 27.22
CA GLU H 150 -55.02 19.73 25.92
C GLU H 150 -55.04 21.26 25.93
N SER H 151 -55.51 21.84 27.03
CA SER H 151 -55.54 23.31 27.18
C SER H 151 -54.13 23.92 27.23
N ILE H 152 -53.18 23.20 27.84
CA ILE H 152 -51.78 23.62 27.88
C ILE H 152 -51.16 23.55 26.47
N ARG H 153 -51.46 22.48 25.75
CA ARG H 153 -50.98 22.33 24.36
C ARG H 153 -51.60 23.31 23.36
N ASN H 154 -52.88 23.62 23.55
CA ASN H 154 -53.64 24.49 22.63
C ASN H 154 -53.64 25.96 23.10
N ASN H 155 -53.01 26.24 24.25
CA ASN H 155 -52.82 27.60 24.77
C ASN H 155 -54.13 28.24 25.24
N THR H 156 -54.95 27.47 25.95
CA THR H 156 -56.16 27.97 26.61
C THR H 156 -56.16 27.64 28.11
N TYR H 157 -54.97 27.37 28.66
CA TYR H 157 -54.83 27.06 30.08
C TYR H 157 -54.90 28.37 30.87
N ASP H 158 -55.78 28.40 31.87
CA ASP H 158 -55.97 29.55 32.74
C ASP H 158 -55.43 29.17 34.12
N HIS H 159 -54.26 29.71 34.46
CA HIS H 159 -53.56 29.36 35.71
C HIS H 159 -54.37 29.61 36.98
N SER H 160 -55.21 30.64 36.97
CA SER H 160 -55.99 31.02 38.15
C SER H 160 -57.00 29.95 38.59
N GLN H 161 -57.54 29.18 37.65
CA GLN H 161 -58.37 28.00 37.98
C GLN H 161 -57.72 27.06 38.98
N TYR H 162 -56.41 26.82 38.80
CA TYR H 162 -55.66 25.82 39.57
C TYR H 162 -54.66 26.43 40.55
N ARG H 163 -54.68 27.75 40.69
CA ARG H 163 -53.66 28.46 41.48
C ARG H 163 -53.77 28.11 42.96
N GLU H 164 -54.97 28.22 43.52
CA GLU H 164 -55.20 27.96 44.96
C GLU H 164 -54.80 26.53 45.36
N GLU H 165 -55.16 25.55 44.52
CA GLU H 165 -54.75 24.16 44.72
C GLU H 165 -53.23 23.99 44.61
N ALA H 166 -52.66 24.55 43.54
CA ALA H 166 -51.26 24.31 43.20
C ALA H 166 -50.26 24.87 44.21
N LEU H 167 -50.48 26.10 44.65
CA LEU H 167 -49.59 26.73 45.63
C LEU H 167 -49.53 25.97 46.96
N LEU H 168 -50.65 25.41 47.40
CA LEU H 168 -50.68 24.55 48.59
C LEU H 168 -49.83 23.28 48.41
N ASN H 169 -50.00 22.61 47.26
CA ASN H 169 -49.19 21.42 46.93
C ASN H 169 -47.69 21.74 46.83
N ARG H 170 -47.37 22.89 46.25
CA ARG H 170 -45.97 23.36 46.16
C ARG H 170 -45.34 23.69 47.52
N LEU H 171 -46.14 24.24 48.44
CA LEU H 171 -45.65 24.67 49.76
C LEU H 171 -45.55 23.53 50.79
N ASN H 172 -46.46 22.56 50.72
CA ASN H 172 -46.44 21.37 51.60
C ASN H 172 -46.92 20.12 50.87
N ASP I 1 -57.04 42.85 39.93
CA ASP I 1 -56.27 43.71 38.98
C ASP I 1 -55.05 44.36 39.67
N PRO I 2 -53.92 43.62 39.78
CA PRO I 2 -52.67 44.20 40.32
C PRO I 2 -52.02 45.22 39.38
N ASP I 3 -51.06 45.97 39.90
CA ASP I 3 -50.31 46.94 39.11
C ASP I 3 -49.47 46.20 38.08
N LYS I 4 -49.39 46.75 36.87
CA LYS I 4 -48.80 46.05 35.73
C LYS I 4 -47.75 46.93 35.02
N ILE I 5 -46.62 46.31 34.62
CA ILE I 5 -45.66 46.96 33.72
C ILE I 5 -45.39 46.06 32.51
N CYS I 6 -45.45 46.64 31.33
CA CYS I 6 -45.41 45.92 30.05
C CYS I 6 -44.16 46.32 29.28
N LEU I 7 -43.38 45.32 28.85
CA LEU I 7 -42.28 45.57 27.91
C LEU I 7 -42.81 45.50 26.49
N GLY I 8 -42.24 46.32 25.61
CA GLY I 8 -42.65 46.34 24.20
C GLY I 8 -41.65 47.04 23.31
N HIS I 9 -41.95 47.07 22.02
CA HIS I 9 -41.08 47.65 21.00
C HIS I 9 -41.89 48.44 19.97
N HIS I 10 -41.21 49.33 19.25
CA HIS I 10 -41.90 50.22 18.31
C HIS I 10 -42.35 49.52 17.03
N ALA I 11 -43.10 50.25 16.22
CA ALA I 11 -43.56 49.75 14.91
C ALA I 11 -43.90 50.92 13.98
N VAL I 12 -44.18 50.59 12.71
CA VAL I 12 -44.55 51.58 11.69
C VAL I 12 -45.68 51.05 10.82
N ALA I 13 -46.34 51.97 10.12
CA ALA I 13 -47.41 51.64 9.17
C ALA I 13 -46.85 51.37 7.77
N ASN I 14 -45.86 52.17 7.37
CA ASN I 14 -45.19 52.02 6.07
C ASN I 14 -43.92 51.16 6.21
N GLY I 15 -44.12 49.88 6.55
CA GLY I 15 -43.01 48.93 6.70
C GLY I 15 -42.49 48.44 5.37
N THR I 16 -41.19 48.14 5.32
CA THR I 16 -40.51 47.73 4.08
C THR I 16 -40.23 46.22 4.06
N ILE I 17 -40.34 45.63 2.87
CA ILE I 17 -40.10 44.21 2.66
C ILE I 17 -38.62 43.98 2.31
N VAL I 18 -37.99 43.00 2.98
CA VAL I 18 -36.60 42.60 2.70
C VAL I 18 -36.49 41.08 2.59
N LYS I 19 -35.36 40.62 2.07
CA LYS I 19 -35.07 39.19 1.96
C LYS I 19 -34.09 38.77 3.05
N THR I 20 -34.35 37.61 3.65
CA THR I 20 -33.46 37.01 4.64
C THR I 20 -33.07 35.61 4.16
N LEU I 21 -32.28 34.92 4.98
CA LEU I 21 -31.88 33.55 4.68
C LEU I 21 -33.10 32.61 4.55
N THR I 22 -34.11 32.84 5.39
CA THR I 22 -35.30 31.98 5.49
C THR I 22 -36.62 32.52 4.88
N ASN I 23 -36.73 33.83 4.67
CA ASN I 23 -37.99 34.48 4.31
C ASN I 23 -37.77 35.48 3.17
N GLU I 24 -38.57 35.35 2.10
CA GLU I 24 -38.46 36.19 0.91
C GLU I 24 -39.33 37.47 0.97
N GLN I 25 -40.27 37.52 1.92
CA GLN I 25 -41.18 38.67 2.09
C GLN I 25 -41.23 39.09 3.57
N GLU I 26 -40.06 39.32 4.16
CA GLU I 26 -39.95 39.70 5.57
C GLU I 26 -40.13 41.21 5.71
N GLU I 27 -41.11 41.64 6.51
CA GLU I 27 -41.40 43.05 6.71
C GLU I 27 -40.61 43.61 7.89
N VAL I 28 -39.73 44.58 7.64
CA VAL I 28 -38.99 45.29 8.70
C VAL I 28 -39.38 46.77 8.73
N THR I 29 -39.01 47.46 9.81
CA THR I 29 -39.45 48.84 10.05
C THR I 29 -38.86 49.82 9.05
N ASN I 30 -37.57 49.68 8.78
CA ASN I 30 -36.84 50.55 7.86
C ASN I 30 -35.83 49.69 7.09
N ALA I 31 -35.36 50.21 5.96
CA ALA I 31 -34.35 49.54 5.15
C ALA I 31 -33.70 50.53 4.19
N THR I 32 -32.58 50.13 3.60
CA THR I 32 -31.85 50.99 2.67
C THR I 32 -31.27 50.19 1.49
N GLU I 33 -31.06 50.88 0.38
CA GLU I 33 -30.66 50.26 -0.88
C GLU I 33 -29.16 50.01 -0.88
N THR I 34 -28.74 48.88 -1.47
CA THR I 34 -27.32 48.54 -1.68
C THR I 34 -26.89 48.53 -3.15
N VAL I 35 -27.82 48.40 -4.09
CA VAL I 35 -27.51 48.46 -5.54
C VAL I 35 -27.90 49.82 -6.12
N GLU I 36 -26.92 50.57 -6.60
CA GLU I 36 -27.15 51.89 -7.20
C GLU I 36 -27.72 51.75 -8.62
N SER I 37 -28.80 52.48 -8.90
CA SER I 37 -29.41 52.52 -10.25
C SER I 37 -29.30 53.89 -10.96
N THR I 38 -29.22 54.98 -10.19
CA THR I 38 -29.07 56.32 -10.76
C THR I 38 -27.63 56.56 -11.23
N SER I 39 -27.49 57.26 -12.35
CA SER I 39 -26.18 57.68 -12.86
C SER I 39 -26.27 59.09 -13.44
N LEU I 40 -25.27 59.92 -13.12
CA LEU I 40 -25.16 61.27 -13.70
C LEU I 40 -24.72 61.15 -15.16
N ASN I 41 -25.21 62.05 -16.00
CA ASN I 41 -24.85 62.09 -17.42
C ASN I 41 -23.85 63.25 -17.63
N ARG I 42 -22.75 63.17 -16.89
CA ARG I 42 -21.72 64.23 -16.88
C ARG I 42 -20.42 63.71 -16.26
N LEU I 43 -19.30 63.87 -16.98
CA LEU I 43 -17.98 63.46 -16.49
C LEU I 43 -17.50 64.40 -15.37
N CYS I 44 -17.67 63.96 -14.13
CA CYS I 44 -17.26 64.73 -12.96
C CYS I 44 -15.73 64.79 -12.84
N MET I 45 -15.15 65.98 -13.06
CA MET I 45 -13.69 66.14 -13.18
C MET I 45 -13.08 67.12 -12.17
N LYS I 46 -13.65 67.21 -10.97
CA LYS I 46 -13.07 68.07 -9.92
C LYS I 46 -11.82 67.40 -9.35
N GLY I 47 -10.78 68.20 -9.12
CA GLY I 47 -9.49 67.70 -8.66
C GLY I 47 -8.77 66.80 -9.66
N ARG I 48 -9.05 67.00 -10.96
CA ARG I 48 -8.47 66.20 -12.03
C ARG I 48 -7.94 67.09 -13.14
N ASN I 49 -6.63 67.03 -13.38
CA ASN I 49 -6.02 67.63 -14.57
C ASN I 49 -6.35 66.73 -15.76
N HIS I 50 -7.54 66.92 -16.32
CA HIS I 50 -8.04 66.09 -17.42
C HIS I 50 -7.67 66.66 -18.78
N LYS I 51 -7.98 65.90 -19.84
CA LYS I 51 -7.80 66.33 -21.23
C LYS I 51 -8.91 65.75 -22.09
N ASP I 52 -9.90 66.58 -22.43
CA ASP I 52 -10.95 66.20 -23.36
C ASP I 52 -10.40 66.34 -24.78
N LEU I 53 -10.26 65.22 -25.48
CA LEU I 53 -9.78 65.23 -26.87
C LEU I 53 -10.82 65.79 -27.84
N GLY I 54 -12.08 65.40 -27.64
CA GLY I 54 -13.18 65.87 -28.46
C GLY I 54 -13.16 65.24 -29.85
N ASN I 55 -12.80 66.05 -30.83
CA ASN I 55 -12.71 65.59 -32.23
C ASN I 55 -11.52 64.63 -32.41
N CYS I 56 -10.42 64.91 -31.70
CA CYS I 56 -9.17 64.16 -31.82
C CYS I 56 -9.26 62.72 -31.27
N HIS I 57 -8.50 61.83 -31.91
CA HIS I 57 -8.40 60.42 -31.54
C HIS I 57 -7.00 60.17 -30.97
N PRO I 58 -6.87 59.36 -29.91
CA PRO I 58 -5.57 59.18 -29.21
C PRO I 58 -4.37 58.91 -30.11
N ILE I 59 -4.52 58.00 -31.07
CA ILE I 59 -3.47 57.72 -32.06
C ILE I 59 -3.12 59.00 -32.83
N GLY I 60 -4.15 59.74 -33.24
CA GLY I 60 -3.99 61.00 -33.97
C GLY I 60 -2.94 61.95 -33.42
N MET I 61 -2.88 62.07 -32.10
CA MET I 61 -1.95 63.01 -31.46
C MET I 61 -0.47 62.58 -31.46
N LEU I 62 -0.18 61.32 -31.80
CA LEU I 62 1.21 60.87 -32.01
C LEU I 62 1.72 61.27 -33.40
N ILE I 63 0.89 61.09 -34.42
CA ILE I 63 1.23 61.46 -35.80
C ILE I 63 1.02 62.96 -36.08
N GLY I 64 0.00 63.55 -35.47
CA GLY I 64 -0.27 64.99 -35.57
C GLY I 64 -1.29 65.35 -36.63
N THR I 65 -2.49 64.79 -36.49
CA THR I 65 -3.61 65.09 -37.38
C THR I 65 -4.12 66.51 -37.09
N PRO I 66 -4.63 67.24 -38.12
CA PRO I 66 -5.22 68.58 -37.93
C PRO I 66 -6.09 68.77 -36.69
N ALA I 67 -6.95 67.80 -36.39
CA ALA I 67 -7.83 67.85 -35.21
C ALA I 67 -7.08 67.82 -33.87
N CYS I 68 -5.88 67.23 -33.84
CA CYS I 68 -5.07 67.09 -32.61
C CYS I 68 -3.96 68.14 -32.45
N ASP I 69 -4.10 69.32 -33.06
CA ASP I 69 -3.10 70.40 -32.90
C ASP I 69 -2.97 70.84 -31.45
N LEU I 70 -4.10 70.93 -30.75
CA LEU I 70 -4.12 71.30 -29.33
C LEU I 70 -3.54 70.23 -28.39
N HIS I 71 -3.51 68.97 -28.83
CA HIS I 71 -3.13 67.82 -27.99
C HIS I 71 -1.84 67.08 -28.42
N LEU I 72 -0.91 67.75 -29.09
CA LEU I 72 0.35 67.12 -29.51
C LEU I 72 1.27 66.77 -28.33
N THR I 73 1.26 67.60 -27.30
CA THR I 73 2.03 67.37 -26.07
C THR I 73 1.17 67.65 -24.85
N GLY I 74 1.76 67.61 -23.66
CA GLY I 74 1.09 67.99 -22.40
C GLY I 74 1.02 66.83 -21.44
N THR I 75 0.78 67.14 -20.15
CA THR I 75 0.66 66.13 -19.09
C THR I 75 -0.74 66.16 -18.47
N TRP I 76 -1.20 65.00 -18.02
CA TRP I 76 -2.54 64.83 -17.45
C TRP I 76 -2.61 63.60 -16.54
N ASP I 77 -3.68 63.52 -15.75
CA ASP I 77 -4.04 62.30 -15.02
C ASP I 77 -5.26 61.57 -15.60
N THR I 78 -6.01 62.23 -16.49
CA THR I 78 -7.20 61.63 -17.13
C THR I 78 -7.26 62.05 -18.59
N LEU I 79 -7.74 61.15 -19.44
CA LEU I 79 -7.78 61.37 -20.88
C LEU I 79 -9.08 60.81 -21.46
N ILE I 80 -9.90 61.70 -22.01
CA ILE I 80 -11.25 61.37 -22.47
C ILE I 80 -11.28 61.27 -24.00
N GLU I 81 -11.91 60.19 -24.50
CA GLU I 81 -12.03 59.92 -25.94
C GLU I 81 -13.51 59.93 -26.33
N ARG I 82 -13.82 60.51 -27.49
CA ARG I 82 -15.20 60.61 -27.97
C ARG I 82 -15.45 59.65 -29.12
N LYS I 83 -16.73 59.49 -29.46
CA LYS I 83 -17.14 58.62 -30.56
C LYS I 83 -16.78 59.27 -31.89
N ASN I 84 -16.55 58.44 -32.92
CA ASN I 84 -16.26 58.90 -34.29
C ASN I 84 -15.06 59.88 -34.37
N ALA I 85 -14.06 59.68 -33.52
CA ALA I 85 -12.92 60.59 -33.44
C ALA I 85 -11.99 60.44 -34.65
N ILE I 86 -11.46 61.56 -35.12
CA ILE I 86 -10.65 61.59 -36.34
C ILE I 86 -9.19 61.25 -35.99
N ALA I 87 -8.75 60.08 -36.42
CA ALA I 87 -7.35 59.64 -36.33
C ALA I 87 -6.59 59.91 -37.62
N TYR I 88 -7.23 59.64 -38.76
CA TYR I 88 -6.60 59.74 -40.07
C TYR I 88 -7.39 60.67 -41.00
N CYS I 89 -6.78 61.81 -41.37
CA CYS I 89 -7.35 62.71 -42.38
C CYS I 89 -7.16 62.10 -43.78
N TYR I 90 -5.91 61.78 -44.10
CA TYR I 90 -5.58 60.99 -45.28
C TYR I 90 -5.88 59.53 -44.95
N PRO I 91 -6.67 58.83 -45.80
CA PRO I 91 -7.14 57.48 -45.46
C PRO I 91 -6.04 56.43 -45.27
N GLY I 92 -6.33 55.41 -44.47
CA GLY I 92 -5.38 54.37 -44.10
C GLY I 92 -5.68 53.79 -42.72
N ALA I 93 -4.84 52.86 -42.27
CA ALA I 93 -5.03 52.21 -40.97
C ALA I 93 -3.70 51.84 -40.31
N THR I 94 -3.68 51.89 -38.98
CA THR I 94 -2.50 51.57 -38.18
C THR I 94 -2.51 50.09 -37.81
N VAL I 95 -1.39 49.39 -38.06
CA VAL I 95 -1.23 47.99 -37.65
C VAL I 95 -1.03 47.98 -36.12
N ASN I 96 -1.71 47.05 -35.46
CA ASN I 96 -1.92 47.06 -34.00
C ASN I 96 -2.53 48.39 -33.53
N GLU I 97 -3.63 48.75 -34.19
CA GLU I 97 -4.39 49.97 -33.87
C GLU I 97 -4.82 49.99 -32.41
N GLU I 98 -5.35 48.85 -31.95
CA GLU I 98 -5.91 48.75 -30.60
C GLU I 98 -4.86 48.76 -29.50
N ALA I 99 -3.73 48.11 -29.73
CA ALA I 99 -2.61 48.10 -28.77
C ALA I 99 -2.03 49.51 -28.56
N LEU I 100 -1.84 50.22 -29.66
CA LEU I 100 -1.37 51.61 -29.65
C LEU I 100 -2.33 52.53 -28.90
N ARG I 101 -3.63 52.41 -29.21
CA ARG I 101 -4.68 53.23 -28.61
C ARG I 101 -4.77 53.03 -27.09
N GLN I 102 -4.71 51.77 -26.64
CA GLN I 102 -4.74 51.44 -25.20
C GLN I 102 -3.58 52.08 -24.45
N LYS I 103 -2.37 51.98 -25.02
CA LYS I 103 -1.15 52.48 -24.40
C LYS I 103 -1.15 54.02 -24.26
N ILE I 104 -1.78 54.70 -25.21
CA ILE I 104 -1.94 56.16 -25.16
C ILE I 104 -2.96 56.54 -24.08
N MET I 105 -4.13 55.89 -24.11
CA MET I 105 -5.19 56.10 -23.11
C MET I 105 -4.74 55.77 -21.68
N GLU I 106 -3.83 54.80 -21.56
CA GLU I 106 -3.23 54.40 -20.28
C GLU I 106 -2.23 55.45 -19.74
N SER I 107 -1.57 56.18 -20.65
CA SER I 107 -0.55 57.16 -20.27
C SER I 107 -1.12 58.40 -19.58
N GLY I 108 -0.23 59.13 -18.91
CA GLY I 108 -0.56 60.39 -18.25
C GLY I 108 0.23 61.55 -18.82
N GLY I 109 0.35 61.60 -20.14
CA GLY I 109 1.04 62.69 -20.84
C GLY I 109 1.86 62.27 -22.04
N ILE I 110 2.22 63.26 -22.87
CA ILE I 110 3.07 63.07 -24.06
C ILE I 110 4.13 64.16 -24.18
N SER I 111 5.38 63.74 -24.42
CA SER I 111 6.48 64.64 -24.76
C SER I 111 7.00 64.29 -26.15
N LYS I 112 7.27 65.30 -26.96
CA LYS I 112 7.81 65.09 -28.31
C LYS I 112 9.32 65.36 -28.34
N ILE I 113 10.04 64.52 -29.10
CA ILE I 113 11.47 64.67 -29.32
C ILE I 113 11.70 64.68 -30.83
N ASN I 114 12.60 65.57 -31.28
CA ASN I 114 12.94 65.68 -32.71
C ASN I 114 13.81 64.51 -33.16
N THR I 115 13.56 64.01 -34.36
CA THR I 115 14.39 62.95 -34.94
C THR I 115 15.72 63.50 -35.46
N GLY I 116 15.68 64.70 -36.04
CA GLY I 116 16.86 65.29 -36.68
C GLY I 116 17.13 64.64 -38.02
N PHE I 117 16.07 64.43 -38.79
CA PHE I 117 16.15 63.76 -40.09
C PHE I 117 16.23 64.82 -41.16
N THR I 118 17.43 65.03 -41.70
CA THR I 118 17.65 65.90 -42.86
C THR I 118 17.66 65.06 -44.14
N TYR I 119 17.21 65.68 -45.23
CA TYR I 119 17.07 65.00 -46.53
C TYR I 119 17.81 65.80 -47.61
N GLY I 120 18.30 65.10 -48.64
CA GLY I 120 19.05 65.73 -49.73
C GLY I 120 18.26 66.73 -50.58
N SER I 121 18.95 67.36 -51.52
CA SER I 121 18.35 68.37 -52.41
C SER I 121 17.31 67.77 -53.38
N SER I 122 17.57 66.55 -53.85
CA SER I 122 16.67 65.83 -54.77
C SER I 122 15.34 65.35 -54.15
N ILE I 123 15.24 65.36 -52.80
CA ILE I 123 14.02 64.98 -52.08
C ILE I 123 13.18 66.23 -51.74
N ASN I 124 11.85 66.09 -51.84
CA ASN I 124 10.88 67.13 -51.49
C ASN I 124 10.20 66.74 -50.17
N SER I 125 10.79 67.19 -49.07
CA SER I 125 10.33 66.80 -47.73
C SER I 125 9.00 67.43 -47.29
N ALA I 126 8.57 68.51 -47.95
CA ALA I 126 7.35 69.23 -47.56
C ALA I 126 6.16 68.96 -48.49
N GLY I 127 5.94 67.69 -48.85
CA GLY I 127 4.79 67.28 -49.67
C GLY I 127 3.49 67.36 -48.90
N THR I 128 2.44 67.88 -49.53
CA THR I 128 1.14 68.12 -48.89
C THR I 128 -0.04 67.62 -49.73
N THR I 129 -1.24 67.65 -49.15
CA THR I 129 -2.46 67.14 -49.79
C THR I 129 -3.72 67.85 -49.32
N LYS I 130 -4.78 67.75 -50.15
CA LYS I 130 -6.08 68.37 -49.87
C LYS I 130 -6.93 67.64 -48.82
N ALA I 131 -6.56 66.40 -48.48
CA ALA I 131 -7.27 65.63 -47.45
C ALA I 131 -7.08 66.26 -46.06
N CYS I 132 -5.83 66.44 -45.67
CA CYS I 132 -5.47 67.01 -44.37
C CYS I 132 -5.39 68.54 -44.46
N MET I 133 -6.51 69.21 -44.17
CA MET I 133 -6.60 70.67 -44.25
C MET I 133 -6.20 71.34 -42.93
N ARG I 134 -5.17 72.19 -42.96
CA ARG I 134 -4.71 72.97 -41.81
C ARG I 134 -4.67 74.45 -42.18
N ASN I 135 -5.29 75.29 -41.35
CA ASN I 135 -5.48 76.73 -41.62
C ASN I 135 -6.20 76.99 -42.97
N GLY I 136 -7.19 76.16 -43.28
CA GLY I 136 -7.97 76.28 -44.52
C GLY I 136 -7.18 76.12 -45.81
N GLY I 137 -6.26 75.16 -45.84
CA GLY I 137 -5.42 74.91 -47.02
C GLY I 137 -4.66 73.60 -46.94
N ASN I 138 -4.02 73.20 -48.03
CA ASN I 138 -3.30 71.92 -48.13
C ASN I 138 -2.21 71.76 -47.07
N SER I 139 -2.09 70.55 -46.51
CA SER I 139 -1.12 70.25 -45.45
C SER I 139 -0.93 68.74 -45.24
N PHE I 140 -0.08 68.38 -44.30
CA PHE I 140 0.22 66.99 -43.96
C PHE I 140 0.27 66.82 -42.44
N TYR I 141 0.48 65.59 -41.97
CA TYR I 141 0.64 65.30 -40.53
C TYR I 141 1.82 66.06 -39.96
N ALA I 142 1.63 66.61 -38.75
CA ALA I 142 2.61 67.49 -38.12
C ALA I 142 3.92 66.80 -37.78
N GLU I 143 3.85 65.55 -37.32
CA GLU I 143 5.02 64.82 -36.82
C GLU I 143 5.64 63.85 -37.85
N LEU I 144 5.20 63.94 -39.11
CA LEU I 144 5.77 63.15 -40.20
C LEU I 144 6.08 64.04 -41.41
N LYS I 145 6.80 63.48 -42.37
CA LYS I 145 7.17 64.19 -43.61
C LYS I 145 6.99 63.26 -44.82
N TRP I 146 6.15 63.68 -45.77
CA TRP I 146 5.90 62.93 -47.01
C TRP I 146 7.08 63.12 -47.97
N LEU I 147 7.91 62.08 -48.11
CA LEU I 147 9.14 62.15 -48.91
C LEU I 147 8.91 61.71 -50.37
N VAL I 148 8.80 62.69 -51.27
CA VAL I 148 8.70 62.47 -52.72
C VAL I 148 9.86 63.17 -53.42
N SER I 149 10.09 62.84 -54.69
CA SER I 149 11.20 63.42 -55.46
C SER I 149 10.90 64.88 -55.86
N LYS I 150 11.96 65.68 -55.98
CA LYS I 150 11.81 67.13 -56.24
C LYS I 150 11.35 67.36 -57.68
N ASN I 151 12.06 66.76 -58.62
CA ASN I 151 11.64 66.78 -60.03
C ASN I 151 10.56 65.72 -60.24
N LYS I 152 9.50 66.09 -60.94
CA LYS I 152 8.42 65.16 -61.28
C LYS I 152 8.93 64.16 -62.31
N GLY I 153 8.82 62.86 -62.01
CA GLY I 153 9.19 61.79 -62.94
C GLY I 153 10.43 61.01 -62.55
N GLN I 154 11.46 61.70 -62.06
CA GLN I 154 12.75 61.05 -61.77
C GLN I 154 12.68 60.08 -60.59
N ASN I 155 13.72 59.25 -60.46
CA ASN I 155 13.79 58.25 -59.39
C ASN I 155 14.10 58.90 -58.04
N PHE I 156 13.69 58.22 -56.98
CA PHE I 156 13.93 58.65 -55.60
C PHE I 156 15.28 58.08 -55.16
N PRO I 157 16.12 58.90 -54.49
CA PRO I 157 17.47 58.43 -54.10
C PRO I 157 17.46 57.47 -52.91
N GLN I 158 18.43 56.55 -52.88
CA GLN I 158 18.58 55.59 -51.80
C GLN I 158 19.17 56.27 -50.57
N THR I 159 18.30 56.93 -49.80
CA THR I 159 18.68 57.62 -48.56
C THR I 159 18.35 56.79 -47.33
N THR I 160 19.05 57.10 -46.22
CA THR I 160 18.94 56.35 -44.97
C THR I 160 19.01 57.30 -43.77
N ASN I 161 17.96 57.28 -42.95
CA ASN I 161 17.86 58.08 -41.73
C ASN I 161 17.94 57.19 -40.49
N THR I 162 18.38 57.75 -39.37
CA THR I 162 18.53 56.99 -38.11
C THR I 162 18.28 57.87 -36.88
N TYR I 163 17.28 57.49 -36.07
CA TYR I 163 16.98 58.16 -34.79
C TYR I 163 17.66 57.44 -33.64
N ARG I 164 18.40 58.17 -32.81
CA ARG I 164 19.00 57.65 -31.58
C ARG I 164 18.15 58.04 -30.37
N ASN I 165 17.86 57.07 -29.51
CA ASN I 165 17.16 57.32 -28.26
C ASN I 165 18.20 57.67 -27.20
N ALA I 166 18.48 58.97 -27.09
CA ALA I 166 19.40 59.50 -26.09
C ALA I 166 18.83 59.52 -24.67
N ASP I 167 17.50 59.47 -24.56
CA ASP I 167 16.78 59.54 -23.28
C ASP I 167 16.97 58.25 -22.46
N THR I 168 16.73 58.35 -21.15
CA THR I 168 16.76 57.20 -20.24
C THR I 168 15.46 56.37 -20.22
N ALA I 169 14.40 56.85 -20.89
CA ALA I 169 13.12 56.14 -21.01
C ALA I 169 12.80 55.84 -22.48
N GLU I 170 11.83 54.96 -22.70
CA GLU I 170 11.48 54.50 -24.06
C GLU I 170 10.65 55.54 -24.82
N HIS I 171 10.86 55.59 -26.14
CA HIS I 171 10.09 56.47 -27.02
C HIS I 171 9.29 55.66 -28.01
N LEU I 172 8.13 56.18 -28.39
CA LEU I 172 7.28 55.58 -29.41
C LEU I 172 7.55 56.30 -30.73
N ILE I 173 7.92 55.54 -31.76
CA ILE I 173 8.19 56.08 -33.10
C ILE I 173 7.18 55.49 -34.08
N MET I 174 6.66 56.33 -34.97
CA MET I 174 5.66 55.94 -35.96
C MET I 174 6.10 56.35 -37.37
N TRP I 175 5.57 55.65 -38.37
CA TRP I 175 5.88 55.96 -39.77
C TRP I 175 4.85 55.36 -40.72
N GLY I 176 4.56 56.08 -41.81
CA GLY I 176 3.60 55.65 -42.82
C GLY I 176 4.29 55.20 -44.11
N ILE I 177 3.54 54.48 -44.95
CA ILE I 177 4.01 53.99 -46.25
C ILE I 177 2.91 54.24 -47.28
N HIS I 178 3.23 55.04 -48.31
CA HIS I 178 2.24 55.46 -49.31
C HIS I 178 1.94 54.35 -50.31
N HIS I 179 0.69 53.89 -50.31
CA HIS I 179 0.15 52.96 -51.31
C HIS I 179 -0.64 53.83 -52.31
N PRO I 180 -0.04 54.12 -53.49
CA PRO I 180 -0.52 55.24 -54.32
C PRO I 180 -1.77 55.00 -55.19
N SER I 181 -2.14 53.74 -55.43
CA SER I 181 -3.32 53.38 -56.25
C SER I 181 -3.27 53.82 -57.73
N SER I 182 -2.08 54.09 -58.25
CA SER I 182 -1.90 54.50 -59.66
C SER I 182 -0.43 54.38 -60.05
N THR I 183 -0.14 53.72 -61.17
CA THR I 183 1.23 53.61 -61.69
C THR I 183 1.74 54.96 -62.23
N GLN I 184 0.82 55.79 -62.72
CA GLN I 184 1.12 57.19 -63.08
C GLN I 184 1.56 58.00 -61.85
N GLU I 185 0.80 57.90 -60.76
CA GLU I 185 1.10 58.61 -59.51
C GLU I 185 2.34 58.06 -58.81
N LYS I 186 2.55 56.74 -58.87
CA LYS I 186 3.73 56.10 -58.28
C LYS I 186 5.02 56.51 -58.96
N ASN I 187 4.98 56.62 -60.30
CA ASN I 187 6.16 56.98 -61.09
C ASN I 187 6.50 58.46 -61.03
N ASP I 188 5.50 59.34 -61.19
CA ASP I 188 5.75 60.79 -61.23
C ASP I 188 6.09 61.44 -59.88
N LEU I 189 5.83 60.74 -58.76
CA LEU I 189 6.24 61.19 -57.42
C LEU I 189 7.54 60.51 -56.96
N TYR I 190 7.61 59.19 -57.08
CA TYR I 190 8.73 58.41 -56.53
C TYR I 190 9.70 57.93 -57.61
N GLY I 191 9.19 57.14 -58.56
CA GLY I 191 10.02 56.60 -59.65
C GLY I 191 9.48 55.33 -60.28
N THR I 192 10.03 54.99 -61.45
CA THR I 192 9.63 53.79 -62.20
C THR I 192 10.08 52.49 -61.55
N GLN I 193 11.26 52.50 -60.94
CA GLN I 193 11.84 51.31 -60.28
C GLN I 193 10.99 50.81 -59.11
N SER I 194 11.19 49.55 -58.74
CA SER I 194 10.47 48.95 -57.61
C SER I 194 10.98 49.54 -56.29
N LEU I 195 10.05 50.04 -55.48
CA LEU I 195 10.37 50.73 -54.22
C LEU I 195 10.49 49.71 -53.08
N SER I 196 11.46 49.92 -52.19
CA SER I 196 11.62 49.07 -51.00
C SER I 196 11.96 49.93 -49.77
N ILE I 197 11.18 49.75 -48.70
CA ILE I 197 11.31 50.53 -47.47
C ILE I 197 11.66 49.57 -46.32
N SER I 198 12.86 49.72 -45.77
CA SER I 198 13.35 48.86 -44.69
C SER I 198 13.45 49.63 -43.37
N VAL I 199 13.03 48.98 -42.28
CA VAL I 199 13.11 49.54 -40.93
C VAL I 199 13.83 48.52 -40.03
N GLY I 200 14.59 49.02 -39.06
CA GLY I 200 15.36 48.14 -38.19
C GLY I 200 15.96 48.80 -36.96
N SER I 201 15.65 48.25 -35.78
CA SER I 201 16.24 48.67 -34.51
C SER I 201 16.97 47.46 -33.90
N SER I 202 17.26 47.52 -32.59
CA SER I 202 17.81 46.37 -31.86
C SER I 202 16.73 45.33 -31.50
N THR I 203 15.49 45.79 -31.34
CA THR I 203 14.36 44.94 -30.91
C THR I 203 13.27 44.76 -31.97
N TYR I 204 13.34 45.49 -33.09
CA TYR I 204 12.32 45.46 -34.14
C TYR I 204 12.98 45.37 -35.51
N LYS I 205 12.27 44.78 -36.46
CA LYS I 205 12.77 44.57 -37.82
C LYS I 205 11.59 44.31 -38.74
N ASN I 206 11.63 44.91 -39.92
CA ASN I 206 10.55 44.73 -40.90
C ASN I 206 10.92 45.33 -42.26
N ASN I 207 10.30 44.80 -43.31
CA ASN I 207 10.48 45.29 -44.66
C ASN I 207 9.09 45.59 -45.25
N PHE I 208 8.99 46.67 -46.01
CA PHE I 208 7.70 47.15 -46.55
C PHE I 208 7.84 47.50 -48.03
N VAL I 209 7.04 46.84 -48.87
CA VAL I 209 6.96 47.12 -50.30
C VAL I 209 5.59 47.74 -50.56
N PRO I 210 5.54 48.99 -51.07
CA PRO I 210 4.25 49.63 -51.38
C PRO I 210 3.43 48.90 -52.45
N VAL I 211 2.34 48.26 -52.04
CA VAL I 211 1.36 47.69 -52.97
C VAL I 211 0.56 48.82 -53.61
N VAL I 212 0.19 48.63 -54.88
CA VAL I 212 -0.54 49.65 -55.65
C VAL I 212 -1.80 49.02 -56.28
N GLY I 213 -2.95 49.60 -55.98
CA GLY I 213 -4.23 49.16 -56.55
C GLY I 213 -5.33 50.16 -56.25
N ALA I 214 -6.31 50.26 -57.16
CA ALA I 214 -7.39 51.24 -57.05
C ALA I 214 -8.34 50.94 -55.88
N ARG I 215 -8.05 51.53 -54.73
CA ARG I 215 -8.90 51.40 -53.54
C ARG I 215 -10.05 52.44 -53.60
N PRO I 216 -11.22 52.11 -53.01
CA PRO I 216 -12.36 53.06 -53.00
C PRO I 216 -12.04 54.44 -52.43
N GLN I 217 -12.54 55.49 -53.09
CA GLN I 217 -12.22 56.88 -52.74
C GLN I 217 -12.91 57.33 -51.46
N VAL I 218 -12.11 57.76 -50.48
CA VAL I 218 -12.59 58.29 -49.19
C VAL I 218 -11.77 59.52 -48.80
N ASN I 219 -12.45 60.59 -48.37
CA ASN I 219 -11.87 61.93 -48.21
C ASN I 219 -11.30 62.51 -49.52
N GLY I 220 -11.88 62.11 -50.65
CA GLY I 220 -11.40 62.50 -51.99
C GLY I 220 -10.05 61.91 -52.41
N GLN I 221 -9.67 60.77 -51.84
CA GLN I 221 -8.38 60.13 -52.11
C GLN I 221 -8.54 58.61 -52.28
N SER I 222 -8.07 58.07 -53.40
CA SER I 222 -8.14 56.62 -53.66
C SER I 222 -6.96 55.83 -53.04
N GLY I 223 -5.81 56.49 -52.88
CA GLY I 223 -4.63 55.87 -52.26
C GLY I 223 -4.76 55.70 -50.75
N ARG I 224 -3.72 55.10 -50.16
CA ARG I 224 -3.69 54.81 -48.71
C ARG I 224 -2.31 55.09 -48.11
N ILE I 225 -2.30 55.51 -46.85
CA ILE I 225 -1.06 55.63 -46.05
C ILE I 225 -1.25 54.82 -44.76
N ASP I 226 -0.75 53.58 -44.77
CA ASP I 226 -0.86 52.67 -43.63
CA ASP I 226 -0.86 52.67 -43.63
C ASP I 226 0.32 52.89 -42.67
N PHE I 227 0.02 53.12 -41.39
CA PHE I 227 1.05 53.40 -40.38
C PHE I 227 1.48 52.15 -39.63
N HIS I 228 2.75 52.14 -39.23
CA HIS I 228 3.33 51.11 -38.39
C HIS I 228 4.12 51.78 -37.26
N TRP I 229 4.30 51.07 -36.15
CA TRP I 229 4.99 51.64 -34.99
C TRP I 229 5.80 50.62 -34.20
N THR I 230 6.64 51.15 -33.31
CA THR I 230 7.45 50.33 -32.40
C THR I 230 7.95 51.21 -31.26
N LEU I 231 8.63 50.59 -30.29
CA LEU I 231 9.22 51.29 -29.17
C LEU I 231 10.75 51.19 -29.25
N VAL I 232 11.43 52.34 -29.26
CA VAL I 232 12.89 52.38 -29.26
C VAL I 232 13.35 52.52 -27.81
N GLN I 233 14.09 51.52 -27.31
CA GLN I 233 14.57 51.50 -25.93
C GLN I 233 15.69 52.53 -25.66
N PRO I 234 15.95 52.84 -24.38
CA PRO I 234 17.06 53.73 -24.00
C PRO I 234 18.42 53.29 -24.54
N GLY I 235 19.10 54.19 -25.24
CA GLY I 235 20.43 53.95 -25.80
C GLY I 235 20.47 53.20 -27.12
N ASP I 236 19.30 53.03 -27.77
CA ASP I 236 19.19 52.25 -29.00
C ASP I 236 18.84 53.16 -30.18
N LYS I 237 19.27 52.76 -31.37
CA LYS I 237 18.98 53.46 -32.60
C LYS I 237 17.80 52.81 -33.32
N ILE I 238 17.41 53.39 -34.46
CA ILE I 238 16.46 52.76 -35.38
C ILE I 238 16.68 53.34 -36.79
N THR I 239 16.97 52.47 -37.75
CA THR I 239 17.36 52.88 -39.12
C THR I 239 16.17 52.85 -40.08
N PHE I 240 16.21 53.68 -41.13
CA PHE I 240 15.12 53.82 -42.10
C PHE I 240 15.65 53.87 -43.55
N SER I 241 16.24 52.76 -44.01
CA SER I 241 16.72 52.66 -45.39
C SER I 241 15.52 52.60 -46.33
N HIS I 242 15.41 53.53 -47.27
CA HIS I 242 14.26 53.58 -48.16
C HIS I 242 14.57 54.17 -49.55
N ASN I 243 14.07 53.50 -50.59
CA ASN I 243 14.22 53.93 -51.98
C ASN I 243 12.90 54.54 -52.47
N GLY I 244 12.30 55.42 -51.66
CA GLY I 244 11.03 56.07 -51.98
C GLY I 244 9.82 55.37 -51.40
N GLY I 245 8.78 56.15 -51.12
CA GLY I 245 7.50 55.62 -50.63
C GLY I 245 7.24 55.89 -49.15
N LEU I 246 8.31 56.07 -48.37
CA LEU I 246 8.20 56.24 -46.91
C LEU I 246 7.67 57.62 -46.50
N ILE I 247 6.92 57.63 -45.40
CA ILE I 247 6.53 58.85 -44.69
C ILE I 247 7.28 58.78 -43.37
N ALA I 248 8.44 59.43 -43.32
CA ALA I 248 9.32 59.35 -42.14
C ALA I 248 8.83 60.27 -41.04
N PRO I 249 9.23 60.00 -39.78
CA PRO I 249 8.89 60.89 -38.67
C PRO I 249 9.87 62.05 -38.48
N SER I 250 9.33 63.26 -38.34
CA SER I 250 10.11 64.43 -37.91
C SER I 250 10.22 64.48 -36.38
N ARG I 251 9.16 64.06 -35.68
CA ARG I 251 9.17 63.96 -34.22
C ARG I 251 8.72 62.58 -33.74
N VAL I 252 9.24 62.19 -32.58
CA VAL I 252 8.85 60.94 -31.91
C VAL I 252 8.26 61.26 -30.55
N SER I 253 7.31 60.43 -30.13
CA SER I 253 6.53 60.64 -28.93
C SER I 253 7.13 59.88 -27.75
N LYS I 254 6.96 60.43 -26.55
CA LYS I 254 7.29 59.75 -25.30
C LYS I 254 6.08 59.82 -24.38
N LEU I 255 5.38 58.69 -24.24
CA LEU I 255 4.26 58.59 -23.32
C LEU I 255 4.83 58.60 -21.91
N ILE I 256 4.42 59.56 -21.08
CA ILE I 256 5.02 59.76 -19.75
C ILE I 256 3.98 59.57 -18.64
N GLY I 257 4.33 58.79 -17.62
CA GLY I 257 3.49 58.60 -16.45
C GLY I 257 2.29 57.72 -16.70
N ARG I 258 1.33 57.80 -15.77
CA ARG I 258 0.10 56.98 -15.78
C ARG I 258 -1.14 57.88 -15.71
N GLY I 259 -2.23 57.40 -16.31
CA GLY I 259 -3.50 58.13 -16.33
C GLY I 259 -4.70 57.25 -16.66
N LEU I 260 -5.88 57.75 -16.30
CA LEU I 260 -7.13 57.03 -16.50
C LEU I 260 -7.64 57.26 -17.93
N GLY I 261 -7.99 56.18 -18.62
CA GLY I 261 -8.53 56.23 -19.98
C GLY I 261 -10.03 56.04 -20.01
N ILE I 262 -10.75 57.13 -20.29
CA ILE I 262 -12.23 57.14 -20.27
C ILE I 262 -12.78 57.25 -21.70
N GLN I 263 -13.67 56.35 -22.08
CA GLN I 263 -14.41 56.41 -23.34
C GLN I 263 -15.88 56.70 -23.05
N SER I 264 -16.36 57.87 -23.45
CA SER I 264 -17.73 58.32 -23.15
C SER I 264 -18.17 59.50 -24.02
N GLU I 265 -19.48 59.58 -24.28
CA GLU I 265 -20.07 60.69 -25.04
C GLU I 265 -20.48 61.88 -24.16
N ALA I 266 -20.65 61.64 -22.86
CA ALA I 266 -21.18 62.67 -21.94
C ALA I 266 -20.21 63.84 -21.73
N PRO I 267 -20.73 65.04 -21.40
CA PRO I 267 -19.90 66.25 -21.29
C PRO I 267 -19.16 66.39 -19.95
N ILE I 268 -18.21 67.32 -19.91
CA ILE I 268 -17.41 67.60 -18.69
C ILE I 268 -18.26 68.36 -17.66
N ASP I 269 -17.89 68.24 -16.39
CA ASP I 269 -18.37 69.11 -15.31
C ASP I 269 -17.28 69.23 -14.25
N ASN I 270 -16.60 70.39 -14.18
CA ASN I 270 -15.46 70.59 -13.26
C ASN I 270 -15.85 71.04 -11.82
N SER I 271 -17.14 71.09 -11.51
CA SER I 271 -17.62 71.35 -10.15
C SER I 271 -17.74 70.07 -9.30
N CYS I 272 -18.09 68.96 -9.94
CA CYS I 272 -18.34 67.66 -9.29
C CYS I 272 -17.11 66.74 -9.32
N GLU I 273 -16.88 66.02 -8.22
CA GLU I 273 -15.78 65.03 -8.11
C GLU I 273 -16.32 63.61 -8.18
N SER I 274 -15.58 62.72 -8.85
CA SER I 274 -15.93 61.29 -8.94
C SER I 274 -14.69 60.44 -9.20
N LYS I 275 -14.80 59.15 -8.91
CA LYS I 275 -13.75 58.17 -9.21
C LYS I 275 -14.18 56.98 -10.07
N CYS I 276 -15.46 56.92 -10.45
CA CYS I 276 -15.99 55.83 -11.28
C CYS I 276 -16.66 56.44 -12.51
N PHE I 277 -16.36 55.88 -13.68
CA PHE I 277 -16.86 56.39 -14.95
C PHE I 277 -17.25 55.24 -15.86
N TRP I 278 -18.13 55.54 -16.81
CA TRP I 278 -18.56 54.57 -17.82
C TRP I 278 -19.04 55.36 -19.05
N ARG I 279 -19.46 54.65 -20.09
CA ARG I 279 -19.93 55.28 -21.34
C ARG I 279 -21.00 56.36 -21.11
N GLY I 280 -22.03 56.00 -20.35
CA GLY I 280 -23.12 56.90 -20.00
C GLY I 280 -22.81 58.07 -19.09
N GLY I 281 -21.70 58.04 -18.36
CA GLY I 281 -21.26 59.18 -17.55
C GLY I 281 -20.44 58.83 -16.31
N SER I 282 -20.81 59.44 -15.18
CA SER I 282 -20.15 59.21 -13.88
C SER I 282 -21.05 58.42 -12.91
N ILE I 283 -20.41 57.75 -11.95
CA ILE I 283 -21.08 57.05 -10.86
C ILE I 283 -20.48 57.54 -9.54
N ASN I 284 -21.08 58.59 -8.98
CA ASN I 284 -20.69 59.15 -7.69
C ASN I 284 -21.69 58.65 -6.66
N THR I 285 -21.34 57.57 -5.97
CA THR I 285 -22.23 56.89 -5.03
C THR I 285 -21.47 56.22 -3.89
N ARG I 286 -22.04 56.24 -2.69
CA ARG I 286 -21.49 55.55 -1.53
C ARG I 286 -21.80 54.05 -1.52
N LEU I 287 -22.77 53.62 -2.34
CA LEU I 287 -23.24 52.23 -2.32
C LEU I 287 -22.21 51.25 -2.87
N PRO I 288 -22.23 49.98 -2.38
CA PRO I 288 -21.26 48.97 -2.76
C PRO I 288 -21.44 48.35 -4.15
N PHE I 289 -22.69 48.25 -4.61
CA PHE I 289 -23.01 47.58 -5.88
C PHE I 289 -23.72 48.54 -6.84
N GLN I 290 -23.82 48.13 -8.11
CA GLN I 290 -24.55 48.90 -9.12
C GLN I 290 -25.01 48.03 -10.29
N ASN I 291 -26.03 48.49 -11.02
CA ASN I 291 -26.58 47.77 -12.18
C ASN I 291 -26.62 48.60 -13.46
N LEU I 292 -25.82 49.66 -13.51
CA LEU I 292 -25.77 50.56 -14.67
C LEU I 292 -25.11 49.88 -15.85
N SER I 293 -23.88 49.42 -15.66
CA SER I 293 -23.12 48.73 -16.71
C SER I 293 -22.00 47.86 -16.12
N PRO I 294 -21.70 46.71 -16.77
CA PRO I 294 -20.52 45.93 -16.39
C PRO I 294 -19.18 46.56 -16.80
N ARG I 295 -19.19 47.43 -17.81
CA ARG I 295 -17.99 48.09 -18.30
C ARG I 295 -17.83 49.47 -17.67
N THR I 296 -16.94 49.55 -16.67
CA THR I 296 -16.65 50.81 -15.97
C THR I 296 -15.14 50.96 -15.78
N VAL I 297 -14.71 52.14 -15.35
CA VAL I 297 -13.28 52.42 -15.13
C VAL I 297 -13.06 53.27 -13.89
N GLY I 298 -11.90 53.07 -13.25
CA GLY I 298 -11.53 53.75 -12.01
C GLY I 298 -11.94 52.96 -10.79
N GLN I 299 -12.24 53.66 -9.70
CA GLN I 299 -12.63 53.02 -8.43
C GLN I 299 -14.15 52.87 -8.35
N CYS I 300 -14.63 51.72 -8.82
CA CYS I 300 -16.06 51.50 -9.02
C CYS I 300 -16.72 50.52 -8.04
N PRO I 301 -18.02 50.74 -7.75
CA PRO I 301 -18.90 49.71 -7.21
C PRO I 301 -19.02 48.53 -8.16
N LYS I 302 -19.20 47.33 -7.61
CA LYS I 302 -19.22 46.10 -8.41
C LYS I 302 -20.54 45.92 -9.14
N TYR I 303 -20.48 45.42 -10.37
CA TYR I 303 -21.67 45.20 -11.17
C TYR I 303 -22.37 43.92 -10.74
N VAL I 304 -23.68 44.01 -10.48
CA VAL I 304 -24.49 42.86 -10.06
C VAL I 304 -25.77 42.81 -10.89
N ASN I 305 -26.26 41.60 -11.17
CA ASN I 305 -27.52 41.40 -11.90
C ASN I 305 -28.71 41.50 -10.94
N LYS I 306 -28.97 42.72 -10.45
CA LYS I 306 -30.02 42.96 -9.45
C LYS I 306 -30.54 44.37 -9.59
N LYS I 307 -31.87 44.52 -9.70
CA LYS I 307 -32.52 45.83 -9.69
C LYS I 307 -32.44 46.47 -8.31
N SER I 308 -32.71 45.68 -7.27
CA SER I 308 -32.63 46.15 -5.88
C SER I 308 -32.22 45.04 -4.89
N LEU I 309 -31.48 45.43 -3.86
CA LEU I 309 -31.15 44.57 -2.71
C LEU I 309 -31.27 45.39 -1.42
N MET I 310 -32.36 45.20 -0.70
CA MET I 310 -32.66 46.02 0.46
C MET I 310 -32.01 45.48 1.73
N LEU I 311 -31.19 46.32 2.35
CA LEU I 311 -30.52 46.00 3.61
C LEU I 311 -31.31 46.57 4.77
N ALA I 312 -31.79 45.69 5.66
CA ALA I 312 -32.64 46.07 6.78
C ALA I 312 -31.86 46.93 7.77
N THR I 313 -32.48 48.05 8.17
CA THR I 313 -31.90 48.98 9.14
C THR I 313 -32.71 49.00 10.44
N GLY I 314 -33.54 47.97 10.65
CA GLY I 314 -34.42 47.90 11.82
C GLY I 314 -35.11 46.56 12.01
N MET I 315 -35.78 46.42 13.14
CA MET I 315 -36.41 45.16 13.55
C MET I 315 -37.60 44.75 12.68
N ARG I 316 -38.15 43.57 12.96
CA ARG I 316 -39.40 43.13 12.35
C ARG I 316 -40.51 44.13 12.65
N ASN I 317 -41.28 44.47 11.62
CA ASN I 317 -42.44 45.32 11.79
C ASN I 317 -43.61 44.40 12.13
N VAL I 318 -44.18 44.57 13.32
CA VAL I 318 -45.34 43.79 13.76
C VAL I 318 -46.44 44.79 14.14
N PRO I 319 -47.31 45.16 13.18
CA PRO I 319 -48.39 46.10 13.50
C PRO I 319 -49.57 45.43 14.19
N GLU I 320 -50.48 46.25 14.73
CA GLU I 320 -51.68 45.77 15.40
C GLU I 320 -52.86 45.75 14.43
N GLY J 1 -39.29 34.13 15.81
CA GLY J 1 -37.85 34.52 15.70
C GLY J 1 -36.98 33.87 16.75
N LEU J 2 -35.67 33.91 16.52
CA LEU J 2 -34.69 33.20 17.35
C LEU J 2 -34.85 33.38 18.85
N PHE J 3 -35.03 34.62 19.30
CA PHE J 3 -35.05 34.91 20.75
C PHE J 3 -36.46 34.96 21.35
N GLY J 4 -37.47 34.87 20.48
CA GLY J 4 -38.84 34.62 20.89
C GLY J 4 -39.64 35.80 21.40
N ALA J 5 -39.08 37.01 21.35
CA ALA J 5 -39.75 38.20 21.88
C ALA J 5 -40.50 38.92 20.77
N ILE J 6 -39.76 39.53 19.83
CA ILE J 6 -40.36 40.32 18.76
C ILE J 6 -40.94 39.36 17.75
N ALA J 7 -42.21 39.58 17.41
CA ALA J 7 -43.04 38.63 16.66
C ALA J 7 -43.09 37.28 17.40
N GLY J 8 -43.20 37.35 18.72
CA GLY J 8 -43.19 36.18 19.59
C GLY J 8 -44.15 36.38 20.75
N PHE J 9 -43.66 36.31 21.98
CA PHE J 9 -44.54 36.45 23.15
C PHE J 9 -45.04 37.89 23.33
N ILE J 10 -44.25 38.88 22.90
CA ILE J 10 -44.78 40.22 22.65
C ILE J 10 -45.57 40.16 21.34
N GLU J 11 -46.90 40.26 21.45
CA GLU J 11 -47.81 39.99 20.32
C GLU J 11 -47.72 41.00 19.19
N ASN J 12 -47.37 42.25 19.50
CA ASN J 12 -47.15 43.28 18.47
C ASN J 12 -46.30 44.44 18.96
N GLY J 13 -45.91 45.28 18.01
CA GLY J 13 -45.20 46.53 18.30
C GLY J 13 -46.15 47.66 18.62
N TRP J 14 -45.60 48.76 19.12
CA TRP J 14 -46.35 49.95 19.50
C TRP J 14 -46.04 51.10 18.54
N GLU J 15 -46.96 51.37 17.63
CA GLU J 15 -46.82 52.50 16.68
C GLU J 15 -46.77 53.86 17.39
N GLY J 16 -47.44 53.95 18.55
CA GLY J 16 -47.39 55.15 19.39
C GLY J 16 -46.01 55.57 19.84
N MET J 17 -45.16 54.60 20.13
CA MET J 17 -43.78 54.88 20.59
C MET J 17 -42.89 55.40 19.44
N VAL J 18 -42.49 56.66 19.55
CA VAL J 18 -41.63 57.30 18.52
C VAL J 18 -40.31 57.90 19.05
N ASP J 19 -40.03 57.72 20.35
CA ASP J 19 -38.80 58.23 20.97
C ASP J 19 -37.90 57.08 21.43
N GLY J 20 -38.05 55.91 20.79
CA GLY J 20 -37.32 54.72 21.18
C GLY J 20 -37.69 53.52 20.32
N TRP J 21 -36.89 52.45 20.46
CA TRP J 21 -37.10 51.19 19.76
C TRP J 21 -37.73 50.15 20.68
N TYR J 22 -37.24 50.13 21.92
CA TYR J 22 -37.80 49.32 22.99
C TYR J 22 -38.24 50.25 24.11
N GLY J 23 -39.20 49.80 24.92
CA GLY J 23 -39.67 50.59 26.04
C GLY J 23 -40.75 49.97 26.89
N PHE J 24 -41.28 50.77 27.80
CA PHE J 24 -42.21 50.34 28.83
C PHE J 24 -43.58 50.97 28.66
N ARG J 25 -44.60 50.28 29.18
CA ARG J 25 -45.95 50.80 29.35
C ARG J 25 -46.45 50.28 30.67
N HIS J 26 -46.89 51.17 31.55
CA HIS J 26 -47.31 50.79 32.90
C HIS J 26 -48.79 51.08 33.13
N GLN J 27 -49.34 50.44 34.15
CA GLN J 27 -50.66 50.76 34.68
C GLN J 27 -50.65 50.58 36.19
N ASN J 28 -50.94 51.65 36.92
CA ASN J 28 -51.07 51.62 38.37
C ASN J 28 -52.27 52.49 38.76
N ALA J 29 -52.46 52.72 40.06
CA ALA J 29 -53.52 53.62 40.55
C ALA J 29 -53.56 55.00 39.85
N GLN J 30 -52.39 55.56 39.56
CA GLN J 30 -52.29 56.90 38.95
C GLN J 30 -52.62 56.95 37.45
N GLY J 31 -52.62 55.80 36.78
CA GLY J 31 -53.03 55.69 35.39
C GLY J 31 -51.97 55.18 34.43
N THR J 32 -52.31 55.18 33.14
CA THR J 32 -51.46 54.64 32.09
C THR J 32 -50.38 55.62 31.66
N GLY J 33 -49.17 55.11 31.46
CA GLY J 33 -48.05 55.87 30.88
C GLY J 33 -47.21 55.06 29.92
N GLN J 34 -46.14 55.67 29.42
CA GLN J 34 -45.24 55.05 28.46
C GLN J 34 -43.91 55.79 28.42
N ALA J 35 -42.82 55.05 28.28
CA ALA J 35 -41.47 55.62 28.20
C ALA J 35 -40.55 54.74 27.36
N ALA J 36 -39.64 55.37 26.62
CA ALA J 36 -38.60 54.66 25.87
C ALA J 36 -37.51 54.16 26.81
N ASP J 37 -36.75 53.17 26.34
CA ASP J 37 -35.52 52.72 26.99
C ASP J 37 -34.34 53.10 26.11
N TYR J 38 -33.45 53.94 26.62
CA TYR J 38 -32.35 54.50 25.82
C TYR J 38 -31.23 53.49 25.57
N LYS J 39 -30.82 52.78 26.62
CA LYS J 39 -29.69 51.85 26.56
C LYS J 39 -29.89 50.74 25.52
N SER J 40 -31.07 50.12 25.54
CA SER J 40 -31.39 49.05 24.59
C SER J 40 -31.64 49.55 23.17
N THR J 41 -32.25 50.74 23.05
CA THR J 41 -32.46 51.38 21.75
C THR J 41 -31.13 51.73 21.06
N GLN J 42 -30.15 52.21 21.83
CA GLN J 42 -28.84 52.55 21.29
C GLN J 42 -28.01 51.32 20.93
N ALA J 43 -28.05 50.29 21.77
CA ALA J 43 -27.36 49.02 21.48
C ALA J 43 -27.76 48.49 20.11
N ALA J 44 -29.05 48.54 19.80
CA ALA J 44 -29.57 48.10 18.50
C ALA J 44 -29.12 48.99 17.35
N ILE J 45 -29.27 50.30 17.51
CA ILE J 45 -28.91 51.27 16.47
C ILE J 45 -27.39 51.32 16.22
N ASP J 46 -26.60 51.26 17.30
CA ASP J 46 -25.14 51.22 17.18
C ASP J 46 -24.67 50.02 16.39
N GLN J 47 -25.20 48.84 16.73
CA GLN J 47 -24.92 47.60 15.99
C GLN J 47 -25.29 47.70 14.50
N ILE J 48 -26.41 48.36 14.21
CA ILE J 48 -26.85 48.61 12.83
C ILE J 48 -25.98 49.65 12.12
N THR J 49 -25.50 50.66 12.86
CA THR J 49 -24.57 51.66 12.32
C THR J 49 -23.26 51.01 11.87
N GLY J 50 -22.71 50.12 12.71
CA GLY J 50 -21.50 49.35 12.36
C GLY J 50 -21.62 48.58 11.06
N LYS J 51 -22.75 47.92 10.85
CA LYS J 51 -23.04 47.20 9.59
C LYS J 51 -23.02 48.13 8.39
N LEU J 52 -23.70 49.27 8.52
CA LEU J 52 -23.73 50.28 7.47
C LEU J 52 -22.34 50.85 7.16
N ASN J 53 -21.51 51.03 8.19
CA ASN J 53 -20.13 51.48 7.99
C ASN J 53 -19.31 50.45 7.22
N ARG J 54 -19.55 49.17 7.50
CA ARG J 54 -18.80 48.08 6.88
C ARG J 54 -19.24 47.71 5.46
N ILE J 55 -20.55 47.85 5.17
CA ILE J 55 -21.13 47.40 3.89
C ILE J 55 -21.25 48.53 2.87
N ILE J 56 -21.63 49.73 3.31
CA ILE J 56 -21.73 50.90 2.41
C ILE J 56 -20.30 51.35 2.08
N LYS J 57 -19.70 50.64 1.12
CA LYS J 57 -18.25 50.65 0.92
C LYS J 57 -17.90 50.03 -0.42
N LYS J 58 -16.95 50.64 -1.13
CA LYS J 58 -16.42 50.10 -2.38
C LYS J 58 -14.91 49.92 -2.24
N THR J 59 -14.33 49.05 -3.07
CA THR J 59 -12.88 48.83 -3.05
C THR J 59 -12.15 50.02 -3.69
N ASN J 60 -10.90 50.22 -3.27
CA ASN J 60 -10.05 51.31 -3.78
C ASN J 60 -9.22 50.92 -5.02
N THR J 61 -9.52 49.77 -5.62
CA THR J 61 -8.76 49.24 -6.76
C THR J 61 -9.08 50.03 -8.03
N GLU J 62 -8.05 50.50 -8.71
CA GLU J 62 -8.18 51.23 -9.96
C GLU J 62 -8.27 50.23 -11.12
N PHE J 63 -9.48 50.03 -11.64
CA PHE J 63 -9.71 49.17 -12.81
C PHE J 63 -9.64 49.98 -14.09
N GLU J 64 -8.83 49.53 -15.04
CA GLU J 64 -8.71 50.17 -16.35
C GLU J 64 -9.56 49.45 -17.39
N SER J 65 -9.73 50.10 -18.54
CA SER J 65 -10.55 49.56 -19.62
C SER J 65 -9.84 48.42 -20.34
N ILE J 66 -10.53 47.28 -20.48
CA ILE J 66 -10.06 46.16 -21.33
C ILE J 66 -10.99 45.85 -22.52
N GLU J 67 -12.10 46.60 -22.63
CA GLU J 67 -13.02 46.52 -23.76
C GLU J 67 -13.26 47.93 -24.31
N SER J 68 -13.15 48.08 -25.62
CA SER J 68 -13.34 49.38 -26.27
C SER J 68 -14.81 49.63 -26.60
N GLU J 69 -15.29 50.82 -26.24
CA GLU J 69 -16.66 51.23 -26.53
C GLU J 69 -16.87 51.53 -28.02
N PHE J 70 -15.97 52.35 -28.58
CA PHE J 70 -16.14 52.90 -29.93
C PHE J 70 -15.44 52.13 -31.05
N SER J 71 -15.02 50.89 -30.80
CA SER J 71 -14.36 50.06 -31.83
C SER J 71 -14.40 48.57 -31.49
N GLU J 72 -14.20 47.75 -32.53
CA GLU J 72 -14.23 46.29 -32.41
C GLU J 72 -12.96 45.78 -31.73
N ILE J 73 -13.11 44.71 -30.94
CA ILE J 73 -12.01 44.04 -30.25
C ILE J 73 -11.78 42.70 -30.92
N ASP J 74 -10.55 42.19 -30.86
CA ASP J 74 -10.20 40.87 -31.39
C ASP J 74 -11.17 39.80 -30.85
N HIS J 75 -11.54 38.87 -31.71
CA HIS J 75 -12.68 37.98 -31.43
C HIS J 75 -12.41 36.91 -30.37
N GLN J 76 -11.21 36.35 -30.33
CA GLN J 76 -10.89 35.30 -29.36
C GLN J 76 -10.73 35.85 -27.95
N ILE J 77 -9.98 36.94 -27.82
CA ILE J 77 -9.75 37.59 -26.51
C ILE J 77 -11.02 38.24 -25.95
N GLY J 78 -11.89 38.77 -26.82
CA GLY J 78 -13.18 39.33 -26.40
C GLY J 78 -14.13 38.30 -25.81
N ASN J 79 -14.05 37.06 -26.31
CA ASN J 79 -14.78 35.92 -25.74
C ASN J 79 -14.23 35.49 -24.39
N VAL J 80 -12.90 35.55 -24.24
CA VAL J 80 -12.25 35.29 -22.95
C VAL J 80 -12.66 36.38 -21.96
N ILE J 81 -12.67 37.63 -22.40
CA ILE J 81 -13.10 38.76 -21.58
C ILE J 81 -14.57 38.62 -21.17
N ASN J 82 -15.44 38.36 -22.15
CA ASN J 82 -16.88 38.19 -21.90
C ASN J 82 -17.15 37.06 -20.91
N TRP J 83 -16.50 35.91 -21.11
CA TRP J 83 -16.59 34.78 -20.18
C TRP J 83 -16.18 35.16 -18.77
N THR J 84 -15.07 35.90 -18.66
CA THR J 84 -14.50 36.29 -17.38
C THR J 84 -15.41 37.30 -16.68
N LYS J 85 -15.78 38.37 -17.37
CA LYS J 85 -16.67 39.39 -16.80
C LYS J 85 -18.01 38.81 -16.32
N ASP J 86 -18.61 37.93 -17.13
CA ASP J 86 -19.86 37.25 -16.74
C ASP J 86 -19.69 36.40 -15.49
N SER J 87 -18.57 35.70 -15.39
CA SER J 87 -18.25 34.86 -14.22
C SER J 87 -18.06 35.70 -12.96
N ILE J 88 -17.32 36.80 -13.10
CA ILE J 88 -17.10 37.73 -12.00
C ILE J 88 -18.44 38.35 -11.55
N THR J 89 -19.32 38.66 -12.50
CA THR J 89 -20.63 39.24 -12.20
C THR J 89 -21.55 38.23 -11.47
N ASP J 90 -21.50 36.97 -11.87
CA ASP J 90 -22.24 35.91 -11.14
C ASP J 90 -21.76 35.76 -9.69
N ILE J 91 -20.45 35.92 -9.48
CA ILE J 91 -19.86 35.86 -8.14
C ILE J 91 -20.38 37.02 -7.32
N TRP J 92 -20.22 38.24 -7.84
CA TRP J 92 -20.63 39.43 -7.09
C TRP J 92 -22.14 39.50 -6.82
N THR J 93 -22.95 39.09 -7.79
CA THR J 93 -24.39 39.01 -7.60
C THR J 93 -24.73 38.04 -6.47
N TYR J 94 -24.06 36.88 -6.48
CA TYR J 94 -24.24 35.88 -5.44
C TYR J 94 -23.75 36.36 -4.07
N GLN J 95 -22.58 37.01 -4.04
CA GLN J 95 -22.01 37.53 -2.79
C GLN J 95 -22.85 38.65 -2.20
N ALA J 96 -23.40 39.50 -3.08
CA ALA J 96 -24.27 40.60 -2.64
C ALA J 96 -25.59 40.06 -2.07
N GLU J 97 -26.23 39.14 -2.78
CA GLU J 97 -27.47 38.51 -2.30
C GLU J 97 -27.30 37.75 -0.98
N LEU J 98 -26.18 37.06 -0.82
CA LEU J 98 -25.87 36.32 0.41
C LEU J 98 -25.58 37.25 1.58
N LEU J 99 -24.73 38.24 1.35
CA LEU J 99 -24.42 39.27 2.34
C LEU J 99 -25.69 39.89 2.91
N VAL J 100 -26.53 40.43 2.03
CA VAL J 100 -27.70 41.20 2.43
C VAL J 100 -28.69 40.29 3.15
N ALA J 101 -28.92 39.10 2.62
CA ALA J 101 -29.77 38.09 3.27
C ALA J 101 -29.29 37.73 4.68
N MET J 102 -27.99 37.46 4.79
CA MET J 102 -27.38 37.06 6.05
C MET J 102 -27.45 38.18 7.08
N GLU J 103 -27.14 39.40 6.66
CA GLU J 103 -27.19 40.57 7.53
C GLU J 103 -28.61 40.90 7.97
N ASN J 104 -29.58 40.79 7.06
CA ASN J 104 -30.98 41.01 7.40
C ASN J 104 -31.44 40.01 8.46
N GLN J 105 -31.09 38.75 8.26
CA GLN J 105 -31.37 37.69 9.22
C GLN J 105 -30.77 38.01 10.59
N HIS J 106 -29.52 38.46 10.60
CA HIS J 106 -28.81 38.80 11.84
C HIS J 106 -29.40 40.07 12.49
N THR J 107 -29.66 41.09 11.68
CA THR J 107 -30.25 42.35 12.15
C THR J 107 -31.55 42.12 12.91
N ILE J 108 -32.45 41.37 12.29
CA ILE J 108 -33.75 41.00 12.87
C ILE J 108 -33.61 40.26 14.20
N ASP J 109 -32.72 39.27 14.25
CA ASP J 109 -32.53 38.47 15.46
C ASP J 109 -31.79 39.24 16.56
N MET J 110 -30.84 40.09 16.18
CA MET J 110 -30.14 40.98 17.13
C MET J 110 -31.13 41.89 17.85
N ALA J 111 -32.05 42.47 17.07
CA ALA J 111 -33.09 43.33 17.61
C ALA J 111 -34.02 42.57 18.55
N ASP J 112 -34.41 41.36 18.14
CA ASP J 112 -35.17 40.41 18.97
C ASP J 112 -34.43 40.10 20.26
N SER J 113 -33.11 39.95 20.18
CA SER J 113 -32.29 39.65 21.36
C SER J 113 -32.19 40.82 22.37
N GLU J 114 -32.18 42.06 21.89
CA GLU J 114 -32.19 43.23 22.78
C GLU J 114 -33.52 43.36 23.53
N MET J 115 -34.62 43.05 22.85
CA MET J 115 -35.94 43.01 23.48
C MET J 115 -35.95 41.99 24.62
N LEU J 116 -35.40 40.81 24.37
CA LEU J 116 -35.32 39.76 25.40
C LEU J 116 -34.42 40.16 26.58
N ASN J 117 -33.26 40.73 26.27
CA ASN J 117 -32.30 41.13 27.31
C ASN J 117 -32.90 42.16 28.28
N LEU J 118 -33.65 43.11 27.74
CA LEU J 118 -34.36 44.11 28.54
C LEU J 118 -35.44 43.48 29.40
N TYR J 119 -36.17 42.52 28.83
CA TYR J 119 -37.19 41.75 29.54
C TYR J 119 -36.56 40.93 30.67
N GLU J 120 -35.48 40.24 30.39
CA GLU J 120 -34.79 39.43 31.40
C GLU J 120 -34.17 40.27 32.52
N ARG J 121 -33.72 41.47 32.20
CA ARG J 121 -33.12 42.38 33.19
C ARG J 121 -34.17 42.91 34.17
N VAL J 122 -35.33 43.31 33.63
CA VAL J 122 -36.47 43.72 34.43
C VAL J 122 -37.00 42.57 35.29
N ARG J 123 -37.18 41.39 34.69
CA ARG J 123 -37.64 40.18 35.41
C ARG J 123 -36.81 39.92 36.66
N LYS J 124 -35.49 39.91 36.47
CA LYS J 124 -34.54 39.62 37.55
C LYS J 124 -34.57 40.68 38.64
N GLN J 125 -34.78 41.95 38.27
CA GLN J 125 -34.95 43.04 39.24
C GLN J 125 -36.18 42.85 40.13
N LEU J 126 -37.33 42.68 39.51
CA LEU J 126 -38.61 42.53 40.22
C LEU J 126 -38.61 41.31 41.14
N ARG J 127 -37.86 40.28 40.74
CA ARG J 127 -37.54 39.14 41.59
C ARG J 127 -38.80 38.39 42.06
N GLN J 128 -39.15 38.40 43.35
CA GLN J 128 -40.33 37.67 43.83
C GLN J 128 -41.51 38.61 44.11
N ASN J 129 -41.44 39.84 43.59
CA ASN J 129 -42.50 40.83 43.77
C ASN J 129 -43.44 40.89 42.58
N ALA J 130 -43.12 40.15 41.51
CA ALA J 130 -43.94 40.13 40.29
C ALA J 130 -43.95 38.76 39.62
N GLU J 131 -44.87 38.61 38.67
CA GLU J 131 -45.06 37.37 37.95
C GLU J 131 -45.28 37.65 36.49
N GLU J 132 -44.75 36.77 35.65
CA GLU J 132 -44.81 36.95 34.20
C GLU J 132 -46.21 36.72 33.64
N ASP J 133 -46.64 37.65 32.81
CA ASP J 133 -47.95 37.65 32.17
C ASP J 133 -48.03 36.58 31.07
N GLY J 134 -46.92 36.40 30.34
CA GLY J 134 -46.89 35.56 29.15
C GLY J 134 -46.95 36.36 27.86
N LYS J 135 -47.36 37.63 27.95
CA LYS J 135 -47.45 38.54 26.81
C LYS J 135 -46.39 39.65 26.83
N GLY J 136 -45.36 39.48 27.66
CA GLY J 136 -44.30 40.48 27.82
C GLY J 136 -44.50 41.48 28.94
N CYS J 137 -45.41 41.18 29.87
CA CYS J 137 -45.72 42.08 30.99
C CYS J 137 -45.45 41.42 32.32
N PHE J 138 -45.38 42.24 33.35
CA PHE J 138 -45.20 41.77 34.73
C PHE J 138 -46.33 42.34 35.58
N GLU J 139 -47.12 41.46 36.18
CA GLU J 139 -48.09 41.87 37.18
C GLU J 139 -47.33 41.98 38.49
N ILE J 140 -47.25 43.20 39.01
CA ILE J 140 -46.55 43.50 40.25
C ILE J 140 -47.57 43.40 41.39
N TYR J 141 -47.17 42.71 42.46
CA TYR J 141 -48.08 42.40 43.57
C TYR J 141 -47.94 43.37 44.77
N HIS J 142 -47.75 44.65 44.47
CA HIS J 142 -47.82 45.70 45.48
C HIS J 142 -48.15 47.04 44.82
N ALA J 143 -48.39 48.05 45.64
CA ALA J 143 -48.64 49.41 45.15
C ALA J 143 -47.36 49.96 44.53
N CYS J 144 -47.34 50.05 43.21
CA CYS J 144 -46.20 50.61 42.49
C CYS J 144 -46.62 51.94 41.86
N ASP J 145 -46.40 53.00 42.62
CA ASP J 145 -46.60 54.39 42.14
C ASP J 145 -45.61 54.77 41.03
N ASP J 146 -45.81 55.94 40.43
CA ASP J 146 -44.96 56.40 39.31
C ASP J 146 -43.46 56.50 39.64
N SER J 147 -43.11 56.71 40.90
CA SER J 147 -41.70 56.65 41.34
C SER J 147 -41.17 55.22 41.38
N CYS J 148 -41.99 54.29 41.85
CA CYS J 148 -41.65 52.85 41.80
C CYS J 148 -41.49 52.39 40.34
N MET J 149 -42.39 52.86 39.46
CA MET J 149 -42.31 52.53 38.03
C MET J 149 -41.05 53.12 37.40
N GLU J 150 -40.78 54.39 37.68
CA GLU J 150 -39.53 55.02 37.24
C GLU J 150 -38.31 54.24 37.76
N SER J 151 -38.36 53.76 39.00
CA SER J 151 -37.25 52.97 39.58
C SER J 151 -37.04 51.60 38.88
N ILE J 152 -38.10 51.02 38.32
CA ILE J 152 -38.00 49.82 37.49
C ILE J 152 -37.35 50.16 36.15
N ARG J 153 -37.85 51.22 35.50
CA ARG J 153 -37.32 51.68 34.21
C ARG J 153 -35.85 52.14 34.27
N ASN J 154 -35.45 52.69 35.41
CA ASN J 154 -34.10 53.26 35.60
C ASN J 154 -33.11 52.27 36.25
N ASN J 155 -33.52 51.00 36.40
CA ASN J 155 -32.69 49.92 36.95
C ASN J 155 -32.25 50.17 38.41
N THR J 156 -33.13 50.81 39.19
CA THR J 156 -32.89 51.10 40.61
C THR J 156 -33.98 50.55 41.55
N TYR J 157 -34.93 49.75 41.04
CA TYR J 157 -35.97 49.14 41.87
C TYR J 157 -35.38 48.11 42.82
N ASP J 158 -35.56 48.32 44.12
CA ASP J 158 -35.08 47.42 45.16
C ASP J 158 -36.21 46.46 45.57
N HIS J 159 -36.01 45.16 45.31
CA HIS J 159 -37.03 44.14 45.56
C HIS J 159 -37.35 43.94 47.04
N SER J 160 -36.33 44.07 47.90
CA SER J 160 -36.47 43.84 49.34
C SER J 160 -37.30 44.91 50.07
N GLN J 161 -37.50 46.06 49.44
CA GLN J 161 -38.39 47.10 49.94
C GLN J 161 -39.87 46.66 49.97
N TYR J 162 -40.29 45.90 48.96
CA TYR J 162 -41.67 45.45 48.82
C TYR J 162 -41.85 43.93 48.92
N ARG J 163 -40.81 43.21 49.34
CA ARG J 163 -40.81 41.74 49.30
C ARG J 163 -41.86 41.13 50.23
N GLU J 164 -41.80 41.51 51.50
CA GLU J 164 -42.73 41.02 52.52
C GLU J 164 -44.19 41.25 52.11
N GLU J 165 -44.49 42.47 51.64
CA GLU J 165 -45.83 42.84 51.19
C GLU J 165 -46.28 42.02 49.96
N ALA J 166 -45.38 41.93 48.98
CA ALA J 166 -45.70 41.26 47.71
C ALA J 166 -45.83 39.75 47.83
N LEU J 167 -44.98 39.12 48.63
CA LEU J 167 -45.10 37.68 48.90
C LEU J 167 -46.44 37.29 49.54
N LEU J 168 -46.97 38.14 50.42
CA LEU J 168 -48.30 37.91 51.01
C LEU J 168 -49.42 38.07 49.98
N ASN J 169 -49.32 39.06 49.11
CA ASN J 169 -50.32 39.26 48.04
C ASN J 169 -50.35 38.09 47.04
N ARG J 170 -49.19 37.52 46.74
CA ARG J 170 -49.09 36.39 45.79
C ARG J 170 -49.66 35.09 46.35
N LEU J 171 -49.25 34.75 47.57
CA LEU J 171 -49.70 33.51 48.24
C LEU J 171 -51.19 33.53 48.55
N ASN J 172 -51.65 34.60 49.20
CA ASN J 172 -53.09 34.90 49.33
C ASN J 172 -53.86 33.81 50.10
N ASP K 1 -1.25 -35.75 78.17
CA ASP K 1 -1.72 -37.17 78.36
C ASP K 1 -1.21 -38.14 77.28
N PRO K 2 -1.59 -37.93 76.00
CA PRO K 2 -1.33 -38.96 74.98
C PRO K 2 0.12 -39.02 74.45
N ASP K 3 0.57 -40.23 74.13
CA ASP K 3 1.83 -40.46 73.40
C ASP K 3 1.66 -40.04 71.96
N LYS K 4 2.78 -39.80 71.27
CA LYS K 4 2.78 -39.27 69.91
C LYS K 4 3.66 -40.14 69.02
N ILE K 5 3.21 -40.38 67.78
CA ILE K 5 4.08 -40.92 66.72
C ILE K 5 3.95 -40.00 65.49
N CYS K 6 5.09 -39.62 64.93
CA CYS K 6 5.13 -38.63 63.87
C CYS K 6 5.77 -39.20 62.62
N LEU K 7 5.08 -39.05 61.49
CA LEU K 7 5.59 -39.50 60.20
C LEU K 7 6.22 -38.33 59.47
N GLY K 8 7.31 -38.61 58.77
CA GLY K 8 8.05 -37.59 58.06
C GLY K 8 8.91 -38.17 56.97
N HIS K 9 9.69 -37.28 56.37
CA HIS K 9 10.61 -37.61 55.29
C HIS K 9 11.94 -36.89 55.47
N HIS K 10 12.93 -37.30 54.71
CA HIS K 10 14.27 -36.72 54.82
C HIS K 10 14.36 -35.35 54.16
N ALA K 11 15.50 -34.71 54.36
CA ALA K 11 15.87 -33.47 53.68
C ALA K 11 17.39 -33.35 53.69
N VAL K 12 17.89 -32.36 52.98
CA VAL K 12 19.32 -32.06 52.96
C VAL K 12 19.53 -30.56 53.10
N ALA K 13 20.69 -30.18 53.65
CA ALA K 13 21.05 -28.77 53.80
C ALA K 13 21.31 -28.18 52.42
N ASN K 14 22.22 -28.82 51.68
CA ASN K 14 22.56 -28.43 50.32
C ASN K 14 21.68 -29.20 49.32
N GLY K 15 20.58 -28.56 48.90
CA GLY K 15 19.68 -29.11 47.87
C GLY K 15 20.16 -28.84 46.46
N THR K 16 19.33 -29.18 45.47
CA THR K 16 19.65 -28.99 44.04
C THR K 16 18.41 -28.52 43.29
N ILE K 17 18.62 -27.60 42.34
CA ILE K 17 17.53 -27.05 41.54
C ILE K 17 17.33 -27.87 40.27
N VAL K 18 16.05 -28.16 39.98
CA VAL K 18 15.65 -28.82 38.74
C VAL K 18 14.39 -28.13 38.20
N LYS K 19 14.08 -28.37 36.93
CA LYS K 19 12.86 -27.84 36.31
C LYS K 19 11.80 -28.93 36.19
N THR K 20 10.54 -28.53 36.33
CA THR K 20 9.39 -29.41 36.19
C THR K 20 8.48 -28.83 35.10
N LEU K 21 7.29 -29.42 34.94
CA LEU K 21 6.31 -28.91 33.99
C LEU K 21 5.77 -27.53 34.42
N THR K 22 5.66 -27.33 35.74
CA THR K 22 5.04 -26.12 36.31
C THR K 22 5.98 -25.16 37.06
N ASN K 23 7.23 -25.57 37.31
CA ASN K 23 8.12 -24.79 38.16
C ASN K 23 9.54 -24.82 37.59
N GLU K 24 10.09 -23.63 37.32
CA GLU K 24 11.48 -23.51 36.87
C GLU K 24 12.49 -23.70 37.99
N GLN K 25 12.08 -23.40 39.22
CA GLN K 25 12.97 -23.37 40.39
C GLN K 25 12.42 -24.30 41.49
N GLU K 26 12.24 -25.57 41.15
CA GLU K 26 11.81 -26.59 42.10
C GLU K 26 13.04 -27.24 42.71
N GLU K 27 13.13 -27.21 44.04
CA GLU K 27 14.30 -27.70 44.77
C GLU K 27 14.07 -29.15 45.21
N VAL K 28 15.02 -30.03 44.90
CA VAL K 28 14.91 -31.46 45.24
C VAL K 28 16.16 -31.93 46.01
N THR K 29 16.04 -33.09 46.66
CA THR K 29 17.11 -33.59 47.52
C THR K 29 18.37 -34.02 46.75
N ASN K 30 18.18 -34.49 45.52
CA ASN K 30 19.30 -34.92 44.68
C ASN K 30 18.83 -34.95 43.22
N ALA K 31 19.73 -34.59 42.31
CA ALA K 31 19.47 -34.64 40.87
C ALA K 31 20.71 -35.11 40.15
N THR K 32 20.58 -35.35 38.84
CA THR K 32 21.70 -35.80 38.02
C THR K 32 21.62 -35.24 36.61
N GLU K 33 22.78 -35.15 35.95
CA GLU K 33 22.90 -34.55 34.63
C GLU K 33 22.47 -35.52 33.53
N THR K 34 21.83 -34.99 32.49
CA THR K 34 21.49 -35.74 31.27
C THR K 34 22.22 -35.28 30.00
N VAL K 35 22.78 -34.08 29.99
CA VAL K 35 23.50 -33.54 28.84
C VAL K 35 25.01 -33.56 29.12
N GLU K 36 25.75 -34.35 28.34
CA GLU K 36 27.20 -34.43 28.48
C GLU K 36 27.87 -33.18 27.88
N SER K 37 28.75 -32.56 28.65
CA SER K 37 29.54 -31.40 28.19
C SER K 37 31.01 -31.71 27.94
N THR K 38 31.50 -32.84 28.46
CA THR K 38 32.91 -33.22 28.39
C THR K 38 33.19 -34.21 27.24
N SER K 39 34.37 -34.08 26.66
CA SER K 39 34.86 -34.97 25.63
C SER K 39 36.31 -35.33 25.93
N LEU K 40 36.71 -36.54 25.57
CA LEU K 40 38.11 -36.93 25.59
C LEU K 40 38.74 -36.39 24.31
N ASN K 41 39.81 -35.60 24.44
CA ASN K 41 40.51 -35.04 23.26
C ASN K 41 41.41 -36.07 22.56
N ARG K 42 40.89 -37.27 22.37
CA ARG K 42 41.63 -38.45 21.91
C ARG K 42 40.65 -39.33 21.14
N LEU K 43 41.17 -40.11 20.19
CA LEU K 43 40.37 -41.10 19.47
C LEU K 43 40.53 -42.48 20.13
N CYS K 44 39.53 -42.88 20.91
CA CYS K 44 39.56 -44.16 21.62
C CYS K 44 39.34 -45.31 20.63
N MET K 45 40.36 -46.16 20.49
CA MET K 45 40.39 -47.19 19.45
C MET K 45 40.58 -48.63 19.98
N LYS K 46 40.33 -48.85 21.27
CA LYS K 46 40.41 -50.21 21.82
C LYS K 46 39.32 -51.08 21.17
N GLY K 47 39.70 -52.30 20.80
CA GLY K 47 38.79 -53.22 20.12
C GLY K 47 38.42 -52.82 18.70
N ARG K 48 39.32 -52.10 18.02
CA ARG K 48 39.11 -51.68 16.63
C ARG K 48 40.39 -51.86 15.83
N ASN K 49 40.32 -52.67 14.77
CA ASN K 49 41.40 -52.76 13.78
C ASN K 49 41.34 -51.49 12.93
N HIS K 50 41.93 -50.41 13.46
CA HIS K 50 41.81 -49.07 12.86
C HIS K 50 42.94 -48.80 11.85
N LYS K 51 42.78 -47.73 11.07
CA LYS K 51 43.81 -47.26 10.16
C LYS K 51 43.86 -45.74 10.21
N ASP K 52 44.95 -45.20 10.74
CA ASP K 52 45.25 -43.79 10.69
C ASP K 52 45.95 -43.56 9.37
N LEU K 53 45.31 -42.81 8.47
CA LEU K 53 45.90 -42.49 7.17
C LEU K 53 47.02 -41.45 7.26
N GLY K 54 46.96 -40.59 8.29
CA GLY K 54 47.95 -39.54 8.48
C GLY K 54 47.98 -38.56 7.32
N ASN K 55 49.10 -38.54 6.61
CA ASN K 55 49.33 -37.63 5.49
C ASN K 55 48.47 -37.98 4.26
N CYS K 56 48.03 -39.24 4.16
CA CYS K 56 47.29 -39.76 3.00
C CYS K 56 45.79 -39.44 3.01
N HIS K 57 45.27 -38.95 1.88
CA HIS K 57 43.82 -38.72 1.69
C HIS K 57 43.19 -39.99 1.12
N PRO K 58 41.94 -40.36 1.54
CA PRO K 58 41.35 -41.63 1.12
C PRO K 58 41.35 -41.90 -0.39
N ILE K 59 41.05 -40.87 -1.19
CA ILE K 59 41.13 -40.95 -2.66
C ILE K 59 42.54 -41.35 -3.13
N GLY K 60 43.58 -40.81 -2.48
CA GLY K 60 44.97 -41.18 -2.80
C GLY K 60 45.30 -42.67 -2.68
N MET K 61 44.51 -43.42 -1.91
CA MET K 61 44.65 -44.88 -1.80
C MET K 61 44.27 -45.57 -3.10
N LEU K 62 43.28 -45.02 -3.80
CA LEU K 62 42.76 -45.61 -5.04
C LEU K 62 43.68 -45.37 -6.22
N ILE K 63 44.14 -44.13 -6.37
CA ILE K 63 45.06 -43.75 -7.46
C ILE K 63 46.54 -44.00 -7.15
N GLY K 64 46.89 -44.12 -5.87
CA GLY K 64 48.24 -44.45 -5.46
C GLY K 64 49.18 -43.26 -5.45
N THR K 65 48.80 -42.22 -4.73
CA THR K 65 49.65 -41.05 -4.48
C THR K 65 50.80 -41.47 -3.55
N PRO K 66 52.00 -40.86 -3.72
CA PRO K 66 53.14 -41.27 -2.88
C PRO K 66 52.85 -41.37 -1.38
N ALA K 67 52.24 -40.32 -0.81
CA ALA K 67 51.80 -40.32 0.60
C ALA K 67 51.07 -41.60 1.06
N CYS K 68 50.35 -42.24 0.14
CA CYS K 68 49.52 -43.39 0.43
C CYS K 68 50.18 -44.75 0.17
N ASP K 69 51.48 -44.78 -0.09
CA ASP K 69 52.15 -46.06 -0.44
C ASP K 69 51.96 -47.17 0.61
N LEU K 70 51.88 -46.78 1.88
CA LEU K 70 51.62 -47.74 2.97
C LEU K 70 50.12 -48.06 3.17
N HIS K 71 49.24 -47.41 2.39
CA HIS K 71 47.78 -47.57 2.51
C HIS K 71 47.08 -47.98 1.18
N LEU K 72 47.82 -48.54 0.23
CA LEU K 72 47.25 -48.95 -1.06
C LEU K 72 46.35 -50.17 -0.94
N THR K 73 46.66 -51.06 -0.01
CA THR K 73 45.78 -52.16 0.38
C THR K 73 45.67 -52.19 1.89
N GLY K 74 44.78 -53.05 2.40
CA GLY K 74 44.58 -53.21 3.84
C GLY K 74 43.18 -53.64 4.20
N THR K 75 42.97 -53.93 5.49
CA THR K 75 41.65 -54.21 6.04
C THR K 75 41.54 -53.52 7.38
N TRP K 76 40.35 -53.02 7.67
CA TRP K 76 40.09 -52.26 8.88
C TRP K 76 38.60 -52.27 9.20
N ASP K 77 38.24 -51.86 10.41
CA ASP K 77 36.84 -51.56 10.76
C ASP K 77 36.61 -50.08 11.09
N THR K 78 37.68 -49.30 11.18
CA THR K 78 37.60 -47.86 11.41
C THR K 78 38.69 -47.19 10.58
N LEU K 79 38.36 -46.06 9.95
CA LEU K 79 39.32 -45.36 9.06
C LEU K 79 39.37 -43.90 9.43
N ILE K 80 40.56 -43.40 9.73
CA ILE K 80 40.72 -42.06 10.27
C ILE K 80 41.41 -41.16 9.24
N GLU K 81 40.70 -40.11 8.81
CA GLU K 81 41.20 -39.14 7.84
C GLU K 81 41.65 -37.88 8.58
N ARG K 82 42.68 -37.22 8.05
CA ARG K 82 43.31 -36.06 8.68
C ARG K 82 43.21 -34.78 7.87
N LYS K 83 43.53 -33.66 8.52
CA LYS K 83 43.47 -32.35 7.90
C LYS K 83 44.60 -32.16 6.90
N ASN K 84 44.29 -31.49 5.78
CA ASN K 84 45.26 -31.23 4.71
C ASN K 84 45.98 -32.50 4.23
N ALA K 85 45.24 -33.60 4.13
CA ALA K 85 45.78 -34.86 3.62
C ALA K 85 45.88 -34.79 2.11
N ILE K 86 46.83 -35.54 1.54
CA ILE K 86 47.17 -35.44 0.13
C ILE K 86 46.55 -36.58 -0.68
N ALA K 87 45.71 -36.21 -1.65
CA ALA K 87 45.25 -37.13 -2.70
C ALA K 87 46.00 -36.90 -4.02
N TYR K 88 46.29 -35.64 -4.35
CA TYR K 88 46.81 -35.27 -5.67
C TYR K 88 48.20 -34.63 -5.55
N CYS K 89 49.23 -35.39 -5.94
CA CYS K 89 50.59 -34.84 -6.07
C CYS K 89 50.61 -33.89 -7.27
N TYR K 90 50.28 -34.42 -8.45
CA TYR K 90 50.06 -33.60 -9.65
C TYR K 90 48.68 -32.96 -9.47
N PRO K 91 48.55 -31.65 -9.77
CA PRO K 91 47.29 -30.98 -9.45
C PRO K 91 46.10 -31.51 -10.24
N GLY K 92 44.94 -31.58 -9.58
CA GLY K 92 43.70 -32.01 -10.19
C GLY K 92 42.56 -32.17 -9.20
N ALA K 93 41.44 -32.66 -9.69
CA ALA K 93 40.29 -33.00 -8.85
C ALA K 93 39.55 -34.20 -9.40
N THR K 94 38.93 -34.97 -8.52
CA THR K 94 38.11 -36.10 -8.93
C THR K 94 36.66 -35.65 -9.07
N VAL K 95 36.03 -36.01 -10.20
CA VAL K 95 34.60 -35.74 -10.41
C VAL K 95 33.80 -36.63 -9.44
N ASN K 96 32.82 -36.02 -8.76
CA ASN K 96 32.12 -36.62 -7.62
C ASN K 96 33.11 -37.03 -6.53
N GLU K 97 33.97 -36.08 -6.15
CA GLU K 97 35.02 -36.29 -5.14
C GLU K 97 34.45 -36.80 -3.82
N GLU K 98 33.42 -36.12 -3.32
CA GLU K 98 32.87 -36.40 -1.98
C GLU K 98 32.07 -37.71 -1.91
N ALA K 99 31.41 -38.09 -3.00
CA ALA K 99 30.78 -39.42 -3.08
C ALA K 99 31.84 -40.51 -2.98
N LEU K 100 32.96 -40.33 -3.68
CA LEU K 100 34.07 -41.29 -3.65
C LEU K 100 34.71 -41.38 -2.27
N ARG K 101 34.92 -40.22 -1.64
CA ARG K 101 35.50 -40.15 -0.29
C ARG K 101 34.59 -40.83 0.73
N GLN K 102 33.30 -40.48 0.71
CA GLN K 102 32.33 -41.12 1.61
C GLN K 102 32.21 -42.61 1.36
N LYS K 103 32.39 -43.04 0.10
CA LYS K 103 32.35 -44.45 -0.25
C LYS K 103 33.55 -45.20 0.32
N ILE K 104 34.75 -44.62 0.17
CA ILE K 104 35.98 -45.20 0.72
C ILE K 104 35.94 -45.21 2.25
N MET K 105 35.50 -44.11 2.85
CA MET K 105 35.39 -43.98 4.31
C MET K 105 34.34 -44.87 4.98
N GLU K 106 33.43 -45.41 4.17
CA GLU K 106 32.41 -46.35 4.59
C GLU K 106 32.88 -47.82 4.50
N SER K 107 34.02 -48.05 3.84
CA SER K 107 34.54 -49.38 3.58
C SER K 107 35.26 -49.99 4.79
N GLY K 108 35.49 -51.31 4.71
CA GLY K 108 36.27 -52.03 5.72
C GLY K 108 37.54 -52.65 5.17
N GLY K 109 38.16 -51.98 4.20
CA GLY K 109 39.34 -52.50 3.51
C GLY K 109 39.35 -52.16 2.02
N ILE K 110 40.52 -52.33 1.40
CA ILE K 110 40.70 -52.18 -0.05
C ILE K 110 41.61 -53.30 -0.59
N SER K 111 41.16 -53.92 -1.68
CA SER K 111 41.98 -54.83 -2.48
C SER K 111 42.39 -54.13 -3.77
N LYS K 112 43.44 -54.66 -4.40
CA LYS K 112 43.88 -54.19 -5.71
C LYS K 112 43.92 -55.36 -6.68
N ILE K 113 43.52 -55.10 -7.92
CA ILE K 113 43.53 -56.09 -8.99
C ILE K 113 44.15 -55.45 -10.22
N ASN K 114 45.01 -56.19 -10.90
CA ASN K 114 45.68 -55.68 -12.11
C ASN K 114 44.69 -55.57 -13.27
N THR K 115 44.80 -54.49 -14.03
CA THR K 115 44.06 -54.36 -15.29
C THR K 115 44.70 -55.22 -16.39
N GLY K 116 46.03 -55.28 -16.38
CA GLY K 116 46.78 -55.96 -17.43
C GLY K 116 46.85 -55.17 -18.73
N PHE K 117 46.64 -53.85 -18.65
CA PHE K 117 46.64 -53.01 -19.84
C PHE K 117 48.04 -52.96 -20.45
N THR K 118 48.11 -53.15 -21.79
CA THR K 118 49.36 -53.16 -22.54
C THR K 118 49.24 -52.27 -23.77
N TYR K 119 50.39 -51.75 -24.22
CA TYR K 119 50.42 -50.70 -25.23
C TYR K 119 51.51 -50.93 -26.28
N GLY K 120 51.23 -50.49 -27.51
CA GLY K 120 52.16 -50.63 -28.63
C GLY K 120 53.44 -49.83 -28.47
N SER K 121 54.41 -50.10 -29.33
CA SER K 121 55.72 -49.43 -29.27
C SER K 121 55.66 -47.93 -29.54
N SER K 122 54.60 -47.46 -30.21
CA SER K 122 54.40 -46.02 -30.40
C SER K 122 53.79 -45.28 -29.19
N ILE K 123 53.71 -45.94 -28.02
CA ILE K 123 53.23 -45.33 -26.78
C ILE K 123 54.29 -45.47 -25.68
N ASN K 124 54.67 -44.33 -25.08
CA ASN K 124 55.46 -44.31 -23.84
C ASN K 124 54.49 -44.29 -22.66
N SER K 125 54.44 -45.39 -21.92
CA SER K 125 53.52 -45.54 -20.77
C SER K 125 54.16 -45.19 -19.41
N ALA K 126 55.49 -45.10 -19.37
CA ALA K 126 56.24 -44.90 -18.11
C ALA K 126 56.65 -43.43 -17.85
N GLY K 127 55.85 -42.47 -18.31
CA GLY K 127 56.12 -41.06 -18.09
C GLY K 127 55.97 -40.67 -16.63
N THR K 128 56.96 -39.93 -16.11
CA THR K 128 56.97 -39.46 -14.72
C THR K 128 56.87 -37.93 -14.67
N THR K 129 56.82 -37.37 -13.46
CA THR K 129 56.79 -35.92 -13.28
C THR K 129 57.38 -35.52 -11.94
N LYS K 130 57.97 -34.32 -11.88
CA LYS K 130 58.59 -33.80 -10.66
C LYS K 130 57.62 -33.48 -9.51
N ALA K 131 56.32 -33.40 -9.81
CA ALA K 131 55.28 -33.18 -8.79
C ALA K 131 55.05 -34.41 -7.91
N CYS K 132 55.06 -35.59 -8.51
CA CYS K 132 54.90 -36.85 -7.77
C CYS K 132 56.26 -37.48 -7.52
N MET K 133 56.85 -37.16 -6.37
CA MET K 133 58.17 -37.68 -6.00
C MET K 133 58.06 -38.91 -5.13
N ARG K 134 58.80 -39.95 -5.49
CA ARG K 134 58.84 -41.21 -4.76
C ARG K 134 60.28 -41.70 -4.75
N ASN K 135 60.77 -42.11 -3.58
CA ASN K 135 62.15 -42.61 -3.40
C ASN K 135 63.21 -41.56 -3.80
N GLY K 136 62.90 -40.29 -3.51
CA GLY K 136 63.79 -39.16 -3.82
C GLY K 136 63.97 -38.83 -5.30
N GLY K 137 63.05 -39.29 -6.15
CA GLY K 137 63.14 -39.09 -7.61
C GLY K 137 61.79 -39.00 -8.29
N ASN K 138 61.80 -38.52 -9.53
CA ASN K 138 60.59 -38.40 -10.35
C ASN K 138 59.79 -39.71 -10.42
N SER K 139 58.46 -39.58 -10.39
CA SER K 139 57.55 -40.74 -10.35
C SER K 139 56.13 -40.35 -10.77
N PHE K 140 55.19 -41.26 -10.55
CA PHE K 140 53.78 -41.01 -10.85
C PHE K 140 52.89 -41.82 -9.92
N TYR K 141 51.59 -41.55 -10.00
CA TYR K 141 50.55 -42.34 -9.33
C TYR K 141 50.78 -43.84 -9.54
N ALA K 142 50.82 -44.59 -8.44
CA ALA K 142 51.20 -46.01 -8.47
C ALA K 142 50.25 -46.92 -9.23
N GLU K 143 48.97 -46.55 -9.29
CA GLU K 143 47.92 -47.38 -9.89
C GLU K 143 47.52 -46.93 -11.29
N LEU K 144 48.20 -45.91 -11.83
CA LEU K 144 47.87 -45.32 -13.12
C LEU K 144 49.13 -45.09 -13.97
N LYS K 145 48.96 -45.11 -15.29
CA LYS K 145 50.05 -44.91 -16.25
C LYS K 145 49.77 -43.68 -17.12
N TRP K 146 50.75 -42.79 -17.25
CA TRP K 146 50.65 -41.62 -18.12
C TRP K 146 51.08 -42.01 -19.54
N LEU K 147 50.09 -42.24 -20.40
CA LEU K 147 50.34 -42.65 -21.78
C LEU K 147 50.59 -41.41 -22.63
N VAL K 148 51.72 -41.40 -23.34
CA VAL K 148 52.07 -40.34 -24.30
C VAL K 148 52.69 -40.94 -25.55
N SER K 149 52.80 -40.14 -26.62
CA SER K 149 53.49 -40.57 -27.84
C SER K 149 54.97 -40.73 -27.54
N LYS K 150 55.58 -41.80 -28.09
CA LYS K 150 57.01 -42.07 -27.88
C LYS K 150 57.88 -41.06 -28.63
N ASN K 151 57.48 -40.74 -29.87
CA ASN K 151 58.12 -39.70 -30.66
C ASN K 151 57.33 -38.39 -30.50
N LYS K 152 58.00 -37.35 -29.98
CA LYS K 152 57.38 -36.05 -29.75
C LYS K 152 56.70 -35.52 -31.02
N GLY K 153 55.49 -35.02 -30.88
CA GLY K 153 54.74 -34.41 -31.99
C GLY K 153 53.83 -35.35 -32.74
N GLN K 154 54.16 -36.63 -32.75
CA GLN K 154 53.44 -37.64 -33.54
C GLN K 154 52.08 -37.97 -32.89
N ASN K 155 51.09 -38.27 -33.74
CA ASN K 155 49.74 -38.62 -33.26
C ASN K 155 49.72 -39.92 -32.45
N PHE K 156 49.15 -39.83 -31.25
CA PHE K 156 48.94 -40.97 -30.36
C PHE K 156 47.89 -41.88 -31.02
N PRO K 157 48.20 -43.19 -31.14
CA PRO K 157 47.32 -44.08 -31.91
C PRO K 157 45.97 -44.33 -31.24
N GLN K 158 44.93 -44.55 -32.06
CA GLN K 158 43.60 -44.90 -31.55
C GLN K 158 43.71 -46.27 -30.89
N THR K 159 43.74 -46.27 -29.55
CA THR K 159 44.06 -47.47 -28.77
C THR K 159 42.85 -47.94 -27.96
N THR K 160 42.67 -49.26 -27.91
CA THR K 160 41.56 -49.86 -27.17
C THR K 160 42.10 -50.80 -26.09
N ASN K 161 41.58 -50.63 -24.88
CA ASN K 161 41.91 -51.47 -23.72
C ASN K 161 40.61 -51.73 -22.96
N THR K 162 40.42 -52.97 -22.49
CA THR K 162 39.18 -53.37 -21.83
C THR K 162 39.49 -54.19 -20.57
N TYR K 163 38.76 -53.91 -19.50
CA TYR K 163 38.91 -54.61 -18.23
C TYR K 163 37.64 -55.36 -17.91
N ARG K 164 37.77 -56.67 -17.65
CA ARG K 164 36.67 -57.52 -17.25
C ARG K 164 36.79 -57.80 -15.75
N ASN K 165 35.70 -57.61 -15.00
CA ASN K 165 35.66 -57.97 -13.59
C ASN K 165 35.44 -59.48 -13.48
N ALA K 166 36.52 -60.20 -13.25
CA ALA K 166 36.49 -61.65 -13.07
C ALA K 166 36.03 -62.09 -11.67
N ASP K 167 36.02 -61.15 -10.71
CA ASP K 167 35.67 -61.41 -9.31
C ASP K 167 34.14 -61.57 -9.15
N THR K 168 33.72 -62.06 -7.99
CA THR K 168 32.29 -62.21 -7.64
C THR K 168 31.64 -60.93 -7.05
N ALA K 169 32.43 -59.87 -6.83
CA ALA K 169 31.94 -58.61 -6.26
C ALA K 169 32.33 -57.44 -7.15
N GLU K 170 31.70 -56.29 -6.92
CA GLU K 170 31.91 -55.09 -7.74
C GLU K 170 33.30 -54.49 -7.52
N HIS K 171 33.90 -53.99 -8.60
CA HIS K 171 35.18 -53.30 -8.52
C HIS K 171 35.01 -51.84 -8.88
N LEU K 172 35.88 -51.01 -8.31
CA LEU K 172 35.87 -49.58 -8.52
C LEU K 172 37.07 -49.25 -9.39
N ILE K 173 36.81 -48.82 -10.61
CA ILE K 173 37.88 -48.45 -11.54
C ILE K 173 38.00 -46.92 -11.60
N MET K 174 39.25 -46.44 -11.61
CA MET K 174 39.56 -45.03 -11.73
C MET K 174 40.48 -44.79 -12.90
N TRP K 175 40.32 -43.63 -13.52
CA TRP K 175 41.25 -43.14 -14.52
C TRP K 175 41.34 -41.64 -14.44
N GLY K 176 42.34 -41.09 -15.12
CA GLY K 176 42.53 -39.65 -15.19
C GLY K 176 42.50 -39.20 -16.64
N ILE K 177 42.12 -37.94 -16.85
CA ILE K 177 42.28 -37.28 -18.14
C ILE K 177 43.23 -36.12 -17.92
N HIS K 178 44.30 -36.07 -18.71
CA HIS K 178 45.24 -34.95 -18.65
C HIS K 178 44.68 -33.77 -19.44
N HIS K 179 44.90 -32.57 -18.92
CA HIS K 179 44.46 -31.32 -19.54
C HIS K 179 45.68 -30.40 -19.74
N PRO K 180 46.29 -30.42 -20.94
CA PRO K 180 47.52 -29.65 -21.18
C PRO K 180 47.42 -28.14 -20.94
N SER K 181 48.55 -27.57 -20.53
CA SER K 181 48.67 -26.14 -20.23
C SER K 181 48.70 -25.26 -21.49
N SER K 182 49.27 -25.79 -22.57
CA SER K 182 49.35 -25.10 -23.87
C SER K 182 48.97 -26.01 -25.02
N THR K 183 48.86 -25.43 -26.21
CA THR K 183 48.65 -26.19 -27.45
C THR K 183 49.91 -26.92 -27.89
N GLN K 184 51.08 -26.34 -27.67
CA GLN K 184 52.35 -26.99 -28.01
C GLN K 184 52.59 -28.22 -27.14
N GLU K 185 52.27 -28.13 -25.85
CA GLU K 185 52.38 -29.27 -24.93
C GLU K 185 51.47 -30.43 -25.35
N LYS K 186 50.21 -30.11 -25.68
CA LYS K 186 49.25 -31.07 -26.21
C LYS K 186 49.78 -31.76 -27.47
N ASN K 187 50.39 -31.00 -28.38
CA ASN K 187 50.96 -31.56 -29.61
C ASN K 187 52.18 -32.46 -29.34
N ASP K 188 53.05 -32.05 -28.42
CA ASP K 188 54.26 -32.83 -28.07
C ASP K 188 53.93 -34.20 -27.47
N LEU K 189 52.90 -34.25 -26.62
CA LEU K 189 52.52 -35.48 -25.92
C LEU K 189 51.61 -36.40 -26.74
N TYR K 190 50.54 -35.84 -27.29
CA TYR K 190 49.49 -36.62 -27.97
C TYR K 190 49.36 -36.40 -29.49
N GLY K 191 49.76 -35.22 -29.99
CA GLY K 191 49.76 -34.94 -31.42
C GLY K 191 48.75 -33.87 -31.86
N THR K 192 48.74 -33.61 -33.16
CA THR K 192 47.93 -32.54 -33.75
C THR K 192 46.42 -32.90 -33.84
N GLN K 193 46.12 -34.18 -33.98
CA GLN K 193 44.74 -34.71 -34.08
C GLN K 193 43.80 -34.28 -32.94
N SER K 194 42.50 -34.31 -33.22
CA SER K 194 41.47 -34.10 -32.19
C SER K 194 41.37 -35.32 -31.27
N LEU K 195 41.27 -35.06 -29.97
CA LEU K 195 41.35 -36.11 -28.95
C LEU K 195 39.99 -36.47 -28.36
N SER K 196 39.73 -37.77 -28.24
CA SER K 196 38.50 -38.30 -27.65
C SER K 196 38.81 -39.53 -26.83
N ILE K 197 38.29 -39.57 -25.60
CA ILE K 197 38.51 -40.68 -24.67
C ILE K 197 37.15 -41.22 -24.27
N SER K 198 36.77 -42.35 -24.85
CA SER K 198 35.49 -43.02 -24.57
C SER K 198 35.67 -44.13 -23.55
N VAL K 199 34.75 -44.19 -22.61
CA VAL K 199 34.69 -45.22 -21.59
C VAL K 199 33.27 -45.79 -21.64
N GLY K 200 33.16 -47.10 -21.83
CA GLY K 200 31.86 -47.76 -21.90
C GLY K 200 31.87 -49.13 -21.25
N SER K 201 30.88 -49.36 -20.38
CA SER K 201 30.53 -50.69 -19.90
C SER K 201 29.05 -50.90 -20.21
N SER K 202 28.49 -52.02 -19.76
CA SER K 202 27.04 -52.24 -19.93
C SER K 202 26.21 -51.28 -19.06
N THR K 203 26.76 -50.87 -17.90
CA THR K 203 26.08 -49.97 -16.96
C THR K 203 26.74 -48.58 -16.80
N TYR K 204 27.45 -48.13 -17.85
CA TYR K 204 28.16 -46.84 -17.81
C TYR K 204 28.56 -46.41 -19.23
N LYS K 205 28.52 -45.10 -19.46
CA LYS K 205 28.84 -44.53 -20.75
C LYS K 205 29.29 -43.08 -20.54
N ASN K 206 30.46 -42.73 -21.10
CA ASN K 206 30.97 -41.36 -21.00
C ASN K 206 32.09 -41.06 -22.01
N ASN K 207 32.19 -39.79 -22.40
CA ASN K 207 33.18 -39.30 -23.34
C ASN K 207 33.91 -38.12 -22.72
N PHE K 208 35.24 -38.08 -22.89
CA PHE K 208 36.09 -37.02 -22.32
C PHE K 208 36.99 -36.40 -23.37
N VAL K 209 36.89 -35.08 -23.53
CA VAL K 209 37.73 -34.30 -24.42
C VAL K 209 38.71 -33.47 -23.57
N PRO K 210 40.03 -33.58 -23.81
CA PRO K 210 40.98 -32.75 -23.06
C PRO K 210 40.87 -31.23 -23.30
N VAL K 211 40.41 -30.50 -22.29
CA VAL K 211 40.47 -29.01 -22.26
C VAL K 211 41.92 -28.52 -22.24
N VAL K 212 42.22 -27.51 -23.08
CA VAL K 212 43.56 -26.95 -23.22
C VAL K 212 43.51 -25.42 -23.09
N GLY K 213 44.23 -24.88 -22.11
CA GLY K 213 44.25 -23.44 -21.87
C GLY K 213 45.23 -23.05 -20.78
N ALA K 214 45.71 -21.81 -20.82
CA ALA K 214 46.64 -21.31 -19.80
C ALA K 214 45.96 -21.21 -18.45
N ARG K 215 46.69 -21.52 -17.39
CA ARG K 215 46.20 -21.42 -16.02
C ARG K 215 47.37 -21.38 -15.02
N PRO K 216 47.12 -20.95 -13.76
CA PRO K 216 48.16 -20.93 -12.73
C PRO K 216 48.86 -22.26 -12.48
N GLN K 217 50.13 -22.21 -12.09
CA GLN K 217 50.85 -23.40 -11.64
C GLN K 217 50.40 -23.77 -10.23
N VAL K 218 50.06 -25.03 -10.03
CA VAL K 218 49.79 -25.58 -8.70
C VAL K 218 50.78 -26.74 -8.53
N ASN K 219 51.47 -26.77 -7.39
CA ASN K 219 52.61 -27.68 -7.16
C ASN K 219 53.61 -27.64 -8.34
N GLY K 220 53.89 -26.44 -8.80
CA GLY K 220 54.83 -26.21 -9.91
C GLY K 220 54.42 -26.77 -11.26
N GLN K 221 53.13 -26.90 -11.49
CA GLN K 221 52.59 -27.52 -12.71
C GLN K 221 51.35 -26.78 -13.19
N SER K 222 51.40 -26.31 -14.43
CA SER K 222 50.28 -25.59 -15.05
C SER K 222 49.23 -26.53 -15.68
N GLY K 223 49.61 -27.78 -15.94
CA GLY K 223 48.67 -28.81 -16.41
C GLY K 223 47.80 -29.35 -15.29
N ARG K 224 46.80 -30.16 -15.65
CA ARG K 224 45.88 -30.76 -14.66
C ARG K 224 45.54 -32.20 -15.07
N ILE K 225 45.52 -33.09 -14.08
CA ILE K 225 45.01 -34.45 -14.29
C ILE K 225 43.81 -34.62 -13.38
N ASP K 226 42.60 -34.50 -13.96
CA ASP K 226 41.35 -34.75 -13.24
CA ASP K 226 41.35 -34.75 -13.24
C ASP K 226 40.99 -36.23 -13.33
N PHE K 227 40.40 -36.75 -12.26
CA PHE K 227 40.07 -38.17 -12.18
C PHE K 227 38.58 -38.44 -12.27
N HIS K 228 38.25 -39.63 -12.73
CA HIS K 228 36.86 -40.09 -12.86
C HIS K 228 36.79 -41.51 -12.37
N TRP K 229 35.59 -41.94 -12.02
CA TRP K 229 35.40 -43.28 -11.48
C TRP K 229 34.01 -43.82 -11.74
N THR K 230 33.93 -45.14 -11.76
CA THR K 230 32.68 -45.87 -11.86
C THR K 230 32.87 -47.27 -11.28
N LEU K 231 31.76 -47.89 -10.90
CA LEU K 231 31.78 -49.28 -10.43
C LEU K 231 31.61 -50.21 -11.63
N VAL K 232 32.35 -51.31 -11.62
CA VAL K 232 32.27 -52.35 -12.64
C VAL K 232 31.77 -53.61 -11.98
N GLN K 233 30.62 -54.12 -12.44
CA GLN K 233 29.95 -55.24 -11.80
C GLN K 233 30.57 -56.58 -12.18
N PRO K 234 30.37 -57.63 -11.35
CA PRO K 234 30.89 -58.96 -11.65
C PRO K 234 30.51 -59.44 -13.05
N GLY K 235 31.50 -59.83 -13.84
CA GLY K 235 31.28 -60.31 -15.20
C GLY K 235 31.30 -59.24 -16.28
N ASP K 236 31.01 -57.99 -15.92
CA ASP K 236 30.94 -56.90 -16.90
C ASP K 236 32.32 -56.47 -17.38
N LYS K 237 32.37 -55.92 -18.59
CA LYS K 237 33.58 -55.35 -19.16
C LYS K 237 33.46 -53.85 -19.16
N ILE K 238 34.59 -53.15 -19.03
CA ILE K 238 34.64 -51.69 -19.25
C ILE K 238 35.76 -51.42 -20.24
N THR K 239 35.42 -50.72 -21.33
CA THR K 239 36.31 -50.52 -22.47
C THR K 239 36.75 -49.07 -22.59
N PHE K 240 38.05 -48.87 -22.67
CA PHE K 240 38.66 -47.56 -22.82
C PHE K 240 39.11 -47.34 -24.25
N SER K 241 38.32 -46.58 -25.00
CA SER K 241 38.68 -46.14 -26.36
C SER K 241 39.27 -44.74 -26.28
N HIS K 242 40.52 -44.60 -26.70
CA HIS K 242 41.23 -43.33 -26.57
C HIS K 242 42.30 -43.13 -27.64
N ASN K 243 42.59 -41.87 -27.96
CA ASN K 243 43.64 -41.52 -28.92
C ASN K 243 44.57 -40.39 -28.41
N GLY K 244 44.71 -40.29 -27.08
CA GLY K 244 45.55 -39.28 -26.43
C GLY K 244 44.84 -38.57 -25.30
N GLY K 245 45.49 -38.54 -24.12
CA GLY K 245 44.98 -37.82 -22.96
C GLY K 245 44.56 -38.68 -21.78
N LEU K 246 44.32 -39.97 -22.02
CA LEU K 246 43.95 -40.91 -20.95
C LEU K 246 45.14 -41.18 -20.03
N ILE K 247 44.87 -41.08 -18.73
CA ILE K 247 45.75 -41.60 -17.70
C ILE K 247 45.11 -42.93 -17.31
N ALA K 248 45.62 -44.01 -17.91
CA ALA K 248 44.97 -45.32 -17.84
C ALA K 248 45.37 -46.07 -16.57
N PRO K 249 44.43 -46.85 -15.99
CA PRO K 249 44.74 -47.62 -14.79
C PRO K 249 45.59 -48.87 -15.04
N SER K 250 46.65 -49.04 -14.24
CA SER K 250 47.39 -50.29 -14.15
C SER K 250 46.78 -51.25 -13.12
N ARG K 251 46.05 -50.70 -12.14
CA ARG K 251 45.26 -51.50 -11.19
C ARG K 251 43.90 -50.84 -10.89
N VAL K 252 42.90 -51.67 -10.60
CA VAL K 252 41.60 -51.20 -10.08
C VAL K 252 41.49 -51.56 -8.61
N SER K 253 40.44 -51.06 -7.96
CA SER K 253 40.24 -51.24 -6.52
C SER K 253 38.98 -52.04 -6.23
N LYS K 254 38.96 -52.71 -5.09
CA LYS K 254 37.74 -53.35 -4.58
C LYS K 254 37.56 -52.95 -3.13
N LEU K 255 36.43 -52.34 -2.81
CA LEU K 255 36.09 -51.99 -1.42
C LEU K 255 35.49 -53.20 -0.72
N ILE K 256 36.19 -53.70 0.30
CA ILE K 256 35.79 -54.88 1.04
C ILE K 256 35.05 -54.47 2.31
N GLY K 257 33.91 -55.09 2.57
CA GLY K 257 33.21 -54.97 3.86
C GLY K 257 32.76 -53.57 4.26
N ARG K 258 32.80 -53.32 5.57
CA ARG K 258 32.23 -52.12 6.18
C ARG K 258 33.09 -51.56 7.30
N GLY K 259 33.10 -50.25 7.44
CA GLY K 259 33.83 -49.59 8.51
C GLY K 259 33.31 -48.21 8.87
N LEU K 260 33.83 -47.67 9.96
CA LEU K 260 33.47 -46.33 10.43
C LEU K 260 34.54 -45.31 10.03
N GLY K 261 34.15 -44.34 9.21
CA GLY K 261 35.04 -43.28 8.77
C GLY K 261 35.01 -42.10 9.72
N ILE K 262 36.18 -41.74 10.27
CA ILE K 262 36.32 -40.62 11.22
C ILE K 262 37.22 -39.52 10.66
N GLN K 263 36.68 -38.30 10.62
CA GLN K 263 37.48 -37.12 10.32
C GLN K 263 37.77 -36.39 11.63
N SER K 264 39.03 -36.44 12.07
CA SER K 264 39.46 -35.84 13.35
C SER K 264 40.93 -35.41 13.32
N GLU K 265 41.26 -34.43 14.16
CA GLU K 265 42.66 -34.05 14.40
C GLU K 265 43.27 -34.70 15.65
N ALA K 266 42.44 -35.36 16.46
CA ALA K 266 42.88 -35.93 17.74
C ALA K 266 43.72 -37.19 17.58
N PRO K 267 44.67 -37.42 18.51
CA PRO K 267 45.52 -38.62 18.46
C PRO K 267 44.81 -39.90 18.88
N ILE K 268 45.30 -41.04 18.38
CA ILE K 268 44.77 -42.36 18.76
C ILE K 268 45.17 -42.67 20.21
N ASP K 269 44.24 -43.25 20.96
CA ASP K 269 44.51 -43.85 22.26
C ASP K 269 43.95 -45.28 22.25
N ASN K 270 44.83 -46.26 22.14
CA ASN K 270 44.43 -47.67 22.15
C ASN K 270 43.93 -48.22 23.50
N SER K 271 44.07 -47.46 24.59
CA SER K 271 43.68 -47.94 25.92
C SER K 271 42.20 -47.75 26.21
N CYS K 272 41.63 -46.60 25.85
CA CYS K 272 40.18 -46.35 26.02
C CYS K 272 39.35 -46.86 24.84
N GLU K 273 38.05 -46.97 25.06
CA GLU K 273 37.10 -47.54 24.09
C GLU K 273 35.96 -46.53 23.84
N SER K 274 35.46 -46.47 22.61
CA SER K 274 34.36 -45.55 22.28
C SER K 274 33.56 -46.00 21.05
N LYS K 275 32.29 -45.61 21.03
CA LYS K 275 31.41 -45.81 19.87
C LYS K 275 30.90 -44.49 19.26
N CYS K 276 31.36 -43.35 19.78
CA CYS K 276 30.94 -42.04 19.27
C CYS K 276 32.19 -41.17 19.09
N PHE K 277 32.25 -40.46 17.98
CA PHE K 277 33.43 -39.67 17.63
C PHE K 277 33.05 -38.34 16.99
N TRP K 278 33.95 -37.36 17.11
CA TRP K 278 33.77 -36.08 16.42
C TRP K 278 35.14 -35.45 16.15
N ARG K 279 35.15 -34.27 15.54
CA ARG K 279 36.42 -33.59 15.21
C ARG K 279 37.40 -33.56 16.40
N GLY K 280 36.91 -33.10 17.54
CA GLY K 280 37.67 -33.00 18.77
C GLY K 280 38.13 -34.28 19.46
N GLY K 281 37.42 -35.39 19.25
CA GLY K 281 37.82 -36.68 19.83
C GLY K 281 36.67 -37.64 20.05
N SER K 282 36.66 -38.31 21.20
CA SER K 282 35.67 -39.33 21.53
C SER K 282 34.68 -38.85 22.60
N ILE K 283 33.47 -39.42 22.57
CA ILE K 283 32.43 -39.14 23.55
C ILE K 283 32.02 -40.47 24.19
N ASN K 284 32.54 -40.76 25.38
CA ASN K 284 32.29 -42.01 26.09
C ASN K 284 31.20 -41.94 27.16
N THR K 285 30.35 -40.92 27.08
CA THR K 285 29.29 -40.73 28.06
C THR K 285 28.19 -41.78 27.94
N ARG K 286 27.61 -42.15 29.09
CA ARG K 286 26.41 -42.98 29.15
C ARG K 286 25.13 -42.12 29.13
N LEU K 287 25.29 -40.80 29.16
CA LEU K 287 24.16 -39.88 29.13
C LEU K 287 23.45 -39.90 27.79
N PRO K 288 22.13 -39.65 27.78
CA PRO K 288 21.33 -39.69 26.55
C PRO K 288 21.58 -38.54 25.57
N PHE K 289 22.03 -37.39 26.07
CA PHE K 289 22.19 -36.18 25.24
C PHE K 289 23.60 -35.59 25.38
N GLN K 290 23.87 -34.53 24.63
CA GLN K 290 25.24 -34.09 24.39
C GLN K 290 25.22 -32.70 23.73
N ASN K 291 26.07 -31.77 24.20
CA ASN K 291 26.13 -30.39 23.63
C ASN K 291 27.49 -30.00 23.06
N LEU K 292 28.35 -30.99 22.78
CA LEU K 292 29.70 -30.77 22.25
C LEU K 292 29.68 -30.42 20.76
N SER K 293 29.03 -31.26 19.96
CA SER K 293 28.97 -31.06 18.51
C SER K 293 27.75 -31.69 17.83
N PRO K 294 27.16 -30.98 16.84
CA PRO K 294 26.11 -31.57 16.01
C PRO K 294 26.66 -32.51 14.92
N ARG K 295 27.96 -32.46 14.65
CA ARG K 295 28.62 -33.39 13.73
C ARG K 295 29.30 -34.49 14.52
N THR K 296 28.65 -35.64 14.62
CA THR K 296 29.25 -36.84 15.23
C THR K 296 29.07 -38.07 14.34
N VAL K 297 29.78 -39.16 14.67
CA VAL K 297 29.70 -40.42 13.93
C VAL K 297 29.70 -41.61 14.86
N GLY K 298 29.05 -42.70 14.43
CA GLY K 298 28.85 -43.90 15.27
C GLY K 298 27.56 -43.85 16.08
N GLN K 299 27.55 -44.54 17.22
CA GLN K 299 26.37 -44.63 18.09
C GLN K 299 26.51 -43.56 19.18
N CYS K 300 25.76 -42.47 19.01
CA CYS K 300 26.01 -41.24 19.76
C CYS K 300 24.82 -40.80 20.60
N PRO K 301 25.09 -40.05 21.69
CA PRO K 301 24.01 -39.29 22.32
C PRO K 301 23.53 -38.20 21.39
N LYS K 302 22.29 -37.79 21.55
CA LYS K 302 21.68 -36.83 20.63
C LYS K 302 22.07 -35.41 20.99
N TYR K 303 22.36 -34.61 19.96
CA TYR K 303 22.77 -33.23 20.15
C TYR K 303 21.59 -32.36 20.61
N VAL K 304 21.84 -31.51 21.60
CA VAL K 304 20.83 -30.59 22.13
C VAL K 304 21.39 -29.19 22.35
N ASN K 305 20.52 -28.17 22.26
CA ASN K 305 20.89 -26.78 22.52
C ASN K 305 20.66 -26.47 23.99
N LYS K 306 21.43 -27.11 24.86
CA LYS K 306 21.27 -26.99 26.31
C LYS K 306 22.60 -27.19 27.01
N LYS K 307 22.95 -26.28 27.92
CA LYS K 307 24.12 -26.44 28.78
C LYS K 307 23.90 -27.61 29.74
N SER K 308 22.70 -27.68 30.31
CA SER K 308 22.39 -28.66 31.34
C SER K 308 20.89 -28.96 31.44
N LEU K 309 20.56 -30.24 31.62
CA LEU K 309 19.22 -30.68 32.00
C LEU K 309 19.35 -31.60 33.20
N MET K 310 18.79 -31.19 34.33
CA MET K 310 18.95 -31.93 35.58
C MET K 310 17.72 -32.78 35.86
N LEU K 311 17.95 -34.09 35.95
CA LEU K 311 16.91 -35.06 36.21
C LEU K 311 16.88 -35.36 37.70
N ALA K 312 15.79 -34.98 38.36
CA ALA K 312 15.61 -35.22 39.79
C ALA K 312 15.66 -36.71 40.11
N THR K 313 16.46 -37.08 41.11
CA THR K 313 16.57 -38.45 41.60
C THR K 313 16.19 -38.52 43.10
N GLY K 314 15.31 -37.61 43.51
CA GLY K 314 14.82 -37.56 44.88
C GLY K 314 13.64 -36.60 45.03
N MET K 315 13.05 -36.62 46.22
CA MET K 315 11.86 -35.79 46.52
C MET K 315 12.17 -34.30 46.62
N ARG K 316 11.10 -33.49 46.69
CA ARG K 316 11.19 -32.08 47.08
C ARG K 316 11.99 -31.90 48.36
N ASN K 317 12.91 -30.96 48.37
CA ASN K 317 13.70 -30.66 49.57
C ASN K 317 13.02 -29.52 50.31
N VAL K 318 12.39 -29.86 51.44
CA VAL K 318 11.82 -28.87 52.36
C VAL K 318 12.71 -28.85 53.60
N PRO K 319 13.68 -27.92 53.65
CA PRO K 319 14.68 -27.94 54.72
C PRO K 319 14.15 -27.37 56.04
N GLU K 320 14.87 -27.66 57.13
CA GLU K 320 14.53 -27.18 58.47
C GLU K 320 15.02 -25.75 58.69
N GLY L 1 2.23 -31.15 47.45
CA GLY L 1 1.81 -30.92 46.03
C GLY L 1 0.55 -31.70 45.70
N LEU L 2 0.67 -32.68 44.81
CA LEU L 2 -0.49 -33.49 44.38
C LEU L 2 -1.11 -34.29 45.53
N PHE L 3 -0.28 -34.97 46.30
CA PHE L 3 -0.77 -35.83 47.39
C PHE L 3 -0.79 -35.14 48.77
N GLY L 4 -0.33 -33.89 48.82
CA GLY L 4 -0.55 -33.02 49.97
C GLY L 4 0.25 -33.29 51.23
N ALA L 5 1.26 -34.16 51.14
CA ALA L 5 2.05 -34.56 52.31
C ALA L 5 3.37 -33.80 52.31
N ILE L 6 4.21 -34.07 51.32
CA ILE L 6 5.52 -33.44 51.18
C ILE L 6 5.30 -32.04 50.62
N ALA L 7 5.91 -31.04 51.27
CA ALA L 7 5.58 -29.62 51.08
C ALA L 7 4.07 -29.38 51.24
N GLY L 8 3.47 -30.10 52.20
CA GLY L 8 2.04 -30.06 52.45
C GLY L 8 1.80 -30.10 53.95
N PHE L 9 1.03 -31.07 54.43
CA PHE L 9 0.72 -31.15 55.86
C PHE L 9 1.92 -31.57 56.72
N ILE L 10 2.87 -32.30 56.17
CA ILE L 10 4.20 -32.40 56.78
C ILE L 10 4.90 -31.09 56.43
N GLU L 11 5.23 -30.31 57.46
CA GLU L 11 5.74 -28.94 57.29
C GLU L 11 7.13 -28.87 56.71
N ASN L 12 8.00 -29.79 57.12
CA ASN L 12 9.36 -29.85 56.59
C ASN L 12 9.99 -31.24 56.75
N GLY L 13 11.15 -31.40 56.14
CA GLY L 13 11.87 -32.67 56.16
C GLY L 13 12.77 -32.78 57.37
N TRP L 14 13.41 -33.94 57.51
CA TRP L 14 14.29 -34.24 58.63
C TRP L 14 15.71 -34.51 58.14
N GLU L 15 16.58 -33.50 58.29
CA GLU L 15 18.00 -33.66 57.96
C GLU L 15 18.69 -34.65 58.90
N GLY L 16 18.13 -34.84 60.10
CA GLY L 16 18.58 -35.87 61.02
C GLY L 16 18.44 -37.29 60.48
N MET L 17 17.39 -37.55 59.72
CA MET L 17 17.15 -38.87 59.12
C MET L 17 18.05 -39.07 57.90
N VAL L 18 19.09 -39.88 58.07
CA VAL L 18 20.13 -40.07 57.05
C VAL L 18 20.31 -41.55 56.64
N ASP L 19 19.34 -42.40 57.02
CA ASP L 19 19.37 -43.83 56.72
C ASP L 19 18.06 -44.26 56.06
N GLY L 20 17.38 -43.31 55.42
CA GLY L 20 16.05 -43.55 54.87
C GLY L 20 15.40 -42.26 54.38
N TRP L 21 14.43 -42.42 53.49
CA TRP L 21 13.74 -41.30 52.87
C TRP L 21 12.50 -40.94 53.66
N TYR L 22 11.83 -41.95 54.18
CA TYR L 22 10.65 -41.77 55.03
C TYR L 22 10.91 -42.48 56.36
N GLY L 23 10.26 -42.02 57.42
CA GLY L 23 10.38 -42.67 58.72
C GLY L 23 9.51 -42.09 59.81
N PHE L 24 9.79 -42.53 61.04
CA PHE L 24 8.97 -42.22 62.20
C PHE L 24 9.76 -41.47 63.28
N ARG L 25 9.03 -40.70 64.08
CA ARG L 25 9.57 -40.07 65.29
C ARG L 25 8.52 -40.18 66.38
N HIS L 26 8.85 -40.89 67.47
CA HIS L 26 7.89 -41.11 68.55
C HIS L 26 8.19 -40.29 69.80
N GLN L 27 7.15 -40.09 70.61
CA GLN L 27 7.25 -39.49 71.95
C GLN L 27 6.39 -40.31 72.89
N ASN L 28 7.02 -40.93 73.89
CA ASN L 28 6.32 -41.70 74.92
C ASN L 28 6.85 -41.29 76.31
N ALA L 29 6.44 -42.01 77.35
CA ALA L 29 7.04 -41.85 78.69
C ALA L 29 8.55 -42.10 78.68
N GLN L 30 8.98 -43.15 77.98
CA GLN L 30 10.39 -43.55 77.91
C GLN L 30 11.35 -42.57 77.22
N GLY L 31 10.82 -41.62 76.45
CA GLY L 31 11.62 -40.58 75.79
C GLY L 31 11.20 -40.38 74.35
N THR L 32 12.18 -40.17 73.47
CA THR L 32 11.95 -40.06 72.02
C THR L 32 12.86 -41.01 71.26
N GLY L 33 12.66 -41.08 69.95
CA GLY L 33 13.49 -41.88 69.06
C GLY L 33 13.19 -41.62 67.59
N GLN L 34 14.01 -42.19 66.72
CA GLN L 34 13.84 -42.06 65.29
C GLN L 34 14.12 -43.40 64.62
N ALA L 35 13.34 -43.72 63.58
CA ALA L 35 13.55 -44.95 62.80
C ALA L 35 13.06 -44.75 61.38
N ALA L 36 13.85 -45.25 60.42
CA ALA L 36 13.52 -45.15 59.01
C ALA L 36 12.59 -46.30 58.64
N ASP L 37 11.67 -46.02 57.70
CA ASP L 37 10.84 -47.06 57.08
C ASP L 37 11.55 -47.56 55.83
N TYR L 38 11.87 -48.85 55.81
CA TYR L 38 12.64 -49.46 54.72
C TYR L 38 11.80 -49.64 53.45
N LYS L 39 10.58 -50.17 53.59
CA LYS L 39 9.74 -50.53 52.45
C LYS L 39 9.38 -49.32 51.58
N SER L 40 8.87 -48.26 52.22
CA SER L 40 8.48 -47.06 51.49
C SER L 40 9.67 -46.31 50.87
N THR L 41 10.81 -46.32 51.55
CA THR L 41 12.08 -45.77 51.02
C THR L 41 12.50 -46.48 49.73
N GLN L 42 12.54 -47.81 49.77
CA GLN L 42 12.96 -48.61 48.62
C GLN L 42 11.93 -48.62 47.52
N ALA L 43 10.66 -48.49 47.88
CA ALA L 43 9.60 -48.32 46.89
C ALA L 43 9.88 -47.10 46.01
N ALA L 44 10.23 -45.98 46.65
CA ALA L 44 10.56 -44.73 45.96
C ALA L 44 11.90 -44.78 45.22
N ILE L 45 12.90 -45.44 45.81
CA ILE L 45 14.23 -45.58 45.19
C ILE L 45 14.18 -46.48 43.95
N ASP L 46 13.48 -47.61 44.05
CA ASP L 46 13.35 -48.53 42.91
C ASP L 46 12.71 -47.84 41.69
N GLN L 47 11.66 -47.05 41.92
CA GLN L 47 10.99 -46.34 40.85
C GLN L 47 11.87 -45.28 40.19
N ILE L 48 12.72 -44.61 40.98
CA ILE L 48 13.69 -43.66 40.43
C ILE L 48 14.82 -44.39 39.68
N THR L 49 15.25 -45.55 40.20
CA THR L 49 16.20 -46.40 39.49
C THR L 49 15.65 -46.83 38.13
N GLY L 50 14.34 -47.10 38.09
CA GLY L 50 13.64 -47.43 36.84
C GLY L 50 13.68 -46.33 35.80
N LYS L 51 13.42 -45.09 36.24
CA LYS L 51 13.54 -43.91 35.38
C LYS L 51 14.94 -43.81 34.80
N LEU L 52 15.94 -43.88 35.66
CA LEU L 52 17.33 -43.81 35.24
C LEU L 52 17.70 -44.90 34.23
N ASN L 53 17.23 -46.12 34.44
CA ASN L 53 17.52 -47.24 33.54
C ASN L 53 16.95 -47.04 32.13
N ARG L 54 15.76 -46.47 32.05
CA ARG L 54 15.14 -46.14 30.77
C ARG L 54 15.81 -44.93 30.13
N ILE L 55 16.06 -43.90 30.92
CA ILE L 55 16.48 -42.59 30.40
C ILE L 55 17.98 -42.52 30.08
N ILE L 56 18.82 -43.04 30.97
CA ILE L 56 20.28 -42.94 30.80
C ILE L 56 20.77 -43.99 29.79
N LYS L 57 20.56 -43.69 28.51
CA LYS L 57 20.99 -44.57 27.41
C LYS L 57 20.94 -43.82 26.08
N LYS L 58 21.68 -44.32 25.10
CA LYS L 58 21.68 -43.77 23.74
C LYS L 58 21.16 -44.82 22.74
N THR L 59 20.66 -44.37 21.60
CA THR L 59 20.24 -45.29 20.53
C THR L 59 21.47 -45.99 19.97
N ASN L 60 21.31 -47.24 19.52
CA ASN L 60 22.44 -48.03 18.98
C ASN L 60 22.52 -47.97 17.44
N THR L 61 22.00 -46.89 16.86
CA THR L 61 22.04 -46.66 15.44
C THR L 61 23.42 -46.13 15.06
N GLU L 62 24.08 -46.80 14.10
CA GLU L 62 25.38 -46.38 13.59
C GLU L 62 25.18 -45.27 12.56
N PHE L 63 25.48 -44.03 12.92
CA PHE L 63 25.43 -42.91 11.98
C PHE L 63 26.77 -42.69 11.31
N GLU L 64 26.72 -42.27 10.05
CA GLU L 64 27.91 -41.91 9.28
C GLU L 64 28.01 -40.40 9.09
N SER L 65 29.19 -39.98 8.65
CA SER L 65 29.43 -38.58 8.36
C SER L 65 28.71 -38.26 7.06
N ILE L 66 27.95 -37.17 7.08
CA ILE L 66 27.40 -36.56 5.86
C ILE L 66 27.88 -35.11 5.64
N GLU L 67 28.81 -34.66 6.48
CA GLU L 67 29.41 -33.34 6.38
C GLU L 67 30.91 -33.50 6.55
N SER L 68 31.67 -33.20 5.50
CA SER L 68 33.13 -33.27 5.57
C SER L 68 33.66 -32.13 6.44
N GLU L 69 34.51 -32.50 7.39
CA GLU L 69 35.23 -31.54 8.22
C GLU L 69 36.26 -30.75 7.39
N PHE L 70 37.03 -31.46 6.56
CA PHE L 70 38.24 -30.90 5.93
C PHE L 70 38.11 -30.50 4.45
N SER L 71 36.90 -30.24 3.95
CA SER L 71 36.73 -29.84 2.55
C SER L 71 35.41 -29.14 2.28
N GLU L 72 35.35 -28.42 1.17
CA GLU L 72 34.15 -27.69 0.75
C GLU L 72 33.02 -28.66 0.40
N ILE L 73 31.93 -28.59 1.16
CA ILE L 73 30.71 -29.34 0.86
C ILE L 73 29.94 -28.55 -0.19
N ASP L 74 29.34 -29.23 -1.16
CA ASP L 74 28.49 -28.60 -2.17
C ASP L 74 27.44 -27.70 -1.49
N HIS L 75 27.15 -26.55 -2.09
CA HIS L 75 26.32 -25.53 -1.45
C HIS L 75 24.88 -25.96 -1.20
N GLN L 76 24.18 -26.41 -2.25
CA GLN L 76 22.74 -26.69 -2.16
C GLN L 76 22.42 -27.88 -1.23
N ILE L 77 23.18 -28.96 -1.36
CA ILE L 77 23.07 -30.12 -0.46
C ILE L 77 23.45 -29.76 1.00
N GLY L 78 24.44 -28.88 1.15
CA GLY L 78 24.84 -28.38 2.47
C GLY L 78 23.75 -27.59 3.19
N ASN L 79 22.96 -26.81 2.44
CA ASN L 79 21.83 -26.07 3.03
C ASN L 79 20.72 -27.00 3.50
N VAL L 80 20.53 -28.11 2.78
CA VAL L 80 19.51 -29.10 3.15
C VAL L 80 19.96 -29.84 4.41
N ILE L 81 21.24 -30.24 4.44
CA ILE L 81 21.78 -30.89 5.63
C ILE L 81 21.67 -29.96 6.86
N ASN L 82 22.10 -28.71 6.70
CA ASN L 82 21.99 -27.70 7.77
C ASN L 82 20.55 -27.48 8.24
N TRP L 83 19.62 -27.39 7.29
CA TRP L 83 18.19 -27.29 7.61
C TRP L 83 17.70 -28.54 8.33
N THR L 84 18.09 -29.71 7.83
CA THR L 84 17.69 -30.99 8.43
C THR L 84 18.27 -31.17 9.82
N LYS L 85 19.59 -31.04 9.95
CA LYS L 85 20.28 -31.22 11.24
C LYS L 85 19.73 -30.31 12.32
N ASP L 86 19.57 -29.02 11.99
CA ASP L 86 19.00 -28.04 12.92
C ASP L 86 17.57 -28.37 13.30
N SER L 87 16.78 -28.89 12.35
CA SER L 87 15.41 -29.32 12.62
C SER L 87 15.37 -30.55 13.54
N ILE L 88 16.27 -31.51 13.31
CA ILE L 88 16.41 -32.69 14.19
C ILE L 88 16.88 -32.28 15.60
N THR L 89 17.80 -31.32 15.67
CA THR L 89 18.29 -30.78 16.93
C THR L 89 17.22 -29.99 17.71
N ASP L 90 16.32 -29.31 17.02
CA ASP L 90 15.20 -28.63 17.68
C ASP L 90 14.16 -29.60 18.23
N ILE L 91 13.94 -30.73 17.55
CA ILE L 91 13.05 -31.78 18.03
C ILE L 91 13.63 -32.44 19.28
N TRP L 92 14.92 -32.80 19.22
CA TRP L 92 15.56 -33.52 20.34
C TRP L 92 15.70 -32.65 21.58
N THR L 93 16.07 -31.38 21.39
CA THR L 93 16.12 -30.41 22.46
C THR L 93 14.75 -30.30 23.13
N TYR L 94 13.71 -30.14 22.31
CA TYR L 94 12.33 -30.06 22.80
C TYR L 94 11.93 -31.32 23.56
N GLN L 95 12.25 -32.49 23.00
CA GLN L 95 11.91 -33.76 23.65
C GLN L 95 12.69 -33.98 24.94
N ALA L 96 13.96 -33.61 24.94
CA ALA L 96 14.81 -33.72 26.13
C ALA L 96 14.30 -32.83 27.27
N GLU L 97 13.97 -31.58 26.94
CA GLU L 97 13.35 -30.64 27.90
C GLU L 97 12.03 -31.17 28.45
N LEU L 98 11.17 -31.67 27.56
CA LEU L 98 9.88 -32.25 27.95
C LEU L 98 10.02 -33.57 28.73
N LEU L 99 10.98 -34.40 28.35
CA LEU L 99 11.25 -35.64 29.06
C LEU L 99 11.53 -35.32 30.51
N VAL L 100 12.56 -34.53 30.75
CA VAL L 100 13.07 -34.30 32.09
C VAL L 100 12.06 -33.51 32.93
N ALA L 101 11.45 -32.50 32.33
CA ALA L 101 10.40 -31.73 33.01
C ALA L 101 9.26 -32.62 33.50
N MET L 102 8.79 -33.50 32.64
CA MET L 102 7.69 -34.40 32.98
C MET L 102 8.12 -35.39 34.06
N GLU L 103 9.26 -36.03 33.87
CA GLU L 103 9.79 -37.02 34.82
C GLU L 103 10.04 -36.42 36.20
N ASN L 104 10.52 -35.17 36.24
CA ASN L 104 10.75 -34.46 37.50
C ASN L 104 9.45 -34.23 38.25
N GLN L 105 8.42 -33.80 37.52
CA GLN L 105 7.08 -33.63 38.10
C GLN L 105 6.56 -34.95 38.67
N HIS L 106 6.76 -36.04 37.95
CA HIS L 106 6.29 -37.35 38.38
C HIS L 106 7.11 -37.93 39.54
N THR L 107 8.44 -37.79 39.50
CA THR L 107 9.31 -38.26 40.58
C THR L 107 8.92 -37.61 41.91
N ILE L 108 8.69 -36.30 41.88
CA ILE L 108 8.26 -35.51 43.05
C ILE L 108 6.92 -36.02 43.61
N ASP L 109 5.93 -36.09 42.73
CA ASP L 109 4.60 -36.52 43.11
C ASP L 109 4.56 -37.99 43.54
N MET L 110 5.40 -38.81 42.91
CA MET L 110 5.55 -40.22 43.29
C MET L 110 6.10 -40.30 44.72
N ALA L 111 7.15 -39.54 44.98
CA ALA L 111 7.74 -39.48 46.31
C ALA L 111 6.74 -38.93 47.35
N ASP L 112 5.93 -37.97 46.92
CA ASP L 112 4.82 -37.43 47.72
C ASP L 112 3.76 -38.49 48.03
N SER L 113 3.40 -39.29 47.03
CA SER L 113 2.39 -40.34 47.22
C SER L 113 2.87 -41.44 48.19
N GLU L 114 4.16 -41.75 48.17
CA GLU L 114 4.72 -42.77 49.07
C GLU L 114 4.78 -42.32 50.52
N MET L 115 4.92 -41.01 50.74
CA MET L 115 4.76 -40.42 52.08
C MET L 115 3.31 -40.62 52.56
N LEU L 116 2.36 -40.29 51.71
CA LEU L 116 0.94 -40.40 52.06
C LEU L 116 0.47 -41.84 52.26
N ASN L 117 0.97 -42.76 51.45
CA ASN L 117 0.60 -44.18 51.56
C ASN L 117 1.06 -44.80 52.88
N LEU L 118 2.18 -44.30 53.42
CA LEU L 118 2.65 -44.72 54.73
C LEU L 118 1.76 -44.13 55.83
N TYR L 119 1.51 -42.84 55.74
CA TYR L 119 0.65 -42.14 56.68
C TYR L 119 -0.73 -42.79 56.76
N GLU L 120 -1.29 -43.13 55.60
CA GLU L 120 -2.58 -43.82 55.53
C GLU L 120 -2.52 -45.24 56.11
N ARG L 121 -1.46 -45.98 55.81
CA ARG L 121 -1.26 -47.31 56.38
C ARG L 121 -1.24 -47.26 57.90
N VAL L 122 -0.55 -46.26 58.47
CA VAL L 122 -0.47 -46.09 59.93
C VAL L 122 -1.82 -45.69 60.51
N ARG L 123 -2.51 -44.74 59.89
CA ARG L 123 -3.85 -44.32 60.33
C ARG L 123 -4.79 -45.51 60.55
N LYS L 124 -4.81 -46.42 59.59
CA LYS L 124 -5.70 -47.58 59.61
C LYS L 124 -5.31 -48.64 60.65
N GLN L 125 -4.01 -48.79 60.93
CA GLN L 125 -3.53 -49.66 62.02
C GLN L 125 -4.01 -49.16 63.37
N LEU L 126 -3.73 -47.88 63.64
CA LEU L 126 -4.09 -47.25 64.91
C LEU L 126 -5.60 -47.20 65.10
N ARG L 127 -6.33 -47.14 63.98
CA ARG L 127 -7.77 -47.32 63.98
C ARG L 127 -8.43 -46.26 64.87
N GLN L 128 -9.06 -46.65 65.99
CA GLN L 128 -9.72 -45.69 66.87
C GLN L 128 -8.89 -45.39 68.13
N ASN L 129 -7.65 -45.87 68.18
CA ASN L 129 -6.79 -45.67 69.34
C ASN L 129 -5.98 -44.36 69.27
N ALA L 130 -6.04 -43.66 68.15
CA ALA L 130 -5.31 -42.40 67.94
C ALA L 130 -6.12 -41.41 67.09
N GLU L 131 -5.70 -40.15 67.13
CA GLU L 131 -6.28 -39.10 66.30
C GLU L 131 -5.20 -38.37 65.51
N GLU L 132 -5.61 -37.78 64.39
CA GLU L 132 -4.69 -37.09 63.49
C GLU L 132 -4.36 -35.69 64.04
N ASP L 133 -3.06 -35.39 64.05
CA ASP L 133 -2.54 -34.11 64.52
C ASP L 133 -2.80 -32.98 63.54
N GLY L 134 -2.68 -33.28 62.24
CA GLY L 134 -2.74 -32.26 61.18
C GLY L 134 -1.37 -31.91 60.63
N LYS L 135 -0.32 -32.17 61.41
CA LYS L 135 1.07 -31.99 60.98
C LYS L 135 1.72 -33.33 60.56
N GLY L 136 0.90 -34.35 60.30
CA GLY L 136 1.40 -35.69 59.98
C GLY L 136 1.70 -36.60 61.16
N CYS L 137 1.31 -36.18 62.36
CA CYS L 137 1.47 -36.97 63.58
C CYS L 137 0.16 -37.59 64.04
N PHE L 138 0.29 -38.64 64.84
CA PHE L 138 -0.84 -39.33 65.44
C PHE L 138 -0.70 -39.25 66.94
N GLU L 139 -1.69 -38.65 67.61
CA GLU L 139 -1.72 -38.58 69.07
C GLU L 139 -2.34 -39.87 69.62
N ILE L 140 -1.50 -40.79 70.07
CA ILE L 140 -1.94 -42.11 70.52
C ILE L 140 -2.49 -42.01 71.94
N TYR L 141 -3.75 -42.39 72.13
CA TYR L 141 -4.45 -42.23 73.41
C TYR L 141 -4.28 -43.43 74.36
N HIS L 142 -3.07 -43.96 74.47
CA HIS L 142 -2.78 -44.99 75.47
C HIS L 142 -1.29 -45.10 75.74
N ALA L 143 -0.94 -45.87 76.77
CA ALA L 143 0.45 -46.14 77.10
C ALA L 143 1.09 -46.98 75.99
N CYS L 144 1.74 -46.30 75.06
CA CYS L 144 2.47 -46.95 73.97
C CYS L 144 3.97 -46.85 74.25
N ASP L 145 4.54 -47.93 74.77
CA ASP L 145 5.98 -47.99 75.07
C ASP L 145 6.79 -48.32 73.78
N ASP L 146 8.11 -48.45 73.92
CA ASP L 146 8.99 -48.70 72.76
C ASP L 146 8.69 -49.99 71.99
N SER L 147 8.20 -51.03 72.68
CA SER L 147 7.71 -52.25 72.02
C SER L 147 6.43 -52.01 71.21
N CYS L 148 5.53 -51.21 71.78
CA CYS L 148 4.31 -50.78 71.09
C CYS L 148 4.63 -49.88 69.89
N MET L 149 5.56 -48.94 70.05
CA MET L 149 6.01 -48.08 68.95
C MET L 149 6.68 -48.88 67.83
N GLU L 150 7.52 -49.83 68.22
CA GLU L 150 8.14 -50.79 67.29
C GLU L 150 7.09 -51.56 66.48
N SER L 151 5.99 -51.94 67.12
CA SER L 151 4.90 -52.67 66.45
C SER L 151 4.14 -51.83 65.42
N ILE L 152 4.04 -50.52 65.64
CA ILE L 152 3.42 -49.62 64.65
C ILE L 152 4.29 -49.55 63.39
N ARG L 153 5.59 -49.42 63.58
CA ARG L 153 6.57 -49.37 62.48
C ARG L 153 6.67 -50.70 61.74
N ASN L 154 6.61 -51.81 62.48
CA ASN L 154 6.73 -53.16 61.90
C ASN L 154 5.38 -53.76 61.42
N ASN L 155 4.31 -52.95 61.40
CA ASN L 155 2.99 -53.37 60.88
C ASN L 155 2.37 -54.55 61.67
N THR L 156 2.67 -54.63 62.96
CA THR L 156 2.16 -55.70 63.84
C THR L 156 1.32 -55.15 65.02
N TYR L 157 0.90 -53.89 64.93
CA TYR L 157 0.09 -53.26 65.97
C TYR L 157 -1.36 -53.76 65.88
N ASP L 158 -1.83 -54.36 66.97
CA ASP L 158 -3.21 -54.81 67.11
C ASP L 158 -4.00 -53.74 67.86
N HIS L 159 -4.94 -53.11 67.18
CA HIS L 159 -5.76 -52.05 67.76
C HIS L 159 -6.66 -52.51 68.91
N SER L 160 -7.09 -53.77 68.89
CA SER L 160 -8.03 -54.30 69.89
C SER L 160 -7.41 -54.52 71.28
N GLN L 161 -6.09 -54.69 71.34
CA GLN L 161 -5.36 -54.82 72.60
C GLN L 161 -5.45 -53.56 73.49
N TYR L 162 -5.51 -52.39 72.85
CA TYR L 162 -5.55 -51.10 73.56
C TYR L 162 -6.84 -50.29 73.32
N ARG L 163 -7.83 -50.87 72.65
CA ARG L 163 -9.04 -50.14 72.25
C ARG L 163 -9.85 -49.61 73.44
N GLU L 164 -10.17 -50.52 74.36
CA GLU L 164 -10.90 -50.18 75.60
C GLU L 164 -10.30 -49.00 76.38
N GLU L 165 -8.96 -48.97 76.49
CA GLU L 165 -8.24 -47.91 77.21
C GLU L 165 -8.28 -46.62 76.40
N ALA L 166 -7.98 -46.74 75.11
CA ALA L 166 -7.90 -45.60 74.21
C ALA L 166 -9.24 -44.89 74.02
N LEU L 167 -10.32 -45.65 73.90
CA LEU L 167 -11.66 -45.07 73.73
C LEU L 167 -12.10 -44.24 74.94
N LEU L 168 -11.81 -44.74 76.14
CA LEU L 168 -12.13 -44.00 77.37
C LEU L 168 -11.32 -42.71 77.46
N ASN L 169 -10.01 -42.79 77.18
CA ASN L 169 -9.14 -41.61 77.18
C ASN L 169 -9.53 -40.55 76.14
N ARG L 170 -10.00 -40.98 74.98
CA ARG L 170 -10.46 -40.06 73.93
C ARG L 170 -11.74 -39.31 74.31
N LEU L 171 -12.72 -40.05 74.83
CA LEU L 171 -13.99 -39.46 75.28
C LEU L 171 -13.80 -38.64 76.58
N ASN L 172 -13.08 -39.22 77.53
CA ASN L 172 -12.63 -38.54 78.76
C ASN L 172 -13.82 -38.19 79.67
#